data_5X19
#
_entry.id   5X19
#
_cell.length_a   185.034
_cell.length_b   208.846
_cell.length_c   178.046
_cell.angle_alpha   90.000
_cell.angle_beta   90.000
_cell.angle_gamma   90.000
#
_symmetry.space_group_name_H-M   'P 21 21 21'
#
loop_
_entity.id
_entity.type
_entity.pdbx_description
1 polymer 'Cytochrome c oxidase subunit 1'
2 polymer 'Cytochrome c oxidase subunit 2'
3 polymer 'Cytochrome c oxidase subunit 3'
4 polymer 'Cytochrome c oxidase subunit 4 isoform 1, mitochondrial'
5 polymer 'Cytochrome c oxidase subunit 5A, mitochondrial'
6 polymer 'Cytochrome c oxidase subunit 5B, mitochondrial'
7 polymer 'Cytochrome c oxidase subunit 6A2, mitochondrial'
8 polymer 'Cytochrome c oxidase subunit 6B1'
9 polymer 'Cytochrome c oxidase subunit 6C'
10 polymer 'Cytochrome c oxidase subunit 7A1, mitochondrial'
11 polymer 'Cytochrome c oxidase subunit 7B, mitochondrial'
12 polymer 'Cytochrome c oxidase subunit 7C, mitochondrial'
13 polymer 'Cytochrome c oxidase subunit 8B, mitochondrial'
14 non-polymer HEME-A
15 non-polymer 'COPPER (II) ION'
16 non-polymer 'MAGNESIUM ION'
17 non-polymer 'SODIUM ION'
18 non-polymer 'CARBON MONOXIDE'
19 non-polymer TRISTEAROYLGLYCEROL
20 non-polymer '(1R)-2-{[{[(2S)-2,3-DIHYDROXYPROPYL]OXY}(HYDROXY)PHOSPHORYL]OXY}-1-[(PALMITOYLOXY)METHYL]ETHYL (11E)-OCTADEC-11-ENOATE'
21 non-polymer 1,2-ETHANEDIOL
22 non-polymer 'DINUCLEAR COPPER ION'
23 non-polymer 'CHOLIC ACID'
24 non-polymer '(7R,17E,20E)-4-HYDROXY-N,N,N-TRIMETHYL-9-OXO-7-[(PALMITOYLOXY)METHYL]-3,5,8-TRIOXA-4-PHOSPHAHEXACOSA-17,20-DIEN-1-AMINIUM 4-OXIDE'
25 non-polymer 'UNKNOWN ATOM OR ION'
26 non-polymer CARDIOLIPIN
27 non-polymer '(1S)-2-{[(2-AMINOETHOXY)(HYDROXY)PHOSPHORYL]OXY}-1-[(STEAROYLOXY)METHYL]ETHYL (5E,8E,11E,14E)-ICOSA-5,8,11,14-TETRAENOATE'
28 non-polymer 'ZINC ION'
29 non-polymer DECYL-BETA-D-MALTOPYRANOSIDE
30 water water
#
loop_
_entity_poly.entity_id
_entity_poly.type
_entity_poly.pdbx_seq_one_letter_code
_entity_poly.pdbx_strand_id
1 'polypeptide(L)'
;(FME)FINRWLFSTNHKDIGTLYLLFGAWAGMVGTALSLLIRAELGQPGTLLGDDQIYNVVVTAHAFVMIFFMVMPIMIG
GFGNWLVPLMIGAPDMAFPRMNNMSFWLLPPSFLLLLASSMVEAGAGTGWTVYPPLAGNLAHAGASVDLTIFSLHLAGVS
SILGAINFITTIINMKPPAMSQYQTPLFVWSVMITAVLLLLSLPVLAAGITMLLTDRNLNTTFFDPAGGGDPILYQHLFW
FFGHPEVYILILPGFGMISHIVTYYSGKKEPFGYMGMVWAMMSIGFLGFIVWAHHMFTVGMDVDTRAYFTSATMIIAIPT
GVKVFSWLATLHGGNIKWSPAMMWALGFIFLFTVGGLTGIVLANSSLDIVLHDTYYVVAHFHYVLSMGAVFAIMGGFVHW
FPLFSGYTLNDTWAKIHFAIMFVGVNMTFFPQHFLGLSGMPRRYSDYPDAYTMWNTISSMGSFISLTAVMLMVFIIWEAF
ASKREVLTVDLTTTNLEWLNGCPPPYHTFEEPTYVNLK
;
A,N
2 'polypeptide(L)'
;(FME)AYPMQLGFQDATSPIMEELLHFHDHTLMIVFLISSLVLYIISLMLTTKLTHTSTMDAQEVETIWTILPAIILILI
ALPSLRILYMMDEINNPSLTVKTMGHQWYWSYEYTDYEDLSFDSYMIPTSELKPGELRLLEVDNRVVLPMEMTIRMLVSS
EDVLHSWAVPSLGLKTDAIPGRLNQTTLMSSRPGLYYGQCSEICGSNHSFMPIVLELVPLKYFEKWSASML
;
B,O
3 'polypeptide(L)'
;MTHQTHAYHMVNPSPWPLTGALSALLMTSGLTMWFHFNSMTLLMIGLTTNMLTMYQWWRDVIRESTFQGHHTPAVQKGLR
YGMILFIISEVLFFTGFFWAFYHSSLAPTPELGGCWPPTGIHPLNPLEVPLLNTSVLLASGVSITWAHHSLMEGDRKHML
QALFITITLGVYFTLLQASEYYEAPFTISDGVYGSTFFVATGFHGLHVIIGSTFLIVCFFRQLKFHFTSNHHFGFEAAAW
YWHFVDVVWLFLYVSIYWWGS
;
C,P
4 'polypeptide(L)'
;AHGSVVKSEDYALPSYVDRRDYPLPDVAHVKNLSASQKALKEKEKASWSSLSIDEKVELYRLKFKESFAEMNRSTNEWKT
VVGAAMFFIGFTALLLIWEKHYVYGPIPHTFEEEWVAKQTKRMLDMKVAPIQGFSAKWDYDKNEWKK
;
D,Q
5 'polypeptide(L)'
;SHGSHETDEEFDARWVTYFNKPDIDAWELRKGMNTLVGYDLVPEPKIIDAALRACRRLNDFASAVRILEVVKDKAGPHKE
IYPYVIQELRPTLNELGISTPEELGLDKV
;
E,R
6 'polypeptide(L)'
;ASGGGVPTDEEQATGLEREVMLAARKGQDPYNILAPKATSGTKEDPNLVPSITNKRIVGCICEEDNSTVIWFWLHKGEAQ
RCPSCGTHYKLVPHQLAH
;
F,S
7 'polypeptide(L)'
;ASAAKGDHGG(TPO)GARTWRFLTFGLALPSVALCTLNSWLHSGHRERPAFIPYHHLRIRTKPFSWGDGNHTFFHNPRVN
PLPTGYEKP
;
G,T
8 'polypeptide(L)'
;AEDIQAKIKNYQTAPFDSRFPNQNQTRNCWQNYLDFHRCEKAMTAKGGDVSVCEWYRRVYKSLCPISWVSTWDDRRAEGT
FPGKI
;
H,U
9 'polypeptide(L)' (SAC)TALAKPQMRGLLARRLRFHIVGAFMVSLGFATFYKFAVAEKRKKAYADFYRNYDSMKDFEEMRKAGIFQSAK I,V
10 'polypeptide(L)' FENRVAEKQKLFQEDNGLPVHLKGGATDNILYRVTMTLCLGGTLYSLYCLGWASFPHKK J,W
11 'polypeptide(L)' IHQKRAPDFHDKYGNAVLASGATFCVAVWVYMATQIGIEWNPSPVGRVTPKEWREQ K,X
12 'polypeptide(L)' SHYEEGPGKNIPFSVENKWRLLAMMTLFFGSGFAAPFFIVRHQLLKK L,Y
13 'polypeptide(L)' ITAKPAKTPTSPKEQAIGLSVTFLSFLLPAGWVLYHLDNYKKSSAA M,Z
#
loop_
_chem_comp.id
_chem_comp.type
_chem_comp.name
_chem_comp.formula
CDL non-polymer CARDIOLIPIN 'C81 H156 O17 P2 -2'
CHD non-polymer 'CHOLIC ACID' 'C24 H40 O5'
CMO non-polymer 'CARBON MONOXIDE' 'C O'
CU non-polymer 'COPPER (II) ION' 'Cu 2'
CUA non-polymer 'DINUCLEAR COPPER ION' Cu2
DMU D-saccharide DECYL-BETA-D-MALTOPYRANOSIDE 'C22 H42 O11'
EDO non-polymer 1,2-ETHANEDIOL 'C2 H6 O2'
HEA non-polymer HEME-A 'C49 H56 Fe N4 O6'
MG non-polymer 'MAGNESIUM ION' 'Mg 2'
NA non-polymer 'SODIUM ION' 'Na 1'
PEK non-polymer '(1S)-2-{[(2-AMINOETHOXY)(HYDROXY)PHOSPHORYL]OXY}-1-[(STEAROYLOXY)METHYL]ETHYL (5E,8E,11E,14E)-ICOSA-5,8,11,14-TETRAENOATE' 'C43 H78 N O8 P'
PGV non-polymer '(1R)-2-{[{[(2S)-2,3-DIHYDROXYPROPYL]OXY}(HYDROXY)PHOSPHORYL]OXY}-1-[(PALMITOYLOXY)METHYL]ETHYL (11E)-OCTADEC-11-ENOATE' 'C40 H77 O10 P'
PSC non-polymer '(7R,17E,20E)-4-HYDROXY-N,N,N-TRIMETHYL-9-OXO-7-[(PALMITOYLOXY)METHYL]-3,5,8-TRIOXA-4-PHOSPHAHEXACOSA-17,20-DIEN-1-AMINIUM 4-OXIDE' 'C42 H81 N O8 P 1'
TGL non-polymer TRISTEAROYLGLYCEROL 'C57 H110 O6'
UNX non-polymer 'UNKNOWN ATOM OR ION' ?
ZN non-polymer 'ZINC ION' 'Zn 2'
#
# COMPACT_ATOMS: atom_id res chain seq x y z
N FME A 1 -7.87 53.25 5.75
CN FME A 1 -7.04 52.22 5.63
O1 FME A 1 -5.90 52.04 5.92
CA FME A 1 -9.11 52.70 5.13
CB FME A 1 -10.30 53.64 5.15
CG FME A 1 -11.40 52.84 5.87
SD FME A 1 -10.91 52.55 7.56
CE FME A 1 -10.75 50.81 7.83
C FME A 1 -8.86 51.97 3.79
O FME A 1 -9.03 50.73 3.71
N PHE A 2 -8.33 52.69 2.81
CA PHE A 2 -8.03 52.17 1.50
C PHE A 2 -7.08 50.98 1.54
N ILE A 3 -6.00 51.14 2.29
CA ILE A 3 -4.99 50.11 2.46
C ILE A 3 -5.55 48.86 3.19
N ASN A 4 -6.22 49.08 4.32
CA ASN A 4 -6.81 47.97 5.01
C ASN A 4 -7.76 47.22 4.14
N ARG A 5 -8.56 47.94 3.35
CA ARG A 5 -9.59 47.26 2.56
C ARG A 5 -9.01 46.51 1.37
N TRP A 6 -8.07 47.13 0.66
CA TRP A 6 -7.67 46.70 -0.69
C TRP A 6 -6.35 46.01 -0.78
N LEU A 7 -5.47 46.27 0.18
CA LEU A 7 -4.17 45.62 0.23
C LEU A 7 -4.15 44.51 1.30
N PHE A 8 -5.00 44.65 2.30
CA PHE A 8 -5.00 43.69 3.42
C PHE A 8 -6.33 42.86 3.43
N SER A 9 -7.03 42.78 2.30
CA SER A 9 -8.40 42.24 2.34
C SER A 9 -8.45 40.84 2.91
N THR A 10 -9.48 40.54 3.66
CA THR A 10 -9.81 39.12 3.88
C THR A 10 -11.27 38.88 3.50
N ASN A 11 -11.70 39.49 2.39
CA ASN A 11 -13.12 39.39 2.05
C ASN A 11 -13.27 38.76 0.69
N HIS A 12 -14.16 37.78 0.47
CA HIS A 12 -14.15 37.09 -0.85
C HIS A 12 -14.61 37.95 -2.00
N LYS A 13 -15.44 38.92 -1.70
CA LYS A 13 -16.01 39.79 -2.79
C LYS A 13 -14.91 40.75 -3.30
N ASP A 14 -14.32 41.48 -2.41
CA ASP A 14 -13.23 42.43 -2.80
C ASP A 14 -12.05 41.74 -3.43
N ILE A 15 -11.72 40.52 -2.99
CA ILE A 15 -10.61 39.81 -3.60
C ILE A 15 -11.05 39.31 -4.99
N GLY A 16 -12.32 38.89 -5.15
CA GLY A 16 -12.80 38.50 -6.54
C GLY A 16 -12.70 39.73 -7.44
N THR A 17 -13.04 40.90 -6.88
CA THR A 17 -12.97 42.17 -7.61
C THR A 17 -11.51 42.48 -8.03
N LEU A 18 -10.53 42.33 -7.12
CA LEU A 18 -9.10 42.55 -7.50
C LEU A 18 -8.73 41.64 -8.66
N TYR A 19 -9.18 40.35 -8.59
CA TYR A 19 -8.89 39.37 -9.66
C TYR A 19 -9.42 39.88 -10.95
N LEU A 20 -10.61 40.48 -10.95
CA LEU A 20 -11.23 40.83 -12.23
C LEU A 20 -10.52 42.04 -12.84
N LEU A 21 -10.22 43.02 -12.03
CA LEU A 21 -9.35 44.15 -12.48
C LEU A 21 -8.03 43.66 -13.10
N PHE A 22 -7.29 42.82 -12.35
CA PHE A 22 -6.01 42.25 -12.80
C PHE A 22 -6.14 41.53 -14.13
N GLY A 23 -7.20 40.71 -14.27
CA GLY A 23 -7.39 39.86 -15.43
C GLY A 23 -7.77 40.69 -16.62
N ALA A 24 -8.53 41.76 -16.39
CA ALA A 24 -8.86 42.75 -17.46
C ALA A 24 -7.61 43.44 -18.01
N TRP A 25 -6.73 43.87 -17.12
CA TRP A 25 -5.57 44.57 -17.50
C TRP A 25 -4.66 43.59 -18.27
N ALA A 26 -4.50 42.36 -17.77
CA ALA A 26 -3.69 41.36 -18.48
C ALA A 26 -4.25 41.10 -19.85
N GLY A 27 -5.59 41.10 -19.98
CA GLY A 27 -6.23 40.83 -21.20
C GLY A 27 -5.87 41.87 -22.23
N MET A 28 -5.59 43.12 -21.79
CA MET A 28 -5.20 44.14 -22.79
C MET A 28 -3.82 43.80 -23.24
N VAL A 29 -2.97 43.35 -22.31
CA VAL A 29 -1.59 43.01 -22.71
C VAL A 29 -1.64 41.86 -23.76
N GLY A 30 -2.43 40.81 -23.44
CA GLY A 30 -2.50 39.62 -24.31
C GLY A 30 -3.06 39.96 -25.68
N THR A 31 -4.02 40.89 -25.70
CA THR A 31 -4.64 41.36 -26.94
C THR A 31 -3.62 42.07 -27.82
N ALA A 32 -2.87 42.94 -27.19
CA ALA A 32 -1.83 43.67 -27.93
C ALA A 32 -0.81 42.71 -28.51
N LEU A 33 -0.52 41.68 -27.73
CA LEU A 33 0.46 40.70 -28.22
C LEU A 33 -0.14 39.99 -29.42
N SER A 34 -1.41 39.66 -29.32
CA SER A 34 -2.06 38.91 -30.42
C SER A 34 -2.09 39.78 -31.72
N LEU A 35 -2.25 41.08 -31.56
CA LEU A 35 -2.30 41.95 -32.76
C LEU A 35 -0.92 42.11 -33.39
N LEU A 36 0.15 42.06 -32.57
CA LEU A 36 1.50 42.09 -33.11
C LEU A 36 1.75 40.83 -33.95
N ILE A 37 1.13 39.69 -33.56
CA ILE A 37 1.35 38.41 -34.26
C ILE A 37 0.75 38.54 -35.64
N ARG A 38 -0.46 39.06 -35.64
CA ARG A 38 -1.21 39.16 -36.86
C ARG A 38 -0.70 40.30 -37.79
N ALA A 39 -0.15 41.36 -37.19
CA ALA A 39 0.42 42.40 -38.01
C ALA A 39 1.63 41.83 -38.75
N GLU A 40 2.42 41.00 -38.09
CA GLU A 40 3.63 40.45 -38.67
C GLU A 40 3.24 39.49 -39.83
N LEU A 41 2.15 38.77 -39.67
CA LEU A 41 1.69 37.78 -40.66
C LEU A 41 0.73 38.34 -41.70
N GLY A 42 0.36 39.61 -41.52
CA GLY A 42 -0.67 40.25 -42.33
C GLY A 42 -0.38 40.48 -43.77
N GLN A 43 0.92 40.48 -44.10
CA GLN A 43 1.42 40.56 -45.49
C GLN A 43 2.73 39.77 -45.55
N PRO A 44 3.08 39.27 -46.74
CA PRO A 44 4.30 38.48 -46.83
C PRO A 44 5.46 39.35 -46.62
N GLY A 45 6.53 38.75 -46.16
CA GLY A 45 7.68 39.57 -45.82
C GLY A 45 7.89 39.65 -44.34
N THR A 46 8.74 40.58 -43.93
CA THR A 46 9.05 40.69 -42.52
C THR A 46 8.64 42.03 -42.04
N LEU A 47 7.94 42.07 -40.92
CA LEU A 47 7.60 43.35 -40.32
C LEU A 47 8.58 43.75 -39.20
N LEU A 48 8.77 42.88 -38.20
CA LEU A 48 9.57 43.25 -37.03
C LEU A 48 11.02 43.18 -37.39
N GLY A 49 11.34 42.34 -38.36
CA GLY A 49 12.71 42.21 -38.82
C GLY A 49 13.60 41.49 -37.85
N ASP A 50 12.99 40.82 -36.88
CA ASP A 50 13.75 40.04 -35.91
C ASP A 50 12.85 38.89 -35.39
N ASP A 51 13.08 37.68 -35.89
CA ASP A 51 12.25 36.54 -35.51
C ASP A 51 12.42 36.05 -34.08
N GLN A 52 13.56 36.39 -33.43
CA GLN A 52 13.64 36.16 -32.00
C GLN A 52 12.55 37.01 -31.33
N ILE A 53 12.37 38.26 -31.75
CA ILE A 53 11.30 39.08 -31.15
C ILE A 53 9.89 38.49 -31.44
N TYR A 54 9.66 38.01 -32.67
CA TYR A 54 8.38 37.37 -32.97
C TYR A 54 8.18 36.13 -32.03
N ASN A 55 9.23 35.32 -31.87
CA ASN A 55 9.08 34.18 -30.95
C ASN A 55 8.76 34.60 -29.52
N VAL A 56 9.37 35.70 -29.06
CA VAL A 56 9.07 36.18 -27.75
C VAL A 56 7.62 36.65 -27.69
N VAL A 57 7.20 37.40 -28.69
CA VAL A 57 5.81 37.92 -28.69
C VAL A 57 4.80 36.73 -28.63
N VAL A 58 5.03 35.67 -29.42
CA VAL A 58 4.07 34.54 -29.48
C VAL A 58 4.05 33.85 -28.10
N THR A 59 5.24 33.64 -27.54
CA THR A 59 5.35 32.96 -26.27
C THR A 59 4.65 33.75 -25.17
N ALA A 60 4.91 35.07 -25.10
CA ALA A 60 4.28 35.89 -24.07
C ALA A 60 2.77 35.98 -24.34
N HIS A 61 2.32 36.09 -25.61
CA HIS A 61 0.87 36.03 -25.91
C HIS A 61 0.25 34.90 -25.12
N ALA A 62 0.86 33.72 -25.21
CA ALA A 62 0.20 32.55 -24.63
C ALA A 62 0.20 32.58 -23.12
N PHE A 63 1.33 32.89 -22.53
CA PHE A 63 1.32 32.87 -21.06
C PHE A 63 0.34 33.87 -20.49
N VAL A 64 0.24 35.02 -21.16
CA VAL A 64 -0.58 36.05 -20.65
C VAL A 64 -2.06 35.64 -20.79
N MET A 65 -2.46 35.13 -21.95
CA MET A 65 -3.90 34.82 -22.10
C MET A 65 -4.28 33.73 -21.10
N ILE A 66 -3.38 32.79 -20.84
CA ILE A 66 -3.73 31.63 -20.05
C ILE A 66 -3.58 31.91 -18.57
N PHE A 67 -2.36 32.21 -18.14
CA PHE A 67 -2.12 32.32 -16.67
C PHE A 67 -2.59 33.64 -16.12
N PHE A 68 -2.65 34.64 -16.98
CA PHE A 68 -2.98 35.98 -16.42
C PHE A 68 -4.31 36.53 -16.82
N MET A 69 -4.94 35.99 -17.87
CA MET A 69 -6.25 36.52 -18.20
C MET A 69 -7.29 35.45 -17.83
N VAL A 70 -7.33 34.30 -18.49
CA VAL A 70 -8.35 33.29 -18.18
C VAL A 70 -8.51 32.74 -16.74
N MET A 71 -7.42 32.22 -16.19
CA MET A 71 -7.47 31.65 -14.84
C MET A 71 -7.78 32.70 -13.77
N PRO A 72 -7.18 33.90 -13.80
CA PRO A 72 -7.59 34.80 -12.69
C PRO A 72 -9.03 35.27 -12.82
N ILE A 73 -9.51 35.45 -14.04
CA ILE A 73 -10.87 35.95 -14.17
C ILE A 73 -11.87 34.81 -13.83
N MET A 74 -11.71 33.62 -14.41
CA MET A 74 -12.72 32.53 -14.17
C MET A 74 -12.65 32.00 -12.74
N ILE A 75 -11.44 31.73 -12.23
CA ILE A 75 -11.37 31.01 -11.00
C ILE A 75 -11.23 32.04 -9.88
N GLY A 76 -10.26 32.94 -9.99
CA GLY A 76 -10.09 33.98 -8.98
C GLY A 76 -11.28 34.96 -8.92
N GLY A 77 -11.71 35.46 -10.08
CA GLY A 77 -12.70 36.50 -10.17
C GLY A 77 -14.09 36.00 -9.87
N PHE A 78 -14.67 35.23 -10.81
CA PHE A 78 -16.05 34.69 -10.65
C PHE A 78 -16.11 33.66 -9.52
N GLY A 79 -15.04 32.86 -9.36
CA GLY A 79 -14.89 31.90 -8.24
C GLY A 79 -15.09 32.56 -6.91
N ASN A 80 -14.29 33.57 -6.59
CA ASN A 80 -14.46 34.20 -5.25
C ASN A 80 -15.79 34.93 -5.05
N TRP A 81 -16.24 35.61 -6.11
CA TRP A 81 -17.44 36.40 -6.01
C TRP A 81 -18.57 35.44 -5.78
N LEU A 82 -18.66 34.37 -6.62
CA LEU A 82 -19.94 33.61 -6.69
C LEU A 82 -20.04 32.41 -5.80
N VAL A 83 -18.91 31.72 -5.60
CA VAL A 83 -18.96 30.40 -4.88
C VAL A 83 -19.54 30.52 -3.44
N PRO A 84 -19.02 31.50 -2.59
CA PRO A 84 -19.60 31.68 -1.24
C PRO A 84 -21.08 32.11 -1.30
N LEU A 85 -21.44 32.93 -2.30
CA LEU A 85 -22.82 33.38 -2.41
C LEU A 85 -23.79 32.29 -2.84
N MET A 86 -23.32 31.36 -3.65
CA MET A 86 -24.15 30.27 -4.12
C MET A 86 -24.37 29.17 -3.10
N ILE A 87 -23.56 29.14 -2.04
CA ILE A 87 -23.76 28.12 -1.03
C ILE A 87 -23.99 28.73 0.36
N GLY A 88 -24.32 30.00 0.48
CA GLY A 88 -24.68 30.49 1.82
C GLY A 88 -23.50 30.59 2.81
N ALA A 89 -22.27 30.69 2.34
CA ALA A 89 -21.10 30.65 3.21
C ALA A 89 -20.70 32.12 3.47
N PRO A 90 -20.32 32.45 4.71
CA PRO A 90 -19.94 33.88 5.07
C PRO A 90 -18.68 34.38 4.36
N ASP A 91 -17.83 33.46 3.94
CA ASP A 91 -16.60 33.79 3.18
C ASP A 91 -15.97 32.48 2.75
N MET A 92 -14.74 32.55 2.25
CA MET A 92 -13.94 31.37 1.95
C MET A 92 -13.37 30.71 3.26
N ALA A 93 -12.90 29.45 3.17
CA ALA A 93 -12.35 28.79 4.37
C ALA A 93 -11.13 29.53 4.91
N PHE A 94 -10.22 29.96 4.03
CA PHE A 94 -8.96 30.57 4.46
C PHE A 94 -8.86 31.93 3.80
N PRO A 95 -9.55 32.92 4.40
CA PRO A 95 -9.72 34.26 3.80
C PRO A 95 -8.45 35.05 3.68
N ARG A 96 -7.52 34.78 4.60
CA ARG A 96 -6.20 35.42 4.53
C ARG A 96 -5.26 34.74 3.53
N MET A 97 -5.13 33.42 3.59
CA MET A 97 -4.42 32.74 2.51
C MET A 97 -5.01 33.11 1.11
N ASN A 98 -6.32 33.36 1.07
CA ASN A 98 -6.95 33.67 -0.22
C ASN A 98 -6.31 34.93 -0.78
N ASN A 99 -6.02 35.92 0.10
CA ASN A 99 -5.56 37.22 -0.38
C ASN A 99 -4.16 37.01 -0.94
N MET A 100 -3.46 36.01 -0.42
CA MET A 100 -2.10 35.77 -0.96
C MET A 100 -2.20 35.12 -2.36
N SER A 101 -3.23 34.32 -2.59
CA SER A 101 -3.35 33.76 -3.93
C SER A 101 -3.42 34.91 -4.88
N PHE A 102 -4.14 35.96 -4.49
CA PHE A 102 -4.28 37.12 -5.42
C PHE A 102 -2.94 37.86 -5.59
N TRP A 103 -2.30 38.22 -4.47
CA TRP A 103 -1.05 39.08 -4.48
C TRP A 103 0.17 38.47 -5.04
N LEU A 104 0.16 37.16 -5.22
CA LEU A 104 1.26 36.59 -5.95
C LEU A 104 1.20 36.85 -7.49
N LEU A 105 0.03 37.20 -8.05
CA LEU A 105 -0.10 37.31 -9.49
C LEU A 105 0.63 38.53 -10.02
N PRO A 106 0.57 39.70 -9.32
CA PRO A 106 1.32 40.85 -9.91
C PRO A 106 2.87 40.67 -9.96
N PRO A 107 3.50 40.25 -8.85
CA PRO A 107 4.88 39.91 -8.97
C PRO A 107 5.14 38.82 -10.03
N SER A 108 4.27 37.81 -10.14
CA SER A 108 4.50 36.78 -11.12
C SER A 108 4.48 37.40 -12.48
N PHE A 109 3.51 38.27 -12.70
CA PHE A 109 3.36 38.90 -14.01
C PHE A 109 4.55 39.83 -14.25
N LEU A 110 4.98 40.53 -13.21
CA LEU A 110 6.24 41.33 -13.35
C LEU A 110 7.43 40.51 -13.86
N LEU A 111 7.62 39.31 -13.32
CA LEU A 111 8.72 38.49 -13.78
C LEU A 111 8.56 38.10 -15.25
N LEU A 112 7.32 37.83 -15.69
CA LEU A 112 7.08 37.43 -17.08
C LEU A 112 7.55 38.57 -17.98
N LEU A 113 7.20 39.80 -17.61
CA LEU A 113 7.49 40.97 -18.45
C LEU A 113 9.00 41.27 -18.36
N ALA A 114 9.56 41.16 -17.17
CA ALA A 114 11.00 41.29 -17.02
C ALA A 114 11.69 40.34 -17.99
N SER A 115 11.25 39.08 -18.06
CA SER A 115 11.91 38.16 -18.99
C SER A 115 11.90 38.70 -20.43
N SER A 116 10.88 39.44 -20.82
CA SER A 116 10.88 39.79 -22.22
C SER A 116 11.76 41.05 -22.41
N MET A 117 12.18 41.67 -21.31
CA MET A 117 13.03 42.85 -21.43
C MET A 117 14.52 42.67 -21.23
N VAL A 118 14.94 41.61 -20.52
CA VAL A 118 16.34 41.34 -20.41
C VAL A 118 16.77 40.48 -21.58
N GLU A 119 18.08 40.57 -21.90
CA GLU A 119 18.67 39.78 -23.01
C GLU A 119 17.78 39.87 -24.24
N ALA A 120 17.53 38.76 -24.95
CA ALA A 120 16.67 38.79 -26.15
C ALA A 120 15.27 38.17 -25.87
N GLY A 121 14.90 38.06 -24.59
CA GLY A 121 13.61 37.48 -24.21
C GLY A 121 13.60 35.97 -24.35
N ALA A 122 12.48 35.37 -23.98
CA ALA A 122 12.32 33.92 -24.02
C ALA A 122 11.48 33.58 -25.23
N GLY A 123 12.17 33.20 -26.32
CA GLY A 123 11.57 32.95 -27.60
C GLY A 123 11.46 31.46 -27.71
N THR A 124 10.56 30.86 -26.92
CA THR A 124 10.60 29.38 -26.80
C THR A 124 9.31 28.63 -27.22
N GLY A 125 8.17 29.33 -27.40
CA GLY A 125 6.85 28.67 -27.33
C GLY A 125 6.48 28.54 -25.87
N TRP A 126 5.19 28.52 -25.57
CA TRP A 126 4.75 28.44 -24.18
C TRP A 126 5.04 27.06 -23.63
N THR A 127 5.48 26.12 -24.49
CA THR A 127 5.86 24.77 -23.98
C THR A 127 7.32 24.76 -23.36
N VAL A 128 8.12 25.70 -23.81
CA VAL A 128 9.44 25.92 -23.23
C VAL A 128 10.22 24.60 -23.25
N TYR A 129 10.19 23.87 -24.38
CA TYR A 129 10.99 22.65 -24.51
C TYR A 129 12.52 22.87 -24.51
N PRO A 130 13.29 22.05 -23.75
CA PRO A 130 14.75 22.02 -23.99
C PRO A 130 14.98 21.15 -25.23
N PRO A 131 16.16 21.28 -25.89
CA PRO A 131 17.34 22.09 -25.55
C PRO A 131 17.19 23.57 -25.91
N LEU A 132 16.14 23.95 -26.67
CA LEU A 132 15.92 25.37 -27.02
C LEU A 132 15.83 26.33 -25.79
N ALA A 133 15.06 25.90 -24.78
CA ALA A 133 14.88 26.62 -23.53
C ALA A 133 16.17 26.44 -22.63
N GLY A 134 17.15 25.68 -23.11
CA GLY A 134 18.35 25.39 -22.27
C GLY A 134 19.34 26.54 -22.21
N ASN A 135 20.40 26.39 -21.41
CA ASN A 135 21.35 27.55 -21.14
C ASN A 135 22.39 27.83 -22.28
N LEU A 136 22.34 27.04 -23.35
CA LEU A 136 23.10 27.33 -24.58
C LEU A 136 22.30 28.07 -25.65
N ALA A 137 21.16 27.52 -26.04
CA ALA A 137 20.31 28.13 -27.03
C ALA A 137 19.53 29.29 -26.46
N HIS A 138 19.28 29.30 -25.14
CA HIS A 138 18.74 30.52 -24.54
C HIS A 138 19.56 30.93 -23.28
N ALA A 139 20.82 31.32 -23.49
CA ALA A 139 21.74 31.72 -22.39
C ALA A 139 21.25 33.02 -21.70
N GLY A 140 21.41 33.14 -20.40
CA GLY A 140 21.04 34.39 -19.75
C GLY A 140 19.73 34.20 -19.01
N ALA A 141 19.27 35.28 -18.38
CA ALA A 141 18.23 35.26 -17.42
C ALA A 141 16.78 35.05 -18.01
N SER A 142 16.55 35.27 -19.28
CA SER A 142 15.13 35.37 -19.72
C SER A 142 14.32 34.11 -19.36
N VAL A 143 14.85 32.91 -19.69
CA VAL A 143 14.05 31.70 -19.46
C VAL A 143 13.97 31.46 -17.95
N ASP A 144 14.98 31.87 -17.20
CA ASP A 144 14.83 31.67 -15.75
C ASP A 144 13.71 32.50 -15.17
N LEU A 145 13.57 33.73 -15.67
CA LEU A 145 12.53 34.59 -15.19
C LEU A 145 11.14 34.02 -15.51
N THR A 146 10.99 33.48 -16.73
CA THR A 146 9.76 32.78 -17.13
C THR A 146 9.46 31.63 -16.15
N ILE A 147 10.48 30.83 -15.84
CA ILE A 147 10.32 29.76 -14.91
C ILE A 147 9.85 30.32 -13.55
N PHE A 148 10.50 31.35 -13.05
CA PHE A 148 10.04 31.85 -11.73
C PHE A 148 8.65 32.43 -11.80
N SER A 149 8.29 32.96 -12.96
CA SER A 149 6.94 33.53 -13.08
C SER A 149 5.89 32.38 -12.90
N LEU A 150 6.17 31.22 -13.53
CA LEU A 150 5.31 30.06 -13.49
C LEU A 150 5.26 29.48 -12.10
N HIS A 151 6.39 29.45 -11.41
CA HIS A 151 6.36 29.04 -10.00
C HIS A 151 5.37 29.82 -9.17
N LEU A 152 5.38 31.14 -9.29
CA LEU A 152 4.52 31.92 -8.44
C LEU A 152 3.04 31.73 -8.86
N ALA A 153 2.75 31.71 -10.16
CA ALA A 153 1.38 31.45 -10.65
C ALA A 153 0.98 30.08 -10.14
N GLY A 154 1.94 29.12 -10.06
CA GLY A 154 1.59 27.76 -9.63
C GLY A 154 1.16 27.67 -8.19
N VAL A 155 1.98 28.31 -7.37
CA VAL A 155 1.74 28.39 -5.96
C VAL A 155 0.42 29.14 -5.72
N SER A 156 0.23 30.25 -6.39
CA SER A 156 -1.03 30.98 -6.23
C SER A 156 -2.28 29.99 -6.47
N SER A 157 -2.21 29.19 -7.54
CA SER A 157 -3.36 28.40 -7.91
C SER A 157 -3.51 27.21 -7.03
N ILE A 158 -2.41 26.64 -6.62
CA ILE A 158 -2.48 25.53 -5.68
C ILE A 158 -3.13 25.99 -4.39
N LEU A 159 -2.68 27.10 -3.77
CA LEU A 159 -3.36 27.51 -2.53
C LEU A 159 -4.86 27.86 -2.83
N GLY A 160 -5.14 28.48 -3.98
CA GLY A 160 -6.53 28.77 -4.33
C GLY A 160 -7.29 27.43 -4.42
N ALA A 161 -6.64 26.39 -4.93
CA ALA A 161 -7.38 25.14 -5.19
C ALA A 161 -7.75 24.59 -3.82
N ILE A 162 -6.80 24.64 -2.91
CA ILE A 162 -7.03 24.13 -1.54
C ILE A 162 -8.18 24.84 -0.85
N ASN A 163 -8.18 26.17 -0.98
CA ASN A 163 -9.24 27.03 -0.42
C ASN A 163 -10.68 26.70 -1.00
N PHE A 164 -10.76 26.57 -2.31
CA PHE A 164 -12.04 26.24 -3.01
C PHE A 164 -12.60 24.86 -2.61
N ILE A 165 -11.76 23.82 -2.66
CA ILE A 165 -12.19 22.46 -2.27
C ILE A 165 -12.62 22.49 -0.82
N THR A 166 -11.78 23.08 0.05
CA THR A 166 -12.20 23.15 1.43
C THR A 166 -13.50 23.90 1.67
N THR A 167 -13.59 25.10 1.09
CA THR A 167 -14.76 25.89 1.27
C THR A 167 -16.02 25.08 0.75
N ILE A 168 -15.91 24.41 -0.38
CA ILE A 168 -17.08 23.85 -1.03
C ILE A 168 -17.49 22.59 -0.23
N ILE A 169 -16.52 21.77 0.22
CA ILE A 169 -16.85 20.63 1.09
C ILE A 169 -17.36 21.02 2.43
N ASN A 170 -16.73 22.02 3.06
CA ASN A 170 -16.96 22.24 4.48
C ASN A 170 -17.91 23.38 4.84
N MET A 171 -18.24 24.29 3.91
CA MET A 171 -18.99 25.47 4.36
C MET A 171 -20.39 25.61 3.75
N LYS A 172 -21.02 24.50 3.43
CA LYS A 172 -22.41 24.48 2.91
C LYS A 172 -23.31 24.38 4.15
N PRO A 173 -24.59 24.85 4.08
CA PRO A 173 -25.56 24.54 5.15
C PRO A 173 -25.56 23.03 5.44
N PRO A 174 -25.62 22.63 6.72
CA PRO A 174 -25.54 21.18 7.10
C PRO A 174 -26.55 20.31 6.33
N ALA A 175 -27.72 20.83 6.01
CA ALA A 175 -28.73 19.96 5.36
C ALA A 175 -28.45 19.74 3.86
N MET A 176 -27.59 20.57 3.30
CA MET A 176 -27.33 20.58 1.86
C MET A 176 -26.24 19.60 1.46
N SER A 177 -26.65 18.65 0.65
CA SER A 177 -25.76 17.64 0.10
C SER A 177 -24.97 18.20 -1.11
N GLN A 178 -23.84 17.57 -1.44
CA GLN A 178 -23.11 18.01 -2.61
C GLN A 178 -24.02 17.95 -3.85
N TYR A 179 -25.07 17.11 -3.83
CA TYR A 179 -25.97 16.97 -4.99
C TYR A 179 -27.06 18.03 -4.97
N GLN A 180 -26.94 19.00 -4.07
CA GLN A 180 -27.84 20.14 -4.17
C GLN A 180 -27.07 21.41 -4.46
N THR A 181 -25.80 21.29 -4.88
CA THR A 181 -25.05 22.52 -5.12
C THR A 181 -25.17 22.92 -6.58
N PRO A 182 -25.09 24.22 -6.88
CA PRO A 182 -25.25 24.60 -8.30
C PRO A 182 -24.07 24.14 -9.16
N LEU A 183 -24.29 24.07 -10.47
CA LEU A 183 -23.33 23.50 -11.39
C LEU A 183 -22.08 24.38 -11.45
N PHE A 184 -22.23 25.69 -11.24
CA PHE A 184 -21.04 26.52 -11.24
C PHE A 184 -20.08 26.09 -10.07
N VAL A 185 -20.64 25.82 -8.90
CA VAL A 185 -19.88 25.40 -7.76
C VAL A 185 -19.17 24.06 -8.03
N TRP A 186 -19.90 23.12 -8.61
CA TRP A 186 -19.29 21.87 -9.02
C TRP A 186 -18.15 22.10 -10.00
N SER A 187 -18.39 22.95 -10.99
CA SER A 187 -17.37 23.18 -11.99
C SER A 187 -16.07 23.72 -11.33
N VAL A 188 -16.19 24.52 -10.26
CA VAL A 188 -15.03 25.14 -9.64
C VAL A 188 -14.37 24.08 -8.75
N MET A 189 -15.19 23.29 -8.03
CA MET A 189 -14.62 22.22 -7.29
C MET A 189 -13.80 21.29 -8.16
N ILE A 190 -14.40 20.87 -9.27
CA ILE A 190 -13.65 19.96 -10.08
C ILE A 190 -12.38 20.57 -10.68
N THR A 191 -12.51 21.76 -11.26
CA THR A 191 -11.31 22.48 -11.67
C THR A 191 -10.21 22.54 -10.54
N ALA A 192 -10.62 22.71 -9.29
CA ALA A 192 -9.63 22.91 -8.19
C ALA A 192 -8.88 21.62 -7.96
N VAL A 193 -9.61 20.51 -8.05
CA VAL A 193 -8.94 19.18 -8.04
C VAL A 193 -7.89 19.02 -9.17
N LEU A 194 -8.27 19.30 -10.44
CA LEU A 194 -7.31 19.20 -11.53
C LEU A 194 -6.02 20.03 -11.23
N LEU A 195 -6.22 21.20 -10.63
CA LEU A 195 -5.13 22.15 -10.38
C LEU A 195 -4.18 21.60 -9.32
N LEU A 196 -4.76 21.08 -8.25
CA LEU A 196 -4.01 20.51 -7.18
C LEU A 196 -3.21 19.34 -7.65
N LEU A 197 -3.75 18.53 -8.61
CA LEU A 197 -2.97 17.39 -9.06
C LEU A 197 -1.97 17.71 -10.16
N SER A 198 -2.22 18.72 -10.98
CA SER A 198 -1.39 18.81 -12.19
C SER A 198 -0.28 19.86 -11.96
N LEU A 199 -0.57 20.93 -11.23
CA LEU A 199 0.40 21.99 -11.13
C LEU A 199 1.66 21.54 -10.41
N PRO A 200 1.57 20.62 -9.44
CA PRO A 200 2.90 20.28 -8.82
C PRO A 200 3.81 19.54 -9.77
N VAL A 201 3.19 18.82 -10.74
CA VAL A 201 4.00 18.10 -11.68
C VAL A 201 4.73 19.08 -12.62
N LEU A 202 4.01 20.07 -13.10
CA LEU A 202 4.67 21.11 -13.87
C LEU A 202 5.80 21.72 -12.99
N ALA A 203 5.50 22.03 -11.73
CA ALA A 203 6.42 22.70 -10.88
C ALA A 203 7.66 21.81 -10.82
N ALA A 204 7.46 20.51 -10.84
CA ALA A 204 8.62 19.64 -10.80
C ALA A 204 9.42 19.68 -12.09
N GLY A 205 8.69 19.70 -13.23
CA GLY A 205 9.32 19.60 -14.52
C GLY A 205 10.10 20.90 -14.75
N ILE A 206 9.53 22.05 -14.47
CA ILE A 206 10.30 23.31 -14.70
C ILE A 206 11.42 23.55 -13.62
N THR A 207 11.29 22.91 -12.47
CA THR A 207 12.37 22.93 -11.51
C THR A 207 13.52 22.16 -12.06
N MET A 208 13.26 20.99 -12.64
CA MET A 208 14.32 20.29 -13.33
C MET A 208 14.95 21.10 -14.45
N LEU A 209 14.10 21.82 -15.20
CA LEU A 209 14.66 22.60 -16.27
C LEU A 209 15.60 23.71 -15.68
N LEU A 210 15.19 24.32 -14.57
CA LEU A 210 16.00 25.33 -13.89
C LEU A 210 17.37 24.78 -13.49
N THR A 211 17.40 23.60 -12.88
CA THR A 211 18.63 23.05 -12.40
C THR A 211 19.47 22.63 -13.58
N ASP A 212 18.85 22.09 -14.67
CA ASP A 212 19.65 21.91 -15.92
C ASP A 212 20.28 23.26 -16.41
N ARG A 213 19.56 24.36 -16.27
CA ARG A 213 20.12 25.61 -16.76
C ARG A 213 21.21 26.17 -15.80
N ASN A 214 21.11 25.93 -14.50
CA ASN A 214 22.02 26.65 -13.56
C ASN A 214 22.83 25.79 -12.60
N LEU A 215 22.51 24.51 -12.48
CA LEU A 215 23.18 23.72 -11.49
C LEU A 215 23.88 22.52 -12.11
N ASN A 216 23.93 22.49 -13.45
CA ASN A 216 24.66 21.44 -14.17
C ASN A 216 24.02 20.05 -14.00
N THR A 217 22.75 19.99 -13.67
CA THR A 217 22.06 18.67 -13.80
C THR A 217 21.82 18.41 -15.30
N THR A 218 21.52 17.16 -15.65
CA THR A 218 21.32 16.85 -17.05
C THR A 218 20.03 16.00 -17.20
N PHE A 219 18.97 16.37 -16.51
CA PHE A 219 17.68 15.74 -16.67
C PHE A 219 17.24 15.62 -18.11
N PHE A 220 17.50 16.66 -18.91
CA PHE A 220 16.96 16.69 -20.29
C PHE A 220 18.05 16.77 -21.34
N ASP A 221 19.31 16.62 -20.90
CA ASP A 221 20.47 16.78 -21.75
C ASP A 221 21.13 15.44 -22.02
N PRO A 222 20.99 14.96 -23.27
CA PRO A 222 21.54 13.67 -23.74
C PRO A 222 23.02 13.48 -23.36
N ALA A 223 23.80 14.56 -23.27
CA ALA A 223 25.22 14.41 -22.96
C ALA A 223 25.40 13.80 -21.55
N GLY A 224 24.49 14.08 -20.60
CA GLY A 224 24.58 13.35 -19.32
C GLY A 224 23.67 12.16 -19.24
N GLY A 225 23.10 11.74 -20.38
CA GLY A 225 22.14 10.60 -20.37
C GLY A 225 20.71 10.99 -20.06
N GLY A 226 20.44 12.29 -20.18
CA GLY A 226 19.09 12.81 -19.96
C GLY A 226 18.36 12.76 -21.29
N ASP A 227 17.12 13.24 -21.29
CA ASP A 227 16.25 12.95 -22.41
C ASP A 227 15.27 14.09 -22.56
N PRO A 228 15.40 14.83 -23.67
CA PRO A 228 14.51 15.97 -23.88
C PRO A 228 13.02 15.53 -23.84
N ILE A 229 12.72 14.27 -24.16
CA ILE A 229 11.31 13.84 -24.21
C ILE A 229 10.68 13.73 -22.83
N LEU A 230 11.53 13.48 -21.82
CA LEU A 230 11.09 13.49 -20.43
C LEU A 230 10.42 14.81 -20.02
N TYR A 231 11.00 15.91 -20.47
CA TYR A 231 10.35 17.21 -20.23
C TYR A 231 8.95 17.26 -20.87
N GLN A 232 8.77 16.72 -22.07
CA GLN A 232 7.51 16.81 -22.74
C GLN A 232 6.40 16.04 -21.99
N HIS A 233 6.77 14.89 -21.46
CA HIS A 233 5.88 14.20 -20.55
C HIS A 233 5.40 14.94 -19.39
N LEU A 234 6.37 15.49 -18.65
CA LEU A 234 6.03 16.18 -17.44
C LEU A 234 5.14 17.38 -17.80
N PHE A 235 5.51 18.09 -18.88
CA PHE A 235 4.82 19.33 -19.21
C PHE A 235 3.32 18.98 -19.63
N TRP A 236 3.15 18.02 -20.50
CA TRP A 236 1.86 17.70 -21.03
C TRP A 236 1.00 16.99 -20.05
N PHE A 237 1.64 16.27 -19.11
CA PHE A 237 0.88 15.68 -17.97
C PHE A 237 0.14 16.75 -17.19
N PHE A 238 0.83 17.91 -17.01
CA PHE A 238 0.13 19.12 -16.54
C PHE A 238 -0.73 19.75 -17.62
N GLY A 239 -0.12 19.87 -18.80
CA GLY A 239 -0.72 20.69 -19.86
C GLY A 239 -2.12 20.25 -20.35
N HIS A 240 -2.38 18.93 -20.41
CA HIS A 240 -3.70 18.58 -20.87
C HIS A 240 -4.73 18.85 -19.81
N PRO A 241 -4.49 18.42 -18.56
CA PRO A 241 -5.46 18.95 -17.54
C PRO A 241 -5.60 20.44 -17.52
N GLU A 242 -4.51 21.16 -17.76
CA GLU A 242 -4.66 22.64 -17.81
C GLU A 242 -5.75 23.09 -18.78
N VAL A 243 -5.86 22.45 -19.97
CA VAL A 243 -6.83 22.97 -20.96
C VAL A 243 -8.30 22.70 -20.52
N TYR A 244 -8.57 21.58 -19.80
CA TYR A 244 -9.88 21.40 -19.14
C TYR A 244 -10.07 22.41 -18.00
N ILE A 245 -8.98 22.75 -17.32
CA ILE A 245 -9.07 23.69 -16.20
C ILE A 245 -9.56 25.04 -16.75
N LEU A 246 -9.15 25.35 -17.98
CA LEU A 246 -9.50 26.65 -18.59
C LEU A 246 -10.96 26.62 -19.07
N ILE A 247 -11.58 25.44 -19.27
CA ILE A 247 -12.92 25.43 -19.84
C ILE A 247 -14.00 25.09 -18.80
N LEU A 248 -13.69 24.22 -17.81
CA LEU A 248 -14.68 23.76 -16.87
C LEU A 248 -15.55 24.81 -16.21
N PRO A 249 -14.91 25.88 -15.64
CA PRO A 249 -15.71 26.98 -15.03
C PRO A 249 -16.57 27.65 -16.08
N GLY A 250 -16.10 27.66 -17.33
CA GLY A 250 -16.87 28.18 -18.45
C GLY A 250 -18.10 27.30 -18.63
N PHE A 251 -17.92 25.97 -18.59
CA PHE A 251 -19.08 25.07 -18.62
C PHE A 251 -20.10 25.40 -17.54
N GLY A 252 -19.59 25.69 -16.36
CA GLY A 252 -20.46 25.93 -15.25
C GLY A 252 -21.25 27.21 -15.44
N MET A 253 -20.57 28.27 -15.89
CA MET A 253 -21.30 29.55 -16.14
C MET A 253 -22.35 29.36 -17.27
N ILE A 254 -21.97 28.65 -18.31
CA ILE A 254 -22.90 28.44 -19.40
C ILE A 254 -24.20 27.77 -18.89
N SER A 255 -24.06 26.77 -18.00
CA SER A 255 -25.25 26.09 -17.48
C SER A 255 -26.14 27.07 -16.72
N HIS A 256 -25.55 28.00 -15.90
CA HIS A 256 -26.38 29.03 -15.25
C HIS A 256 -27.05 29.98 -16.22
N ILE A 257 -26.27 30.43 -17.16
CA ILE A 257 -26.77 31.44 -18.06
C ILE A 257 -27.90 30.85 -18.93
N VAL A 258 -27.69 29.68 -19.49
CA VAL A 258 -28.70 29.06 -20.34
C VAL A 258 -30.00 28.80 -19.56
N THR A 259 -29.87 28.39 -18.31
CA THR A 259 -30.96 28.04 -17.44
C THR A 259 -31.70 29.34 -17.16
N TYR A 260 -30.95 30.36 -16.78
CA TYR A 260 -31.58 31.62 -16.38
C TYR A 260 -32.44 32.20 -17.51
N TYR A 261 -31.90 32.29 -18.71
CA TYR A 261 -32.56 33.07 -19.76
C TYR A 261 -33.53 32.21 -20.56
N SER A 262 -33.65 30.95 -20.17
CA SER A 262 -34.71 30.08 -20.70
C SER A 262 -35.88 30.12 -19.75
N GLY A 263 -35.68 30.78 -18.61
CA GLY A 263 -36.78 30.81 -17.65
C GLY A 263 -36.90 29.48 -16.90
N LYS A 264 -35.83 28.69 -16.79
CA LYS A 264 -36.01 27.38 -16.16
C LYS A 264 -35.57 27.47 -14.71
N LYS A 265 -36.10 26.60 -13.88
CA LYS A 265 -35.67 26.55 -12.48
C LYS A 265 -34.38 25.75 -12.27
N GLU A 266 -34.04 24.93 -13.25
CA GLU A 266 -32.88 24.06 -13.16
C GLU A 266 -32.53 23.57 -14.53
N PRO A 267 -31.23 23.26 -14.70
CA PRO A 267 -30.77 22.74 -15.97
C PRO A 267 -31.31 21.31 -16.19
N PHE A 268 -31.48 20.94 -17.46
CA PHE A 268 -31.86 19.60 -17.77
C PHE A 268 -30.78 18.58 -17.30
N GLY A 269 -31.18 17.48 -16.66
CA GLY A 269 -30.26 16.35 -16.33
C GLY A 269 -29.06 16.75 -15.47
N TYR A 270 -29.36 17.46 -14.37
CA TYR A 270 -28.39 17.92 -13.39
C TYR A 270 -27.34 16.86 -13.05
N MET A 271 -27.76 15.65 -12.67
CA MET A 271 -26.79 14.62 -12.33
C MET A 271 -25.99 14.21 -13.54
N GLY A 272 -26.58 14.21 -14.74
CA GLY A 272 -25.81 13.82 -15.96
C GLY A 272 -24.70 14.91 -16.17
N MET A 273 -25.02 16.18 -15.90
CA MET A 273 -24.01 17.32 -15.93
C MET A 273 -22.90 17.15 -14.91
N VAL A 274 -23.24 16.83 -13.67
CA VAL A 274 -22.22 16.43 -12.68
C VAL A 274 -21.35 15.26 -13.15
N TRP A 275 -22.00 14.22 -13.68
CA TRP A 275 -21.26 13.07 -14.17
C TRP A 275 -20.33 13.40 -15.31
N ALA A 276 -20.77 14.30 -16.19
CA ALA A 276 -20.03 14.61 -17.41
C ALA A 276 -18.76 15.39 -17.02
N MET A 277 -18.93 16.35 -16.13
CA MET A 277 -17.75 17.13 -15.61
C MET A 277 -16.74 16.28 -14.83
N MET A 278 -17.22 15.39 -13.97
CA MET A 278 -16.34 14.42 -13.32
C MET A 278 -15.61 13.52 -14.28
N SER A 279 -16.34 13.01 -15.28
CA SER A 279 -15.74 12.15 -16.27
C SER A 279 -14.70 12.88 -17.10
N ILE A 280 -15.00 14.12 -17.48
CA ILE A 280 -14.03 14.93 -18.20
C ILE A 280 -12.74 15.12 -17.36
N GLY A 281 -12.94 15.33 -16.07
CA GLY A 281 -11.87 15.62 -15.15
C GLY A 281 -10.98 14.41 -15.12
N PHE A 282 -11.58 13.23 -14.98
CA PHE A 282 -10.77 12.04 -14.87
C PHE A 282 -10.08 11.70 -16.22
N LEU A 283 -10.85 11.66 -17.31
CA LEU A 283 -10.25 11.24 -18.57
C LEU A 283 -9.17 12.29 -18.96
N GLY A 284 -9.32 13.51 -18.47
CA GLY A 284 -8.31 14.53 -18.86
C GLY A 284 -6.88 14.23 -18.33
N PHE A 285 -6.73 13.26 -17.43
CA PHE A 285 -5.45 12.89 -16.88
C PHE A 285 -4.73 11.75 -17.58
N ILE A 286 -5.36 11.13 -18.53
CA ILE A 286 -4.78 9.91 -19.07
C ILE A 286 -4.63 10.03 -20.62
N VAL A 287 -4.57 11.26 -21.15
CA VAL A 287 -4.55 11.41 -22.60
C VAL A 287 -3.37 12.28 -23.09
N TRP A 288 -2.45 12.70 -22.23
CA TRP A 288 -1.58 13.83 -22.53
C TRP A 288 -0.67 13.65 -23.71
N ALA A 289 -0.30 12.41 -23.97
CA ALA A 289 0.62 12.19 -25.08
C ALA A 289 -0.01 12.32 -26.47
N HIS A 290 -1.26 12.74 -26.57
CA HIS A 290 -1.66 13.12 -27.94
C HIS A 290 -1.01 14.41 -28.37
N HIS A 291 -0.24 15.08 -27.47
CA HIS A 291 0.59 16.26 -27.78
C HIS A 291 1.94 15.88 -28.27
N MET A 292 2.13 14.57 -28.41
CA MET A 292 3.47 14.01 -28.71
C MET A 292 3.44 12.94 -29.77
N PHE A 293 2.47 13.01 -30.66
CA PHE A 293 2.32 11.95 -31.68
C PHE A 293 3.46 11.90 -32.69
N THR A 294 4.33 12.94 -32.70
CA THR A 294 5.41 12.94 -33.68
C THR A 294 6.77 12.71 -33.08
N VAL A 295 6.83 12.37 -31.80
CA VAL A 295 8.14 12.30 -31.14
C VAL A 295 8.82 10.98 -31.30
N GLY A 296 8.12 10.01 -31.87
CA GLY A 296 8.70 8.66 -32.03
C GLY A 296 8.36 7.64 -30.92
N MET A 297 7.15 7.71 -30.37
CA MET A 297 6.58 6.69 -29.46
C MET A 297 6.13 5.47 -30.27
N ASP A 298 6.10 4.30 -29.60
CA ASP A 298 5.67 3.02 -30.13
CA ASP A 298 5.67 3.06 -30.23
C ASP A 298 4.20 3.11 -30.59
N VAL A 299 3.85 2.34 -31.60
CA VAL A 299 2.56 2.42 -32.26
C VAL A 299 1.44 2.00 -31.26
N ASP A 300 1.69 1.03 -30.38
CA ASP A 300 0.67 0.62 -29.42
C ASP A 300 0.41 1.72 -28.39
N THR A 301 1.43 2.47 -28.02
CA THR A 301 1.18 3.65 -27.20
C THR A 301 0.30 4.66 -27.99
N ARG A 302 0.58 4.86 -29.26
CA ARG A 302 -0.21 5.84 -29.97
C ARG A 302 -1.63 5.40 -30.18
N ALA A 303 -1.84 4.08 -30.32
CA ALA A 303 -3.18 3.52 -30.48
C ALA A 303 -3.94 3.75 -29.21
N TYR A 304 -3.25 3.65 -28.07
CA TYR A 304 -3.92 3.80 -26.82
C TYR A 304 -4.30 5.30 -26.61
N PHE A 305 -3.34 6.18 -26.86
CA PHE A 305 -3.61 7.58 -26.59
C PHE A 305 -4.68 8.15 -27.56
N THR A 306 -4.78 7.63 -28.80
CA THR A 306 -5.84 8.04 -29.72
C THR A 306 -7.17 7.65 -29.14
N SER A 307 -7.29 6.39 -28.72
CA SER A 307 -8.56 5.83 -28.19
C SER A 307 -9.08 6.44 -26.92
N ALA A 308 -8.19 6.67 -25.94
CA ALA A 308 -8.62 7.26 -24.70
C ALA A 308 -9.07 8.68 -24.95
N THR A 309 -8.40 9.38 -25.87
CA THR A 309 -8.75 10.81 -26.11
C THR A 309 -10.16 10.93 -26.72
N MET A 310 -10.47 10.01 -27.64
CA MET A 310 -11.78 10.02 -28.30
C MET A 310 -12.99 9.86 -27.34
N ILE A 311 -12.79 9.09 -26.30
CA ILE A 311 -13.80 8.76 -25.35
C ILE A 311 -14.32 10.02 -24.66
N ILE A 312 -13.49 11.07 -24.65
CA ILE A 312 -13.88 12.34 -23.98
C ILE A 312 -15.09 13.00 -24.63
N ALA A 313 -15.33 12.70 -25.90
CA ALA A 313 -16.45 13.32 -26.64
C ALA A 313 -17.75 12.89 -26.03
N ILE A 314 -17.73 11.70 -25.44
CA ILE A 314 -18.96 11.18 -24.87
C ILE A 314 -19.53 12.00 -23.70
N PRO A 315 -18.80 12.07 -22.55
CA PRO A 315 -19.36 12.98 -21.55
C PRO A 315 -19.54 14.44 -22.06
N THR A 316 -18.69 14.91 -22.97
CA THR A 316 -18.88 16.30 -23.47
C THR A 316 -20.17 16.42 -24.28
N GLY A 317 -20.47 15.39 -25.10
CA GLY A 317 -21.72 15.38 -25.86
C GLY A 317 -22.95 15.44 -24.95
N VAL A 318 -22.84 14.78 -23.79
CA VAL A 318 -23.91 14.83 -22.83
C VAL A 318 -24.24 16.25 -22.34
N LYS A 319 -23.21 17.03 -22.08
CA LYS A 319 -23.39 18.44 -21.63
C LYS A 319 -23.91 19.27 -22.77
N VAL A 320 -23.36 19.06 -23.99
CA VAL A 320 -23.87 19.87 -25.10
C VAL A 320 -25.38 19.63 -25.31
N PHE A 321 -25.76 18.37 -25.44
CA PHE A 321 -27.18 18.08 -25.56
C PHE A 321 -28.01 18.52 -24.36
N SER A 322 -27.43 18.55 -23.15
CA SER A 322 -28.22 18.89 -21.99
C SER A 322 -28.50 20.39 -21.99
N TRP A 323 -27.54 21.19 -22.49
CA TRP A 323 -27.78 22.62 -22.68
C TRP A 323 -28.90 22.83 -23.69
N LEU A 324 -28.91 22.04 -24.77
CA LEU A 324 -29.92 22.25 -25.80
C LEU A 324 -31.26 21.87 -25.24
N ALA A 325 -31.26 20.84 -24.37
CA ALA A 325 -32.49 20.37 -23.76
C ALA A 325 -33.03 21.37 -22.72
N THR A 326 -32.12 22.12 -22.06
CA THR A 326 -32.51 23.20 -21.14
C THR A 326 -33.24 24.31 -21.90
N LEU A 327 -32.82 24.61 -23.14
CA LEU A 327 -33.50 25.61 -24.03
C LEU A 327 -34.92 25.13 -24.43
N HIS A 328 -35.07 23.81 -24.58
CA HIS A 328 -36.32 23.28 -25.09
C HIS A 328 -37.45 23.70 -24.21
N GLY A 329 -38.45 24.35 -24.81
CA GLY A 329 -39.60 24.78 -24.04
C GLY A 329 -39.34 26.03 -23.22
N GLY A 330 -38.15 26.65 -23.35
CA GLY A 330 -37.91 27.85 -22.56
C GLY A 330 -38.74 29.05 -22.98
N ASN A 331 -38.97 29.92 -22.01
CA ASN A 331 -39.30 31.33 -22.25
C ASN A 331 -38.02 32.14 -22.53
N ILE A 332 -37.57 32.17 -23.78
CA ILE A 332 -36.25 32.69 -24.12
C ILE A 332 -36.23 34.22 -24.04
N LYS A 333 -35.34 34.75 -23.23
CA LYS A 333 -35.07 36.15 -23.22
C LYS A 333 -33.73 36.34 -23.93
N TRP A 334 -33.76 37.08 -25.02
CA TRP A 334 -32.59 37.32 -25.83
C TRP A 334 -31.75 38.42 -25.22
N SER A 335 -31.29 38.19 -24.00
CA SER A 335 -30.36 39.13 -23.41
C SER A 335 -28.99 38.97 -24.09
N PRO A 336 -28.16 39.98 -23.92
CA PRO A 336 -26.79 39.83 -24.41
C PRO A 336 -26.06 38.61 -23.75
N ALA A 337 -26.28 38.33 -22.49
CA ALA A 337 -25.49 37.20 -21.91
C ALA A 337 -25.94 35.93 -22.61
N MET A 338 -27.21 35.87 -23.02
CA MET A 338 -27.73 34.66 -23.65
C MET A 338 -27.14 34.53 -25.07
N MET A 339 -26.87 35.65 -25.70
CA MET A 339 -26.22 35.54 -27.03
C MET A 339 -24.78 35.04 -26.91
N TRP A 340 -24.06 35.46 -25.87
CA TRP A 340 -22.71 34.89 -25.64
C TRP A 340 -22.79 33.37 -25.44
N ALA A 341 -23.80 32.93 -24.68
CA ALA A 341 -23.99 31.51 -24.31
C ALA A 341 -24.22 30.74 -25.57
N LEU A 342 -25.04 31.25 -26.48
CA LEU A 342 -25.44 30.45 -27.66
C LEU A 342 -24.35 30.40 -28.61
N GLY A 343 -23.60 31.49 -28.69
CA GLY A 343 -22.47 31.42 -29.62
C GLY A 343 -21.42 30.48 -29.02
N PHE A 344 -21.32 30.44 -27.69
CA PHE A 344 -20.40 29.48 -27.03
C PHE A 344 -20.76 28.04 -27.43
N ILE A 345 -22.03 27.70 -27.32
CA ILE A 345 -22.43 26.34 -27.53
C ILE A 345 -22.07 25.93 -28.95
N PHE A 346 -22.27 26.81 -29.92
CA PHE A 346 -22.00 26.40 -31.27
C PHE A 346 -20.50 26.44 -31.56
N LEU A 347 -19.80 27.46 -31.13
CA LEU A 347 -18.43 27.50 -31.55
C LEU A 347 -17.55 26.51 -30.75
N PHE A 348 -17.93 26.21 -29.51
CA PHE A 348 -17.22 25.25 -28.72
C PHE A 348 -17.27 23.87 -29.42
N THR A 349 -18.45 23.54 -29.92
CA THR A 349 -18.70 22.33 -30.66
C THR A 349 -17.82 22.20 -31.86
N VAL A 350 -17.70 23.29 -32.59
CA VAL A 350 -16.84 23.30 -33.75
C VAL A 350 -15.39 23.01 -33.31
N GLY A 351 -14.91 23.65 -32.23
CA GLY A 351 -13.48 23.46 -31.81
C GLY A 351 -13.29 22.06 -31.24
N GLY A 352 -14.33 21.59 -30.59
CA GLY A 352 -14.36 20.22 -30.09
C GLY A 352 -14.28 19.23 -31.22
N LEU A 353 -14.99 19.50 -32.30
CA LEU A 353 -15.00 18.52 -33.37
C LEU A 353 -13.64 18.49 -34.08
N THR A 354 -12.98 19.63 -34.27
CA THR A 354 -11.62 19.52 -34.85
C THR A 354 -10.60 18.89 -33.84
N GLY A 355 -10.87 18.95 -32.53
CA GLY A 355 -10.07 18.12 -31.58
C GLY A 355 -10.20 16.61 -31.86
N ILE A 356 -11.39 16.14 -32.22
CA ILE A 356 -11.54 14.74 -32.52
C ILE A 356 -10.75 14.37 -33.79
N VAL A 357 -10.66 15.29 -34.75
CA VAL A 357 -9.85 15.04 -35.93
C VAL A 357 -8.38 14.86 -35.55
N LEU A 358 -7.91 15.72 -34.63
CA LEU A 358 -6.50 15.71 -34.19
C LEU A 358 -6.19 14.51 -33.31
N ALA A 359 -7.23 13.89 -32.71
CA ALA A 359 -7.02 12.84 -31.72
C ALA A 359 -6.47 11.61 -32.44
N ASN A 360 -6.68 11.58 -33.76
CA ASN A 360 -6.20 10.47 -34.58
C ASN A 360 -4.71 10.67 -34.85
N SER A 361 -3.88 9.81 -34.26
CA SER A 361 -2.43 9.97 -34.40
C SER A 361 -2.01 9.79 -35.83
N SER A 362 -2.79 9.00 -36.57
CA SER A 362 -2.64 8.78 -38.02
C SER A 362 -2.59 10.15 -38.70
N LEU A 363 -3.71 10.89 -38.60
CA LEU A 363 -3.84 12.20 -39.26
C LEU A 363 -3.06 13.27 -38.55
N ASP A 364 -2.89 13.13 -37.24
CA ASP A 364 -2.11 14.10 -36.54
C ASP A 364 -0.67 14.28 -37.05
N ILE A 365 -0.08 13.21 -37.59
CA ILE A 365 1.24 13.34 -38.28
C ILE A 365 1.31 14.55 -39.23
N VAL A 366 0.25 14.72 -40.00
CA VAL A 366 0.26 15.74 -41.01
C VAL A 366 -0.23 17.08 -40.45
N LEU A 367 -1.06 17.06 -39.40
CA LEU A 367 -1.67 18.27 -38.90
C LEU A 367 -0.89 18.86 -37.73
N HIS A 368 -0.06 18.06 -37.07
CA HIS A 368 0.68 18.50 -35.88
C HIS A 368 1.60 19.66 -36.19
N ASP A 369 1.74 20.63 -35.28
CA ASP A 369 2.58 21.81 -35.56
C ASP A 369 2.26 22.59 -36.86
N THR A 370 1.00 22.64 -37.19
CA THR A 370 0.50 23.46 -38.27
C THR A 370 -0.59 24.33 -37.69
N TYR A 371 -1.04 25.28 -38.51
CA TYR A 371 -2.18 26.12 -38.17
C TYR A 371 -3.50 25.46 -37.96
N TYR A 372 -3.63 24.18 -38.28
CA TYR A 372 -4.87 23.53 -37.90
C TYR A 372 -5.02 23.41 -36.41
N VAL A 373 -3.91 23.11 -35.72
CA VAL A 373 -3.94 23.09 -34.24
C VAL A 373 -4.34 24.44 -33.67
N VAL A 374 -3.75 25.47 -34.27
CA VAL A 374 -4.00 26.86 -33.85
C VAL A 374 -5.51 27.20 -34.11
N ALA A 375 -6.05 26.86 -35.28
CA ALA A 375 -7.52 27.03 -35.50
C ALA A 375 -8.30 26.28 -34.41
N HIS A 376 -7.93 25.02 -34.19
CA HIS A 376 -8.65 24.19 -33.21
C HIS A 376 -8.74 24.88 -31.87
N PHE A 377 -7.59 25.25 -31.29
CA PHE A 377 -7.69 25.69 -29.89
C PHE A 377 -8.12 27.14 -29.75
N HIS A 378 -8.05 27.97 -30.80
CA HIS A 378 -8.67 29.32 -30.60
C HIS A 378 -10.17 29.23 -30.65
N TYR A 379 -10.74 28.21 -31.35
CA TYR A 379 -12.21 27.96 -31.28
C TYR A 379 -12.76 27.68 -29.88
N VAL A 380 -12.14 26.82 -29.13
N VAL A 380 -12.22 26.60 -29.36
CA VAL A 380 -12.61 26.55 -27.78
CA VAL A 380 -12.76 25.75 -28.32
C VAL A 380 -12.20 27.59 -26.76
C VAL A 380 -12.25 26.36 -27.06
N LEU A 381 -11.12 28.31 -27.02
N LEU A 381 -11.04 26.88 -27.12
CA LEU A 381 -10.67 29.31 -26.07
CA LEU A 381 -10.51 27.52 -25.93
C LEU A 381 -11.31 30.65 -26.37
C LEU A 381 -10.70 29.00 -26.02
N SER A 382 -11.12 31.13 -27.60
N SER A 382 -10.13 29.64 -27.03
CA SER A 382 -11.59 32.47 -27.92
CA SER A 382 -10.17 31.10 -27.09
C SER A 382 -13.07 32.54 -28.22
C SER A 382 -11.56 31.70 -27.22
N MET A 383 -13.71 31.40 -28.50
N MET A 383 -12.26 31.41 -28.32
CA MET A 383 -15.15 31.41 -28.63
CA MET A 383 -13.62 31.88 -28.39
C MET A 383 -15.78 30.47 -27.63
C MET A 383 -14.42 31.37 -27.17
N GLY A 384 -14.95 29.97 -26.73
N GLY A 384 -14.30 30.07 -26.90
CA GLY A 384 -15.42 29.08 -25.70
CA GLY A 384 -15.17 29.36 -25.97
C GLY A 384 -15.25 29.80 -24.41
C GLY A 384 -15.18 29.95 -24.60
N ALA A 385 -13.95 29.92 -24.04
CA ALA A 385 -13.59 30.50 -22.73
C ALA A 385 -13.90 31.95 -22.72
N VAL A 386 -13.53 32.66 -23.80
CA VAL A 386 -13.78 34.11 -23.84
C VAL A 386 -15.26 34.40 -23.89
N PHE A 387 -15.99 33.60 -24.66
CA PHE A 387 -17.43 33.78 -24.79
C PHE A 387 -18.12 33.53 -23.46
N ALA A 388 -17.62 32.54 -22.69
CA ALA A 388 -18.19 32.26 -21.37
C ALA A 388 -17.88 33.43 -20.40
N ILE A 389 -16.67 33.95 -20.49
CA ILE A 389 -16.26 35.08 -19.69
C ILE A 389 -17.13 36.29 -19.99
N MET A 390 -17.29 36.61 -21.29
CA MET A 390 -18.18 37.73 -21.68
C MET A 390 -19.62 37.47 -21.23
N GLY A 391 -20.12 36.22 -21.33
CA GLY A 391 -21.54 35.99 -21.01
C GLY A 391 -21.70 36.10 -19.51
N GLY A 392 -20.69 35.59 -18.77
CA GLY A 392 -20.69 35.67 -17.30
C GLY A 392 -20.56 37.13 -16.88
N PHE A 393 -19.65 37.85 -17.52
CA PHE A 393 -19.44 39.23 -17.13
C PHE A 393 -20.71 40.08 -17.33
N VAL A 394 -21.37 39.97 -18.47
CA VAL A 394 -22.60 40.77 -18.62
C VAL A 394 -23.77 40.30 -17.73
N HIS A 395 -23.85 39.00 -17.49
CA HIS A 395 -24.91 38.51 -16.65
C HIS A 395 -24.75 38.99 -15.19
N TRP A 396 -23.56 38.91 -14.64
CA TRP A 396 -23.42 39.17 -13.19
C TRP A 396 -22.85 40.55 -12.92
N PHE A 397 -22.51 41.28 -13.98
CA PHE A 397 -22.07 42.69 -13.79
C PHE A 397 -23.02 43.47 -12.85
N PRO A 398 -24.38 43.29 -12.99
CA PRO A 398 -25.21 44.12 -12.11
C PRO A 398 -25.11 43.62 -10.66
N LEU A 399 -24.88 42.33 -10.47
CA LEU A 399 -24.72 41.81 -9.11
C LEU A 399 -23.42 42.40 -8.49
N PHE A 400 -22.31 42.43 -9.23
CA PHE A 400 -21.04 42.92 -8.69
C PHE A 400 -21.08 44.40 -8.45
N SER A 401 -21.69 45.15 -9.38
CA SER A 401 -21.66 46.63 -9.32
C SER A 401 -22.87 47.37 -8.76
N GLY A 402 -24.04 46.78 -8.83
CA GLY A 402 -25.20 47.59 -8.54
C GLY A 402 -25.76 48.37 -9.73
N TYR A 403 -25.02 48.42 -10.84
CA TYR A 403 -25.42 49.15 -12.08
C TYR A 403 -25.72 48.22 -13.26
N THR A 404 -26.49 48.72 -14.23
CA THR A 404 -26.79 47.94 -15.44
C THR A 404 -25.99 48.40 -16.64
N LEU A 405 -25.73 47.47 -17.56
CA LEU A 405 -25.05 47.80 -18.80
C LEU A 405 -26.14 48.32 -19.71
N ASN A 406 -25.79 49.06 -20.75
CA ASN A 406 -26.74 49.37 -21.76
C ASN A 406 -26.85 48.11 -22.65
N ASP A 407 -27.99 47.45 -22.60
CA ASP A 407 -28.24 46.25 -23.44
C ASP A 407 -27.95 46.37 -24.93
N THR A 408 -28.31 47.51 -25.55
CA THR A 408 -28.14 47.64 -26.99
C THR A 408 -26.65 47.66 -27.32
N TRP A 409 -25.91 48.44 -26.56
CA TRP A 409 -24.43 48.53 -26.76
C TRP A 409 -23.82 47.14 -26.56
N ALA A 410 -24.30 46.36 -25.57
CA ALA A 410 -23.74 45.03 -25.33
C ALA A 410 -24.02 44.12 -26.53
N LYS A 411 -25.19 44.28 -27.17
CA LYS A 411 -25.53 43.46 -28.31
C LYS A 411 -24.69 43.85 -29.54
N ILE A 412 -24.39 45.15 -29.70
CA ILE A 412 -23.47 45.61 -30.77
C ILE A 412 -22.11 44.96 -30.57
N HIS A 413 -21.64 44.98 -29.31
CA HIS A 413 -20.34 44.41 -28.98
C HIS A 413 -20.32 42.92 -29.34
N PHE A 414 -21.35 42.15 -28.94
CA PHE A 414 -21.32 40.74 -29.31
C PHE A 414 -21.25 40.54 -30.86
N ALA A 415 -22.07 41.27 -31.61
CA ALA A 415 -22.11 41.06 -33.07
C ALA A 415 -20.74 41.32 -33.73
N ILE A 416 -20.03 42.36 -33.26
CA ILE A 416 -18.72 42.69 -33.84
C ILE A 416 -17.71 41.60 -33.50
N MET A 417 -17.72 41.19 -32.24
CA MET A 417 -16.79 40.16 -31.82
C MET A 417 -17.04 38.86 -32.56
N PHE A 418 -18.31 38.50 -32.68
CA PHE A 418 -18.63 37.25 -33.33
C PHE A 418 -18.06 37.31 -34.74
N VAL A 419 -18.16 38.46 -35.43
CA VAL A 419 -17.65 38.48 -36.80
C VAL A 419 -16.13 38.40 -36.78
N GLY A 420 -15.52 39.20 -35.93
CA GLY A 420 -14.06 39.22 -36.00
C GLY A 420 -13.35 37.92 -35.60
N VAL A 421 -13.81 37.23 -34.56
CA VAL A 421 -13.09 36.00 -34.15
C VAL A 421 -13.29 34.93 -35.28
N ASN A 422 -14.45 34.93 -35.92
CA ASN A 422 -14.65 33.97 -37.04
C ASN A 422 -13.80 34.27 -38.27
N MET A 423 -13.69 35.56 -38.56
CA MET A 423 -12.92 35.97 -39.70
C MET A 423 -11.41 35.71 -39.36
N THR A 424 -11.06 35.82 -38.10
CA THR A 424 -9.67 35.55 -37.78
C THR A 424 -9.38 34.07 -37.89
N PHE A 425 -10.24 33.24 -37.32
CA PHE A 425 -9.72 31.92 -37.04
C PHE A 425 -10.21 30.91 -38.05
N PHE A 426 -11.37 31.14 -38.65
CA PHE A 426 -11.86 30.16 -39.62
C PHE A 426 -10.88 29.83 -40.75
N PRO A 427 -10.28 30.86 -41.37
CA PRO A 427 -9.34 30.56 -42.48
C PRO A 427 -8.08 29.78 -42.05
N GLN A 428 -7.81 29.73 -40.76
CA GLN A 428 -6.54 29.12 -40.33
C GLN A 428 -6.63 27.59 -40.49
N HIS A 429 -7.86 27.02 -40.57
CA HIS A 429 -7.98 25.57 -40.89
C HIS A 429 -7.36 25.29 -42.21
N PHE A 430 -7.64 26.12 -43.24
CA PHE A 430 -7.07 25.93 -44.60
C PHE A 430 -5.57 26.09 -44.58
N LEU A 431 -5.10 27.06 -43.81
CA LEU A 431 -3.66 27.18 -43.70
C LEU A 431 -3.04 25.87 -43.20
N GLY A 432 -3.69 25.20 -42.22
CA GLY A 432 -3.13 24.00 -41.58
C GLY A 432 -3.23 22.78 -42.52
N LEU A 433 -4.39 22.60 -43.14
CA LEU A 433 -4.53 21.45 -44.11
C LEU A 433 -3.52 21.60 -45.23
N SER A 434 -3.28 22.84 -45.67
CA SER A 434 -2.37 23.05 -46.77
C SER A 434 -0.93 23.07 -46.37
N GLY A 435 -0.69 22.99 -45.07
CA GLY A 435 0.64 22.71 -44.63
C GLY A 435 1.43 23.84 -43.99
N MET A 436 0.80 24.98 -43.67
CA MET A 436 1.54 26.08 -43.04
C MET A 436 1.96 25.76 -41.57
N PRO A 437 3.25 25.81 -41.27
CA PRO A 437 3.63 25.52 -39.86
C PRO A 437 3.17 26.56 -38.87
N ARG A 438 2.98 26.20 -37.60
CA ARG A 438 2.83 27.16 -36.49
C ARG A 438 4.19 27.75 -36.31
N ARG A 439 4.16 28.83 -35.56
CA ARG A 439 5.31 29.51 -34.99
C ARG A 439 6.29 30.11 -35.99
N TYR A 440 5.79 30.43 -37.17
CA TYR A 440 6.55 31.04 -38.29
C TYR A 440 6.25 32.55 -38.39
N SER A 441 7.26 33.29 -38.72
CA SER A 441 7.16 34.74 -38.77
C SER A 441 6.86 35.16 -40.22
N ASP A 442 7.03 34.23 -41.18
CA ASP A 442 6.72 34.50 -42.59
C ASP A 442 6.41 33.17 -43.24
N TYR A 443 5.79 33.20 -44.42
CA TYR A 443 5.27 31.99 -45.01
C TYR A 443 5.50 31.96 -46.52
N PRO A 444 5.56 30.75 -47.14
CA PRO A 444 5.57 30.71 -48.64
C PRO A 444 4.36 31.43 -49.25
N ASP A 445 4.56 32.00 -50.46
CA ASP A 445 3.59 32.98 -51.01
C ASP A 445 2.21 32.41 -51.17
N ALA A 446 2.14 31.11 -51.42
CA ALA A 446 0.88 30.44 -51.63
C ALA A 446 -0.04 30.79 -50.48
N TYR A 447 0.50 30.97 -49.25
CA TYR A 447 -0.35 31.06 -48.03
C TYR A 447 -0.85 32.45 -47.76
N THR A 448 -0.60 33.38 -48.68
CA THR A 448 -0.91 34.80 -48.48
C THR A 448 -2.42 35.12 -48.27
N MET A 449 -3.31 34.63 -49.14
CA MET A 449 -4.69 35.06 -49.03
C MET A 449 -5.30 34.82 -47.65
N TRP A 450 -5.20 33.59 -47.13
CA TRP A 450 -5.79 33.25 -45.84
C TRP A 450 -5.14 34.07 -44.72
N ASN A 451 -3.82 34.27 -44.75
CA ASN A 451 -3.12 35.08 -43.72
C ASN A 451 -3.56 36.53 -43.70
N THR A 452 -3.71 37.09 -44.91
CA THR A 452 -4.28 38.41 -45.08
C THR A 452 -5.69 38.53 -44.49
N ILE A 453 -6.54 37.56 -44.77
CA ILE A 453 -7.90 37.69 -44.26
C ILE A 453 -7.91 37.62 -42.73
N SER A 454 -7.08 36.69 -42.25
CA SER A 454 -7.05 36.37 -40.84
C SER A 454 -6.57 37.64 -40.07
N SER A 455 -5.54 38.33 -40.59
CA SER A 455 -5.08 39.53 -39.90
C SER A 455 -6.14 40.62 -39.94
N MET A 456 -6.83 40.79 -41.08
CA MET A 456 -7.98 41.70 -41.12
C MET A 456 -9.03 41.39 -40.04
N GLY A 457 -9.31 40.11 -39.83
CA GLY A 457 -10.34 39.73 -38.86
C GLY A 457 -9.93 40.11 -37.44
N SER A 458 -8.61 40.16 -37.20
CA SER A 458 -8.11 40.40 -35.86
C SER A 458 -8.26 41.86 -35.52
N PHE A 459 -8.27 42.76 -36.52
CA PHE A 459 -8.61 44.17 -36.25
C PHE A 459 -10.06 44.39 -35.89
N ILE A 460 -10.95 43.57 -36.46
CA ILE A 460 -12.38 43.69 -36.12
C ILE A 460 -12.55 43.41 -34.61
N SER A 461 -11.88 42.36 -34.10
CA SER A 461 -12.00 42.00 -32.69
C SER A 461 -11.36 43.08 -31.79
N LEU A 462 -10.24 43.67 -32.27
CA LEU A 462 -9.69 44.88 -31.62
C LEU A 462 -10.80 45.92 -31.42
N THR A 463 -11.55 46.22 -32.50
CA THR A 463 -12.56 47.27 -32.37
C THR A 463 -13.56 46.86 -31.32
N ALA A 464 -13.91 45.56 -31.25
CA ALA A 464 -14.84 45.15 -30.17
C ALA A 464 -14.19 45.34 -28.75
N VAL A 465 -12.91 45.02 -28.62
CA VAL A 465 -12.26 45.20 -27.30
C VAL A 465 -12.38 46.65 -26.88
N MET A 466 -12.09 47.57 -27.79
CA MET A 466 -12.14 49.00 -27.40
C MET A 466 -13.58 49.38 -27.04
N LEU A 467 -14.56 48.81 -27.75
CA LEU A 467 -15.94 49.23 -27.54
C LEU A 467 -16.39 48.72 -26.18
N MET A 468 -15.84 47.56 -25.80
CA MET A 468 -16.18 46.97 -24.49
C MET A 468 -15.70 47.89 -23.32
N VAL A 469 -14.50 48.48 -23.42
CA VAL A 469 -14.05 49.37 -22.38
C VAL A 469 -15.03 50.54 -22.25
N PHE A 470 -15.47 51.08 -23.40
CA PHE A 470 -16.39 52.22 -23.37
C PHE A 470 -17.75 51.79 -22.79
N ILE A 471 -18.19 50.59 -23.12
CA ILE A 471 -19.50 50.11 -22.60
C ILE A 471 -19.48 50.01 -21.08
N ILE A 472 -18.31 49.63 -20.52
CA ILE A 472 -18.12 49.60 -19.09
C ILE A 472 -18.08 51.03 -18.52
N TRP A 473 -17.34 51.93 -19.16
CA TRP A 473 -17.35 53.31 -18.64
C TRP A 473 -18.81 53.79 -18.66
N GLU A 474 -19.56 53.56 -19.76
CA GLU A 474 -20.90 54.15 -19.86
C GLU A 474 -21.77 53.70 -18.67
N ALA A 475 -21.62 52.42 -18.26
CA ALA A 475 -22.41 51.90 -17.13
C ALA A 475 -22.10 52.68 -15.83
N PHE A 476 -20.82 52.86 -15.54
CA PHE A 476 -20.44 53.60 -14.28
C PHE A 476 -20.66 55.08 -14.37
N ALA A 477 -20.69 55.60 -15.60
CA ALA A 477 -20.87 57.06 -15.79
C ALA A 477 -22.37 57.38 -15.65
N SER A 478 -23.28 56.46 -16.01
CA SER A 478 -24.71 56.81 -16.06
C SER A 478 -25.35 56.49 -14.74
N LYS A 479 -24.94 55.37 -14.16
CA LYS A 479 -25.44 54.92 -12.85
C LYS A 479 -26.90 54.57 -12.76
N ARG A 480 -27.30 53.58 -13.51
CA ARG A 480 -28.67 53.07 -13.48
C ARG A 480 -28.59 51.99 -12.45
N GLU A 481 -29.18 52.23 -11.28
CA GLU A 481 -29.06 51.28 -10.20
C GLU A 481 -30.16 50.21 -10.31
N VAL A 482 -29.79 48.94 -10.01
CA VAL A 482 -30.73 47.77 -10.08
C VAL A 482 -31.87 47.90 -9.09
N LEU A 483 -33.07 47.52 -9.50
CA LEU A 483 -34.19 47.42 -8.55
C LEU A 483 -34.53 45.98 -8.36
N THR A 484 -34.87 45.33 -9.46
CA THR A 484 -35.45 43.96 -9.39
C THR A 484 -34.73 43.03 -10.31
N VAL A 485 -34.61 41.77 -9.88
CA VAL A 485 -34.02 40.68 -10.66
C VAL A 485 -34.99 39.46 -10.68
N ASP A 486 -35.19 38.84 -11.82
CA ASP A 486 -36.08 37.68 -11.85
C ASP A 486 -35.42 36.43 -11.26
N LEU A 487 -36.24 35.39 -10.98
CA LEU A 487 -35.84 34.03 -10.70
C LEU A 487 -34.83 33.94 -9.53
N THR A 488 -34.96 34.77 -8.50
CA THR A 488 -34.09 34.67 -7.36
C THR A 488 -34.33 33.41 -6.53
N THR A 489 -35.52 32.81 -6.59
CA THR A 489 -35.80 31.60 -5.83
C THR A 489 -34.89 30.44 -6.21
N THR A 490 -34.35 30.48 -7.43
CA THR A 490 -33.39 29.45 -7.82
C THR A 490 -32.02 30.02 -8.11
N ASN A 491 -31.73 31.21 -7.63
CA ASN A 491 -30.40 31.81 -7.95
C ASN A 491 -30.02 32.63 -6.75
N LEU A 492 -29.52 31.91 -5.73
CA LEU A 492 -29.28 32.46 -4.41
C LEU A 492 -28.34 33.66 -4.45
N GLU A 493 -27.47 33.77 -5.44
CA GLU A 493 -26.46 34.81 -5.37
C GLU A 493 -27.07 36.20 -5.48
N TRP A 494 -28.29 36.31 -6.02
CA TRP A 494 -28.93 37.63 -6.18
C TRP A 494 -29.65 38.12 -4.91
N LEU A 495 -29.78 37.26 -3.90
CA LEU A 495 -30.84 37.44 -2.92
C LEU A 495 -30.49 38.52 -1.91
N ASN A 496 -29.20 38.82 -1.82
CA ASN A 496 -28.72 39.84 -0.88
C ASN A 496 -28.66 41.26 -1.50
N GLY A 497 -29.28 41.44 -2.68
CA GLY A 497 -29.27 42.76 -3.34
C GLY A 497 -28.00 43.02 -4.15
N CYS A 498 -27.93 44.16 -4.85
CA CYS A 498 -26.86 44.43 -5.81
C CYS A 498 -26.28 45.78 -5.48
N PRO A 499 -25.02 45.88 -5.06
CA PRO A 499 -24.15 44.76 -4.77
C PRO A 499 -24.50 44.20 -3.36
N PRO A 500 -24.15 42.93 -3.07
CA PRO A 500 -24.49 42.46 -1.73
C PRO A 500 -23.63 43.22 -0.69
N PRO A 501 -24.10 43.29 0.57
CA PRO A 501 -23.18 43.97 1.57
C PRO A 501 -21.87 43.24 1.80
N TYR A 502 -20.93 43.99 2.36
CA TYR A 502 -19.56 43.52 2.59
C TYR A 502 -19.51 42.15 3.26
N HIS A 503 -20.22 42.03 4.37
CA HIS A 503 -20.58 40.73 4.95
C HIS A 503 -21.97 40.20 4.55
N THR A 504 -22.05 39.01 3.92
CA THR A 504 -23.33 38.36 3.71
C THR A 504 -23.37 37.07 4.50
N PHE A 505 -24.56 36.56 4.80
CA PHE A 505 -24.69 35.33 5.59
C PHE A 505 -24.07 35.37 6.99
N GLU A 506 -24.06 36.55 7.61
CA GLU A 506 -23.62 36.63 9.03
C GLU A 506 -24.53 35.77 9.86
N GLU A 507 -25.82 35.82 9.55
CA GLU A 507 -26.71 34.82 10.02
C GLU A 507 -26.85 33.89 8.81
N PRO A 508 -26.49 32.62 8.98
CA PRO A 508 -26.58 31.68 7.85
C PRO A 508 -28.02 31.40 7.40
N THR A 509 -28.17 30.79 6.23
CA THR A 509 -29.48 30.38 5.77
C THR A 509 -30.05 29.23 6.62
N TYR A 510 -31.34 29.03 6.55
CA TYR A 510 -31.95 27.99 7.30
C TYR A 510 -32.37 26.94 6.27
N VAL A 511 -31.85 25.71 6.37
CA VAL A 511 -32.28 24.63 5.43
C VAL A 511 -32.68 23.38 6.19
N ASN A 512 -33.94 22.95 6.06
CA ASN A 512 -34.45 21.77 6.81
C ASN A 512 -33.98 20.50 6.26
N LEU A 513 -33.86 19.53 7.16
CA LEU A 513 -33.60 18.16 6.78
C LEU A 513 -34.83 17.38 6.28
N LYS A 514 -35.91 17.24 7.05
CA LYS A 514 -37.13 16.57 6.48
C LYS A 514 -37.29 15.07 6.69
N FME B 1 3.81 20.87 -52.89
CN FME B 1 5.05 20.69 -52.49
O1 FME B 1 5.76 19.78 -52.71
CA FME B 1 3.54 22.19 -52.27
CB FME B 1 4.48 23.23 -52.88
CG FME B 1 4.26 23.28 -54.41
SD FME B 1 5.08 24.61 -55.25
CE FME B 1 5.03 25.91 -54.07
C FME B 1 2.12 22.67 -52.34
O FME B 1 1.31 22.14 -53.13
N ALA B 2 1.85 23.67 -51.53
CA ALA B 2 0.59 24.33 -51.46
C ALA B 2 0.50 25.28 -52.61
N TYR B 3 -0.71 25.58 -53.07
CA TYR B 3 -0.89 26.55 -54.16
C TYR B 3 -1.83 27.62 -53.61
N PRO B 4 -1.89 28.80 -54.24
CA PRO B 4 -2.75 29.85 -53.65
C PRO B 4 -4.19 29.47 -53.45
N MET B 5 -4.76 29.89 -52.32
CA MET B 5 -6.21 29.68 -52.04
C MET B 5 -6.64 28.23 -51.85
N GLN B 6 -5.68 27.34 -51.66
CA GLN B 6 -5.88 25.94 -51.29
C GLN B 6 -6.72 25.79 -50.03
N LEU B 7 -7.63 24.83 -50.03
CA LEU B 7 -8.58 24.64 -48.96
C LEU B 7 -8.15 23.47 -48.12
N GLY B 8 -7.79 22.38 -48.80
CA GLY B 8 -7.42 21.12 -48.16
C GLY B 8 -5.96 20.73 -48.19
N PHE B 9 -5.75 19.41 -48.07
CA PHE B 9 -4.44 18.79 -48.15
C PHE B 9 -3.79 18.93 -49.52
N GLN B 10 -2.45 18.92 -49.54
CA GLN B 10 -1.72 18.82 -50.78
C GLN B 10 -2.03 17.46 -51.40
N ASP B 11 -2.06 17.39 -52.74
CA ASP B 11 -2.30 16.11 -53.41
C ASP B 11 -1.32 15.05 -52.90
N ALA B 12 -1.83 13.84 -52.68
CA ALA B 12 -0.97 12.76 -52.18
C ALA B 12 0.04 12.32 -53.19
N THR B 13 1.27 12.15 -52.69
CA THR B 13 2.37 11.60 -53.44
C THR B 13 2.71 10.19 -52.99
N SER B 14 2.26 9.77 -51.81
CA SER B 14 2.52 8.39 -51.39
C SER B 14 1.18 7.68 -51.13
N PRO B 15 1.17 6.33 -51.15
CA PRO B 15 0.03 5.53 -50.73
C PRO B 15 -0.46 5.91 -49.33
N ILE B 16 0.43 6.06 -48.37
CA ILE B 16 0.05 6.46 -47.03
C ILE B 16 -0.76 7.75 -47.08
N MET B 17 -0.20 8.82 -47.66
CA MET B 17 -0.92 10.09 -47.70
C MET B 17 -2.30 9.97 -48.42
N GLU B 18 -2.42 9.08 -49.41
CA GLU B 18 -3.69 8.95 -50.08
C GLU B 18 -4.70 8.30 -49.16
N GLU B 19 -4.21 7.35 -48.38
CA GLU B 19 -5.00 6.69 -47.35
C GLU B 19 -5.45 7.74 -46.28
N LEU B 20 -4.57 8.68 -45.89
CA LEU B 20 -5.01 9.72 -44.97
C LEU B 20 -6.07 10.64 -45.55
N LEU B 21 -5.97 10.90 -46.88
CA LEU B 21 -6.90 11.77 -47.53
C LEU B 21 -8.32 11.18 -47.46
N HIS B 22 -8.48 9.91 -47.82
CA HIS B 22 -9.79 9.30 -47.73
C HIS B 22 -10.27 9.21 -46.30
N PHE B 23 -9.37 8.94 -45.35
CA PHE B 23 -9.79 8.86 -43.96
C PHE B 23 -10.21 10.27 -43.46
N HIS B 24 -9.50 11.30 -43.92
CA HIS B 24 -9.96 12.61 -43.62
C HIS B 24 -11.37 12.88 -44.13
N ASP B 25 -11.66 12.48 -45.37
CA ASP B 25 -12.99 12.68 -45.96
C ASP B 25 -14.10 12.01 -45.10
N HIS B 26 -13.87 10.75 -44.70
CA HIS B 26 -14.75 10.00 -43.84
C HIS B 26 -14.96 10.79 -42.54
N THR B 27 -13.91 11.25 -41.93
CA THR B 27 -14.06 12.02 -40.66
C THR B 27 -14.79 13.37 -40.78
N LEU B 28 -14.39 14.12 -41.79
CA LEU B 28 -14.98 15.38 -42.05
C LEU B 28 -16.49 15.22 -42.35
N MET B 29 -16.85 14.12 -43.05
CA MET B 29 -18.29 13.85 -43.33
C MET B 29 -19.07 13.80 -41.98
N ILE B 30 -18.54 13.01 -41.05
CA ILE B 30 -19.08 12.95 -39.75
C ILE B 30 -19.08 14.27 -39.04
N VAL B 31 -17.98 15.01 -39.13
CA VAL B 31 -17.94 16.34 -38.51
C VAL B 31 -19.05 17.27 -39.05
N PHE B 32 -19.29 17.21 -40.36
CA PHE B 32 -20.36 17.99 -40.97
C PHE B 32 -21.76 17.59 -40.52
N LEU B 33 -21.95 16.27 -40.36
CA LEU B 33 -23.19 15.69 -39.90
C LEU B 33 -23.45 16.18 -38.48
N ILE B 34 -22.48 16.03 -37.59
CA ILE B 34 -22.76 16.45 -36.23
C ILE B 34 -22.97 17.97 -36.11
N SER B 35 -22.14 18.77 -36.81
CA SER B 35 -22.23 20.20 -36.58
C SER B 35 -23.54 20.74 -37.18
N SER B 36 -24.00 20.12 -38.27
CA SER B 36 -25.23 20.61 -38.90
C SER B 36 -26.40 20.21 -38.03
N LEU B 37 -26.32 19.00 -37.47
CA LEU B 37 -27.33 18.54 -36.56
C LEU B 37 -27.47 19.51 -35.37
N VAL B 38 -26.36 19.87 -34.76
CA VAL B 38 -26.41 20.76 -33.63
C VAL B 38 -26.98 22.13 -34.04
N LEU B 39 -26.65 22.58 -35.25
CA LEU B 39 -27.03 23.93 -35.59
C LEU B 39 -28.56 23.99 -35.87
N TYR B 40 -29.06 22.97 -36.55
CA TYR B 40 -30.47 22.82 -36.79
C TYR B 40 -31.19 22.79 -35.42
N ILE B 41 -30.71 21.94 -34.49
CA ILE B 41 -31.35 21.83 -33.20
C ILE B 41 -31.37 23.14 -32.38
N ILE B 42 -30.25 23.86 -32.37
CA ILE B 42 -30.21 25.13 -31.64
C ILE B 42 -31.34 25.99 -32.18
N SER B 43 -31.44 26.03 -33.50
CA SER B 43 -32.40 26.96 -34.09
C SER B 43 -33.85 26.51 -33.95
N LEU B 44 -34.08 25.21 -33.99
CA LEU B 44 -35.34 24.63 -33.56
C LEU B 44 -35.76 25.01 -32.11
N MET B 45 -34.81 24.99 -31.18
CA MET B 45 -35.10 25.40 -29.76
C MET B 45 -35.49 26.86 -29.60
N LEU B 46 -35.13 27.71 -30.56
CA LEU B 46 -35.24 29.17 -30.37
C LEU B 46 -36.35 29.82 -31.17
N THR B 47 -37.10 29.05 -31.95
CA THR B 47 -37.97 29.61 -32.92
C THR B 47 -39.39 29.30 -32.58
N THR B 48 -39.72 29.10 -31.31
CA THR B 48 -41.13 28.89 -31.00
C THR B 48 -41.57 29.58 -29.77
N LYS B 49 -42.85 29.97 -29.73
CA LYS B 49 -43.43 30.66 -28.59
C LYS B 49 -44.00 29.69 -27.63
N LEU B 50 -44.12 28.42 -28.03
CA LEU B 50 -44.68 27.42 -27.11
C LEU B 50 -43.73 27.19 -25.92
N THR B 51 -44.25 26.94 -24.71
CA THR B 51 -43.33 26.74 -23.62
C THR B 51 -43.67 25.53 -22.82
N HIS B 52 -42.63 25.06 -22.12
CA HIS B 52 -42.73 23.98 -21.18
C HIS B 52 -41.57 24.20 -20.24
N THR B 53 -41.85 24.81 -19.10
CA THR B 53 -40.81 25.23 -18.19
C THR B 53 -40.85 24.48 -16.90
N SER B 54 -41.71 23.48 -16.80
CA SER B 54 -41.62 22.64 -15.61
C SER B 54 -40.64 21.52 -15.92
N THR B 55 -40.17 20.87 -14.85
CA THR B 55 -39.41 19.61 -14.88
C THR B 55 -39.68 18.67 -16.06
N MET B 56 -38.58 18.26 -16.68
CA MET B 56 -38.54 17.20 -17.69
C MET B 56 -37.71 16.04 -17.22
N ASP B 57 -38.10 14.82 -17.64
CA ASP B 57 -37.40 13.60 -17.24
C ASP B 57 -36.21 13.27 -18.16
N ALA B 58 -35.00 13.20 -17.60
CA ALA B 58 -33.76 12.98 -18.39
C ALA B 58 -33.34 11.54 -18.84
N GLN B 59 -33.72 10.49 -18.09
CA GLN B 59 -33.03 9.21 -18.25
C GLN B 59 -33.71 8.24 -19.22
N GLU B 60 -33.76 8.64 -20.49
CA GLU B 60 -34.24 7.82 -21.63
C GLU B 60 -33.54 8.41 -22.83
N VAL B 61 -33.59 9.72 -22.84
CA VAL B 61 -32.95 10.52 -23.84
C VAL B 61 -31.41 10.52 -23.65
N GLU B 62 -30.94 10.27 -22.43
CA GLU B 62 -29.52 10.24 -22.22
C GLU B 62 -28.86 9.01 -22.85
N THR B 63 -29.59 7.90 -22.90
CA THR B 63 -29.15 6.70 -23.60
C THR B 63 -28.79 7.02 -25.04
N ILE B 64 -29.72 7.68 -25.76
CA ILE B 64 -29.51 7.95 -27.18
C ILE B 64 -28.24 8.81 -27.22
N TRP B 65 -28.15 9.71 -26.29
CA TRP B 65 -27.09 10.60 -26.54
C TRP B 65 -25.76 10.23 -25.94
N THR B 66 -25.74 9.01 -25.45
CA THR B 66 -24.53 8.35 -25.08
C THR B 66 -24.20 7.24 -26.07
N ILE B 67 -25.20 6.49 -26.53
CA ILE B 67 -24.91 5.35 -27.43
C ILE B 67 -24.54 5.76 -28.85
N LEU B 68 -25.33 6.67 -29.43
CA LEU B 68 -25.02 7.24 -30.74
C LEU B 68 -23.56 7.71 -30.86
N PRO B 69 -23.14 8.64 -29.97
CA PRO B 69 -21.75 9.10 -30.14
C PRO B 69 -20.71 7.97 -29.96
N ALA B 70 -20.94 6.99 -29.08
CA ALA B 70 -19.98 5.88 -28.93
C ALA B 70 -19.95 5.12 -30.27
N ILE B 71 -21.10 4.82 -30.85
CA ILE B 71 -21.08 4.18 -32.19
C ILE B 71 -20.30 5.02 -33.21
N ILE B 72 -20.55 6.32 -33.22
CA ILE B 72 -19.86 7.17 -34.16
C ILE B 72 -18.34 7.09 -33.92
N LEU B 73 -17.90 7.13 -32.66
CA LEU B 73 -16.43 7.13 -32.39
C LEU B 73 -15.80 5.87 -32.85
N ILE B 74 -16.56 4.79 -32.73
CA ILE B 74 -16.07 3.51 -33.19
C ILE B 74 -15.91 3.51 -34.71
N LEU B 75 -16.82 4.15 -35.45
CA LEU B 75 -16.68 4.23 -36.92
C LEU B 75 -15.51 5.12 -37.27
N ILE B 76 -15.11 6.03 -36.37
CA ILE B 76 -13.94 6.81 -36.70
C ILE B 76 -12.64 6.03 -36.32
N ALA B 77 -12.61 5.43 -35.15
CA ALA B 77 -11.39 4.82 -34.65
C ALA B 77 -10.91 3.60 -35.44
N LEU B 78 -11.85 2.76 -35.91
CA LEU B 78 -11.47 1.52 -36.60
C LEU B 78 -10.58 1.80 -37.77
N PRO B 79 -11.05 2.64 -38.72
CA PRO B 79 -10.16 2.93 -39.82
C PRO B 79 -8.97 3.76 -39.40
N SER B 80 -9.12 4.64 -38.41
CA SER B 80 -7.96 5.42 -37.90
C SER B 80 -6.87 4.47 -37.44
N LEU B 81 -7.27 3.43 -36.71
CA LEU B 81 -6.26 2.49 -36.24
C LEU B 81 -5.63 1.58 -37.32
N ARG B 82 -6.41 1.24 -38.34
CA ARG B 82 -5.89 0.45 -39.41
C ARG B 82 -4.76 1.24 -40.03
N ILE B 83 -4.99 2.52 -40.29
CA ILE B 83 -3.99 3.32 -40.97
C ILE B 83 -2.72 3.44 -40.12
N LEU B 84 -2.88 3.65 -38.81
CA LEU B 84 -1.73 3.87 -37.95
C LEU B 84 -0.78 2.68 -37.99
N TYR B 85 -1.32 1.47 -37.87
CA TYR B 85 -0.50 0.25 -37.92
C TYR B 85 0.24 0.11 -39.23
N MET B 86 -0.45 0.47 -40.32
CA MET B 86 0.07 0.48 -41.67
C MET B 86 1.25 1.46 -41.76
N MET B 87 1.09 2.70 -41.29
CA MET B 87 2.19 3.67 -41.27
C MET B 87 3.39 3.13 -40.54
N ASP B 88 3.20 2.00 -39.87
CA ASP B 88 4.26 1.45 -39.09
C ASP B 88 4.79 0.13 -39.64
N GLU B 89 4.08 -0.46 -40.60
CA GLU B 89 4.20 -1.90 -40.93
C GLU B 89 5.52 -2.22 -41.58
N ILE B 90 5.79 -3.53 -41.63
CA ILE B 90 7.12 -4.15 -41.92
C ILE B 90 7.61 -3.91 -43.36
N ASN B 91 8.77 -3.27 -43.46
CA ASN B 91 9.04 -2.43 -44.61
C ASN B 91 9.84 -3.09 -45.72
N ASN B 92 11.02 -3.59 -45.34
CA ASN B 92 12.08 -3.98 -46.29
C ASN B 92 12.61 -2.83 -47.17
N PRO B 93 13.29 -1.87 -46.55
CA PRO B 93 13.77 -0.72 -47.31
C PRO B 93 14.93 -1.08 -48.23
N SER B 94 15.10 -0.34 -49.33
CA SER B 94 16.21 -0.62 -50.23
C SER B 94 17.35 0.30 -49.93
N LEU B 95 17.08 1.26 -49.05
CA LEU B 95 18.04 2.34 -48.88
C LEU B 95 17.84 2.97 -47.48
N THR B 96 18.92 3.37 -46.80
CA THR B 96 18.74 4.13 -45.56
C THR B 96 19.31 5.51 -45.80
N VAL B 97 18.55 6.55 -45.47
CA VAL B 97 19.10 7.90 -45.49
C VAL B 97 18.98 8.52 -44.12
N LYS B 98 19.99 9.27 -43.68
CA LYS B 98 19.85 10.03 -42.41
C LYS B 98 19.68 11.51 -42.67
N THR B 99 18.85 12.17 -41.84
CA THR B 99 18.83 13.63 -41.88
C THR B 99 19.11 14.17 -40.48
N MET B 100 19.92 15.22 -40.35
CA MET B 100 20.26 15.71 -39.02
C MET B 100 19.85 17.15 -38.99
N GLY B 101 19.02 17.57 -38.02
CA GLY B 101 18.63 19.00 -37.94
C GLY B 101 19.78 19.82 -37.33
N HIS B 102 19.93 21.06 -37.76
CA HIS B 102 20.82 21.99 -37.10
C HIS B 102 20.17 23.30 -37.12
N GLN B 103 20.71 24.25 -36.33
CA GLN B 103 20.28 25.66 -36.42
C GLN B 103 21.14 26.35 -37.48
N TRP B 104 20.64 26.66 -38.68
CA TRP B 104 19.30 26.45 -39.13
C TRP B 104 19.38 25.89 -40.53
N TYR B 105 19.55 24.56 -40.64
CA TYR B 105 19.71 23.95 -41.95
C TYR B 105 19.71 22.47 -41.67
N TRP B 106 19.61 21.68 -42.72
CA TRP B 106 19.56 20.24 -42.56
C TRP B 106 20.77 19.66 -43.20
N SER B 107 21.31 18.60 -42.62
CA SER B 107 22.29 17.85 -43.39
C SER B 107 21.75 16.46 -43.66
N TYR B 108 22.33 15.83 -44.67
CA TYR B 108 21.88 14.55 -45.10
C TYR B 108 23.08 13.63 -45.21
N GLU B 109 22.88 12.37 -44.81
CA GLU B 109 23.92 11.32 -44.89
C GLU B 109 23.38 10.06 -45.61
N TYR B 110 24.13 9.60 -46.62
CA TYR B 110 23.75 8.38 -47.34
C TYR B 110 24.98 7.50 -47.21
N THR B 111 24.95 6.62 -46.23
CA THR B 111 26.10 5.85 -45.85
C THR B 111 25.93 4.31 -45.97
N ASP B 112 24.94 3.85 -46.71
CA ASP B 112 24.92 2.43 -47.00
C ASP B 112 26.25 1.95 -47.65
N TYR B 113 26.87 2.76 -48.52
CA TYR B 113 28.02 2.29 -49.31
C TYR B 113 29.22 3.20 -49.22
N GLU B 114 29.09 4.42 -49.69
CA GLU B 114 30.16 5.36 -49.58
C GLU B 114 29.74 6.34 -48.50
N ASP B 115 30.65 7.15 -47.98
CA ASP B 115 30.22 8.09 -46.98
C ASP B 115 29.85 9.42 -47.61
N LEU B 116 28.65 9.50 -48.15
CA LEU B 116 28.18 10.76 -48.72
C LEU B 116 27.37 11.61 -47.69
N SER B 117 27.71 12.89 -47.54
CA SER B 117 26.86 13.82 -46.80
C SER B 117 27.05 15.21 -47.30
N PHE B 118 26.05 16.07 -47.07
CA PHE B 118 26.04 17.45 -47.55
C PHE B 118 25.08 18.28 -46.71
N ASP B 119 25.17 19.60 -46.79
CA ASP B 119 24.29 20.48 -46.05
C ASP B 119 23.28 21.05 -47.05
N SER B 120 22.11 21.46 -46.55
CA SER B 120 20.98 21.88 -47.36
C SER B 120 20.37 23.11 -46.73
N TYR B 121 20.60 24.27 -47.36
CA TYR B 121 20.25 25.60 -46.91
C TYR B 121 19.20 26.26 -47.82
N MET B 122 18.30 27.02 -47.20
CA MET B 122 17.41 27.86 -47.99
C MET B 122 18.20 28.83 -48.90
N ILE B 123 17.66 29.05 -50.09
CA ILE B 123 18.15 30.06 -50.99
C ILE B 123 17.59 31.37 -50.50
N PRO B 124 18.47 32.32 -50.16
CA PRO B 124 17.96 33.64 -49.75
C PRO B 124 17.09 34.22 -50.85
N THR B 125 16.17 35.10 -50.49
CA THR B 125 15.23 35.66 -51.47
C THR B 125 15.88 36.43 -52.62
N SER B 126 16.97 37.11 -52.32
CA SER B 126 17.66 37.91 -53.33
C SER B 126 18.49 37.04 -54.30
N GLU B 127 18.76 35.80 -53.94
CA GLU B 127 19.45 34.87 -54.82
C GLU B 127 18.57 33.94 -55.68
N LEU B 128 17.26 34.08 -55.55
CA LEU B 128 16.32 33.22 -56.27
C LEU B 128 16.39 33.45 -57.76
N LYS B 129 16.36 32.39 -58.54
CA LYS B 129 16.18 32.53 -59.99
C LYS B 129 14.70 32.55 -60.31
N PRO B 130 14.33 33.27 -61.38
CA PRO B 130 12.92 33.45 -61.77
C PRO B 130 12.12 32.14 -61.85
N GLY B 131 10.88 32.15 -61.32
CA GLY B 131 10.12 30.90 -61.23
C GLY B 131 10.46 30.11 -59.97
N GLU B 132 11.49 30.54 -59.26
CA GLU B 132 11.85 29.92 -57.99
C GLU B 132 11.01 30.41 -56.79
N LEU B 133 10.83 29.53 -55.78
CA LEU B 133 9.85 29.78 -54.72
C LEU B 133 10.45 30.40 -53.48
N ARG B 134 9.96 31.58 -53.13
CA ARG B 134 10.34 32.23 -51.86
C ARG B 134 10.13 31.30 -50.63
N LEU B 135 11.19 31.17 -49.85
CA LEU B 135 11.28 30.40 -48.61
C LEU B 135 11.29 28.89 -48.73
N LEU B 136 11.18 28.37 -49.95
CA LEU B 136 11.07 26.91 -50.12
C LEU B 136 12.26 26.26 -50.74
N GLU B 137 13.05 26.98 -51.56
CA GLU B 137 14.11 26.32 -52.36
C GLU B 137 15.35 26.13 -51.49
N VAL B 138 16.07 25.06 -51.73
CA VAL B 138 17.35 24.84 -51.06
C VAL B 138 18.43 24.79 -52.14
N ASP B 139 19.67 24.94 -51.72
CA ASP B 139 20.76 24.88 -52.68
C ASP B 139 20.96 23.40 -53.04
N ASN B 140 20.84 22.49 -52.08
CA ASN B 140 21.10 21.07 -52.34
C ASN B 140 19.92 20.21 -51.93
N ARG B 141 19.22 19.65 -52.93
CA ARG B 141 18.04 18.90 -52.69
C ARG B 141 18.40 17.52 -52.24
N VAL B 142 17.41 16.82 -51.66
CA VAL B 142 17.60 15.44 -51.21
C VAL B 142 17.14 14.58 -52.39
N VAL B 143 18.09 13.99 -53.10
CA VAL B 143 17.82 13.27 -54.31
C VAL B 143 17.64 11.83 -53.81
N LEU B 144 16.55 11.20 -54.27
CA LEU B 144 16.12 9.83 -53.85
C LEU B 144 15.48 9.10 -55.02
N PRO B 145 15.58 7.77 -55.03
CA PRO B 145 14.92 7.02 -56.10
C PRO B 145 13.40 6.95 -55.89
N MET B 146 12.62 7.35 -56.90
CA MET B 146 11.17 7.11 -56.89
C MET B 146 10.85 5.63 -56.80
N GLU B 147 9.67 5.31 -56.32
CA GLU B 147 9.09 3.96 -56.33
C GLU B 147 9.87 2.92 -55.57
N MET B 148 10.50 3.31 -54.47
CA MET B 148 11.25 2.43 -53.63
C MET B 148 11.00 2.79 -52.17
N THR B 149 10.97 1.78 -51.29
CA THR B 149 10.92 2.00 -49.87
C THR B 149 12.23 2.48 -49.30
N ILE B 150 12.23 3.69 -48.75
CA ILE B 150 13.41 4.26 -48.12
C ILE B 150 13.27 4.41 -46.61
N ARG B 151 14.25 3.98 -45.86
CA ARG B 151 14.25 4.30 -44.45
C ARG B 151 14.87 5.70 -44.24
N MET B 152 14.11 6.64 -43.66
CA MET B 152 14.65 7.92 -43.22
C MET B 152 14.94 7.78 -41.72
N LEU B 153 16.14 8.14 -41.29
CA LEU B 153 16.45 8.30 -39.86
C LEU B 153 16.58 9.76 -39.56
N VAL B 154 15.92 10.22 -38.50
CA VAL B 154 15.89 11.66 -38.21
C VAL B 154 16.49 11.88 -36.83
N SER B 155 17.37 12.90 -36.76
CA SER B 155 17.93 13.33 -35.48
C SER B 155 18.37 14.81 -35.57
N SER B 156 19.00 15.26 -34.51
CA SER B 156 19.44 16.63 -34.44
C SER B 156 20.80 16.66 -33.77
N GLU B 157 21.54 17.69 -34.08
CA GLU B 157 22.81 17.89 -33.43
C GLU B 157 22.70 19.08 -32.52
N ASP B 158 21.53 19.64 -32.37
CA ASP B 158 21.46 20.74 -31.46
C ASP B 158 20.15 20.85 -30.69
N VAL B 159 19.21 21.65 -31.14
CA VAL B 159 17.92 21.78 -30.41
C VAL B 159 16.93 20.82 -31.08
N LEU B 160 15.66 20.89 -30.74
CA LEU B 160 14.63 20.04 -31.44
C LEU B 160 14.31 20.62 -32.81
N HIS B 161 14.21 19.77 -33.83
CA HIS B 161 13.66 20.23 -35.08
C HIS B 161 12.55 19.23 -35.46
N SER B 162 11.99 19.37 -36.67
CA SER B 162 11.08 18.30 -37.05
C SER B 162 11.10 18.26 -38.56
N TRP B 163 11.33 17.07 -39.09
CA TRP B 163 11.51 16.93 -40.50
C TRP B 163 10.12 16.61 -41.10
N ALA B 164 9.60 17.44 -42.02
CA ALA B 164 8.24 17.20 -42.55
C ALA B 164 8.18 17.33 -44.04
N VAL B 165 7.34 16.51 -44.67
CA VAL B 165 6.96 16.71 -46.06
C VAL B 165 5.44 16.34 -46.24
N PRO B 166 4.53 17.35 -46.14
CA PRO B 166 3.04 17.12 -46.08
C PRO B 166 2.59 16.18 -47.18
N SER B 167 3.06 16.38 -48.40
CA SER B 167 2.48 15.57 -49.52
C SER B 167 2.89 14.07 -49.55
N LEU B 168 3.88 13.72 -48.70
CA LEU B 168 4.22 12.32 -48.51
C LEU B 168 3.62 11.75 -47.22
N GLY B 169 2.97 12.59 -46.40
CA GLY B 169 2.42 12.10 -45.14
C GLY B 169 3.49 11.98 -44.06
N LEU B 170 4.56 12.78 -44.18
CA LEU B 170 5.70 12.60 -43.30
C LEU B 170 5.87 13.76 -42.33
N LYS B 171 6.05 13.41 -41.06
CA LYS B 171 6.49 14.41 -40.03
C LYS B 171 7.05 13.64 -38.85
N THR B 172 8.37 13.78 -38.65
CA THR B 172 9.06 13.05 -37.54
C THR B 172 9.93 14.03 -36.80
N ASP B 173 9.73 14.23 -35.50
CA ASP B 173 10.62 15.18 -34.78
C ASP B 173 12.06 14.72 -34.78
N ALA B 174 12.94 15.69 -34.76
CA ALA B 174 14.39 15.49 -34.72
C ALA B 174 14.92 15.90 -33.37
N ILE B 175 15.40 14.88 -32.65
CA ILE B 175 15.77 14.98 -31.25
C ILE B 175 17.20 14.55 -31.01
N PRO B 176 18.01 15.43 -30.42
CA PRO B 176 19.42 15.03 -30.23
C PRO B 176 19.50 13.83 -29.31
N GLY B 177 20.43 12.95 -29.62
CA GLY B 177 20.67 11.76 -28.78
C GLY B 177 19.69 10.70 -29.21
N ARG B 178 18.81 11.01 -30.14
CA ARG B 178 17.85 10.01 -30.54
C ARG B 178 17.73 9.82 -32.08
N LEU B 179 17.45 8.58 -32.51
CA LEU B 179 17.25 8.25 -33.91
C LEU B 179 15.78 7.81 -34.20
N ASN B 180 15.02 8.68 -34.87
CA ASN B 180 13.68 8.35 -35.15
C ASN B 180 13.57 7.87 -36.59
N GLN B 181 12.82 6.81 -36.80
CA GLN B 181 12.70 6.22 -38.10
C GLN B 181 11.31 6.50 -38.73
N THR B 182 11.30 6.82 -40.01
CA THR B 182 10.03 6.84 -40.75
C THR B 182 10.30 6.17 -42.11
N THR B 183 9.26 5.77 -42.83
CA THR B 183 9.52 5.22 -44.12
C THR B 183 8.84 6.09 -45.14
N LEU B 184 9.47 6.20 -46.29
CA LEU B 184 9.18 7.20 -47.28
C LEU B 184 9.04 6.36 -48.55
N MET B 185 8.05 6.71 -49.36
CA MET B 185 7.75 5.96 -50.58
C MET B 185 7.01 6.90 -51.51
N SER B 186 7.61 7.25 -52.65
CA SER B 186 6.92 8.13 -53.62
C SER B 186 6.40 7.32 -54.82
N SER B 187 5.16 7.55 -55.26
CA SER B 187 4.64 6.89 -56.45
C SER B 187 5.07 7.61 -57.68
N ARG B 188 5.43 8.87 -57.52
CA ARG B 188 5.76 9.71 -58.67
C ARG B 188 7.17 10.36 -58.56
N PRO B 189 7.78 10.74 -59.72
CA PRO B 189 9.03 11.50 -59.58
C PRO B 189 8.61 12.95 -59.36
N GLY B 190 9.55 13.83 -59.10
CA GLY B 190 9.29 15.30 -59.06
C GLY B 190 9.94 15.90 -57.84
N LEU B 191 9.46 17.07 -57.47
CA LEU B 191 9.96 17.86 -56.34
C LEU B 191 8.85 18.05 -55.28
N TYR B 192 9.14 17.70 -54.03
CA TYR B 192 8.18 17.76 -52.98
C TYR B 192 8.84 18.52 -51.81
N TYR B 193 8.08 19.46 -51.22
CA TYR B 193 8.64 20.46 -50.32
C TYR B 193 8.06 20.23 -48.97
N GLY B 194 8.88 20.56 -47.97
CA GLY B 194 8.37 20.74 -46.61
C GLY B 194 9.19 21.71 -45.78
N GLN B 195 8.84 21.81 -44.49
CA GLN B 195 9.40 22.85 -43.62
C GLN B 195 9.62 22.35 -42.21
N CYS B 196 10.67 22.90 -41.55
CA CYS B 196 10.95 22.55 -40.14
C CYS B 196 9.69 22.82 -39.30
N SER B 197 9.29 21.85 -38.49
CA SER B 197 7.97 21.82 -37.83
C SER B 197 8.08 21.61 -36.32
N GLU B 198 9.20 22.00 -35.77
CA GLU B 198 9.28 22.14 -34.30
C GLU B 198 10.10 23.40 -34.01
N ILE B 199 9.54 24.33 -33.26
CA ILE B 199 10.21 25.65 -33.12
C ILE B 199 11.66 25.44 -32.62
N CYS B 200 12.62 25.96 -33.38
CA CYS B 200 14.02 25.73 -33.12
C CYS B 200 14.77 27.05 -33.01
N GLY B 201 14.07 28.15 -32.82
CA GLY B 201 14.82 29.43 -32.72
C GLY B 201 14.43 30.46 -33.76
N SER B 202 15.28 31.49 -33.83
CA SER B 202 15.18 32.66 -34.78
C SER B 202 14.84 32.32 -36.23
N ASN B 203 15.35 31.20 -36.75
CA ASN B 203 15.28 30.96 -38.20
C ASN B 203 14.50 29.67 -38.44
N HIS B 204 13.67 29.32 -37.45
CA HIS B 204 12.66 28.26 -37.59
C HIS B 204 11.98 28.33 -38.93
N SER B 205 11.59 29.53 -39.36
CA SER B 205 10.75 29.70 -40.58
C SER B 205 11.51 29.45 -41.91
N PHE B 206 12.85 29.34 -41.76
CA PHE B 206 13.82 29.35 -42.90
C PHE B 206 14.75 28.18 -43.02
N MET B 207 14.27 26.95 -42.78
CA MET B 207 15.08 25.79 -43.01
C MET B 207 14.23 24.69 -43.68
N PRO B 208 13.97 24.87 -44.99
CA PRO B 208 13.03 24.00 -45.69
C PRO B 208 13.65 22.68 -46.21
N ILE B 209 12.79 21.79 -46.74
CA ILE B 209 13.18 20.45 -47.13
C ILE B 209 12.77 20.31 -48.55
N VAL B 210 13.69 19.98 -49.45
CA VAL B 210 13.23 19.72 -50.81
C VAL B 210 13.57 18.29 -51.23
N LEU B 211 12.57 17.46 -51.48
CA LEU B 211 12.97 16.17 -52.01
C LEU B 211 12.97 16.19 -53.52
N GLU B 212 13.98 15.57 -54.15
CA GLU B 212 13.95 15.38 -55.61
C GLU B 212 13.91 13.88 -55.98
N LEU B 213 12.76 13.47 -56.49
CA LEU B 213 12.49 12.04 -56.73
C LEU B 213 12.75 11.71 -58.23
N VAL B 214 13.64 10.76 -58.47
CA VAL B 214 14.10 10.41 -59.79
C VAL B 214 14.28 8.90 -59.91
N PRO B 215 14.43 8.41 -61.15
CA PRO B 215 14.69 7.00 -61.39
C PRO B 215 16.02 6.57 -60.82
N LEU B 216 16.04 5.38 -60.26
CA LEU B 216 17.19 4.82 -59.63
C LEU B 216 18.55 5.13 -60.32
N LYS B 217 18.58 4.96 -61.63
CA LYS B 217 19.82 5.07 -62.36
C LYS B 217 20.35 6.48 -62.27
N TYR B 218 19.47 7.46 -62.34
CA TYR B 218 19.85 8.84 -62.09
C TYR B 218 20.31 9.06 -60.64
N PHE B 219 19.56 8.49 -59.70
CA PHE B 219 20.01 8.51 -58.33
C PHE B 219 21.49 8.04 -58.11
N GLU B 220 21.86 6.92 -58.70
CA GLU B 220 23.24 6.38 -58.54
C GLU B 220 24.30 7.32 -59.13
N LYS B 221 24.01 7.90 -60.28
CA LYS B 221 24.98 8.72 -60.94
C LYS B 221 25.16 9.99 -60.09
N TRP B 222 24.05 10.55 -59.61
CA TRP B 222 24.07 11.72 -58.75
C TRP B 222 24.89 11.48 -57.47
N SER B 223 24.68 10.34 -56.79
CA SER B 223 25.46 9.94 -55.60
C SER B 223 26.95 9.99 -55.79
N ALA B 224 27.42 9.34 -56.86
CA ALA B 224 28.83 9.21 -57.15
C ALA B 224 29.36 10.57 -57.35
N SER B 225 28.56 11.45 -57.94
CA SER B 225 29.11 12.74 -58.29
C SER B 225 29.09 13.64 -57.10
N MET B 226 28.45 13.23 -56.03
CA MET B 226 28.32 14.08 -54.83
C MET B 226 29.38 13.76 -53.75
N LEU B 227 30.18 12.72 -53.99
CA LEU B 227 31.25 12.26 -53.07
C LEU B 227 32.37 13.27 -52.85
N HIS C 3 -23.57 40.71 14.98
CA HIS C 3 -23.01 39.41 15.42
C HIS C 3 -23.34 38.26 14.48
N GLN C 4 -22.39 37.35 14.31
CA GLN C 4 -22.61 36.18 13.50
C GLN C 4 -23.31 35.08 14.29
N THR C 5 -24.02 34.20 13.58
CA THR C 5 -24.58 33.03 14.17
C THR C 5 -24.24 31.85 13.31
N HIS C 6 -23.11 31.95 12.60
CA HIS C 6 -22.42 30.72 12.09
C HIS C 6 -21.14 30.55 12.95
N ALA C 7 -20.40 29.46 12.74
CA ALA C 7 -19.29 29.10 13.59
C ALA C 7 -17.97 29.30 12.88
N TYR C 8 -17.97 30.00 11.74
CA TYR C 8 -16.75 30.20 10.93
C TYR C 8 -15.97 31.50 11.32
N HIS C 9 -14.70 31.54 10.94
CA HIS C 9 -13.86 32.61 11.32
C HIS C 9 -13.72 33.71 10.25
N MET C 10 -14.19 34.91 10.56
CA MET C 10 -13.92 36.12 9.71
C MET C 10 -12.59 36.71 10.20
N VAL C 11 -11.56 36.70 9.39
CA VAL C 11 -10.18 36.99 9.83
C VAL C 11 -9.94 38.48 9.77
N ASN C 12 -9.30 39.07 10.79
CA ASN C 12 -9.06 40.52 10.74
C ASN C 12 -8.23 40.79 9.47
N PRO C 13 -8.36 41.99 8.85
CA PRO C 13 -7.53 42.35 7.73
C PRO C 13 -6.04 42.19 8.09
N SER C 14 -5.24 41.73 7.14
CA SER C 14 -3.93 41.25 7.48
C SER C 14 -2.84 41.70 6.47
N PRO C 15 -1.70 42.24 6.91
CA PRO C 15 -0.62 42.56 5.96
C PRO C 15 0.20 41.35 5.43
N TRP C 16 0.14 40.15 6.04
CA TRP C 16 1.05 39.02 5.72
C TRP C 16 0.91 38.40 4.33
N PRO C 17 -0.32 38.36 3.80
CA PRO C 17 -0.41 37.92 2.41
C PRO C 17 0.49 38.80 1.48
N LEU C 18 0.45 40.09 1.69
CA LEU C 18 1.15 40.97 0.79
C LEU C 18 2.66 40.85 1.01
N THR C 19 3.08 40.86 2.29
CA THR C 19 4.52 40.64 2.60
C THR C 19 4.97 39.30 2.09
N GLY C 20 4.13 38.25 2.24
CA GLY C 20 4.48 36.95 1.67
C GLY C 20 4.70 37.02 0.16
N ALA C 21 3.77 37.66 -0.55
CA ALA C 21 3.90 37.71 -2.00
C ALA C 21 5.17 38.46 -2.38
N LEU C 22 5.41 39.58 -1.67
CA LEU C 22 6.57 40.40 -1.98
C LEU C 22 7.84 39.60 -1.68
N SER C 23 7.81 38.89 -0.57
CA SER C 23 8.95 38.12 -0.20
C SER C 23 9.20 37.01 -1.31
N ALA C 24 8.13 36.50 -1.95
CA ALA C 24 8.31 35.55 -3.08
C ALA C 24 9.00 36.21 -4.28
N LEU C 25 8.58 37.45 -4.55
CA LEU C 25 9.14 38.22 -5.64
C LEU C 25 10.63 38.42 -5.39
N LEU C 26 10.99 38.78 -4.13
CA LEU C 26 12.39 39.02 -3.73
C LEU C 26 13.23 37.76 -3.74
N MET C 27 12.64 36.63 -3.30
CA MET C 27 13.37 35.38 -3.39
C MET C 27 13.66 34.95 -4.82
N THR C 28 12.71 35.13 -5.73
CA THR C 28 12.97 34.59 -7.07
C THR C 28 13.80 35.55 -7.91
N SER C 29 13.55 36.86 -7.79
CA SER C 29 14.48 37.94 -8.25
C SER C 29 15.90 37.69 -7.73
N GLY C 30 16.01 37.42 -6.40
CA GLY C 30 17.28 37.07 -5.71
C GLY C 30 18.01 35.88 -6.33
N LEU C 31 17.29 34.76 -6.48
CA LEU C 31 17.86 33.59 -7.13
C LEU C 31 18.32 33.95 -8.54
N THR C 32 17.50 34.71 -9.26
CA THR C 32 17.93 35.13 -10.58
C THR C 32 19.27 35.94 -10.55
N MET C 33 19.33 36.89 -9.63
CA MET C 33 20.45 37.77 -9.49
C MET C 33 21.61 36.93 -9.01
N TRP C 34 21.31 35.93 -8.21
CA TRP C 34 22.38 35.07 -7.78
C TRP C 34 23.00 34.23 -8.91
N PHE C 35 22.17 33.62 -9.74
CA PHE C 35 22.63 32.68 -10.76
C PHE C 35 23.30 33.42 -11.91
N HIS C 36 22.87 34.64 -12.19
CA HIS C 36 23.43 35.36 -13.33
C HIS C 36 24.33 36.54 -13.02
N PHE C 37 24.41 37.00 -11.77
CA PHE C 37 25.17 38.20 -11.53
C PHE C 37 25.97 38.06 -10.28
N ASN C 38 26.16 36.84 -9.81
CA ASN C 38 26.92 36.57 -8.55
C ASN C 38 26.61 37.36 -7.25
N SER C 39 25.53 38.15 -7.27
CA SER C 39 25.08 38.87 -6.07
C SER C 39 23.95 38.13 -5.27
N MET C 40 24.09 38.17 -3.96
CA MET C 40 23.19 37.49 -3.02
C MET C 40 22.32 38.38 -2.16
N THR C 41 22.47 39.68 -2.33
CA THR C 41 21.78 40.62 -1.48
C THR C 41 20.26 40.46 -1.55
N LEU C 42 19.69 40.57 -2.77
CA LEU C 42 18.23 40.41 -2.98
C LEU C 42 17.76 39.13 -2.32
N LEU C 43 18.45 38.03 -2.62
CA LEU C 43 18.10 36.74 -2.05
C LEU C 43 18.02 36.76 -0.52
N MET C 44 18.99 37.38 0.11
CA MET C 44 19.04 37.41 1.59
C MET C 44 17.92 38.22 2.12
N ILE C 45 17.68 39.32 1.45
CA ILE C 45 16.55 40.11 1.79
C ILE C 45 15.24 39.28 1.63
N GLY C 46 15.05 38.59 0.49
CA GLY C 46 13.82 37.81 0.25
C GLY C 46 13.67 36.76 1.33
N LEU C 47 14.77 36.12 1.73
CA LEU C 47 14.74 35.08 2.77
C LEU C 47 14.36 35.64 4.12
N THR C 48 14.97 36.78 4.46
CA THR C 48 14.67 37.49 5.70
C THR C 48 13.18 37.84 5.81
N THR C 49 12.64 38.47 4.78
CA THR C 49 11.23 38.92 4.84
C THR C 49 10.26 37.73 4.79
N ASN C 50 10.69 36.66 4.14
CA ASN C 50 9.90 35.43 4.14
C ASN C 50 9.87 34.82 5.52
N MET C 51 11.00 34.72 6.20
CA MET C 51 10.96 34.27 7.62
C MET C 51 10.07 35.14 8.47
N LEU C 52 10.18 36.46 8.34
CA LEU C 52 9.37 37.35 9.20
C LEU C 52 7.87 37.18 8.93
N THR C 53 7.54 37.03 7.65
CA THR C 53 6.16 36.84 7.25
C THR C 53 5.59 35.58 7.92
N MET C 54 6.29 34.47 7.80
CA MET C 54 5.82 33.17 8.27
C MET C 54 5.74 33.20 9.79
N TYR C 55 6.74 33.81 10.41
CA TYR C 55 6.71 33.98 11.84
C TYR C 55 5.40 34.71 12.27
N GLN C 56 5.14 35.86 11.66
CA GLN C 56 4.01 36.63 12.18
C GLN C 56 2.67 36.00 11.84
N TRP C 57 2.57 35.44 10.62
CA TRP C 57 1.32 34.85 10.11
C TRP C 57 0.96 33.70 11.00
N TRP C 58 1.94 32.85 11.24
CA TRP C 58 1.65 31.72 12.14
C TRP C 58 1.44 32.05 13.62
N ARG C 59 2.22 32.98 14.18
CA ARG C 59 1.88 33.58 15.49
C ARG C 59 0.41 34.02 15.58
N ASP C 60 -0.05 34.76 14.55
CA ASP C 60 -1.44 35.24 14.52
C ASP C 60 -2.44 34.12 14.57
N VAL C 61 -2.12 33.01 13.91
CA VAL C 61 -3.02 31.86 13.89
C VAL C 61 -3.13 31.29 15.31
N ILE C 62 -1.97 31.22 15.98
CA ILE C 62 -1.95 30.83 17.37
C ILE C 62 -2.74 31.82 18.26
N ARG C 63 -2.52 33.13 18.07
CA ARG C 63 -3.37 34.08 18.78
C ARG C 63 -4.87 33.86 18.50
N GLU C 64 -5.24 33.54 17.28
CA GLU C 64 -6.68 33.48 16.95
C GLU C 64 -7.36 32.24 17.55
N SER C 65 -6.54 31.24 17.82
CA SER C 65 -7.04 29.93 18.23
C SER C 65 -6.80 29.63 19.75
N THR C 66 -5.54 29.62 20.18
CA THR C 66 -5.26 29.28 21.55
C THR C 66 -5.76 30.45 22.44
N PHE C 67 -5.59 31.71 21.98
CA PHE C 67 -5.94 32.87 22.81
C PHE C 67 -7.30 33.50 22.56
N GLN C 68 -7.88 33.34 21.35
CA GLN C 68 -9.11 34.10 21.09
C GLN C 68 -10.29 33.19 20.91
N GLY C 69 -10.01 31.91 20.71
CA GLY C 69 -11.06 30.85 20.70
C GLY C 69 -11.84 30.70 19.41
N HIS C 70 -11.24 31.11 18.30
CA HIS C 70 -11.91 31.14 16.99
C HIS C 70 -12.06 29.80 16.30
N HIS C 71 -11.29 28.81 16.75
CA HIS C 71 -11.30 27.53 16.14
C HIS C 71 -12.32 26.64 16.75
N THR C 72 -13.57 26.89 16.35
CA THR C 72 -14.67 25.97 16.56
C THR C 72 -14.47 24.64 15.79
N PRO C 73 -15.37 23.69 16.04
CA PRO C 73 -15.20 22.38 15.38
C PRO C 73 -15.27 22.50 13.88
N ALA C 74 -16.04 23.47 13.41
CA ALA C 74 -16.18 23.66 11.96
C ALA C 74 -14.86 24.22 11.37
N VAL C 75 -14.31 25.22 12.01
CA VAL C 75 -13.05 25.79 11.56
C VAL C 75 -12.01 24.71 11.60
N GLN C 76 -11.98 23.95 12.67
CA GLN C 76 -10.97 22.90 12.77
C GLN C 76 -11.17 21.83 11.71
N LYS C 77 -12.41 21.52 11.35
CA LYS C 77 -12.63 20.57 10.30
C LYS C 77 -12.05 21.09 8.97
N GLY C 78 -12.19 22.38 8.68
CA GLY C 78 -11.61 22.90 7.43
C GLY C 78 -10.09 22.78 7.38
N LEU C 79 -9.46 23.05 8.50
CA LEU C 79 -7.99 22.99 8.59
C LEU C 79 -7.47 21.56 8.34
N ARG C 80 -8.12 20.54 8.89
CA ARG C 80 -7.89 19.15 8.44
C ARG C 80 -7.93 18.92 6.94
N TYR C 81 -8.99 19.40 6.28
CA TYR C 81 -9.08 19.21 4.82
C TYR C 81 -7.92 19.91 4.18
N GLY C 82 -7.64 21.15 4.64
CA GLY C 82 -6.62 21.97 3.94
C GLY C 82 -5.24 21.35 3.98
N MET C 83 -4.93 20.84 5.18
CA MET C 83 -3.73 20.12 5.39
C MET C 83 -3.63 18.82 4.56
N ILE C 84 -4.66 17.97 4.60
CA ILE C 84 -4.58 16.75 3.78
C ILE C 84 -4.37 17.11 2.30
N LEU C 85 -5.06 18.17 1.85
CA LEU C 85 -4.97 18.58 0.44
C LEU C 85 -3.54 19.07 0.14
N PHE C 86 -3.00 19.79 1.09
CA PHE C 86 -1.65 20.31 0.89
C PHE C 86 -0.67 19.15 0.80
N ILE C 87 -0.85 18.10 1.63
CA ILE C 87 0.05 16.96 1.53
C ILE C 87 -0.11 16.31 0.14
N ILE C 88 -1.34 16.23 -0.35
CA ILE C 88 -1.50 15.61 -1.64
C ILE C 88 -0.73 16.40 -2.68
N SER C 89 -0.78 17.71 -2.68
CA SER C 89 -0.05 18.38 -3.77
C SER C 89 1.48 18.11 -3.61
N GLU C 90 1.98 17.93 -2.39
CA GLU C 90 3.41 17.62 -2.16
C GLU C 90 3.72 16.23 -2.70
N VAL C 91 2.74 15.32 -2.65
CA VAL C 91 2.95 14.00 -3.16
C VAL C 91 3.16 14.06 -4.67
N LEU C 92 2.31 14.85 -5.33
CA LEU C 92 2.38 14.93 -6.82
C LEU C 92 3.70 15.66 -7.17
N PHE C 93 4.14 16.56 -6.31
CA PHE C 93 5.44 17.19 -6.60
C PHE C 93 6.56 16.12 -6.56
N PHE C 94 6.65 15.32 -5.50
CA PHE C 94 7.63 14.21 -5.49
C PHE C 94 7.43 13.21 -6.63
N THR C 95 6.17 12.96 -7.02
CA THR C 95 5.95 12.06 -8.15
C THR C 95 6.78 12.47 -9.37
N GLY C 96 6.91 13.78 -9.62
CA GLY C 96 7.64 14.28 -10.80
C GLY C 96 9.10 13.80 -10.84
N PHE C 97 9.71 13.72 -9.69
CA PHE C 97 11.12 13.37 -9.62
C PHE C 97 11.26 11.88 -9.60
N PHE C 98 10.27 11.19 -9.04
CA PHE C 98 10.32 9.73 -9.23
C PHE C 98 10.16 9.32 -10.68
N TRP C 99 9.23 9.96 -11.37
CA TRP C 99 9.10 9.75 -12.79
C TRP C 99 10.41 10.02 -13.48
N ALA C 100 11.08 11.15 -13.19
CA ALA C 100 12.40 11.39 -13.83
C ALA C 100 13.38 10.26 -13.51
N PHE C 101 13.35 9.77 -12.28
CA PHE C 101 14.30 8.72 -11.98
C PHE C 101 13.97 7.44 -12.80
N TYR C 102 12.69 7.00 -12.77
CA TYR C 102 12.35 5.75 -13.46
C TYR C 102 12.61 5.91 -14.95
N HIS C 103 12.26 7.06 -15.52
CA HIS C 103 12.47 7.22 -16.97
C HIS C 103 13.96 7.02 -17.33
N SER C 104 14.85 7.61 -16.54
CA SER C 104 16.26 7.60 -16.87
C SER C 104 16.85 6.23 -16.59
N SER C 105 16.45 5.59 -15.50
CA SER C 105 17.13 4.33 -15.11
C SER C 105 16.64 3.09 -15.83
N LEU C 106 15.37 3.06 -16.23
CA LEU C 106 14.79 1.91 -17.03
C LEU C 106 15.16 1.89 -18.51
N ALA C 107 15.70 2.98 -19.03
CA ALA C 107 16.05 3.03 -20.45
C ALA C 107 17.33 3.82 -20.50
N PRO C 108 18.41 3.23 -19.99
CA PRO C 108 19.66 4.00 -19.90
C PRO C 108 20.29 4.25 -21.29
N THR C 109 20.71 5.48 -21.56
CA THR C 109 21.16 5.82 -22.90
C THR C 109 22.59 5.40 -23.26
N PRO C 110 22.93 5.41 -24.58
CA PRO C 110 24.30 5.09 -24.95
C PRO C 110 25.34 5.96 -24.24
N GLU C 111 25.04 7.21 -23.98
CA GLU C 111 26.09 8.13 -23.52
C GLU C 111 26.54 7.74 -22.11
N LEU C 112 25.71 6.95 -21.44
CA LEU C 112 25.92 6.44 -20.07
C LEU C 112 26.59 5.08 -20.07
N GLY C 113 26.75 4.50 -21.27
CA GLY C 113 27.24 3.10 -21.45
C GLY C 113 26.05 2.16 -21.60
N GLY C 114 24.86 2.72 -21.57
CA GLY C 114 23.75 1.88 -21.90
C GLY C 114 23.44 0.89 -20.80
N CYS C 115 23.79 1.25 -19.56
CA CYS C 115 23.53 0.41 -18.38
C CYS C 115 23.14 1.27 -17.16
N TRP C 116 22.53 0.66 -16.17
CA TRP C 116 22.23 1.37 -14.95
C TRP C 116 22.76 0.57 -13.75
N PRO C 117 23.55 1.21 -12.86
CA PRO C 117 23.93 2.63 -12.82
C PRO C 117 24.88 2.92 -13.97
N PRO C 118 25.03 4.21 -14.38
CA PRO C 118 25.99 4.50 -15.44
C PRO C 118 27.43 4.08 -15.14
N THR C 119 28.15 3.76 -16.21
CA THR C 119 29.59 3.55 -16.17
C THR C 119 30.20 4.71 -15.46
N GLY C 120 31.14 4.40 -14.55
CA GLY C 120 31.91 5.39 -13.80
C GLY C 120 31.28 5.85 -12.50
N ILE C 121 30.04 5.42 -12.23
CA ILE C 121 29.33 5.85 -11.04
C ILE C 121 29.51 4.72 -10.05
N HIS C 122 29.84 5.09 -8.81
CA HIS C 122 30.01 4.12 -7.70
C HIS C 122 29.00 4.35 -6.61
N PRO C 123 27.89 3.57 -6.60
CA PRO C 123 26.76 3.90 -5.72
C PRO C 123 27.11 3.62 -4.29
N LEU C 124 26.35 4.21 -3.35
CA LEU C 124 26.55 3.95 -1.90
C LEU C 124 26.01 2.58 -1.67
N ASN C 125 26.41 2.02 -0.56
CA ASN C 125 25.99 0.70 -0.22
C ASN C 125 24.62 0.85 0.47
N PRO C 126 23.57 0.31 -0.11
CA PRO C 126 22.30 0.53 0.63
C PRO C 126 22.25 -0.05 2.05
N LEU C 127 23.12 -0.99 2.33
CA LEU C 127 23.09 -1.69 3.58
C LEU C 127 23.84 -0.94 4.68
N GLU C 128 24.46 0.21 4.37
CA GLU C 128 25.30 0.88 5.36
C GLU C 128 24.54 2.06 5.99
N VAL C 129 24.97 3.30 5.75
CA VAL C 129 24.20 4.47 6.21
C VAL C 129 22.77 4.59 5.66
N PRO C 130 22.54 4.26 4.39
CA PRO C 130 21.13 4.46 4.05
C PRO C 130 20.20 3.61 4.89
N LEU C 131 20.66 2.42 5.28
CA LEU C 131 19.82 1.56 6.09
C LEU C 131 19.60 2.17 7.49
N LEU C 132 20.66 2.68 8.06
CA LEU C 132 20.57 3.35 9.36
C LEU C 132 19.55 4.52 9.27
N ASN C 133 19.68 5.33 8.21
CA ASN C 133 18.72 6.40 7.96
C ASN C 133 17.27 5.90 7.91
N THR C 134 17.06 4.74 7.27
CA THR C 134 15.72 4.17 7.23
C THR C 134 15.21 3.84 8.61
N SER C 135 16.14 3.37 9.46
CA SER C 135 15.70 2.89 10.76
C SER C 135 15.48 4.12 11.64
N VAL C 136 16.16 5.21 11.33
CA VAL C 136 16.01 6.38 12.17
C VAL C 136 14.62 6.97 11.95
N LEU C 137 14.20 7.10 10.69
CA LEU C 137 12.89 7.73 10.43
C LEU C 137 11.75 6.83 10.81
N LEU C 138 11.88 5.53 10.55
CA LEU C 138 10.86 4.61 10.99
C LEU C 138 10.72 4.71 12.52
N ALA C 139 11.86 4.76 13.21
CA ALA C 139 11.80 4.83 14.67
C ALA C 139 11.07 6.09 15.09
N SER C 140 11.36 7.23 14.44
CA SER C 140 10.69 8.49 14.85
C SER C 140 9.20 8.43 14.53
N GLY C 141 8.77 7.62 13.54
CA GLY C 141 7.33 7.41 13.36
C GLY C 141 6.70 6.70 14.54
N VAL C 142 7.48 5.82 15.20
CA VAL C 142 6.97 5.19 16.41
C VAL C 142 6.85 6.20 17.56
N SER C 143 7.93 6.93 17.84
CA SER C 143 7.96 7.87 18.98
C SER C 143 6.92 8.98 18.80
N ILE C 144 6.60 9.36 17.55
CA ILE C 144 5.64 10.46 17.44
C ILE C 144 4.24 9.99 17.75
N THR C 145 3.99 8.71 17.46
CA THR C 145 2.72 8.08 17.78
C THR C 145 2.64 7.93 19.27
N TRP C 146 3.76 7.60 19.92
CA TRP C 146 3.72 7.61 21.37
C TRP C 146 3.36 8.94 21.93
N ALA C 147 3.92 10.00 21.32
CA ALA C 147 3.70 11.40 21.77
C ALA C 147 2.26 11.73 21.62
N HIS C 148 1.68 11.32 20.50
CA HIS C 148 0.27 11.59 20.24
C HIS C 148 -0.63 11.02 21.28
N HIS C 149 -0.46 9.74 21.56
CA HIS C 149 -1.22 9.08 22.64
C HIS C 149 -1.00 9.67 24.03
N SER C 150 0.25 9.97 24.42
CA SER C 150 0.44 10.67 25.71
C SER C 150 -0.39 11.95 25.78
N LEU C 151 -0.39 12.72 24.68
CA LEU C 151 -1.14 13.98 24.61
C LEU C 151 -2.62 13.74 24.83
N MET C 152 -3.18 12.84 24.03
CA MET C 152 -4.56 12.42 24.20
C MET C 152 -4.91 11.90 25.58
N GLU C 153 -4.00 11.19 26.25
CA GLU C 153 -4.24 10.79 27.63
C GLU C 153 -3.88 11.88 28.64
N GLY C 154 -3.58 13.09 28.19
CA GLY C 154 -3.35 14.14 29.20
C GLY C 154 -2.00 14.06 29.91
N ASP C 155 -1.05 13.28 29.38
CA ASP C 155 0.25 13.07 30.05
C ASP C 155 1.31 14.04 29.50
N ARG C 156 1.47 15.17 30.17
CA ARG C 156 2.38 16.20 29.72
C ARG C 156 3.82 15.69 29.64
N LYS C 157 4.28 15.03 30.70
CA LYS C 157 5.69 14.68 30.78
C LYS C 157 6.10 13.78 29.59
N HIS C 158 5.32 12.72 29.36
CA HIS C 158 5.69 11.74 28.36
C HIS C 158 5.46 12.27 26.96
N MET C 159 4.54 13.24 26.83
CA MET C 159 4.34 13.81 25.55
C MET C 159 5.64 14.51 25.17
N LEU C 160 6.15 15.34 26.07
CA LEU C 160 7.38 16.06 25.84
C LEU C 160 8.55 15.13 25.65
N GLN C 161 8.59 14.04 26.37
CA GLN C 161 9.70 13.13 26.19
C GLN C 161 9.58 12.42 24.83
N ALA C 162 8.38 12.02 24.41
CA ALA C 162 8.27 11.31 23.10
C ALA C 162 8.62 12.27 21.96
N LEU C 163 8.18 13.51 22.15
CA LEU C 163 8.35 14.49 21.09
C LEU C 163 9.84 14.81 21.01
N PHE C 164 10.53 14.87 22.15
CA PHE C 164 11.95 15.24 22.11
C PHE C 164 12.75 14.16 21.37
N ILE C 165 12.44 12.91 21.68
CA ILE C 165 13.07 11.77 21.01
C ILE C 165 12.77 11.85 19.52
N THR C 166 11.52 12.16 19.14
CA THR C 166 11.21 12.29 17.70
C THR C 166 12.07 13.36 17.03
N ILE C 167 12.19 14.53 17.66
CA ILE C 167 12.99 15.64 17.12
C ILE C 167 14.46 15.19 16.98
N THR C 168 14.97 14.51 18.01
CA THR C 168 16.37 14.05 17.99
C THR C 168 16.67 13.09 16.83
N LEU C 169 15.78 12.13 16.60
CA LEU C 169 15.90 11.23 15.46
C LEU C 169 15.89 12.02 14.15
N GLY C 170 15.04 13.04 14.05
CA GLY C 170 14.97 13.84 12.84
C GLY C 170 16.29 14.51 12.58
N VAL C 171 16.90 15.05 13.64
CA VAL C 171 18.18 15.78 13.54
C VAL C 171 19.35 14.88 13.18
N TYR C 172 19.44 13.76 13.86
CA TYR C 172 20.32 12.67 13.49
C TYR C 172 20.17 12.28 11.97
N PHE C 173 18.93 12.12 11.49
CA PHE C 173 18.76 11.77 10.08
C PHE C 173 19.48 12.84 9.22
N THR C 174 19.24 14.10 9.58
CA THR C 174 19.75 15.25 8.84
C THR C 174 21.28 15.33 8.90
N LEU C 175 21.87 15.12 10.08
CA LEU C 175 23.35 15.05 10.15
C LEU C 175 23.93 13.87 9.38
N LEU C 176 23.32 12.69 9.49
CA LEU C 176 23.81 11.52 8.74
C LEU C 176 23.78 11.72 7.23
N GLN C 177 22.67 12.28 6.75
CA GLN C 177 22.48 12.65 5.33
C GLN C 177 23.52 13.66 4.83
N ALA C 178 23.87 14.67 5.65
CA ALA C 178 24.91 15.72 5.32
C ALA C 178 26.28 15.09 5.20
N SER C 179 26.57 14.23 6.14
CA SER C 179 27.77 13.44 6.09
C SER C 179 27.84 12.53 4.85
N GLU C 180 26.74 11.86 4.54
CA GLU C 180 26.64 11.04 3.30
C GLU C 180 26.84 11.86 2.03
N TYR C 181 26.19 13.02 1.97
CA TYR C 181 26.47 13.92 0.85
C TYR C 181 27.98 14.23 0.75
N TYR C 182 28.61 14.62 1.86
CA TYR C 182 30.03 14.94 1.82
C TYR C 182 30.83 13.75 1.34
N GLU C 183 30.57 12.57 1.87
CA GLU C 183 31.38 11.44 1.46
C GLU C 183 31.09 10.91 0.07
N ALA C 184 29.96 11.28 -0.53
CA ALA C 184 29.57 10.58 -1.77
C ALA C 184 30.62 10.80 -2.85
N PRO C 185 31.04 9.72 -3.53
CA PRO C 185 32.00 9.82 -4.63
C PRO C 185 31.43 10.38 -5.93
N PHE C 186 30.13 10.69 -5.97
CA PHE C 186 29.52 11.35 -7.16
C PHE C 186 28.86 12.68 -6.70
N THR C 187 28.59 13.57 -7.64
CA THR C 187 28.06 14.87 -7.28
C THR C 187 26.82 15.11 -8.16
N ILE C 188 26.15 16.26 -8.00
CA ILE C 188 24.93 16.59 -8.75
C ILE C 188 25.27 16.76 -10.26
N SER C 189 26.55 16.98 -10.57
CA SER C 189 27.03 17.24 -11.93
C SER C 189 27.47 15.96 -12.56
N ASP C 190 27.19 14.83 -11.91
CA ASP C 190 27.52 13.59 -12.55
C ASP C 190 26.38 13.01 -13.37
N GLY C 191 25.98 13.74 -14.43
CA GLY C 191 25.01 13.19 -15.36
C GLY C 191 23.71 12.95 -14.66
N VAL C 192 22.87 12.17 -15.27
CA VAL C 192 21.49 12.13 -14.78
C VAL C 192 21.43 11.31 -13.46
N TYR C 193 22.47 10.52 -13.20
CA TYR C 193 22.51 9.74 -11.94
C TYR C 193 22.71 10.68 -10.76
N GLY C 194 23.72 11.51 -10.83
CA GLY C 194 23.88 12.59 -9.80
C GLY C 194 22.66 13.52 -9.78
N SER C 195 22.08 13.80 -10.95
CA SER C 195 21.03 14.77 -10.99
C SER C 195 19.82 14.18 -10.31
N THR C 196 19.40 12.97 -10.68
CA THR C 196 18.14 12.47 -10.05
C THR C 196 18.44 12.21 -8.57
N PHE C 197 19.69 11.77 -8.26
CA PHE C 197 19.94 11.40 -6.84
C PHE C 197 19.90 12.60 -5.91
N PHE C 198 20.57 13.68 -6.30
CA PHE C 198 20.71 14.80 -5.35
C PHE C 198 19.47 15.64 -5.29
N VAL C 199 18.81 15.78 -6.43
CA VAL C 199 17.59 16.60 -6.41
C VAL C 199 16.48 15.88 -5.64
N ALA C 200 16.32 14.58 -5.84
CA ALA C 200 15.21 13.90 -5.14
C ALA C 200 15.49 13.77 -3.67
N THR C 201 16.71 13.37 -3.29
CA THR C 201 17.03 13.21 -1.82
C THR C 201 17.19 14.61 -1.23
N GLY C 202 17.57 15.56 -2.07
CA GLY C 202 17.74 16.90 -1.54
C GLY C 202 16.44 17.55 -1.18
N PHE C 203 15.46 17.47 -2.08
CA PHE C 203 14.15 17.97 -1.70
C PHE C 203 13.61 17.23 -0.51
N HIS C 204 13.94 15.95 -0.39
CA HIS C 204 13.42 15.24 0.78
C HIS C 204 14.04 15.79 2.01
N GLY C 205 15.37 16.03 1.93
CA GLY C 205 16.17 16.54 3.05
C GLY C 205 15.63 17.86 3.52
N LEU C 206 15.42 18.77 2.58
CA LEU C 206 14.63 19.96 2.89
C LEU C 206 13.27 19.69 3.60
N HIS C 207 12.48 18.70 3.16
CA HIS C 207 11.22 18.45 3.91
C HIS C 207 11.44 17.92 5.32
N VAL C 208 12.61 17.31 5.58
CA VAL C 208 12.85 16.77 6.91
C VAL C 208 13.17 17.95 7.82
N ILE C 209 13.89 18.93 7.26
CA ILE C 209 14.17 20.15 7.97
C ILE C 209 12.88 20.92 8.29
N ILE C 210 12.05 21.15 7.30
CA ILE C 210 10.78 21.80 7.56
C ILE C 210 9.99 20.99 8.59
N GLY C 211 9.90 19.66 8.39
CA GLY C 211 9.18 18.83 9.35
C GLY C 211 9.75 18.92 10.77
N SER C 212 11.06 18.97 10.87
CA SER C 212 11.69 19.00 12.19
C SER C 212 11.38 20.34 12.86
N THR C 213 11.47 21.43 12.07
CA THR C 213 11.07 22.74 12.54
C THR C 213 9.64 22.79 13.08
N PHE C 214 8.71 22.15 12.36
CA PHE C 214 7.30 22.19 12.68
C PHE C 214 7.20 21.44 14.01
N LEU C 215 7.96 20.36 14.16
CA LEU C 215 7.91 19.62 15.42
C LEU C 215 8.44 20.46 16.58
N ILE C 216 9.50 21.23 16.34
CA ILE C 216 10.11 22.08 17.40
C ILE C 216 9.11 23.16 17.86
N VAL C 217 8.50 23.82 16.88
CA VAL C 217 7.38 24.67 17.21
C VAL C 217 6.32 23.97 18.08
N CYS C 218 5.90 22.74 17.71
CA CYS C 218 4.97 22.00 18.58
C CYS C 218 5.53 21.75 20.02
N PHE C 219 6.83 21.48 20.15
CA PHE C 219 7.43 21.18 21.45
C PHE C 219 7.25 22.43 22.30
N PHE C 220 7.53 23.60 21.75
CA PHE C 220 7.46 24.86 22.53
C PHE C 220 6.05 25.22 22.88
N ARG C 221 5.13 24.94 21.98
CA ARG C 221 3.77 25.28 22.25
C ARG C 221 3.32 24.39 23.39
N GLN C 222 3.83 23.14 23.41
CA GLN C 222 3.49 22.14 24.43
C GLN C 222 4.02 22.57 25.77
N LEU C 223 5.30 22.94 25.80
CA LEU C 223 5.96 23.50 27.01
C LEU C 223 5.10 24.61 27.62
N LYS C 224 4.57 25.44 26.72
CA LYS C 224 3.74 26.57 27.09
C LYS C 224 2.27 26.29 27.29
N PHE C 225 1.89 25.01 27.31
CA PHE C 225 0.52 24.54 27.61
C PHE C 225 -0.57 24.97 26.60
N HIS C 226 -0.21 25.17 25.33
CA HIS C 226 -1.25 25.57 24.34
C HIS C 226 -2.22 24.49 24.05
N PHE C 227 -1.77 23.24 24.11
CA PHE C 227 -2.59 22.15 23.60
C PHE C 227 -3.47 21.54 24.68
N THR C 228 -4.68 21.15 24.31
CA THR C 228 -5.47 20.39 25.23
C THR C 228 -5.49 18.98 24.75
N SER C 229 -6.02 18.08 25.55
CA SER C 229 -6.02 16.68 25.20
C SER C 229 -6.97 16.38 24.05
N ASN C 230 -7.86 17.32 23.74
CA ASN C 230 -8.79 17.16 22.58
C ASN C 230 -8.55 18.08 21.42
N HIS C 231 -7.79 19.16 21.69
CA HIS C 231 -7.60 20.23 20.72
C HIS C 231 -6.12 20.60 20.55
N HIS C 232 -5.51 20.10 19.48
CA HIS C 232 -4.09 20.29 19.21
C HIS C 232 -3.85 19.96 17.76
N PHE C 233 -4.60 20.65 16.89
CA PHE C 233 -4.48 20.38 15.46
C PHE C 233 -3.08 20.64 14.89
N GLY C 234 -2.41 21.67 15.39
CA GLY C 234 -1.04 21.97 14.98
C GLY C 234 -0.12 20.78 15.23
N PHE C 235 -0.35 20.07 16.32
CA PHE C 235 0.42 18.86 16.56
C PHE C 235 0.04 17.73 15.56
N GLU C 236 -1.25 17.52 15.33
CA GLU C 236 -1.73 16.54 14.35
C GLU C 236 -1.17 16.77 12.90
N ALA C 237 -1.33 18.00 12.41
CA ALA C 237 -0.73 18.39 11.15
C ALA C 237 0.80 18.12 11.14
N ALA C 238 1.51 18.44 12.21
CA ALA C 238 2.97 18.17 12.20
C ALA C 238 3.22 16.67 12.12
N ALA C 239 2.32 15.88 12.70
CA ALA C 239 2.47 14.41 12.70
C ALA C 239 2.12 13.80 11.33
N TRP C 240 1.01 14.24 10.68
CA TRP C 240 0.80 13.88 9.26
C TRP C 240 1.97 14.24 8.40
N TYR C 241 2.48 15.44 8.58
CA TYR C 241 3.59 15.87 7.75
C TYR C 241 4.79 14.96 8.01
N TRP C 242 5.02 14.64 9.28
CA TRP C 242 6.12 13.76 9.63
C TRP C 242 6.05 12.41 8.99
N HIS C 243 4.87 11.77 9.00
CA HIS C 243 4.63 10.47 8.34
C HIS C 243 4.86 10.55 6.84
N PHE C 244 4.41 11.65 6.25
CA PHE C 244 4.57 11.79 4.81
C PHE C 244 6.08 11.83 4.53
N VAL C 245 6.84 12.60 5.29
CA VAL C 245 8.29 12.69 5.05
C VAL C 245 8.95 11.30 5.16
N ASP C 246 8.42 10.54 6.08
CA ASP C 246 8.82 9.20 6.36
C ASP C 246 8.57 8.28 5.17
N VAL C 247 7.33 8.27 4.70
CA VAL C 247 6.94 7.44 3.56
C VAL C 247 7.74 7.77 2.30
N VAL C 248 7.88 9.04 2.02
CA VAL C 248 8.68 9.44 0.88
C VAL C 248 10.08 8.89 1.00
N TRP C 249 10.62 8.91 2.19
CA TRP C 249 11.94 8.27 2.38
C TRP C 249 11.99 6.80 2.02
N LEU C 250 11.02 6.02 2.52
CA LEU C 250 10.88 4.62 2.11
C LEU C 250 10.85 4.44 0.61
N PHE C 251 10.17 5.33 -0.10
CA PHE C 251 10.15 5.15 -1.53
C PHE C 251 11.49 5.44 -2.15
N LEU C 252 12.14 6.51 -1.69
CA LEU C 252 13.51 6.87 -2.12
C LEU C 252 14.47 5.74 -1.93
N TYR C 253 14.37 5.12 -0.77
CA TYR C 253 15.29 4.09 -0.37
C TYR C 253 15.15 2.87 -1.29
N VAL C 254 13.92 2.40 -1.44
CA VAL C 254 13.62 1.25 -2.29
C VAL C 254 13.98 1.58 -3.77
N SER C 255 13.68 2.78 -4.24
CA SER C 255 13.88 3.03 -5.64
C SER C 255 15.29 3.37 -5.98
N ILE C 256 15.82 4.35 -5.29
CA ILE C 256 17.06 4.92 -5.74
C ILE C 256 18.22 4.21 -5.10
N TYR C 257 18.20 4.03 -3.79
CA TYR C 257 19.36 3.40 -3.14
C TYR C 257 19.49 1.90 -3.39
N TRP C 258 18.36 1.22 -3.50
CA TRP C 258 18.32 -0.22 -3.44
C TRP C 258 18.14 -0.75 -4.82
N TRP C 259 16.92 -0.71 -5.34
CA TRP C 259 16.70 -1.06 -6.74
C TRP C 259 17.66 -0.38 -7.74
N GLY C 260 17.88 0.93 -7.60
CA GLY C 260 18.68 1.70 -8.59
C GLY C 260 20.20 1.63 -8.40
N SER C 261 20.66 0.74 -7.53
CA SER C 261 22.09 0.59 -7.26
C SER C 261 22.73 -0.61 -7.97
N SER D 4 -46.47 53.15 -9.16
CA SER D 4 -45.63 52.75 -7.98
C SER D 4 -44.16 53.23 -8.04
N VAL D 5 -43.49 53.24 -6.88
CA VAL D 5 -42.07 53.51 -6.78
C VAL D 5 -41.38 52.37 -6.04
N VAL D 6 -40.70 51.52 -6.80
CA VAL D 6 -39.91 50.44 -6.20
C VAL D 6 -38.59 51.00 -5.67
N LYS D 7 -38.18 50.57 -4.50
CA LYS D 7 -36.98 51.10 -3.90
C LYS D 7 -35.98 49.95 -3.74
N SER D 8 -34.71 50.33 -3.67
CA SER D 8 -33.56 49.42 -3.68
C SER D 8 -33.38 48.61 -2.40
N GLU D 9 -33.77 49.18 -1.26
CA GLU D 9 -33.76 48.41 -0.02
C GLU D 9 -34.92 47.38 0.04
N ASP D 10 -35.82 47.40 -0.95
CA ASP D 10 -36.96 46.48 -0.97
C ASP D 10 -36.58 45.05 -1.47
N TYR D 11 -35.29 44.85 -1.73
CA TYR D 11 -34.81 43.61 -2.33
C TYR D 11 -35.22 42.38 -1.56
N ALA D 12 -35.51 42.47 -0.25
CA ALA D 12 -35.88 41.24 0.50
C ALA D 12 -37.42 41.00 0.51
N LEU D 13 -38.13 41.96 -0.08
CA LEU D 13 -39.57 41.96 -0.11
C LEU D 13 -39.99 41.38 -1.47
N PRO D 14 -41.14 40.71 -1.53
CA PRO D 14 -41.64 40.23 -2.84
C PRO D 14 -41.87 41.38 -3.83
N SER D 15 -41.58 41.14 -5.09
CA SER D 15 -41.65 42.22 -6.04
C SER D 15 -42.57 41.86 -7.21
N TYR D 16 -42.85 42.84 -8.05
CA TYR D 16 -43.80 42.72 -9.11
C TYR D 16 -42.94 42.36 -10.27
N VAL D 17 -43.26 41.32 -11.02
CA VAL D 17 -42.70 41.13 -12.41
C VAL D 17 -43.84 40.96 -13.43
N ASP D 18 -43.59 41.38 -14.67
CA ASP D 18 -44.36 40.95 -15.83
C ASP D 18 -43.60 39.87 -16.57
N ARG D 19 -44.01 38.61 -16.41
CA ARG D 19 -43.42 37.51 -17.23
C ARG D 19 -44.53 36.59 -17.76
N ARG D 20 -44.43 36.22 -19.04
CA ARG D 20 -45.42 35.33 -19.77
C ARG D 20 -45.57 34.12 -18.92
N ASP D 21 -44.45 33.71 -18.33
CA ASP D 21 -44.42 32.44 -17.64
C ASP D 21 -44.67 32.59 -16.14
N TYR D 22 -44.94 33.79 -15.68
CA TYR D 22 -45.30 33.93 -14.26
C TYR D 22 -46.36 35.02 -14.17
N PRO D 23 -47.53 34.69 -14.73
CA PRO D 23 -48.60 35.60 -15.08
C PRO D 23 -49.20 36.33 -13.89
N LEU D 24 -49.16 35.73 -12.68
CA LEU D 24 -49.83 36.31 -11.50
C LEU D 24 -48.76 36.58 -10.46
N PRO D 25 -48.17 37.78 -10.52
CA PRO D 25 -47.06 38.09 -9.63
C PRO D 25 -47.49 38.21 -8.17
N ASP D 26 -46.46 38.23 -7.32
CA ASP D 26 -46.54 38.12 -5.85
C ASP D 26 -47.25 39.30 -5.22
N VAL D 27 -47.20 40.48 -5.86
CA VAL D 27 -47.87 41.70 -5.39
C VAL D 27 -48.57 42.43 -6.56
N ALA D 28 -49.51 43.28 -6.23
CA ALA D 28 -50.16 44.17 -7.17
C ALA D 28 -49.15 45.25 -7.54
N HIS D 29 -49.27 45.65 -8.78
CA HIS D 29 -48.53 46.74 -9.30
C HIS D 29 -48.72 48.03 -8.48
N VAL D 30 -49.94 48.32 -8.05
CA VAL D 30 -50.23 49.56 -7.36
C VAL D 30 -50.75 49.12 -6.02
N LYS D 31 -50.14 49.55 -4.90
CA LYS D 31 -50.71 49.16 -3.64
C LYS D 31 -51.41 50.25 -2.82
N ASN D 32 -51.15 51.52 -3.10
CA ASN D 32 -51.83 52.60 -2.41
C ASN D 32 -52.91 53.13 -3.25
N LEU D 33 -54.07 53.23 -2.66
CA LEU D 33 -55.27 53.60 -3.39
C LEU D 33 -55.81 55.00 -2.99
N SER D 34 -56.08 55.86 -3.98
CA SER D 34 -56.87 57.10 -3.75
C SER D 34 -58.27 56.80 -3.28
N ALA D 35 -58.95 57.85 -2.81
CA ALA D 35 -60.33 57.74 -2.40
C ALA D 35 -61.19 57.10 -3.48
N SER D 36 -61.04 57.57 -4.72
CA SER D 36 -61.87 57.02 -5.77
C SER D 36 -61.46 55.56 -6.13
N GLN D 37 -60.18 55.22 -6.02
CA GLN D 37 -59.74 53.85 -6.24
C GLN D 37 -60.28 52.89 -5.19
N LYS D 38 -60.32 53.31 -3.92
CA LYS D 38 -60.95 52.47 -2.85
C LYS D 38 -62.41 52.19 -3.16
N ALA D 39 -63.09 53.18 -3.75
CA ALA D 39 -64.50 53.03 -4.00
C ALA D 39 -64.67 52.05 -5.18
N LEU D 40 -63.74 52.14 -6.13
CA LEU D 40 -63.66 51.13 -7.20
C LEU D 40 -63.42 49.71 -6.69
N LYS D 41 -62.49 49.51 -5.73
CA LYS D 41 -62.31 48.18 -5.14
C LYS D 41 -63.54 47.71 -4.44
N GLU D 42 -64.31 48.65 -3.87
CA GLU D 42 -65.61 48.33 -3.29
C GLU D 42 -66.63 47.82 -4.31
N LYS D 43 -66.84 48.58 -5.39
CA LYS D 43 -67.61 48.13 -6.58
C LYS D 43 -67.32 46.68 -7.11
N GLU D 44 -66.05 46.34 -7.22
CA GLU D 44 -65.59 45.00 -7.61
C GLU D 44 -66.17 43.86 -6.76
N LYS D 45 -66.66 44.19 -5.59
CA LYS D 45 -67.18 43.17 -4.70
C LYS D 45 -68.60 42.78 -5.15
N ALA D 46 -69.21 43.68 -5.89
CA ALA D 46 -70.52 43.49 -6.46
C ALA D 46 -70.35 42.83 -7.84
N SER D 47 -71.45 42.67 -8.55
CA SER D 47 -71.44 41.97 -9.80
C SER D 47 -70.58 42.71 -10.79
N TRP D 48 -69.82 41.99 -11.60
CA TRP D 48 -69.01 42.66 -12.59
C TRP D 48 -69.71 43.17 -13.82
N SER D 49 -71.00 42.88 -13.98
CA SER D 49 -71.78 43.43 -15.11
C SER D 49 -72.05 44.92 -14.93
N SER D 50 -71.98 45.36 -13.67
CA SER D 50 -72.21 46.74 -13.29
C SER D 50 -71.00 47.65 -13.48
N LEU D 51 -69.82 47.08 -13.67
CA LEU D 51 -68.64 47.90 -13.93
C LEU D 51 -68.67 48.37 -15.39
N SER D 52 -68.23 49.61 -15.63
CA SER D 52 -67.96 50.06 -17.00
C SER D 52 -66.65 49.44 -17.56
N ILE D 53 -66.49 49.57 -18.87
CA ILE D 53 -65.25 49.25 -19.57
C ILE D 53 -64.07 50.02 -18.90
N ASP D 54 -64.26 51.31 -18.69
CA ASP D 54 -63.22 52.11 -18.14
C ASP D 54 -62.86 51.63 -16.75
N GLU D 55 -63.88 51.25 -15.99
CA GLU D 55 -63.64 50.75 -14.64
C GLU D 55 -62.97 49.38 -14.62
N LYS D 56 -63.26 48.56 -15.63
CA LYS D 56 -62.64 47.24 -15.74
C LYS D 56 -61.18 47.40 -16.09
N VAL D 57 -60.93 48.30 -17.04
CA VAL D 57 -59.61 48.64 -17.40
C VAL D 57 -58.80 49.17 -16.22
N GLU D 58 -59.36 50.08 -15.43
CA GLU D 58 -58.63 50.58 -14.29
C GLU D 58 -58.33 49.51 -13.26
N LEU D 59 -59.27 48.58 -13.08
CA LEU D 59 -59.04 47.45 -12.17
C LEU D 59 -57.78 46.67 -12.59
N TYR D 60 -57.78 46.30 -13.87
CA TYR D 60 -56.63 45.72 -14.48
C TYR D 60 -55.33 46.49 -14.25
N ARG D 61 -55.32 47.79 -14.53
CA ARG D 61 -54.08 48.57 -14.36
C ARG D 61 -53.62 48.73 -12.90
N LEU D 62 -54.52 48.63 -11.95
CA LEU D 62 -54.10 48.63 -10.56
C LEU D 62 -53.31 47.35 -10.21
N LYS D 63 -53.78 46.22 -10.78
CA LYS D 63 -53.20 44.91 -10.49
C LYS D 63 -51.87 44.68 -11.25
N PHE D 64 -51.85 45.12 -12.51
CA PHE D 64 -50.79 44.70 -13.41
C PHE D 64 -50.20 45.92 -14.04
N LYS D 65 -48.91 45.85 -14.37
CA LYS D 65 -48.31 46.93 -15.07
C LYS D 65 -48.54 46.87 -16.60
N GLU D 66 -47.97 45.89 -17.28
CA GLU D 66 -48.27 45.74 -18.74
C GLU D 66 -49.14 44.53 -18.97
N SER D 67 -49.90 44.58 -20.07
CA SER D 67 -50.67 43.45 -20.57
C SER D 67 -49.73 42.54 -21.31
N PHE D 68 -50.20 41.31 -21.56
CA PHE D 68 -49.45 40.35 -22.38
C PHE D 68 -49.07 40.97 -23.69
N ALA D 69 -50.05 41.55 -24.40
CA ALA D 69 -49.72 42.23 -25.69
C ALA D 69 -48.56 43.25 -25.55
N GLU D 70 -48.54 44.02 -24.47
CA GLU D 70 -47.50 45.04 -24.28
C GLU D 70 -46.14 44.42 -23.93
N MET D 71 -46.15 43.42 -23.06
CA MET D 71 -44.94 42.81 -22.62
C MET D 71 -44.30 41.97 -23.74
N ASN D 72 -45.09 41.49 -24.67
CA ASN D 72 -44.50 40.72 -25.72
C ASN D 72 -44.27 41.52 -26.98
N ARG D 73 -44.41 42.84 -26.94
CA ARG D 73 -44.27 43.60 -28.19
C ARG D 73 -42.87 43.44 -28.76
N SER D 74 -42.74 43.30 -30.06
CA SER D 74 -41.42 43.30 -30.65
C SER D 74 -40.94 44.78 -30.82
N THR D 75 -39.65 45.00 -31.07
CA THR D 75 -39.12 46.37 -31.21
C THR D 75 -38.31 46.51 -32.49
N ASN D 76 -37.83 47.73 -32.78
CA ASN D 76 -36.95 47.90 -33.89
C ASN D 76 -35.47 47.80 -33.51
N GLU D 77 -35.17 47.40 -32.27
CA GLU D 77 -33.78 47.37 -31.79
C GLU D 77 -32.81 46.67 -32.75
N TRP D 78 -33.29 45.65 -33.49
CA TRP D 78 -32.38 44.91 -34.34
C TRP D 78 -31.72 45.82 -35.31
N LYS D 79 -32.49 46.78 -35.85
CA LYS D 79 -31.95 47.67 -36.89
C LYS D 79 -30.79 48.47 -36.32
N THR D 80 -30.96 49.07 -35.15
CA THR D 80 -29.85 49.79 -34.55
C THR D 80 -28.61 48.89 -34.34
N VAL D 81 -28.84 47.68 -33.77
CA VAL D 81 -27.74 46.80 -33.42
C VAL D 81 -26.95 46.49 -34.70
N VAL D 82 -27.65 46.03 -35.75
CA VAL D 82 -26.98 45.63 -37.00
C VAL D 82 -26.29 46.82 -37.67
N GLY D 83 -26.96 47.99 -37.66
CA GLY D 83 -26.43 49.20 -38.29
C GLY D 83 -25.17 49.70 -37.57
N ALA D 84 -25.22 49.75 -36.25
CA ALA D 84 -24.05 50.09 -35.48
C ALA D 84 -22.91 49.09 -35.72
N ALA D 85 -23.21 47.80 -35.68
CA ALA D 85 -22.19 46.76 -35.93
C ALA D 85 -21.53 47.04 -37.27
N MET D 86 -22.33 47.23 -38.29
CA MET D 86 -21.73 47.49 -39.59
C MET D 86 -20.87 48.75 -39.61
N PHE D 87 -21.32 49.77 -38.87
CA PHE D 87 -20.58 51.02 -38.84
C PHE D 87 -19.16 50.75 -38.25
N PHE D 88 -19.10 50.05 -37.14
CA PHE D 88 -17.82 49.83 -36.47
C PHE D 88 -16.93 48.87 -37.22
N ILE D 89 -17.55 47.90 -37.92
CA ILE D 89 -16.82 47.06 -38.86
C ILE D 89 -16.27 47.92 -39.99
N GLY D 90 -17.08 48.85 -40.50
CA GLY D 90 -16.58 49.73 -41.55
C GLY D 90 -15.46 50.59 -40.99
N PHE D 91 -15.65 51.12 -39.79
CA PHE D 91 -14.55 51.88 -39.13
C PHE D 91 -13.21 51.10 -39.05
N THR D 92 -13.28 49.80 -38.75
CA THR D 92 -12.08 48.97 -38.68
C THR D 92 -11.29 49.03 -40.02
N ALA D 93 -12.00 49.10 -41.14
CA ALA D 93 -11.32 49.23 -42.44
C ALA D 93 -10.38 50.46 -42.52
N LEU D 94 -10.73 51.58 -41.88
CA LEU D 94 -9.83 52.77 -41.77
C LEU D 94 -8.53 52.46 -41.08
N LEU D 95 -8.58 51.62 -40.06
CA LEU D 95 -7.34 51.27 -39.37
C LEU D 95 -6.52 50.44 -40.32
N LEU D 96 -7.19 49.59 -41.10
CA LEU D 96 -6.44 48.75 -42.06
C LEU D 96 -5.80 49.59 -43.17
N ILE D 97 -6.49 50.62 -43.63
CA ILE D 97 -5.95 51.45 -44.67
C ILE D 97 -4.75 52.21 -44.08
N TRP D 98 -4.90 52.65 -42.84
CA TRP D 98 -3.83 53.33 -42.20
C TRP D 98 -2.62 52.45 -42.13
N GLU D 99 -2.81 51.21 -41.64
CA GLU D 99 -1.67 50.33 -41.44
C GLU D 99 -0.94 50.04 -42.76
N LYS D 100 -1.69 49.86 -43.82
CA LYS D 100 -1.10 49.53 -45.08
C LYS D 100 -0.32 50.70 -45.60
N HIS D 101 -0.76 51.90 -45.29
CA HIS D 101 -0.15 53.07 -45.84
C HIS D 101 1.09 53.43 -45.07
N TYR D 102 1.06 53.38 -43.74
CA TYR D 102 2.20 53.86 -42.97
C TYR D 102 3.02 52.79 -42.29
N VAL D 103 2.55 51.55 -42.28
CA VAL D 103 3.30 50.56 -41.52
C VAL D 103 3.99 49.55 -42.39
N TYR D 104 3.24 48.91 -43.29
CA TYR D 104 3.80 47.92 -44.18
C TYR D 104 4.74 48.53 -45.28
N GLY D 105 5.94 48.02 -45.41
CA GLY D 105 6.70 48.32 -46.61
C GLY D 105 6.29 47.47 -47.83
N PRO D 106 7.17 47.40 -48.85
CA PRO D 106 6.79 46.74 -50.10
C PRO D 106 6.73 45.22 -49.91
N ILE D 107 5.96 44.52 -50.74
CA ILE D 107 5.93 43.07 -50.64
C ILE D 107 7.10 42.54 -51.42
N PRO D 108 7.49 41.26 -51.20
CA PRO D 108 8.60 40.70 -51.98
C PRO D 108 8.35 40.63 -53.51
N HIS D 109 9.45 40.71 -54.27
CA HIS D 109 9.42 40.83 -55.73
C HIS D 109 8.84 39.63 -56.38
N THR D 110 8.69 38.55 -55.60
CA THR D 110 8.14 37.28 -56.12
C THR D 110 6.63 37.37 -56.42
N PHE D 111 6.01 38.50 -56.08
CA PHE D 111 4.62 38.75 -56.35
C PHE D 111 4.47 39.65 -57.58
N GLU D 112 5.58 40.07 -58.19
CA GLU D 112 5.49 40.80 -59.44
C GLU D 112 4.92 39.88 -60.50
N GLU D 113 4.08 40.44 -61.37
CA GLU D 113 3.36 39.72 -62.44
C GLU D 113 4.22 38.78 -63.27
N GLU D 114 5.41 39.22 -63.64
CA GLU D 114 6.27 38.42 -64.46
C GLU D 114 6.82 37.21 -63.68
N TRP D 115 7.27 37.44 -62.45
CA TRP D 115 7.64 36.36 -61.51
C TRP D 115 6.55 35.31 -61.40
N VAL D 116 5.32 35.78 -61.13
CA VAL D 116 4.17 34.86 -60.98
C VAL D 116 3.91 34.00 -62.25
N ALA D 117 4.05 34.62 -63.44
CA ALA D 117 3.82 33.91 -64.69
C ALA D 117 4.83 32.81 -64.85
N LYS D 118 6.07 33.18 -64.64
CA LYS D 118 7.13 32.20 -64.67
C LYS D 118 7.03 31.07 -63.64
N GLN D 119 6.76 31.49 -62.41
CA GLN D 119 6.61 30.60 -61.26
C GLN D 119 5.47 29.67 -61.51
N THR D 120 4.38 30.17 -62.10
CA THR D 120 3.29 29.29 -62.53
C THR D 120 3.74 28.22 -63.52
N LYS D 121 4.52 28.64 -64.51
CA LYS D 121 5.01 27.65 -65.48
C LYS D 121 5.86 26.57 -64.83
N ARG D 122 6.83 26.97 -64.01
CA ARG D 122 7.63 25.99 -63.33
C ARG D 122 6.72 25.04 -62.51
N MET D 123 5.75 25.60 -61.81
CA MET D 123 4.83 24.76 -61.06
C MET D 123 4.16 23.76 -61.95
N LEU D 124 3.72 24.20 -63.13
CA LEU D 124 3.15 23.28 -64.16
C LEU D 124 4.21 22.33 -64.71
N ASP D 125 5.44 22.81 -64.90
CA ASP D 125 6.53 21.89 -65.27
C ASP D 125 6.79 20.76 -64.25
N MET D 126 6.66 21.05 -62.95
CA MET D 126 6.92 20.00 -61.95
C MET D 126 5.63 19.29 -61.58
N LYS D 127 4.53 19.60 -62.29
CA LYS D 127 3.21 18.96 -62.07
C LYS D 127 2.81 19.03 -60.60
N VAL D 128 2.80 20.24 -60.05
CA VAL D 128 2.21 20.45 -58.74
C VAL D 128 0.74 20.02 -58.68
N ALA D 129 0.46 19.24 -57.64
CA ALA D 129 -0.90 18.77 -57.38
C ALA D 129 -1.50 18.42 -58.72
N PRO D 130 -0.93 17.39 -59.36
CA PRO D 130 -1.35 16.90 -60.68
C PRO D 130 -2.69 16.13 -60.67
N ILE D 131 -3.15 15.72 -59.50
CA ILE D 131 -4.28 14.84 -59.42
C ILE D 131 -5.59 15.60 -59.32
N GLN D 132 -5.59 16.70 -58.55
CA GLN D 132 -6.78 17.53 -58.31
C GLN D 132 -6.43 18.99 -58.16
N GLY D 133 -5.35 19.29 -57.46
CA GLY D 133 -5.28 20.61 -56.89
C GLY D 133 -4.99 21.70 -57.90
N PHE D 134 -4.04 21.44 -58.81
CA PHE D 134 -3.44 22.57 -59.53
C PHE D 134 -3.11 22.24 -60.99
N SER D 135 -2.12 21.38 -61.19
CA SER D 135 -1.76 20.94 -62.51
C SER D 135 -2.88 20.17 -63.15
N ALA D 136 -3.74 19.52 -62.36
CA ALA D 136 -4.90 18.88 -62.94
C ALA D 136 -5.78 19.92 -63.65
N LYS D 137 -5.60 21.20 -63.35
CA LYS D 137 -6.49 22.20 -64.00
C LYS D 137 -5.88 22.78 -65.28
N TRP D 138 -4.71 22.28 -65.69
CA TRP D 138 -4.06 22.75 -66.88
C TRP D 138 -4.16 21.70 -67.97
N ASP D 139 -4.53 22.13 -69.19
CA ASP D 139 -4.63 21.21 -70.32
C ASP D 139 -3.28 21.17 -70.99
N TYR D 140 -2.55 20.07 -70.82
CA TYR D 140 -1.17 20.06 -71.28
C TYR D 140 -1.10 19.93 -72.81
N ASP D 141 -2.13 19.35 -73.43
CA ASP D 141 -2.16 19.24 -74.89
C ASP D 141 -2.43 20.58 -75.52
N LYS D 142 -3.50 21.25 -75.08
CA LYS D 142 -3.91 22.51 -75.68
C LYS D 142 -3.14 23.66 -75.08
N ASN D 143 -2.30 23.35 -74.09
CA ASN D 143 -1.50 24.35 -73.42
C ASN D 143 -2.30 25.57 -72.87
N GLU D 144 -3.41 25.29 -72.19
CA GLU D 144 -4.27 26.34 -71.64
C GLU D 144 -4.98 25.84 -70.38
N TRP D 145 -5.60 26.75 -69.62
CA TRP D 145 -6.34 26.34 -68.43
C TRP D 145 -7.57 25.61 -68.89
N LYS D 146 -7.86 24.48 -68.26
CA LYS D 146 -9.04 23.71 -68.62
C LYS D 146 -10.23 24.59 -68.44
N LYS D 147 -11.19 24.44 -69.33
CA LYS D 147 -12.42 25.21 -69.26
C LYS D 147 -13.44 24.44 -68.43
N HIS E 5 -47.12 7.86 -14.47
CA HIS E 5 -47.69 9.15 -13.98
C HIS E 5 -49.19 9.05 -13.81
N GLU E 6 -49.94 9.82 -14.59
CA GLU E 6 -51.42 9.91 -14.50
C GLU E 6 -52.04 10.37 -15.83
N THR E 7 -53.34 10.12 -16.03
CA THR E 7 -53.94 10.40 -17.34
C THR E 7 -54.46 11.83 -17.59
N ASP E 8 -54.79 12.12 -18.86
CA ASP E 8 -55.44 13.36 -19.25
C ASP E 8 -56.56 13.64 -18.26
N GLU E 9 -57.59 12.78 -18.26
CA GLU E 9 -58.78 12.96 -17.44
C GLU E 9 -58.46 13.16 -15.96
N GLU E 10 -57.48 12.41 -15.45
CA GLU E 10 -57.03 12.54 -14.04
C GLU E 10 -56.45 13.90 -13.75
N PHE E 11 -55.60 14.37 -14.68
CA PHE E 11 -55.00 15.69 -14.66
C PHE E 11 -56.08 16.78 -14.66
N ASP E 12 -56.99 16.75 -15.63
CA ASP E 12 -58.03 17.77 -15.68
C ASP E 12 -58.81 17.83 -14.38
N ALA E 13 -59.34 16.69 -13.94
CA ALA E 13 -60.11 16.61 -12.66
C ALA E 13 -59.38 17.21 -11.42
N ARG E 14 -58.10 16.92 -11.27
CA ARG E 14 -57.34 17.42 -10.11
C ARG E 14 -57.26 18.95 -10.12
N TRP E 15 -57.04 19.50 -11.31
CA TRP E 15 -57.01 20.93 -11.46
C TRP E 15 -58.34 21.56 -11.21
N VAL E 16 -59.41 20.95 -11.74
CA VAL E 16 -60.81 21.44 -11.58
C VAL E 16 -61.14 21.48 -10.10
N THR E 17 -60.79 20.39 -9.43
CA THR E 17 -60.87 20.30 -7.97
C THR E 17 -60.06 21.41 -7.29
N TYR E 18 -58.78 21.53 -7.64
CA TYR E 18 -57.93 22.53 -7.01
C TYR E 18 -58.59 23.90 -6.96
N PHE E 19 -59.13 24.32 -8.09
CA PHE E 19 -59.72 25.65 -8.18
C PHE E 19 -61.13 25.76 -7.59
N ASN E 20 -61.78 24.61 -7.43
CA ASN E 20 -63.10 24.55 -6.79
C ASN E 20 -63.13 24.67 -5.29
N LYS E 21 -61.98 24.46 -4.66
CA LYS E 21 -61.86 24.69 -3.23
C LYS E 21 -62.58 25.99 -2.83
N PRO E 22 -63.64 25.84 -2.03
CA PRO E 22 -64.54 26.92 -1.67
C PRO E 22 -63.81 28.14 -1.10
N ASP E 23 -62.94 27.87 -0.14
CA ASP E 23 -62.14 28.90 0.51
C ASP E 23 -60.72 28.96 -0.06
N ILE E 24 -60.56 28.70 -1.35
CA ILE E 24 -59.23 28.90 -1.99
C ILE E 24 -58.68 30.27 -1.58
N ASP E 25 -57.42 30.40 -1.23
CA ASP E 25 -56.96 31.78 -0.98
C ASP E 25 -56.19 32.38 -2.17
N ALA E 26 -55.85 33.68 -2.07
CA ALA E 26 -55.16 34.39 -3.16
C ALA E 26 -53.81 33.72 -3.52
N TRP E 27 -53.04 33.35 -2.51
CA TRP E 27 -51.76 32.66 -2.75
C TRP E 27 -51.91 31.42 -3.57
N GLU E 28 -52.92 30.60 -3.21
CA GLU E 28 -53.28 29.34 -3.91
C GLU E 28 -53.76 29.47 -5.33
N LEU E 29 -54.67 30.42 -5.54
CA LEU E 29 -55.00 30.84 -6.89
C LEU E 29 -53.73 31.10 -7.76
N ARG E 30 -52.83 31.91 -7.28
CA ARG E 30 -51.63 32.32 -8.05
C ARG E 30 -50.74 31.10 -8.32
N LYS E 31 -50.50 30.37 -7.24
CA LYS E 31 -49.67 29.17 -7.30
C LYS E 31 -50.26 28.22 -8.33
N GLY E 32 -51.58 28.08 -8.32
CA GLY E 32 -52.15 27.15 -9.27
C GLY E 32 -51.91 27.62 -10.69
N MET E 33 -52.20 28.89 -10.98
CA MET E 33 -51.98 29.36 -12.36
C MET E 33 -50.52 29.42 -12.77
N ASN E 34 -49.65 29.80 -11.84
CA ASN E 34 -48.27 29.93 -12.17
C ASN E 34 -47.73 28.51 -12.35
N THR E 35 -48.26 27.50 -11.67
CA THR E 35 -47.80 26.14 -11.94
C THR E 35 -48.28 25.59 -13.30
N LEU E 36 -49.56 25.79 -13.56
CA LEU E 36 -50.22 25.23 -14.75
C LEU E 36 -49.63 25.69 -16.10
N VAL E 37 -49.31 26.99 -16.23
CA VAL E 37 -48.59 27.51 -17.40
C VAL E 37 -47.22 26.91 -17.63
N GLY E 38 -46.65 26.21 -16.64
CA GLY E 38 -45.42 25.49 -16.86
C GLY E 38 -45.59 24.31 -17.78
N TYR E 39 -46.78 23.73 -17.86
CA TYR E 39 -47.00 22.49 -18.69
C TYR E 39 -47.11 22.71 -20.18
N ASP E 40 -46.86 21.63 -20.92
CA ASP E 40 -46.97 21.67 -22.37
C ASP E 40 -48.45 21.41 -22.78
N LEU E 41 -49.35 22.34 -22.45
CA LEU E 41 -50.77 22.27 -22.88
C LEU E 41 -51.37 23.63 -22.67
N VAL E 42 -52.48 23.86 -23.32
CA VAL E 42 -53.38 24.99 -22.98
C VAL E 42 -54.47 24.31 -22.16
N PRO E 43 -54.76 24.83 -20.97
CA PRO E 43 -55.69 24.10 -20.09
C PRO E 43 -57.12 24.00 -20.66
N GLU E 44 -57.75 22.87 -20.38
CA GLU E 44 -59.16 22.61 -20.78
C GLU E 44 -60.08 23.72 -20.26
N PRO E 45 -61.11 24.09 -21.05
CA PRO E 45 -62.10 25.07 -20.57
C PRO E 45 -62.64 24.76 -19.18
N LYS E 46 -62.96 23.50 -18.88
CA LYS E 46 -63.44 23.17 -17.53
C LYS E 46 -62.46 23.69 -16.48
N ILE E 47 -61.16 23.57 -16.74
CA ILE E 47 -60.18 24.09 -15.75
C ILE E 47 -60.24 25.62 -15.69
N ILE E 48 -60.31 26.27 -16.85
CA ILE E 48 -60.35 27.73 -16.85
C ILE E 48 -61.59 28.23 -16.16
N ASP E 49 -62.73 27.62 -16.50
CA ASP E 49 -63.96 27.94 -15.84
C ASP E 49 -63.81 27.95 -14.30
N ALA E 50 -63.24 26.89 -13.73
CA ALA E 50 -63.08 26.80 -12.28
C ALA E 50 -62.19 27.93 -11.71
N ALA E 51 -61.10 28.20 -12.41
CA ALA E 51 -60.19 29.28 -12.10
C ALA E 51 -60.87 30.66 -12.14
N LEU E 52 -61.66 30.89 -13.19
CA LEU E 52 -62.46 32.13 -13.25
C LEU E 52 -63.40 32.23 -12.03
N ARG E 53 -64.06 31.13 -11.66
CA ARG E 53 -65.01 31.22 -10.57
C ARG E 53 -64.26 31.50 -9.25
N ALA E 54 -63.09 30.89 -9.12
CA ALA E 54 -62.18 31.23 -8.03
C ALA E 54 -61.87 32.74 -8.00
N CYS E 55 -61.54 33.35 -9.12
CA CYS E 55 -61.37 34.81 -9.11
C CYS E 55 -62.58 35.51 -8.57
N ARG E 56 -63.77 34.99 -8.94
CA ARG E 56 -65.00 35.62 -8.49
C ARG E 56 -65.16 35.56 -6.99
N ARG E 57 -64.90 34.39 -6.38
CA ARG E 57 -64.99 34.24 -4.92
C ARG E 57 -63.98 35.10 -4.20
N LEU E 58 -62.81 35.32 -4.82
CA LEU E 58 -61.79 36.21 -4.21
C LEU E 58 -62.01 37.68 -4.61
N ASN E 59 -63.10 37.97 -5.33
CA ASN E 59 -63.40 39.32 -5.79
C ASN E 59 -62.29 39.95 -6.58
N ASP E 60 -61.72 39.17 -7.48
CA ASP E 60 -60.55 39.68 -8.17
C ASP E 60 -60.82 39.67 -9.67
N PHE E 61 -61.36 40.79 -10.13
CA PHE E 61 -61.60 40.91 -11.54
C PHE E 61 -60.36 40.93 -12.44
N ALA E 62 -59.37 41.70 -12.08
CA ALA E 62 -58.12 41.78 -12.88
C ALA E 62 -57.43 40.41 -13.19
N SER E 63 -57.35 39.52 -12.20
CA SER E 63 -56.76 38.19 -12.42
C SER E 63 -57.54 37.39 -13.43
N ALA E 64 -58.88 37.57 -13.49
CA ALA E 64 -59.71 36.78 -14.44
C ALA E 64 -59.30 37.17 -15.83
N VAL E 65 -59.05 38.48 -16.05
CA VAL E 65 -58.63 38.93 -17.38
C VAL E 65 -57.23 38.36 -17.74
N ARG E 66 -56.34 38.43 -16.75
CA ARG E 66 -54.97 37.97 -16.94
C ARG E 66 -54.94 36.50 -17.29
N ILE E 67 -55.78 35.71 -16.61
CA ILE E 67 -55.92 34.27 -16.94
C ILE E 67 -56.33 34.04 -18.38
N LEU E 68 -57.24 34.86 -18.90
CA LEU E 68 -57.60 34.67 -20.30
C LEU E 68 -56.42 35.01 -21.22
N GLU E 69 -55.67 36.07 -20.88
CA GLU E 69 -54.46 36.44 -21.70
C GLU E 69 -53.47 35.30 -21.79
N VAL E 70 -53.31 34.60 -20.66
CA VAL E 70 -52.40 33.51 -20.61
C VAL E 70 -52.82 32.25 -21.39
N VAL E 71 -54.15 32.03 -21.50
CA VAL E 71 -54.63 30.96 -22.28
C VAL E 71 -54.25 31.26 -23.70
N LYS E 72 -54.49 32.49 -24.13
CA LYS E 72 -54.08 32.91 -25.47
C LYS E 72 -52.56 32.79 -25.64
N ASP E 73 -51.78 33.17 -24.62
CA ASP E 73 -50.32 33.15 -24.78
C ASP E 73 -49.82 31.71 -24.94
N LYS E 74 -50.34 30.78 -24.14
CA LYS E 74 -49.89 29.41 -24.24
C LYS E 74 -50.21 28.75 -25.57
N ALA E 75 -51.25 29.18 -26.29
CA ALA E 75 -51.59 28.54 -27.58
C ALA E 75 -50.54 28.88 -28.61
N GLY E 76 -49.72 29.91 -28.36
CA GLY E 76 -48.66 30.31 -29.30
C GLY E 76 -49.14 30.49 -30.74
N PRO E 77 -48.53 29.77 -31.71
CA PRO E 77 -48.98 29.99 -33.09
C PRO E 77 -50.30 29.32 -33.43
N HIS E 78 -50.85 28.52 -32.53
CA HIS E 78 -52.15 27.87 -32.81
C HIS E 78 -53.36 28.80 -32.63
N LYS E 79 -53.65 29.57 -33.67
CA LYS E 79 -54.65 30.63 -33.65
C LYS E 79 -56.07 30.13 -33.33
N GLU E 80 -56.31 28.83 -33.48
CA GLU E 80 -57.62 28.31 -33.34
C GLU E 80 -57.95 27.97 -31.91
N ILE E 81 -56.93 27.80 -31.06
CA ILE E 81 -57.23 27.36 -29.69
C ILE E 81 -58.03 28.41 -28.90
N TYR E 82 -57.64 29.68 -29.04
CA TYR E 82 -58.18 30.72 -28.17
C TYR E 82 -59.66 30.98 -28.48
N PRO E 83 -60.01 31.23 -29.74
CA PRO E 83 -61.46 31.41 -30.03
C PRO E 83 -62.33 30.21 -29.58
N TYR E 84 -61.80 29.00 -29.66
CA TYR E 84 -62.56 27.84 -29.27
C TYR E 84 -62.81 27.90 -27.76
N VAL E 85 -61.74 28.13 -26.99
CA VAL E 85 -61.85 28.26 -25.56
C VAL E 85 -62.84 29.36 -25.12
N ILE E 86 -62.82 30.51 -25.80
CA ILE E 86 -63.71 31.63 -25.45
C ILE E 86 -65.18 31.20 -25.69
N GLN E 87 -65.40 30.50 -26.79
CA GLN E 87 -66.69 29.91 -27.19
C GLN E 87 -67.21 29.03 -26.09
N GLU E 88 -66.39 28.12 -25.63
CA GLU E 88 -66.78 27.22 -24.56
C GLU E 88 -66.96 27.89 -23.22
N LEU E 89 -66.38 29.09 -23.01
CA LEU E 89 -66.48 29.72 -21.71
C LEU E 89 -67.54 30.83 -21.71
N ARG E 90 -68.03 31.15 -22.92
CA ARG E 90 -69.00 32.22 -23.11
C ARG E 90 -70.14 32.24 -22.06
N PRO E 91 -70.78 31.08 -21.77
CA PRO E 91 -71.78 31.10 -20.65
C PRO E 91 -71.23 31.63 -19.32
N THR E 92 -70.02 31.21 -18.96
CA THR E 92 -69.38 31.69 -17.73
C THR E 92 -69.03 33.17 -17.84
N LEU E 93 -68.55 33.61 -19.00
CA LEU E 93 -68.15 35.01 -19.09
C LEU E 93 -69.36 35.93 -18.93
N ASN E 94 -70.48 35.56 -19.57
CA ASN E 94 -71.76 36.26 -19.43
C ASN E 94 -72.30 36.16 -18.02
N GLU E 95 -72.40 34.96 -17.45
CA GLU E 95 -72.81 34.86 -16.05
C GLU E 95 -72.04 35.84 -15.12
N LEU E 96 -70.72 35.94 -15.27
CA LEU E 96 -69.95 36.62 -14.25
C LEU E 96 -69.58 38.04 -14.65
N GLY E 97 -69.86 38.41 -15.89
CA GLY E 97 -69.53 39.76 -16.35
C GLY E 97 -68.06 39.96 -16.65
N ILE E 98 -67.38 38.85 -16.95
CA ILE E 98 -65.98 38.92 -17.28
C ILE E 98 -65.85 39.35 -18.73
N SER E 99 -65.19 40.50 -18.95
CA SER E 99 -64.84 41.00 -20.29
C SER E 99 -63.53 40.39 -20.79
N THR E 100 -63.48 40.05 -22.07
CA THR E 100 -62.22 39.49 -22.62
C THR E 100 -61.17 40.62 -22.71
N PRO E 101 -59.89 40.26 -22.84
CA PRO E 101 -58.87 41.28 -23.10
C PRO E 101 -59.18 42.06 -24.38
N GLU E 102 -59.72 41.37 -25.39
CA GLU E 102 -60.01 42.04 -26.66
C GLU E 102 -61.12 43.06 -26.44
N GLU E 103 -62.06 42.75 -25.56
CA GLU E 103 -63.15 43.66 -25.25
C GLU E 103 -62.70 44.88 -24.44
N LEU E 104 -61.63 44.70 -23.69
CA LEU E 104 -61.01 45.82 -22.92
C LEU E 104 -59.99 46.64 -23.70
N GLY E 105 -59.69 46.21 -24.92
CA GLY E 105 -58.69 46.85 -25.70
C GLY E 105 -57.28 46.49 -25.22
N LEU E 106 -57.15 45.48 -24.35
CA LEU E 106 -55.81 45.15 -23.78
C LEU E 106 -54.94 44.29 -24.68
N ASP E 107 -55.50 43.87 -25.82
CA ASP E 107 -54.74 43.10 -26.79
C ASP E 107 -54.02 44.01 -27.78
N LYS E 108 -54.10 45.33 -27.64
CA LYS E 108 -53.45 46.20 -28.58
C LYS E 108 -52.28 46.88 -27.88
N VAL E 109 -51.21 47.09 -28.61
CA VAL E 109 -50.04 47.78 -28.12
C VAL E 109 -50.13 49.25 -28.46
N ALA F 1 2.81 5.09 36.22
CA ALA F 1 3.68 5.57 35.10
C ALA F 1 2.97 6.64 34.23
N SER F 2 1.96 7.32 34.78
CA SER F 2 1.20 8.38 34.08
C SER F 2 0.88 9.60 34.97
N GLY F 3 1.46 10.75 34.63
CA GLY F 3 1.09 12.02 35.26
C GLY F 3 -0.01 12.67 34.44
N GLY F 4 -0.38 13.88 34.83
CA GLY F 4 -1.35 14.69 34.08
C GLY F 4 -0.61 15.87 33.48
N GLY F 5 -1.13 17.06 33.65
CA GLY F 5 -0.43 18.26 33.23
C GLY F 5 -0.94 18.82 31.92
N VAL F 6 -1.79 18.07 31.22
CA VAL F 6 -2.41 18.58 29.99
C VAL F 6 -3.79 19.16 30.26
N PRO F 7 -3.96 20.46 30.01
CA PRO F 7 -5.23 21.09 30.27
C PRO F 7 -6.34 20.46 29.38
N THR F 8 -7.60 20.56 29.79
CA THR F 8 -8.73 20.09 28.96
C THR F 8 -9.46 21.26 28.31
N ASP F 9 -10.26 20.97 27.30
CA ASP F 9 -11.15 21.99 26.68
C ASP F 9 -12.01 22.66 27.74
N GLU F 10 -12.49 21.84 28.67
CA GLU F 10 -13.35 22.31 29.73
C GLU F 10 -12.63 23.39 30.58
N GLU F 11 -11.33 23.23 30.79
CA GLU F 11 -10.56 24.24 31.54
C GLU F 11 -10.15 25.44 30.71
N GLN F 12 -9.91 25.24 29.41
CA GLN F 12 -9.04 26.20 28.73
C GLN F 12 -9.62 26.78 27.45
N ALA F 13 -10.67 26.14 26.88
CA ALA F 13 -11.31 26.65 25.64
C ALA F 13 -11.89 28.00 25.95
N THR F 14 -11.86 28.90 24.97
CA THR F 14 -12.30 30.28 25.22
C THR F 14 -13.12 30.77 24.01
N GLY F 15 -13.63 32.01 24.05
CA GLY F 15 -14.38 32.64 22.92
C GLY F 15 -15.42 31.73 22.31
N LEU F 16 -15.48 31.74 20.98
CA LEU F 16 -16.61 31.09 20.31
C LEU F 16 -16.62 29.58 20.48
N GLU F 17 -15.42 29.00 20.51
CA GLU F 17 -15.21 27.57 20.70
C GLU F 17 -15.78 27.17 22.04
N ARG F 18 -15.56 28.02 23.07
CA ARG F 18 -16.21 27.78 24.34
C ARG F 18 -17.74 27.87 24.27
N GLU F 19 -18.27 28.95 23.70
CA GLU F 19 -19.73 29.05 23.50
C GLU F 19 -20.36 27.83 22.77
N VAL F 20 -19.68 27.34 21.75
CA VAL F 20 -20.22 26.21 20.99
C VAL F 20 -20.20 25.02 21.95
N MET F 21 -19.09 24.84 22.66
CA MET F 21 -18.93 23.65 23.53
C MET F 21 -20.01 23.63 24.62
N LEU F 22 -20.25 24.80 25.18
CA LEU F 22 -21.22 24.94 26.26
C LEU F 22 -22.65 24.69 25.75
N ALA F 23 -23.03 25.39 24.67
CA ALA F 23 -24.36 25.19 24.10
C ALA F 23 -24.58 23.73 23.69
N ALA F 24 -23.57 23.07 23.17
CA ALA F 24 -23.76 21.66 22.77
C ALA F 24 -24.09 20.80 23.97
N ARG F 25 -23.41 21.08 25.07
CA ARG F 25 -23.57 20.37 26.32
C ARG F 25 -25.02 20.45 26.78
N LYS F 26 -25.65 21.60 26.63
CA LYS F 26 -27.04 21.77 27.01
C LYS F 26 -28.01 21.44 25.85
N GLY F 27 -27.57 20.63 24.89
CA GLY F 27 -28.29 20.40 23.62
C GLY F 27 -28.80 21.57 22.72
N GLN F 28 -28.20 22.74 22.84
CA GLN F 28 -28.59 23.90 22.04
C GLN F 28 -27.63 24.05 20.83
N ASP F 29 -28.10 24.74 19.79
CA ASP F 29 -27.32 24.90 18.53
C ASP F 29 -27.32 26.36 18.08
N PRO F 30 -26.82 27.29 18.91
CA PRO F 30 -26.93 28.68 18.50
C PRO F 30 -26.06 29.13 17.30
N TYR F 31 -25.05 28.37 16.94
CA TYR F 31 -24.23 28.82 15.83
C TYR F 31 -24.50 27.93 14.64
N ASN F 32 -25.70 27.34 14.60
CA ASN F 32 -26.18 26.67 13.37
C ASN F 32 -25.21 25.64 12.81
N ILE F 33 -24.61 24.86 13.68
CA ILE F 33 -23.86 23.71 13.22
C ILE F 33 -24.71 22.54 12.74
N LEU F 34 -25.94 22.37 13.23
CA LEU F 34 -26.68 21.15 12.89
C LEU F 34 -27.82 21.45 11.95
N ALA F 35 -28.24 20.47 11.13
CA ALA F 35 -29.42 20.70 10.28
C ALA F 35 -30.69 20.64 11.12
N PRO F 36 -31.51 21.69 11.09
CA PRO F 36 -32.80 21.61 11.80
C PRO F 36 -33.70 20.52 11.20
N LYS F 37 -34.65 20.01 11.99
CA LYS F 37 -35.54 18.91 11.53
C LYS F 37 -36.90 19.47 11.05
N ALA F 38 -37.35 19.12 9.85
CA ALA F 38 -38.66 19.62 9.44
C ALA F 38 -39.75 19.19 10.45
N THR F 39 -40.69 20.09 10.72
CA THR F 39 -42.00 19.69 11.24
C THR F 39 -42.85 19.25 10.08
N SER F 40 -44.18 19.19 10.30
CA SER F 40 -45.10 18.81 9.22
C SER F 40 -45.32 19.95 8.25
N GLY F 41 -45.04 21.18 8.70
CA GLY F 41 -45.01 22.34 7.80
C GLY F 41 -46.37 22.84 7.34
N THR F 42 -47.43 22.36 7.99
CA THR F 42 -48.77 22.87 7.73
C THR F 42 -48.91 24.23 8.43
N LYS F 43 -50.04 24.89 8.12
CA LYS F 43 -50.51 26.12 8.77
C LYS F 43 -50.34 26.05 10.32
N GLU F 44 -50.68 24.91 10.88
CA GLU F 44 -50.80 24.79 12.33
C GLU F 44 -49.53 24.21 12.90
N ASP F 45 -48.83 23.39 12.11
CA ASP F 45 -47.50 22.91 12.48
C ASP F 45 -46.35 23.45 11.53
N PRO F 46 -46.05 24.78 11.61
CA PRO F 46 -45.04 25.37 10.71
C PRO F 46 -43.60 25.04 11.12
N ASN F 47 -42.68 25.08 10.16
CA ASN F 47 -41.26 25.07 10.48
C ASN F 47 -40.91 26.36 11.16
N LEU F 48 -40.34 26.21 12.35
CA LEU F 48 -40.06 27.39 13.18
C LEU F 48 -38.63 27.75 12.86
N VAL F 49 -38.43 28.97 12.41
CA VAL F 49 -37.12 29.40 11.98
C VAL F 49 -36.57 30.48 12.89
N PRO F 50 -35.58 30.14 13.69
CA PRO F 50 -34.97 31.11 14.65
C PRO F 50 -34.14 32.20 13.96
N SER F 51 -34.18 33.43 14.45
CA SER F 51 -33.34 34.45 13.84
C SER F 51 -33.11 35.55 14.86
N ILE F 52 -32.01 36.27 14.71
CA ILE F 52 -31.72 37.39 15.52
C ILE F 52 -32.16 38.70 14.90
N THR F 53 -32.64 38.71 13.66
CA THR F 53 -33.20 39.96 13.11
C THR F 53 -34.63 39.70 12.73
N ASN F 54 -35.12 40.52 11.82
CA ASN F 54 -36.50 40.42 11.37
C ASN F 54 -36.77 39.60 10.07
N LYS F 55 -35.71 39.03 9.50
CA LYS F 55 -35.86 38.23 8.26
C LYS F 55 -34.71 37.28 8.16
N ARG F 56 -34.94 36.09 7.64
CA ARG F 56 -33.80 35.21 7.45
C ARG F 56 -34.08 34.47 6.12
N ILE F 57 -33.01 34.12 5.39
CA ILE F 57 -33.13 33.37 4.16
C ILE F 57 -33.38 31.91 4.50
N VAL F 58 -34.48 31.39 3.97
CA VAL F 58 -34.80 29.94 4.02
C VAL F 58 -34.48 29.34 2.69
N GLY F 59 -33.86 28.16 2.70
CA GLY F 59 -33.81 27.28 1.54
C GLY F 59 -34.71 26.07 1.82
N CYS F 60 -35.61 25.75 0.89
CA CYS F 60 -36.52 24.58 1.00
C CYS F 60 -36.17 23.51 -0.04
N ILE F 61 -35.84 22.30 0.43
CA ILE F 61 -35.64 21.17 -0.45
C ILE F 61 -36.94 20.42 -0.36
N CYS F 62 -37.81 20.73 -1.32
CA CYS F 62 -39.26 20.40 -1.29
C CYS F 62 -39.46 18.88 -1.21
N GLU F 63 -38.72 18.14 -2.00
CA GLU F 63 -38.77 16.70 -1.93
C GLU F 63 -37.36 16.15 -1.73
N GLU F 64 -37.27 15.05 -1.02
CA GLU F 64 -36.02 14.34 -0.83
C GLU F 64 -35.44 14.19 -2.22
N ASP F 65 -34.15 14.48 -2.36
CA ASP F 65 -33.48 14.13 -3.62
C ASP F 65 -33.65 15.16 -4.77
N ASN F 66 -34.36 16.29 -4.53
CA ASN F 66 -34.31 17.41 -5.47
C ASN F 66 -32.87 17.91 -5.52
N SER F 67 -32.45 18.37 -6.67
CA SER F 67 -31.13 18.93 -6.78
C SER F 67 -31.23 20.44 -6.57
N THR F 68 -32.42 20.97 -6.67
CA THR F 68 -32.59 22.44 -6.63
C THR F 68 -33.21 22.89 -5.29
N VAL F 69 -32.62 23.85 -4.65
CA VAL F 69 -33.15 24.36 -3.43
C VAL F 69 -33.91 25.62 -3.82
N ILE F 70 -35.02 25.91 -3.13
CA ILE F 70 -35.83 27.10 -3.39
C ILE F 70 -35.55 28.04 -2.26
N TRP F 71 -35.09 29.25 -2.60
CA TRP F 71 -34.58 30.22 -1.63
C TRP F 71 -35.47 31.42 -1.54
N PHE F 72 -35.80 31.90 -0.34
CA PHE F 72 -36.63 33.08 -0.24
C PHE F 72 -36.37 33.67 1.13
N TRP F 73 -36.56 34.97 1.24
CA TRP F 73 -36.53 35.62 2.58
C TRP F 73 -37.79 35.38 3.35
N LEU F 74 -37.65 34.97 4.59
CA LEU F 74 -38.78 34.78 5.51
C LEU F 74 -38.83 35.99 6.46
N HIS F 75 -39.97 36.66 6.55
CA HIS F 75 -40.05 37.86 7.40
C HIS F 75 -40.84 37.58 8.64
N LYS F 76 -40.56 38.35 9.68
CA LYS F 76 -41.30 38.26 10.95
C LYS F 76 -42.77 38.52 10.66
N GLY F 77 -43.68 37.85 11.34
CA GLY F 77 -45.09 38.01 10.97
C GLY F 77 -45.79 36.69 10.72
N GLU F 78 -46.84 36.73 9.93
CA GLU F 78 -47.58 35.50 9.68
C GLU F 78 -46.62 34.48 9.03
N ALA F 79 -46.90 33.19 9.18
CA ALA F 79 -46.22 32.15 8.42
C ALA F 79 -46.18 32.39 6.90
N GLN F 80 -45.04 32.12 6.26
CA GLN F 80 -45.01 32.15 4.80
C GLN F 80 -44.79 30.76 4.24
N ARG F 81 -45.00 30.60 2.93
CA ARG F 81 -45.10 29.28 2.33
C ARG F 81 -44.04 29.12 1.27
N CYS F 82 -43.42 27.96 1.15
CA CYS F 82 -42.38 27.89 0.15
C CYS F 82 -43.16 28.10 -1.16
N PRO F 83 -42.65 28.93 -2.12
CA PRO F 83 -43.45 29.10 -3.36
C PRO F 83 -43.45 27.91 -4.29
N SER F 84 -42.70 26.87 -3.91
CA SER F 84 -42.67 25.72 -4.75
C SER F 84 -43.61 24.62 -4.19
N CYS F 85 -43.50 24.28 -2.90
CA CYS F 85 -44.24 23.12 -2.38
C CYS F 85 -45.28 23.56 -1.33
N GLY F 86 -45.37 24.86 -1.04
CA GLY F 86 -46.25 25.40 -0.05
C GLY F 86 -46.01 25.07 1.41
N THR F 87 -44.91 24.40 1.78
CA THR F 87 -44.68 24.21 3.24
C THR F 87 -44.48 25.54 3.98
N HIS F 88 -45.01 25.57 5.19
CA HIS F 88 -45.12 26.77 5.96
C HIS F 88 -43.91 26.94 6.81
N TYR F 89 -43.48 28.20 6.94
CA TYR F 89 -42.34 28.58 7.75
C TYR F 89 -42.70 29.82 8.49
N LYS F 90 -42.32 29.86 9.76
CA LYS F 90 -42.60 31.05 10.55
C LYS F 90 -41.34 31.46 11.32
N LEU F 91 -41.04 32.74 11.30
CA LEU F 91 -39.83 33.23 11.95
C LEU F 91 -40.07 33.42 13.44
N VAL F 92 -39.11 33.02 14.26
CA VAL F 92 -39.24 33.11 15.72
C VAL F 92 -38.01 33.84 16.25
N PRO F 93 -38.13 34.53 17.39
CA PRO F 93 -37.05 35.44 17.74
C PRO F 93 -35.81 34.83 18.41
N HIS F 94 -34.86 35.73 18.68
CA HIS F 94 -33.67 35.55 19.52
C HIS F 94 -33.26 34.15 19.89
N GLN F 95 -33.22 33.89 21.21
CA GLN F 95 -32.36 32.89 21.87
C GLN F 95 -30.89 33.28 21.73
N LEU F 96 -30.29 32.94 20.58
CA LEU F 96 -28.84 33.05 20.26
C LEU F 96 -28.17 34.34 20.74
N ALA F 97 -28.96 35.25 21.30
CA ALA F 97 -28.48 36.48 21.89
C ALA F 97 -28.30 36.32 23.41
N HIS F 98 -27.06 36.49 23.88
CA HIS F 98 -26.66 36.31 25.30
C HIS F 98 -26.56 37.62 26.05
N ALA G 1 -2.69 -6.39 11.81
CA ALA G 1 -1.31 -6.69 11.27
C ALA G 1 -0.30 -7.20 12.34
N SER G 2 0.12 -8.46 12.21
CA SER G 2 0.93 -9.18 13.25
C SER G 2 2.34 -9.65 12.80
N ALA G 3 3.21 -9.92 13.80
CA ALA G 3 4.52 -10.60 13.63
C ALA G 3 5.12 -11.26 14.92
N ALA G 4 4.48 -11.06 16.09
CA ALA G 4 4.74 -11.79 17.38
C ALA G 4 4.32 -11.09 18.71
N LYS G 5 3.13 -10.46 18.75
CA LYS G 5 2.78 -9.46 19.80
C LYS G 5 1.24 -9.37 20.14
N GLY G 6 0.87 -8.65 21.21
CA GLY G 6 -0.52 -8.69 21.75
C GLY G 6 -1.34 -7.41 21.93
N ASP G 7 -1.29 -6.84 23.14
CA ASP G 7 -1.54 -5.39 23.44
C ASP G 7 -2.96 -4.76 23.46
N HIS G 8 -3.89 -5.29 22.66
CA HIS G 8 -5.15 -4.59 22.26
C HIS G 8 -6.23 -4.34 23.29
N GLY G 9 -6.25 -5.11 24.37
CA GLY G 9 -7.22 -4.88 25.45
C GLY G 9 -6.57 -4.16 26.63
N GLY G 10 -6.57 -2.82 26.60
CA GLY G 10 -5.87 -1.97 27.59
C GLY G 10 -4.43 -1.69 27.15
N TPO G 11 -4.05 -0.40 27.09
CA TPO G 11 -2.98 0.03 26.17
CB TPO G 11 -3.47 -0.46 24.77
CG2 TPO G 11 -4.95 -0.13 24.51
OG1 TPO G 11 -2.70 -0.04 23.62
P TPO G 11 -3.13 -0.34 22.07
O1P TPO G 11 -3.58 -1.85 21.99
O2P TPO G 11 -1.90 -0.12 21.07
O3P TPO G 11 -4.30 0.65 21.58
C TPO G 11 -2.70 1.54 26.19
O TPO G 11 -2.74 2.19 27.24
N GLY G 12 -2.39 2.07 25.02
CA GLY G 12 -2.37 3.49 24.68
C GLY G 12 -0.93 3.99 24.48
N ALA G 13 -0.69 5.12 25.09
CA ALA G 13 0.63 5.65 25.31
C ALA G 13 1.57 4.53 25.81
N ARG G 14 1.16 3.83 26.86
CA ARG G 14 1.93 2.67 27.31
C ARG G 14 2.33 1.71 26.20
N THR G 15 1.41 1.32 25.34
CA THR G 15 1.83 0.40 24.27
C THR G 15 2.86 1.03 23.36
N TRP G 16 2.71 2.32 23.04
CA TRP G 16 3.57 2.96 22.04
C TRP G 16 4.96 3.25 22.56
N ARG G 17 5.04 3.62 23.82
CA ARG G 17 6.31 3.74 24.51
C ARG G 17 7.09 2.40 24.59
N PHE G 18 6.38 1.34 25.00
CA PHE G 18 6.88 -0.04 24.87
C PHE G 18 7.47 -0.31 23.50
N LEU G 19 6.74 0.04 22.44
CA LEU G 19 7.29 -0.18 21.13
C LEU G 19 8.47 0.75 20.81
N THR G 20 8.43 1.98 21.30
CA THR G 20 9.56 2.89 21.09
C THR G 20 10.85 2.36 21.74
N PHE G 21 10.80 1.96 23.01
CA PHE G 21 12.04 1.51 23.63
C PHE G 21 12.32 0.01 23.42
N GLY G 22 11.29 -0.79 23.16
CA GLY G 22 11.53 -2.25 23.15
C GLY G 22 11.94 -2.68 21.77
N LEU G 23 11.60 -1.88 20.76
CA LEU G 23 11.80 -2.29 19.38
C LEU G 23 12.43 -1.20 18.52
N ALA G 24 11.79 -0.05 18.42
CA ALA G 24 12.27 0.98 17.49
C ALA G 24 13.76 1.41 17.80
N LEU G 25 14.00 1.88 19.02
CA LEU G 25 15.32 2.37 19.40
C LEU G 25 16.40 1.26 19.33
N PRO G 26 16.08 0.04 19.81
CA PRO G 26 17.08 -1.02 19.67
C PRO G 26 17.41 -1.29 18.19
N SER G 27 16.44 -1.11 17.30
CA SER G 27 16.76 -1.32 15.86
C SER G 27 17.77 -0.24 15.45
N VAL G 28 17.59 0.95 15.99
CA VAL G 28 18.47 2.05 15.59
C VAL G 28 19.87 1.72 16.11
N ALA G 29 19.98 1.24 17.37
CA ALA G 29 21.32 0.78 17.90
C ALA G 29 21.92 -0.36 17.05
N LEU G 30 21.09 -1.30 16.61
CA LEU G 30 21.59 -2.37 15.76
C LEU G 30 22.10 -1.87 14.42
N CYS G 31 21.37 -0.96 13.80
CA CYS G 31 21.83 -0.44 12.52
C CYS G 31 23.04 0.46 12.71
N THR G 32 23.16 1.09 13.87
CA THR G 32 24.25 2.02 14.10
C THR G 32 25.53 1.23 14.25
N LEU G 33 25.47 0.21 15.09
CA LEU G 33 26.46 -0.85 15.17
C LEU G 33 26.84 -1.39 13.78
N ASN G 34 25.86 -1.80 12.99
CA ASN G 34 26.17 -2.35 11.69
C ASN G 34 26.87 -1.30 10.82
N SER G 35 26.57 -0.04 11.06
CA SER G 35 27.20 0.99 10.28
C SER G 35 28.63 1.22 10.77
N TRP G 36 28.80 1.25 12.09
CA TRP G 36 30.06 1.54 12.75
C TRP G 36 31.12 0.55 12.37
N LEU G 37 30.76 -0.70 12.11
CA LEU G 37 31.81 -1.60 11.65
C LEU G 37 31.92 -1.81 10.13
N HIS G 38 31.64 -0.76 9.37
CA HIS G 38 31.88 -0.76 7.93
C HIS G 38 32.51 0.54 7.56
N SER G 39 32.75 1.39 8.56
CA SER G 39 33.30 2.74 8.35
C SER G 39 34.74 2.76 7.80
N GLY G 40 35.71 3.08 8.66
CA GLY G 40 37.11 3.26 8.23
C GLY G 40 37.18 4.35 7.16
N HIS G 41 37.57 3.95 5.95
CA HIS G 41 37.35 4.71 4.69
C HIS G 41 37.37 3.80 3.46
N ARG G 42 37.27 4.41 2.27
CA ARG G 42 37.06 3.66 1.02
C ARG G 42 38.00 4.13 -0.11
N GLU G 43 38.62 3.15 -0.79
CA GLU G 43 39.44 3.37 -1.98
C GLU G 43 38.82 4.38 -2.96
N ARG G 44 39.33 5.61 -2.93
CA ARG G 44 39.06 6.63 -3.94
C ARG G 44 39.07 6.05 -5.35
N PRO G 45 37.93 6.11 -6.07
CA PRO G 45 37.87 5.48 -7.40
C PRO G 45 38.89 6.08 -8.37
N ALA G 46 39.35 5.26 -9.31
CA ALA G 46 40.31 5.73 -10.31
C ALA G 46 39.67 6.87 -11.18
N PHE G 47 40.48 7.83 -11.62
CA PHE G 47 39.93 8.91 -12.43
C PHE G 47 39.96 8.58 -13.90
N ILE G 48 38.80 8.66 -14.53
CA ILE G 48 38.71 8.54 -15.97
C ILE G 48 37.84 9.70 -16.43
N PRO G 49 38.36 10.55 -17.35
CA PRO G 49 37.60 11.77 -17.76
C PRO G 49 36.38 11.50 -18.69
N TYR G 50 35.51 10.61 -18.22
CA TYR G 50 34.23 10.40 -18.85
C TYR G 50 33.43 11.68 -19.19
N HIS G 51 32.98 11.80 -20.42
CA HIS G 51 32.22 12.99 -20.80
C HIS G 51 30.77 12.97 -20.30
N HIS G 52 30.23 11.85 -19.81
CA HIS G 52 28.89 11.97 -19.20
C HIS G 52 28.93 12.37 -17.72
N LEU G 53 30.12 12.73 -17.22
CA LEU G 53 30.27 13.03 -15.79
C LEU G 53 30.99 14.35 -15.66
N ARG G 54 30.93 14.97 -14.49
CA ARG G 54 31.58 16.27 -14.30
C ARG G 54 31.06 17.31 -15.28
N ILE G 55 29.74 17.32 -15.50
CA ILE G 55 29.08 18.28 -16.37
C ILE G 55 29.41 19.71 -15.91
N ARG G 56 29.77 20.55 -16.87
CA ARG G 56 29.90 21.99 -16.65
C ARG G 56 29.28 22.60 -17.90
N THR G 57 28.02 23.02 -17.88
CA THR G 57 27.48 23.71 -19.04
C THR G 57 27.37 25.20 -18.70
N LYS G 58 27.47 25.50 -17.41
CA LYS G 58 27.54 26.85 -16.86
C LYS G 58 28.30 26.82 -15.50
N PRO G 59 29.16 27.79 -15.26
CA PRO G 59 29.82 27.67 -13.92
C PRO G 59 28.83 27.73 -12.78
N PHE G 60 29.10 27.01 -11.71
CA PHE G 60 28.39 27.25 -10.47
C PHE G 60 28.56 28.69 -9.98
N SER G 61 27.63 29.20 -9.19
CA SER G 61 27.70 30.59 -8.87
C SER G 61 28.16 30.79 -7.45
N TRP G 62 29.20 30.06 -7.09
CA TRP G 62 29.95 30.24 -5.85
C TRP G 62 31.39 29.79 -6.08
N GLY G 63 32.26 30.07 -5.14
CA GLY G 63 33.71 29.90 -5.34
C GLY G 63 34.24 30.17 -6.72
N ASP G 64 34.98 29.19 -7.23
CA ASP G 64 35.70 29.34 -8.48
C ASP G 64 34.85 28.88 -9.67
N GLY G 65 33.59 28.55 -9.39
CA GLY G 65 32.65 28.18 -10.44
C GLY G 65 32.80 26.72 -10.84
N ASN G 66 33.75 26.00 -10.25
CA ASN G 66 34.06 24.64 -10.73
C ASN G 66 33.95 23.57 -9.65
N HIS G 67 33.61 23.97 -8.44
CA HIS G 67 33.46 23.01 -7.35
C HIS G 67 32.03 22.88 -6.96
N THR G 68 31.54 21.62 -6.87
CA THR G 68 30.19 21.43 -6.40
C THR G 68 30.16 21.75 -4.91
N PHE G 69 28.96 21.85 -4.44
CA PHE G 69 28.61 22.41 -3.20
C PHE G 69 29.14 21.65 -1.99
N PHE G 70 29.11 20.32 -2.04
CA PHE G 70 29.67 19.49 -0.96
C PHE G 70 30.90 18.78 -1.47
N HIS G 71 31.65 19.48 -2.30
CA HIS G 71 32.92 18.98 -2.84
C HIS G 71 33.86 18.39 -1.76
N ASN G 72 34.33 17.19 -2.03
CA ASN G 72 35.19 16.45 -1.15
C ASN G 72 36.43 16.05 -2.01
N PRO G 73 37.57 16.76 -1.81
CA PRO G 73 38.83 16.65 -2.57
C PRO G 73 39.30 15.23 -2.62
N ARG G 74 39.03 14.51 -1.56
CA ARG G 74 39.42 13.13 -1.47
C ARG G 74 38.71 12.23 -2.49
N VAL G 75 37.42 12.49 -2.76
CA VAL G 75 36.68 11.51 -3.56
C VAL G 75 35.97 12.09 -4.77
N ASN G 76 36.05 13.41 -4.89
CA ASN G 76 35.41 14.14 -5.99
C ASN G 76 36.39 14.84 -6.89
N PRO G 77 36.75 14.21 -8.03
CA PRO G 77 37.60 14.87 -9.01
C PRO G 77 36.86 16.02 -9.70
N LEU G 78 37.62 17.04 -10.13
CA LEU G 78 37.22 18.08 -11.05
C LEU G 78 37.26 17.53 -12.47
N PRO G 79 36.77 18.32 -13.47
CA PRO G 79 36.78 17.81 -14.87
C PRO G 79 38.17 17.40 -15.38
N THR G 80 39.20 18.05 -14.87
CA THR G 80 40.59 17.79 -15.21
C THR G 80 41.26 16.72 -14.33
N GLY G 81 40.57 16.23 -13.27
CA GLY G 81 41.11 15.17 -12.40
C GLY G 81 41.09 15.57 -10.93
N TYR G 82 41.49 14.68 -10.03
CA TYR G 82 41.62 15.02 -8.60
C TYR G 82 42.56 16.20 -8.27
N GLU G 83 42.27 16.94 -7.23
CA GLU G 83 43.14 18.07 -6.83
C GLU G 83 44.41 17.63 -6.03
N LYS G 84 45.51 18.36 -6.23
CA LYS G 84 46.85 17.92 -5.74
C LYS G 84 46.90 17.21 -4.37
N LYS H 7 28.38 -14.52 -47.15
CA LYS H 7 27.02 -14.95 -46.70
C LYS H 7 26.17 -13.74 -46.34
N ILE H 8 25.30 -13.36 -47.28
CA ILE H 8 24.55 -12.08 -47.36
C ILE H 8 25.41 -10.94 -47.94
N LYS H 9 25.86 -11.08 -49.18
CA LYS H 9 26.22 -9.87 -49.92
C LYS H 9 25.20 -9.59 -51.01
N ASN H 10 25.42 -8.51 -51.76
CA ASN H 10 24.30 -7.76 -52.29
C ASN H 10 23.56 -7.08 -51.12
N TYR H 11 24.29 -6.80 -50.01
CA TYR H 11 23.88 -5.86 -48.94
C TYR H 11 23.38 -4.60 -49.64
N GLN H 12 22.10 -4.27 -49.45
CA GLN H 12 21.60 -2.98 -49.89
C GLN H 12 21.54 -2.02 -48.70
N THR H 13 20.77 -2.43 -47.68
CA THR H 13 20.72 -1.73 -46.42
C THR H 13 20.44 -2.63 -45.22
N ALA H 14 20.55 -2.07 -44.01
CA ALA H 14 20.20 -2.80 -42.79
C ALA H 14 18.78 -3.32 -42.93
N PRO H 15 18.58 -4.62 -42.73
CA PRO H 15 17.19 -5.15 -42.79
C PRO H 15 16.40 -4.87 -41.50
N PHE H 16 15.08 -4.97 -41.53
CA PHE H 16 14.29 -4.98 -40.34
C PHE H 16 14.92 -5.87 -39.25
N ASP H 17 14.93 -5.39 -38.02
CA ASP H 17 15.49 -6.20 -36.94
C ASP H 17 14.46 -6.21 -35.81
N SER H 18 13.87 -7.38 -35.59
CA SER H 18 12.68 -7.51 -34.74
C SER H 18 13.01 -7.21 -33.30
N ARG H 19 14.29 -7.19 -32.97
CA ARG H 19 14.75 -6.74 -31.66
C ARG H 19 14.53 -5.24 -31.51
N PHE H 20 14.47 -4.50 -32.62
CA PHE H 20 14.16 -3.07 -32.59
C PHE H 20 13.03 -2.78 -33.57
N PRO H 21 11.79 -3.13 -33.17
CA PRO H 21 10.68 -2.98 -34.13
C PRO H 21 10.00 -1.58 -34.19
N ASN H 22 10.34 -0.69 -33.28
CA ASN H 22 9.64 0.59 -33.20
C ASN H 22 10.37 1.76 -33.89
N GLN H 23 9.83 2.95 -33.72
CA GLN H 23 10.31 4.13 -34.40
C GLN H 23 11.70 4.58 -33.84
N ASN H 24 11.91 4.33 -32.57
CA ASN H 24 13.12 4.69 -31.97
C ASN H 24 14.19 3.64 -32.26
N GLN H 25 15.13 4.01 -33.12
CA GLN H 25 16.18 3.08 -33.58
C GLN H 25 17.54 3.33 -32.94
N THR H 26 17.62 4.20 -31.95
CA THR H 26 18.88 4.54 -31.32
C THR H 26 19.64 3.29 -30.90
N ARG H 27 18.93 2.32 -30.30
CA ARG H 27 19.63 1.20 -29.67
C ARG H 27 20.14 0.24 -30.76
N ASN H 28 19.54 0.32 -31.95
CA ASN H 28 19.94 -0.49 -33.07
C ASN H 28 21.32 0.00 -33.59
N CYS H 29 21.47 1.32 -33.80
CA CYS H 29 22.78 1.87 -34.14
C CYS H 29 23.82 1.44 -33.09
N TRP H 30 23.46 1.67 -31.84
CA TRP H 30 24.33 1.42 -30.68
C TRP H 30 24.79 -0.03 -30.55
N GLN H 31 23.84 -0.94 -30.55
CA GLN H 31 24.15 -2.34 -30.35
C GLN H 31 25.11 -2.78 -31.45
N ASN H 32 24.80 -2.45 -32.70
CA ASN H 32 25.61 -2.94 -33.79
C ASN H 32 27.02 -2.34 -33.74
N TYR H 33 27.12 -1.16 -33.15
CA TYR H 33 28.43 -0.57 -33.01
C TYR H 33 29.22 -1.38 -32.00
N LEU H 34 28.57 -1.77 -30.92
CA LEU H 34 29.24 -2.52 -29.85
C LEU H 34 29.68 -3.86 -30.40
N ASP H 35 28.72 -4.57 -30.98
CA ASP H 35 28.97 -5.86 -31.64
C ASP H 35 30.15 -5.84 -32.59
N PHE H 36 30.26 -4.80 -33.42
CA PHE H 36 31.39 -4.71 -34.30
C PHE H 36 32.69 -4.71 -33.51
N HIS H 37 32.78 -3.84 -32.50
CA HIS H 37 34.06 -3.60 -31.87
C HIS H 37 34.38 -4.66 -30.93
N ARG H 38 33.37 -5.29 -30.38
CA ARG H 38 33.59 -6.53 -29.61
C ARG H 38 34.15 -7.63 -30.51
N CYS H 39 33.58 -7.78 -31.71
CA CYS H 39 33.95 -8.87 -32.61
C CYS H 39 35.35 -8.62 -33.11
N GLU H 40 35.67 -7.37 -33.39
CA GLU H 40 36.98 -6.96 -33.85
C GLU H 40 38.03 -7.20 -32.79
N LYS H 41 37.70 -6.88 -31.54
CA LYS H 41 38.60 -7.16 -30.42
C LYS H 41 38.96 -8.66 -30.33
N ALA H 42 37.95 -9.51 -30.29
CA ALA H 42 38.12 -10.93 -30.26
C ALA H 42 38.95 -11.48 -31.45
N MET H 43 38.65 -11.03 -32.67
CA MET H 43 39.35 -11.47 -33.87
C MET H 43 40.72 -10.84 -34.00
N THR H 44 41.17 -10.15 -32.96
CA THR H 44 42.54 -9.67 -32.97
C THR H 44 43.35 -10.45 -31.91
N ALA H 45 42.73 -10.69 -30.75
CA ALA H 45 43.31 -11.52 -29.69
C ALA H 45 43.78 -12.91 -30.17
N LYS H 46 43.06 -13.52 -31.13
CA LYS H 46 43.53 -14.77 -31.73
C LYS H 46 43.98 -14.61 -33.19
N GLY H 47 44.71 -13.52 -33.45
CA GLY H 47 45.31 -13.25 -34.77
C GLY H 47 44.38 -13.48 -35.95
N GLY H 48 43.09 -13.69 -35.64
CA GLY H 48 42.06 -14.09 -36.60
C GLY H 48 41.71 -13.04 -37.64
N ASP H 49 40.74 -13.36 -38.50
CA ASP H 49 40.38 -12.47 -39.58
C ASP H 49 39.14 -11.64 -39.23
N VAL H 50 39.27 -10.33 -39.37
CA VAL H 50 38.24 -9.39 -38.95
C VAL H 50 37.00 -9.35 -39.87
N SER H 51 37.11 -9.97 -41.04
CA SER H 51 36.00 -9.99 -42.00
C SER H 51 34.78 -10.76 -41.47
N VAL H 52 34.95 -11.51 -40.38
CA VAL H 52 33.81 -12.22 -39.83
C VAL H 52 32.92 -11.23 -39.11
N CYS H 53 33.47 -10.07 -38.80
CA CYS H 53 32.73 -9.00 -38.13
C CYS H 53 32.00 -8.05 -39.12
N GLU H 54 32.27 -8.19 -40.42
CA GLU H 54 31.93 -7.17 -41.41
C GLU H 54 30.44 -6.70 -41.35
N TRP H 55 29.54 -7.64 -41.10
CA TRP H 55 28.12 -7.40 -41.05
C TRP H 55 27.73 -6.32 -40.07
N TYR H 56 28.20 -6.45 -38.83
CA TYR H 56 28.01 -5.42 -37.81
C TYR H 56 28.51 -4.07 -38.29
N ARG H 57 29.66 -4.07 -38.97
CA ARG H 57 30.15 -2.79 -39.45
C ARG H 57 29.22 -2.13 -40.49
N ARG H 58 28.66 -2.93 -41.38
CA ARG H 58 27.83 -2.41 -42.44
C ARG H 58 26.54 -1.82 -41.85
N VAL H 59 25.97 -2.55 -40.91
CA VAL H 59 24.71 -2.21 -40.32
C VAL H 59 24.94 -0.94 -39.53
N TYR H 60 25.97 -0.88 -38.71
CA TYR H 60 26.09 0.38 -37.99
C TYR H 60 26.53 1.54 -38.89
N LYS H 61 27.22 1.26 -40.01
CA LYS H 61 27.55 2.35 -40.94
C LYS H 61 26.29 2.93 -41.56
N SER H 62 25.31 2.06 -41.81
CA SER H 62 24.10 2.49 -42.49
C SER H 62 23.23 3.29 -41.54
N LEU H 63 23.11 2.81 -40.32
CA LEU H 63 22.20 3.37 -39.30
C LEU H 63 22.73 4.55 -38.48
N CYS H 64 23.99 4.54 -38.10
CA CYS H 64 24.49 5.55 -37.17
C CYS H 64 24.87 6.87 -37.86
N PRO H 65 24.54 8.04 -37.24
CA PRO H 65 24.98 9.29 -37.84
C PRO H 65 26.50 9.34 -37.79
N ILE H 66 27.15 9.93 -38.77
CA ILE H 66 28.61 10.08 -38.79
C ILE H 66 29.12 10.69 -37.46
N SER H 67 28.42 11.68 -36.89
CA SER H 67 29.00 12.33 -35.69
C SER H 67 28.96 11.45 -34.46
N TRP H 68 28.01 10.53 -34.37
CA TRP H 68 27.95 9.62 -33.25
C TRP H 68 29.14 8.71 -33.34
N VAL H 69 29.28 8.10 -34.51
CA VAL H 69 30.36 7.12 -34.76
C VAL H 69 31.72 7.76 -34.52
N SER H 70 31.83 8.92 -35.07
CA SER H 70 33.05 9.62 -35.00
C SER H 70 33.34 9.99 -33.51
N THR H 71 32.29 10.26 -32.74
CA THR H 71 32.50 10.71 -31.36
C THR H 71 32.88 9.50 -30.52
N TRP H 72 32.21 8.40 -30.79
CA TRP H 72 32.47 7.16 -30.11
C TRP H 72 33.85 6.61 -30.44
N ASP H 73 34.30 6.78 -31.68
CA ASP H 73 35.68 6.37 -32.03
C ASP H 73 36.70 7.19 -31.26
N ASP H 74 36.55 8.51 -31.25
CA ASP H 74 37.42 9.34 -30.42
C ASP H 74 37.45 8.89 -28.98
N ARG H 75 36.30 8.46 -28.44
CA ARG H 75 36.27 8.15 -27.03
C ARG H 75 36.91 6.83 -26.76
N ARG H 76 36.75 5.88 -27.68
CA ARG H 76 37.47 4.60 -27.59
C ARG H 76 39.01 4.79 -27.54
N ALA H 77 39.54 5.65 -28.41
CA ALA H 77 40.97 6.04 -28.47
C ALA H 77 41.44 6.65 -27.17
N GLU H 78 40.61 7.54 -26.62
CA GLU H 78 40.96 8.36 -25.48
C GLU H 78 40.80 7.53 -24.19
N GLY H 79 40.20 6.34 -24.24
CA GLY H 79 39.89 5.64 -23.00
C GLY H 79 38.70 6.15 -22.17
N THR H 80 37.69 6.75 -22.83
CA THR H 80 36.49 7.25 -22.14
C THR H 80 35.18 6.71 -22.73
N PHE H 81 35.29 5.76 -23.64
CA PHE H 81 34.12 5.14 -24.17
C PHE H 81 33.43 4.44 -23.04
N PRO H 82 32.10 4.62 -22.87
CA PRO H 82 31.48 4.05 -21.66
C PRO H 82 30.79 2.73 -21.87
N GLY H 83 30.85 2.21 -23.09
CA GLY H 83 30.29 0.87 -23.30
C GLY H 83 31.33 -0.18 -23.03
N LYS H 84 30.88 -1.40 -22.71
CA LYS H 84 31.73 -2.53 -22.39
C LYS H 84 32.20 -3.22 -23.69
N ILE H 85 33.50 -3.10 -23.98
CA ILE H 85 34.07 -3.74 -25.16
C ILE H 85 35.21 -4.61 -24.72
C1A SAC I 1 -71.94 31.78 -35.90
C2A SAC I 1 -70.53 31.49 -36.37
OAC SAC I 1 -72.16 32.35 -34.84
N SAC I 1 -72.94 31.38 -36.72
CA SAC I 1 -73.98 30.33 -36.41
C SAC I 1 -73.37 29.02 -35.96
O SAC I 1 -73.92 28.32 -35.10
CB SAC I 1 -74.87 30.07 -37.62
OG SAC I 1 -74.03 29.77 -38.74
N THR I 2 -72.23 28.68 -36.56
CA THR I 2 -71.54 27.43 -36.27
C THR I 2 -70.33 27.53 -35.28
N ALA I 3 -70.36 26.61 -34.31
CA ALA I 3 -69.33 26.41 -33.29
C ALA I 3 -68.00 26.01 -33.91
N LEU I 4 -66.91 26.28 -33.20
CA LEU I 4 -65.64 25.84 -33.70
C LEU I 4 -65.39 24.48 -33.13
N ALA I 5 -64.78 23.63 -33.94
CA ALA I 5 -64.45 22.27 -33.54
C ALA I 5 -63.33 22.31 -32.51
N LYS I 6 -63.31 21.35 -31.59
CA LYS I 6 -62.29 21.27 -30.58
C LYS I 6 -60.92 20.89 -31.17
N PRO I 7 -59.94 21.78 -31.03
CA PRO I 7 -58.62 21.52 -31.59
C PRO I 7 -57.76 20.71 -30.60
N GLN I 8 -56.58 20.33 -31.06
CA GLN I 8 -55.64 19.65 -30.18
C GLN I 8 -55.04 20.68 -29.19
N MET I 9 -55.02 20.37 -27.91
CA MET I 9 -54.62 21.34 -26.90
C MET I 9 -53.50 20.89 -25.98
N ARG I 10 -53.02 19.66 -26.15
CA ARG I 10 -52.02 19.11 -25.24
C ARG I 10 -50.83 18.69 -26.05
N GLY I 11 -49.65 18.80 -25.45
CA GLY I 11 -48.44 18.30 -26.09
C GLY I 11 -48.15 18.98 -27.40
N LEU I 12 -48.39 20.28 -27.45
CA LEU I 12 -48.16 21.00 -28.68
C LEU I 12 -46.66 21.13 -28.89
N LEU I 13 -45.93 21.39 -27.82
CA LEU I 13 -44.48 21.56 -27.95
C LEU I 13 -43.85 20.22 -28.35
N ALA I 14 -44.32 19.13 -27.73
CA ALA I 14 -43.77 17.82 -28.01
C ALA I 14 -44.08 17.42 -29.43
N ARG I 15 -45.23 17.80 -29.92
CA ARG I 15 -45.66 17.40 -31.24
C ARG I 15 -44.76 18.14 -32.21
N ARG I 16 -44.49 19.43 -31.96
CA ARG I 16 -43.58 20.17 -32.85
C ARG I 16 -42.24 19.49 -32.91
N LEU I 17 -41.73 19.08 -31.74
CA LEU I 17 -40.43 18.40 -31.65
C LEU I 17 -40.41 17.02 -32.40
N ARG I 18 -41.44 16.19 -32.22
CA ARG I 18 -41.57 14.93 -32.96
C ARG I 18 -41.30 15.18 -34.43
N PHE I 19 -42.03 16.12 -35.02
CA PHE I 19 -41.93 16.35 -36.44
C PHE I 19 -40.52 16.81 -36.82
N HIS I 20 -40.06 17.87 -36.18
CA HIS I 20 -38.87 18.52 -36.66
C HIS I 20 -37.63 17.74 -36.48
N ILE I 21 -37.60 16.89 -35.46
CA ILE I 21 -36.43 16.09 -35.23
C ILE I 21 -36.17 15.09 -36.40
N VAL I 22 -37.21 14.65 -37.07
CA VAL I 22 -37.04 13.88 -38.30
C VAL I 22 -36.33 14.81 -39.32
N GLY I 23 -36.78 16.06 -39.45
CA GLY I 23 -36.26 16.92 -40.49
C GLY I 23 -34.78 17.14 -40.22
N ALA I 24 -34.45 17.26 -38.94
CA ALA I 24 -33.11 17.55 -38.47
C ALA I 24 -32.16 16.41 -38.81
N PHE I 25 -32.61 15.16 -38.68
CA PHE I 25 -31.85 14.04 -39.22
C PHE I 25 -31.73 14.13 -40.76
N MET I 26 -32.85 14.31 -41.48
CA MET I 26 -32.83 14.38 -42.95
C MET I 26 -31.73 15.30 -43.37
N VAL I 27 -31.77 16.56 -42.85
CA VAL I 27 -30.84 17.63 -43.25
C VAL I 27 -29.41 17.27 -42.90
N SER I 28 -29.21 16.82 -41.66
CA SER I 28 -27.91 16.36 -41.17
C SER I 28 -27.29 15.33 -42.09
N LEU I 29 -28.05 14.23 -42.28
CA LEU I 29 -27.69 13.13 -43.14
C LEU I 29 -27.48 13.64 -44.57
N GLY I 30 -28.36 14.56 -44.98
CA GLY I 30 -28.31 15.22 -46.27
C GLY I 30 -26.97 15.86 -46.51
N PHE I 31 -26.43 16.62 -45.55
CA PHE I 31 -25.15 17.30 -45.72
C PHE I 31 -24.02 16.31 -45.81
N ALA I 32 -24.13 15.26 -45.00
CA ALA I 32 -23.13 14.21 -44.91
C ALA I 32 -23.01 13.48 -46.27
N THR I 33 -24.15 13.23 -46.88
CA THR I 33 -24.29 12.47 -48.12
C THR I 33 -23.83 13.28 -49.33
N PHE I 34 -24.11 14.56 -49.29
CA PHE I 34 -23.61 15.46 -50.29
C PHE I 34 -22.08 15.46 -50.22
N TYR I 35 -21.52 15.51 -49.01
CA TYR I 35 -20.08 15.48 -48.83
C TYR I 35 -19.51 14.15 -49.37
N LYS I 36 -20.16 13.04 -49.01
CA LYS I 36 -19.79 11.73 -49.53
C LYS I 36 -19.73 11.67 -51.06
N PHE I 37 -20.77 12.17 -51.74
CA PHE I 37 -20.98 12.05 -53.22
CA PHE I 37 -20.86 11.98 -53.19
C PHE I 37 -20.22 13.10 -54.01
N ALA I 38 -20.37 14.36 -53.61
CA ALA I 38 -19.69 15.46 -54.29
C ALA I 38 -18.19 15.66 -53.99
N VAL I 39 -17.65 15.03 -52.95
CA VAL I 39 -16.25 15.28 -52.63
C VAL I 39 -15.50 13.97 -52.42
N ALA I 40 -16.03 13.08 -51.60
CA ALA I 40 -15.25 11.94 -51.24
C ALA I 40 -15.17 10.93 -52.38
N GLU I 41 -16.29 10.63 -52.99
CA GLU I 41 -16.31 9.70 -54.15
C GLU I 41 -15.62 10.34 -55.34
N LYS I 42 -15.80 11.64 -55.52
CA LYS I 42 -15.09 12.33 -56.54
C LYS I 42 -13.60 12.11 -56.32
N ARG I 43 -13.14 12.17 -55.06
CA ARG I 43 -11.73 12.02 -54.74
C ARG I 43 -11.15 10.67 -55.06
N LYS I 44 -11.86 9.62 -54.68
CA LYS I 44 -11.40 8.26 -54.93
C LYS I 44 -11.32 8.07 -56.45
N LYS I 45 -12.31 8.63 -57.15
CA LYS I 45 -12.43 8.45 -58.60
C LYS I 45 -11.28 9.20 -59.29
N ALA I 46 -10.91 10.38 -58.76
CA ALA I 46 -9.78 11.15 -59.31
C ALA I 46 -8.48 10.35 -59.19
N TYR I 47 -8.33 9.60 -58.10
CA TYR I 47 -7.07 8.95 -57.85
C TYR I 47 -7.04 7.68 -58.66
N ALA I 48 -8.16 6.97 -58.64
CA ALA I 48 -8.26 5.76 -59.49
C ALA I 48 -8.04 6.10 -60.99
N ASP I 49 -8.62 7.18 -61.49
CA ASP I 49 -8.42 7.53 -62.89
C ASP I 49 -7.01 8.00 -63.17
N PHE I 50 -6.36 8.62 -62.20
CA PHE I 50 -5.05 9.24 -62.48
C PHE I 50 -4.03 8.13 -62.61
N TYR I 51 -4.13 7.11 -61.76
CA TYR I 51 -3.10 6.08 -61.73
C TYR I 51 -3.32 4.92 -62.69
N ARG I 52 -4.55 4.77 -63.21
CA ARG I 52 -4.90 3.66 -64.12
C ARG I 52 -4.06 3.73 -65.39
N ASN I 53 -3.98 4.90 -66.01
CA ASN I 53 -3.07 5.02 -67.16
C ASN I 53 -1.79 5.92 -66.98
N TYR I 54 -1.34 6.09 -65.74
CA TYR I 54 -0.12 6.81 -65.41
C TYR I 54 1.15 6.05 -65.75
N ASP I 55 2.17 6.78 -66.22
CA ASP I 55 3.47 6.19 -66.52
C ASP I 55 4.56 7.06 -65.87
N SER I 56 5.18 6.51 -64.82
CA SER I 56 6.07 7.31 -64.03
C SER I 56 7.32 7.73 -64.82
N MET I 57 7.63 6.98 -65.88
CA MET I 57 8.82 7.30 -66.67
C MET I 57 8.53 8.39 -67.65
N LYS I 58 7.35 8.34 -68.23
CA LYS I 58 6.93 9.36 -69.17
C LYS I 58 6.90 10.70 -68.41
N ASP I 59 6.36 10.66 -67.19
CA ASP I 59 6.26 11.80 -66.29
C ASP I 59 7.66 12.31 -66.01
N PHE I 60 8.51 11.40 -65.59
CA PHE I 60 9.87 11.81 -65.37
C PHE I 60 10.51 12.53 -66.57
N GLU I 61 10.40 11.91 -67.74
CA GLU I 61 10.98 12.41 -68.96
C GLU I 61 10.56 13.85 -69.28
N GLU I 62 9.27 14.13 -69.15
CA GLU I 62 8.78 15.49 -69.35
C GLU I 62 9.35 16.43 -68.32
N MET I 63 9.40 15.97 -67.08
CA MET I 63 10.01 16.81 -66.08
C MET I 63 11.50 17.06 -66.41
N ARG I 64 12.23 16.00 -66.73
CA ARG I 64 13.64 16.16 -67.16
C ARG I 64 13.82 17.18 -68.29
N LYS I 65 12.97 17.08 -69.32
CA LYS I 65 13.14 17.98 -70.48
C LYS I 65 12.78 19.40 -70.12
N ALA I 66 11.86 19.57 -69.15
CA ALA I 66 11.50 20.90 -68.72
C ALA I 66 12.61 21.57 -67.96
N GLY I 67 13.58 20.77 -67.53
CA GLY I 67 14.76 21.26 -66.85
C GLY I 67 14.61 21.43 -65.33
N ILE I 68 13.76 20.64 -64.68
CA ILE I 68 13.49 20.95 -63.25
C ILE I 68 14.50 20.38 -62.19
N PHE I 69 15.27 19.35 -62.57
CA PHE I 69 16.04 18.55 -61.65
C PHE I 69 17.53 18.96 -61.59
N GLN I 70 18.15 18.82 -60.44
CA GLN I 70 19.61 19.02 -60.31
C GLN I 70 20.33 17.76 -60.68
N SER I 71 19.69 16.63 -60.41
CA SER I 71 20.32 15.34 -60.66
C SER I 71 20.27 14.85 -62.13
N ALA I 72 19.44 15.43 -62.98
CA ALA I 72 19.11 14.80 -64.29
C ALA I 72 18.77 15.88 -65.27
N LYS I 73 19.58 15.99 -66.33
CA LYS I 73 19.48 17.10 -67.28
C LYS I 73 19.04 16.62 -68.64
N PHE J 1 7.83 25.17 34.13
CA PHE J 1 7.04 26.28 33.56
C PHE J 1 5.62 26.19 34.10
N GLU J 2 4.91 27.30 34.05
CA GLU J 2 3.51 27.32 34.50
C GLU J 2 2.53 27.76 33.37
N ASN J 3 1.28 27.38 33.56
CA ASN J 3 0.32 27.63 32.54
C ASN J 3 -0.10 29.08 32.61
N ARG J 4 0.46 29.93 31.74
CA ARG J 4 0.01 31.34 31.63
C ARG J 4 -1.00 31.60 30.51
N VAL J 5 -1.62 30.55 29.97
CA VAL J 5 -2.55 30.71 28.83
C VAL J 5 -3.69 31.71 29.17
N ALA J 6 -4.38 31.55 30.31
CA ALA J 6 -5.49 32.47 30.72
C ALA J 6 -5.13 33.95 30.63
N GLU J 7 -3.88 34.29 30.92
CA GLU J 7 -3.56 35.69 30.88
C GLU J 7 -3.57 36.15 29.43
N LYS J 8 -3.08 35.30 28.53
CA LYS J 8 -2.90 35.68 27.13
C LYS J 8 -4.27 35.81 26.51
N GLN J 9 -5.18 34.96 26.96
CA GLN J 9 -6.53 34.95 26.45
C GLN J 9 -7.10 36.29 26.80
N LYS J 10 -6.84 36.73 28.03
CA LYS J 10 -7.34 37.99 28.51
C LYS J 10 -6.76 39.11 27.63
N LEU J 11 -5.44 39.14 27.44
CA LEU J 11 -4.85 40.20 26.67
C LEU J 11 -5.36 40.27 25.20
N PHE J 12 -5.46 39.12 24.51
CA PHE J 12 -5.88 39.12 23.11
C PHE J 12 -7.39 39.20 22.89
N GLN J 13 -8.16 39.12 23.95
CA GLN J 13 -9.60 39.20 23.76
C GLN J 13 -10.00 40.62 24.11
N GLU J 14 -9.03 41.42 24.52
CA GLU J 14 -9.34 42.78 24.92
C GLU J 14 -9.96 43.60 23.79
N ASP J 15 -11.06 44.25 24.09
CA ASP J 15 -11.88 44.90 23.10
C ASP J 15 -11.37 46.31 22.85
N ASN J 16 -10.19 46.43 22.23
CA ASN J 16 -9.56 47.74 21.94
C ASN J 16 -9.55 48.14 20.44
N GLY J 17 -10.37 47.52 19.59
CA GLY J 17 -10.34 47.81 18.15
C GLY J 17 -9.05 47.45 17.39
N LEU J 18 -8.02 46.91 18.04
CA LEU J 18 -6.77 46.56 17.31
C LEU J 18 -6.87 45.19 16.59
N PRO J 19 -6.34 45.09 15.35
CA PRO J 19 -6.28 43.78 14.71
C PRO J 19 -5.27 42.84 15.38
N VAL J 20 -5.44 41.55 15.11
CA VAL J 20 -4.73 40.53 15.86
C VAL J 20 -3.23 40.71 15.72
N HIS J 21 -2.75 41.27 14.60
CA HIS J 21 -1.30 41.29 14.39
C HIS J 21 -0.66 42.45 15.09
N LEU J 22 -1.49 43.34 15.67
CA LEU J 22 -0.96 44.43 16.56
C LEU J 22 -1.37 44.38 18.02
N LYS J 23 -2.18 43.39 18.39
CA LYS J 23 -2.76 43.30 19.73
C LYS J 23 -1.77 43.06 20.86
N GLY J 24 -0.57 42.58 20.54
CA GLY J 24 0.44 42.28 21.56
C GLY J 24 1.22 43.48 22.04
N GLY J 25 1.00 44.65 21.43
CA GLY J 25 1.68 45.86 21.84
C GLY J 25 2.84 46.33 20.97
N ALA J 26 3.60 47.25 21.52
CA ALA J 26 4.76 47.87 20.87
C ALA J 26 5.63 46.95 20.02
N THR J 27 5.97 45.77 20.55
CA THR J 27 6.76 44.84 19.78
C THR J 27 6.07 44.43 18.45
N ASP J 28 4.75 44.22 18.43
CA ASP J 28 4.04 43.89 17.18
C ASP J 28 4.30 45.00 16.19
N ASN J 29 4.08 46.25 16.60
CA ASN J 29 4.24 47.42 15.74
C ASN J 29 5.61 47.53 15.13
N ILE J 30 6.65 47.35 15.94
CA ILE J 30 8.02 47.41 15.43
C ILE J 30 8.27 46.36 14.35
N LEU J 31 7.95 45.11 14.69
CA LEU J 31 8.19 43.98 13.83
C LEU J 31 7.39 44.19 12.51
N TYR J 32 6.15 44.66 12.62
CA TYR J 32 5.35 44.96 11.49
C TYR J 32 6.06 46.00 10.61
N ARG J 33 6.56 47.05 11.25
CA ARG J 33 7.15 48.16 10.49
C ARG J 33 8.43 47.73 9.82
N VAL J 34 9.19 46.87 10.50
CA VAL J 34 10.45 46.38 9.97
C VAL J 34 10.13 45.51 8.74
N THR J 35 9.11 44.66 8.86
CA THR J 35 8.82 43.72 7.80
C THR J 35 8.46 44.52 6.57
N MET J 36 7.54 45.48 6.75
CA MET J 36 7.11 46.37 5.67
C MET J 36 8.23 47.15 4.99
N THR J 37 9.08 47.75 5.79
CA THR J 37 10.24 48.47 5.27
C THR J 37 11.17 47.60 4.43
N LEU J 38 11.55 46.44 4.96
CA LEU J 38 12.33 45.53 4.12
C LEU J 38 11.62 45.10 2.80
N CYS J 39 10.30 44.82 2.85
CA CYS J 39 9.59 44.37 1.65
C CYS J 39 9.56 45.49 0.63
N LEU J 40 9.20 46.69 1.07
CA LEU J 40 8.99 47.78 0.11
C LEU J 40 10.34 48.22 -0.45
N GLY J 41 11.35 48.30 0.41
CA GLY J 41 12.72 48.68 -0.02
C GLY J 41 13.34 47.61 -0.91
N GLY J 42 13.10 46.34 -0.55
CA GLY J 42 13.53 45.17 -1.36
C GLY J 42 12.88 45.22 -2.75
N THR J 43 11.58 45.56 -2.78
CA THR J 43 10.86 45.59 -4.05
C THR J 43 11.46 46.67 -4.91
N LEU J 44 11.73 47.83 -4.30
CA LEU J 44 12.30 48.98 -5.02
C LEU J 44 13.66 48.58 -5.56
N TYR J 45 14.43 47.92 -4.73
CA TYR J 45 15.67 47.51 -5.24
C TYR J 45 15.55 46.47 -6.39
N SER J 46 14.59 45.53 -6.32
CA SER J 46 14.44 44.57 -7.43
C SER J 46 14.00 45.26 -8.71
N LEU J 47 13.16 46.29 -8.63
CA LEU J 47 12.85 47.11 -9.80
C LEU J 47 14.13 47.70 -10.36
N TYR J 48 14.97 48.25 -9.50
CA TYR J 48 16.19 48.88 -9.96
C TYR J 48 17.10 47.86 -10.69
N CYS J 49 17.18 46.64 -10.15
CA CYS J 49 17.92 45.57 -10.74
C CYS J 49 17.37 45.13 -12.11
N LEU J 50 16.04 45.12 -12.26
CA LEU J 50 15.41 44.82 -13.56
C LEU J 50 15.80 45.84 -14.60
N GLY J 51 15.57 47.11 -14.31
CA GLY J 51 15.83 48.14 -15.27
C GLY J 51 17.31 48.14 -15.62
N TRP J 52 18.15 47.85 -14.62
CA TRP J 52 19.57 47.75 -14.90
C TRP J 52 19.91 46.56 -15.80
N ALA J 53 19.21 45.44 -15.62
CA ALA J 53 19.48 44.24 -16.41
C ALA J 53 18.88 44.31 -17.79
N SER J 54 18.01 45.28 -18.00
CA SER J 54 17.25 45.36 -19.25
C SER J 54 18.06 46.00 -20.37
N PHE J 55 19.20 46.61 -20.01
CA PHE J 55 20.10 47.22 -21.01
C PHE J 55 21.35 46.39 -21.14
N PRO J 56 22.00 46.45 -22.32
CA PRO J 56 23.27 45.69 -22.42
C PRO J 56 24.41 46.49 -21.77
N HIS J 57 25.45 45.80 -21.31
CA HIS J 57 26.61 46.49 -20.67
C HIS J 57 27.97 46.14 -21.26
N LYS J 58 29.01 46.31 -20.43
CA LYS J 58 30.40 45.98 -20.79
C LYS J 58 30.73 44.49 -20.55
N ALA K 6 -45.18 56.08 -26.83
CA ALA K 6 -44.75 56.66 -28.16
C ALA K 6 -43.21 56.50 -28.42
N PRO K 7 -42.74 56.73 -29.70
CA PRO K 7 -41.50 56.15 -30.30
C PRO K 7 -40.23 56.14 -29.45
N ASP K 8 -39.52 55.01 -29.45
CA ASP K 8 -38.24 54.93 -28.74
C ASP K 8 -37.10 55.32 -29.69
N PHE K 9 -35.88 55.24 -29.18
CA PHE K 9 -34.71 55.52 -29.96
C PHE K 9 -34.67 54.72 -31.30
N HIS K 10 -35.04 53.43 -31.25
CA HIS K 10 -34.97 52.52 -32.42
C HIS K 10 -36.04 52.84 -33.42
N ASP K 11 -37.14 53.42 -32.92
CA ASP K 11 -38.25 53.86 -33.76
C ASP K 11 -37.90 55.09 -34.57
N LYS K 12 -37.42 56.13 -33.92
CA LYS K 12 -36.91 57.29 -34.63
C LYS K 12 -35.70 56.94 -35.53
N TYR K 13 -34.66 56.32 -34.97
CA TYR K 13 -33.34 56.24 -35.65
C TYR K 13 -32.95 54.93 -36.36
N GLY K 14 -33.64 53.85 -36.08
CA GLY K 14 -33.23 52.53 -36.55
C GLY K 14 -32.85 52.48 -38.02
N ASN K 15 -33.76 52.99 -38.87
CA ASN K 15 -33.64 52.91 -40.33
C ASN K 15 -32.48 53.68 -40.88
N ALA K 16 -32.26 54.84 -40.26
CA ALA K 16 -31.16 55.71 -40.63
C ALA K 16 -29.84 55.01 -40.26
N VAL K 17 -29.75 54.54 -39.00
CA VAL K 17 -28.58 53.76 -38.51
C VAL K 17 -28.33 52.51 -39.34
N LEU K 18 -29.39 51.77 -39.66
CA LEU K 18 -29.23 50.60 -40.51
C LEU K 18 -28.66 50.96 -41.90
N ALA K 19 -29.31 51.90 -42.58
CA ALA K 19 -28.97 52.21 -43.98
C ALA K 19 -27.57 52.73 -44.09
N SER K 20 -27.25 53.68 -43.20
CA SER K 20 -26.01 54.42 -43.28
C SER K 20 -24.77 53.62 -42.74
N GLY K 21 -24.98 52.76 -41.75
CA GLY K 21 -23.98 51.77 -41.27
C GLY K 21 -23.62 50.76 -42.34
N ALA K 22 -24.62 50.20 -43.02
CA ALA K 22 -24.41 49.22 -44.07
C ALA K 22 -23.66 49.84 -45.24
N THR K 23 -24.10 51.04 -45.62
CA THR K 23 -23.52 51.79 -46.73
C THR K 23 -22.08 52.16 -46.45
N PHE K 24 -21.84 52.75 -45.30
CA PHE K 24 -20.46 53.10 -44.94
C PHE K 24 -19.57 51.83 -44.91
N CYS K 25 -20.09 50.73 -44.36
CA CYS K 25 -19.31 49.53 -44.19
C CYS K 25 -18.86 48.97 -45.56
N VAL K 26 -19.82 48.87 -46.49
CA VAL K 26 -19.58 48.35 -47.82
C VAL K 26 -18.63 49.24 -48.67
N ALA K 27 -18.87 50.53 -48.74
CA ALA K 27 -17.97 51.42 -49.43
C ALA K 27 -16.52 51.25 -48.98
N VAL K 28 -16.30 51.33 -47.65
CA VAL K 28 -14.92 51.44 -47.14
C VAL K 28 -14.21 50.10 -47.30
N TRP K 29 -14.91 49.00 -47.08
CA TRP K 29 -14.30 47.72 -47.31
C TRP K 29 -13.92 47.52 -48.75
N VAL K 30 -14.85 47.83 -49.65
CA VAL K 30 -14.62 47.70 -51.11
C VAL K 30 -13.45 48.62 -51.52
N TYR K 31 -13.50 49.85 -51.08
CA TYR K 31 -12.35 50.66 -51.30
C TYR K 31 -11.04 50.02 -50.76
N MET K 32 -11.04 49.55 -49.51
CA MET K 32 -9.79 49.07 -48.91
C MET K 32 -9.28 47.82 -49.63
N ALA K 33 -10.23 46.98 -50.04
CA ALA K 33 -9.85 45.73 -50.64
C ALA K 33 -9.27 45.91 -52.02
N THR K 34 -9.68 46.96 -52.74
CA THR K 34 -9.30 47.04 -54.14
C THR K 34 -8.46 48.26 -54.59
N GLN K 35 -8.39 49.32 -53.81
CA GLN K 35 -7.66 50.53 -54.28
C GLN K 35 -6.33 50.83 -53.62
N ILE K 36 -5.93 50.11 -52.60
CA ILE K 36 -4.72 50.55 -51.85
C ILE K 36 -3.54 49.59 -52.05
N GLY K 37 -3.69 48.67 -53.00
CA GLY K 37 -2.56 47.78 -53.30
C GLY K 37 -2.30 46.62 -52.34
N ILE K 38 -3.33 46.10 -51.68
CA ILE K 38 -3.21 44.85 -50.95
C ILE K 38 -2.99 43.72 -51.96
N GLU K 39 -1.97 42.90 -51.71
CA GLU K 39 -1.72 41.71 -52.51
C GLU K 39 -2.49 40.54 -51.90
N TRP K 40 -3.54 40.16 -52.57
CA TRP K 40 -4.29 39.00 -52.12
C TRP K 40 -3.71 37.71 -52.58
N ASN K 41 -2.92 37.70 -53.67
CA ASN K 41 -2.34 36.47 -54.23
C ASN K 41 -3.45 35.39 -54.51
N PRO K 42 -4.46 35.71 -55.34
CA PRO K 42 -5.47 34.66 -55.67
C PRO K 42 -4.94 33.52 -56.56
N SER K 43 -5.70 32.45 -56.71
CA SER K 43 -5.32 31.34 -57.63
C SER K 43 -4.89 31.90 -59.02
N PRO K 44 -3.69 31.54 -59.49
CA PRO K 44 -3.33 31.81 -60.88
C PRO K 44 -4.26 31.04 -61.89
N VAL K 45 -4.94 30.02 -61.42
CA VAL K 45 -5.71 29.16 -62.29
C VAL K 45 -6.72 29.98 -63.05
N GLY K 46 -6.71 29.83 -64.38
CA GLY K 46 -7.62 30.54 -65.28
C GLY K 46 -7.43 32.05 -65.27
N ARG K 47 -6.36 32.53 -64.68
CA ARG K 47 -6.18 33.96 -64.54
C ARG K 47 -4.83 34.33 -65.17
N VAL K 48 -3.84 33.44 -65.03
CA VAL K 48 -2.46 33.79 -65.36
C VAL K 48 -1.99 32.97 -66.54
N THR K 49 -1.24 33.63 -67.42
CA THR K 49 -0.68 32.97 -68.59
C THR K 49 0.74 32.63 -68.22
N PRO K 50 1.06 31.33 -68.17
CA PRO K 50 2.39 30.87 -67.80
C PRO K 50 3.45 31.35 -68.78
N LYS K 51 4.63 31.71 -68.28
CA LYS K 51 5.72 32.20 -69.12
C LYS K 51 6.95 31.40 -68.86
N GLU K 52 7.70 31.19 -69.91
CA GLU K 52 8.93 30.41 -69.83
C GLU K 52 9.81 30.97 -68.77
N TRP K 53 10.35 30.05 -67.97
CA TRP K 53 11.17 30.42 -66.83
C TRP K 53 12.60 30.01 -67.01
N ARG K 54 12.86 28.87 -67.63
CA ARG K 54 14.21 28.46 -68.02
C ARG K 54 14.86 29.46 -69.01
N HIS L 2 -16.65 51.22 9.83
CA HIS L 2 -16.88 50.18 8.77
C HIS L 2 -16.73 50.72 7.38
N TYR L 3 -16.78 49.83 6.40
CA TYR L 3 -16.54 50.24 5.04
C TYR L 3 -17.83 50.74 4.44
N GLU L 4 -17.71 51.65 3.50
CA GLU L 4 -18.86 52.04 2.69
C GLU L 4 -19.44 50.86 1.91
N GLU L 5 -20.76 50.82 1.81
CA GLU L 5 -21.48 49.73 1.17
C GLU L 5 -22.30 50.33 0.05
N GLY L 6 -22.67 49.54 -0.97
CA GLY L 6 -23.60 50.02 -1.99
C GLY L 6 -22.97 50.44 -3.30
N PRO L 7 -23.78 50.82 -4.28
CA PRO L 7 -23.24 50.94 -5.62
C PRO L 7 -22.16 52.02 -5.70
N GLY L 8 -21.10 51.76 -6.46
CA GLY L 8 -20.00 52.71 -6.56
C GLY L 8 -19.12 52.84 -5.30
N LYS L 9 -19.37 52.03 -4.24
CA LYS L 9 -18.52 52.00 -3.03
C LYS L 9 -17.74 50.74 -2.77
N ASN L 10 -17.95 49.66 -3.54
CA ASN L 10 -17.34 48.35 -3.29
C ASN L 10 -16.28 48.11 -4.34
N ILE L 11 -15.63 49.20 -4.73
CA ILE L 11 -14.57 49.19 -5.75
C ILE L 11 -13.42 50.11 -5.35
N PRO L 12 -12.22 49.82 -5.83
CA PRO L 12 -11.09 50.57 -5.26
C PRO L 12 -10.83 51.87 -6.00
N PHE L 13 -11.66 52.25 -6.96
CA PHE L 13 -11.53 53.51 -7.68
C PHE L 13 -12.80 54.29 -7.50
N SER L 14 -12.71 55.60 -7.69
CA SER L 14 -13.90 56.41 -7.50
C SER L 14 -14.74 56.47 -8.81
N VAL L 15 -16.06 56.38 -8.75
CA VAL L 15 -16.90 56.71 -9.93
C VAL L 15 -17.83 57.93 -9.70
N GLU L 16 -17.42 58.76 -8.76
CA GLU L 16 -18.13 59.97 -8.40
C GLU L 16 -18.11 60.99 -9.57
N ASN L 17 -17.02 61.09 -10.33
CA ASN L 17 -16.99 61.95 -11.53
C ASN L 17 -16.67 61.17 -12.80
N LYS L 18 -17.63 61.15 -13.75
CA LYS L 18 -17.50 60.33 -14.96
C LYS L 18 -16.26 60.71 -15.85
N TRP L 19 -15.86 61.99 -15.84
CA TRP L 19 -14.70 62.45 -16.63
C TRP L 19 -13.39 62.08 -16.02
N ARG L 20 -13.31 62.14 -14.70
CA ARG L 20 -12.17 61.58 -14.00
C ARG L 20 -12.06 60.03 -14.12
N LEU L 21 -13.20 59.35 -13.94
CA LEU L 21 -13.29 57.89 -14.22
C LEU L 21 -12.70 57.57 -15.60
N LEU L 22 -13.16 58.30 -16.62
CA LEU L 22 -12.72 58.08 -18.02
C LEU L 22 -11.18 58.25 -18.18
N ALA L 23 -10.62 59.26 -17.53
CA ALA L 23 -9.19 59.45 -17.59
C ALA L 23 -8.53 58.20 -16.92
N MET L 24 -9.05 57.81 -15.78
CA MET L 24 -8.49 56.68 -15.09
C MET L 24 -8.52 55.40 -15.92
N MET L 25 -9.65 55.11 -16.58
CA MET L 25 -9.84 53.82 -17.26
C MET L 25 -8.89 53.74 -18.42
N THR L 26 -8.77 54.90 -19.02
CA THR L 26 -7.96 55.14 -20.15
C THR L 26 -6.48 55.02 -19.82
N LEU L 27 -6.03 55.54 -18.67
CA LEU L 27 -4.67 55.17 -18.23
C LEU L 27 -4.51 53.69 -17.93
N PHE L 28 -5.53 53.12 -17.28
CA PHE L 28 -5.46 51.74 -16.84
C PHE L 28 -5.44 50.80 -18.06
N PHE L 29 -6.45 50.88 -18.90
CA PHE L 29 -6.52 49.94 -20.02
C PHE L 29 -5.49 50.27 -21.08
N GLY L 30 -5.28 51.55 -21.30
CA GLY L 30 -4.32 51.97 -22.32
C GLY L 30 -2.90 51.57 -21.97
N SER L 31 -2.52 51.65 -20.69
CA SER L 31 -1.12 51.24 -20.35
C SER L 31 -0.95 49.76 -20.65
N GLY L 32 -1.96 48.92 -20.39
CA GLY L 32 -1.75 47.47 -20.64
C GLY L 32 -1.65 47.21 -22.12
N PHE L 33 -2.47 47.90 -22.88
CA PHE L 33 -2.46 47.75 -24.32
C PHE L 33 -1.17 48.25 -24.92
N ALA L 34 -0.66 49.36 -24.39
CA ALA L 34 0.56 49.97 -24.94
C ALA L 34 1.76 49.13 -24.61
N ALA L 35 1.77 48.48 -23.43
CA ALA L 35 3.04 47.83 -22.98
C ALA L 35 3.76 46.94 -23.99
N PRO L 36 3.06 45.99 -24.62
CA PRO L 36 3.83 45.18 -25.57
C PRO L 36 4.47 45.97 -26.71
N PHE L 37 3.84 47.07 -27.15
CA PHE L 37 4.43 47.79 -28.28
C PHE L 37 5.75 48.43 -27.79
N PHE L 38 5.81 48.85 -26.54
CA PHE L 38 7.03 49.42 -25.99
C PHE L 38 8.07 48.39 -25.65
N ILE L 39 7.63 47.17 -25.38
CA ILE L 39 8.59 46.11 -25.13
C ILE L 39 9.22 45.75 -26.51
N VAL L 40 8.39 45.60 -27.57
CA VAL L 40 8.98 45.36 -28.89
C VAL L 40 9.98 46.51 -29.28
N ARG L 41 9.62 47.75 -28.99
CA ARG L 41 10.47 48.87 -29.34
C ARG L 41 11.80 48.72 -28.60
N HIS L 42 11.73 48.47 -27.30
CA HIS L 42 12.90 48.36 -26.47
C HIS L 42 13.77 47.28 -27.03
N GLN L 43 13.21 46.14 -27.43
CA GLN L 43 14.07 45.08 -27.93
C GLN L 43 14.71 45.45 -29.29
N LEU L 44 13.98 46.19 -30.13
CA LEU L 44 14.56 46.60 -31.41
C LEU L 44 15.74 47.58 -31.18
N LEU L 45 15.63 48.47 -30.19
CA LEU L 45 16.58 49.53 -29.98
C LEU L 45 17.78 49.04 -29.23
N LYS L 46 17.67 47.91 -28.52
CA LYS L 46 18.78 47.31 -27.76
C LYS L 46 19.80 46.84 -28.74
N LYS L 47 19.30 46.57 -29.95
CA LYS L 47 20.02 46.08 -31.14
C LYS L 47 19.52 44.69 -31.53
N ILE M 1 -34.31 42.11 -15.67
CA ILE M 1 -33.79 43.05 -14.65
C ILE M 1 -34.50 44.41 -14.80
N THR M 2 -34.85 45.05 -13.70
CA THR M 2 -35.33 46.45 -13.78
C THR M 2 -34.32 47.35 -13.03
N ALA M 3 -34.24 48.59 -13.47
CA ALA M 3 -33.29 49.57 -12.96
C ALA M 3 -33.97 50.94 -12.84
N LYS M 4 -33.45 51.78 -11.94
CA LYS M 4 -33.77 53.19 -11.87
C LYS M 4 -33.23 53.89 -13.10
N PRO M 5 -33.90 55.00 -13.56
CA PRO M 5 -33.28 55.84 -14.62
C PRO M 5 -31.94 56.29 -14.10
N ALA M 6 -31.02 56.63 -15.01
CA ALA M 6 -29.67 57.02 -14.69
C ALA M 6 -29.65 58.12 -13.65
N LYS M 7 -28.76 58.02 -12.66
CA LYS M 7 -28.61 59.13 -11.71
C LYS M 7 -27.89 60.29 -12.38
N THR M 8 -26.97 59.97 -13.28
CA THR M 8 -26.16 60.96 -14.01
C THR M 8 -26.13 60.59 -15.48
N PRO M 9 -27.23 60.86 -16.21
CA PRO M 9 -27.43 60.50 -17.63
C PRO M 9 -26.23 60.90 -18.46
N THR M 10 -25.80 59.99 -19.32
CA THR M 10 -24.70 60.27 -20.22
C THR M 10 -25.38 60.44 -21.58
N SER M 11 -25.34 61.67 -22.10
CA SER M 11 -26.13 62.05 -23.30
C SER M 11 -25.43 61.60 -24.54
N PRO M 12 -26.07 61.74 -25.69
CA PRO M 12 -25.35 61.27 -26.89
C PRO M 12 -24.03 61.98 -27.16
N LYS M 13 -23.97 63.28 -26.86
CA LYS M 13 -22.74 64.04 -27.03
C LYS M 13 -21.69 63.49 -26.08
N GLU M 14 -22.08 63.21 -24.83
CA GLU M 14 -21.12 62.67 -23.84
C GLU M 14 -20.65 61.28 -24.25
N GLN M 15 -21.55 60.45 -24.77
CA GLN M 15 -21.11 59.16 -25.31
C GLN M 15 -20.07 59.30 -26.42
N ALA M 16 -20.33 60.20 -27.37
CA ALA M 16 -19.36 60.48 -28.42
C ALA M 16 -18.01 60.77 -27.86
N ILE M 17 -17.97 61.63 -26.85
CA ILE M 17 -16.69 61.96 -26.24
C ILE M 17 -16.05 60.74 -25.55
N GLY M 18 -16.83 59.96 -24.80
CA GLY M 18 -16.30 58.82 -24.07
C GLY M 18 -15.71 57.82 -25.05
N LEU M 19 -16.48 57.59 -26.11
CA LEU M 19 -16.06 56.65 -27.17
C LEU M 19 -14.74 57.12 -27.87
N SER M 20 -14.68 58.40 -28.22
CA SER M 20 -13.51 58.94 -28.91
C SER M 20 -12.27 58.78 -28.09
N VAL M 21 -12.30 59.24 -26.82
CA VAL M 21 -11.15 59.17 -25.91
C VAL M 21 -10.71 57.70 -25.72
N THR M 22 -11.69 56.80 -25.56
CA THR M 22 -11.40 55.38 -25.33
C THR M 22 -10.64 54.85 -26.53
N PHE M 23 -11.18 55.05 -27.74
CA PHE M 23 -10.54 54.56 -28.96
C PHE M 23 -9.12 55.15 -29.10
N LEU M 24 -8.99 56.46 -28.99
CA LEU M 24 -7.63 57.09 -29.04
C LEU M 24 -6.66 56.57 -27.99
N SER M 25 -7.12 56.20 -26.81
CA SER M 25 -6.10 55.79 -25.83
C SER M 25 -5.47 54.48 -26.24
N PHE M 26 -6.15 53.74 -27.09
CA PHE M 26 -5.65 52.52 -27.63
C PHE M 26 -4.87 52.76 -28.89
N LEU M 27 -5.39 53.64 -29.77
CA LEU M 27 -4.82 53.69 -31.10
C LEU M 27 -3.53 54.53 -31.16
N LEU M 28 -3.41 55.56 -30.34
CA LEU M 28 -2.30 56.53 -30.56
C LEU M 28 -0.95 55.95 -30.19
N PRO M 29 -0.83 55.42 -28.93
CA PRO M 29 0.52 54.97 -28.50
C PRO M 29 0.97 53.81 -29.40
N ALA M 30 0.04 52.87 -29.73
CA ALA M 30 0.31 51.82 -30.72
C ALA M 30 0.66 52.39 -32.09
N GLY M 31 -0.13 53.36 -32.61
CA GLY M 31 0.17 53.93 -33.96
C GLY M 31 1.59 54.58 -33.94
N TRP M 32 1.88 55.29 -32.87
CA TRP M 32 3.17 55.97 -32.73
C TRP M 32 4.33 55.01 -32.83
N VAL M 33 4.23 53.84 -32.15
CA VAL M 33 5.31 52.86 -32.18
C VAL M 33 5.39 52.23 -33.55
N LEU M 34 4.25 51.85 -34.10
CA LEU M 34 4.23 51.13 -35.37
C LEU M 34 4.67 52.06 -36.53
N TYR M 35 4.30 53.32 -36.42
CA TYR M 35 4.67 54.30 -37.41
C TYR M 35 6.18 54.40 -37.46
N HIS M 36 6.85 54.20 -36.33
CA HIS M 36 8.28 54.43 -36.24
C HIS M 36 9.08 53.17 -36.28
N LEU M 37 8.46 52.07 -36.66
CA LEU M 37 9.16 50.80 -36.70
C LEU M 37 10.48 50.90 -37.43
N ASP M 38 10.49 51.45 -38.66
CA ASP M 38 11.73 51.47 -39.49
C ASP M 38 12.88 52.23 -38.84
N ASN M 39 12.56 53.34 -38.16
CA ASN M 39 13.51 54.14 -37.38
C ASN M 39 14.18 53.31 -36.28
N TYR M 40 13.39 52.43 -35.69
CA TYR M 40 13.84 51.48 -34.69
C TYR M 40 14.66 50.38 -35.38
N LYS M 41 14.16 49.90 -36.54
CA LYS M 41 14.82 48.85 -37.35
C LYS M 41 16.18 49.30 -37.89
N LYS M 42 16.36 50.61 -38.01
CA LYS M 42 17.67 51.20 -38.29
C LYS M 42 18.37 51.49 -36.93
N SER M 43 18.62 50.41 -36.19
CA SER M 43 19.32 50.46 -34.92
C SER M 43 20.76 50.02 -35.12
N FME N 1 -25.53 -39.32 27.17
CN FME N 1 -24.92 -39.17 25.99
O1 FME N 1 -25.19 -39.82 25.00
CA FME N 1 -24.97 -38.43 28.18
CB FME N 1 -25.41 -38.67 29.62
CG FME N 1 -25.54 -37.36 30.42
SD FME N 1 -26.49 -36.14 29.54
CE FME N 1 -27.30 -35.18 30.79
C FME N 1 -23.48 -38.48 27.99
O FME N 1 -22.88 -37.42 27.89
N PHE N 2 -22.92 -39.68 27.89
CA PHE N 2 -21.49 -39.87 27.64
C PHE N 2 -21.06 -39.36 26.27
N ILE N 3 -21.91 -39.60 25.28
CA ILE N 3 -21.60 -39.12 23.95
C ILE N 3 -21.69 -37.61 23.91
N ASN N 4 -22.76 -37.05 24.49
CA ASN N 4 -22.96 -35.63 24.48
C ASN N 4 -21.79 -34.89 25.08
N ARG N 5 -21.31 -35.36 26.22
CA ARG N 5 -20.27 -34.65 26.92
C ARG N 5 -18.91 -34.84 26.21
N TRP N 6 -18.58 -36.06 25.80
CA TRP N 6 -17.24 -36.34 25.35
C TRP N 6 -16.96 -36.33 23.87
N LEU N 7 -17.99 -36.31 23.06
CA LEU N 7 -17.83 -36.28 21.60
C LEU N 7 -18.41 -34.97 21.02
N PHE N 8 -19.36 -34.37 21.73
CA PHE N 8 -20.09 -33.19 21.29
C PHE N 8 -19.72 -31.96 22.14
N SER N 9 -18.55 -32.00 22.78
CA SER N 9 -18.25 -31.02 23.83
C SER N 9 -18.21 -29.60 23.31
N THR N 10 -18.64 -28.66 24.13
CA THR N 10 -18.30 -27.24 23.89
C THR N 10 -17.73 -26.66 25.19
N ASN N 11 -16.94 -27.50 25.89
CA ASN N 11 -16.37 -27.11 27.19
C ASN N 11 -14.82 -27.11 27.18
N HIS N 12 -14.22 -25.97 27.52
CA HIS N 12 -12.75 -25.85 27.49
C HIS N 12 -11.99 -26.78 28.39
N LYS N 13 -12.56 -27.08 29.55
CA LYS N 13 -11.91 -28.03 30.43
C LYS N 13 -11.95 -29.48 29.86
N ASP N 14 -13.16 -29.96 29.47
CA ASP N 14 -13.28 -31.29 28.86
C ASP N 14 -12.44 -31.47 27.60
N ILE N 15 -12.47 -30.46 26.75
CA ILE N 15 -11.56 -30.47 25.59
C ILE N 15 -10.09 -30.48 26.02
N GLY N 16 -9.75 -29.63 27.01
CA GLY N 16 -8.34 -29.62 27.54
C GLY N 16 -7.99 -31.05 27.91
N THR N 17 -8.88 -31.67 28.67
CA THR N 17 -8.65 -33.06 29.15
C THR N 17 -8.47 -34.11 28.00
N LEU N 18 -9.27 -33.98 26.92
CA LEU N 18 -9.15 -34.83 25.76
C LEU N 18 -7.74 -34.67 25.10
N TYR N 19 -7.28 -33.42 24.94
CA TYR N 19 -5.88 -33.20 24.47
C TYR N 19 -4.85 -33.87 25.35
N LEU N 20 -4.99 -33.71 26.67
CA LEU N 20 -3.98 -34.32 27.60
C LEU N 20 -3.93 -35.84 27.36
N LEU N 21 -5.12 -36.43 27.19
CA LEU N 21 -5.27 -37.86 26.99
C LEU N 21 -4.68 -38.33 25.65
N PHE N 22 -4.94 -37.53 24.62
CA PHE N 22 -4.46 -37.83 23.29
C PHE N 22 -2.93 -37.77 23.22
N GLY N 23 -2.38 -36.67 23.77
CA GLY N 23 -0.93 -36.45 23.84
C GLY N 23 -0.16 -37.49 24.66
N ALA N 24 -0.73 -37.88 25.78
CA ALA N 24 -0.13 -38.98 26.53
C ALA N 24 -0.01 -40.29 25.73
N TRP N 25 -1.08 -40.68 25.05
CA TRP N 25 -1.04 -41.87 24.24
C TRP N 25 0.02 -41.71 23.13
N ALA N 26 -0.03 -40.56 22.43
CA ALA N 26 0.96 -40.27 21.38
C ALA N 26 2.38 -40.36 21.90
N GLY N 27 2.62 -39.83 23.11
CA GLY N 27 3.91 -39.89 23.72
C GLY N 27 4.39 -41.32 23.85
N MET N 28 3.53 -42.20 24.39
CA MET N 28 3.75 -43.64 24.32
C MET N 28 4.23 -44.12 22.96
N VAL N 29 3.52 -43.70 21.89
CA VAL N 29 3.94 -44.07 20.54
C VAL N 29 5.31 -43.54 20.18
N GLY N 30 5.56 -42.26 20.53
CA GLY N 30 6.81 -41.56 20.24
C GLY N 30 7.97 -42.18 20.97
N THR N 31 7.72 -42.57 22.23
CA THR N 31 8.79 -43.17 23.07
C THR N 31 9.26 -44.54 22.51
N ALA N 32 8.29 -45.39 22.28
CA ALA N 32 8.56 -46.64 21.58
C ALA N 32 9.42 -46.44 20.32
N LEU N 33 9.01 -45.49 19.45
CA LEU N 33 9.83 -45.18 18.28
C LEU N 33 11.28 -44.82 18.69
N SER N 34 11.44 -44.02 19.75
CA SER N 34 12.79 -43.58 20.12
C SER N 34 13.62 -44.78 20.59
N LEU N 35 12.97 -45.73 21.24
CA LEU N 35 13.65 -46.94 21.71
C LEU N 35 14.05 -47.80 20.55
N LEU N 36 13.27 -47.75 19.46
CA LEU N 36 13.62 -48.59 18.32
C LEU N 36 14.89 -48.04 17.69
N ILE N 37 14.99 -46.71 17.70
CA ILE N 37 16.12 -46.00 17.11
C ILE N 37 17.37 -46.42 17.87
N ARG N 38 17.29 -46.34 19.19
CA ARG N 38 18.48 -46.59 20.00
C ARG N 38 18.82 -48.10 20.08
N ALA N 39 17.79 -48.96 19.88
CA ALA N 39 18.00 -50.42 19.76
C ALA N 39 18.80 -50.71 18.49
N GLU N 40 18.40 -50.07 17.40
CA GLU N 40 19.18 -50.19 16.16
C GLU N 40 20.64 -49.75 16.28
N LEU N 41 20.90 -48.67 17.03
CA LEU N 41 22.24 -48.08 17.17
C LEU N 41 22.98 -48.60 18.41
N GLY N 42 22.27 -49.36 19.25
CA GLY N 42 22.85 -49.92 20.47
C GLY N 42 24.15 -50.71 20.34
N GLN N 43 24.32 -51.41 19.21
CA GLN N 43 25.58 -51.99 18.82
C GLN N 43 25.80 -51.89 17.31
N PRO N 44 27.07 -51.99 16.89
CA PRO N 44 27.42 -51.99 15.47
C PRO N 44 26.67 -53.07 14.67
N GLY N 45 26.37 -52.78 13.42
CA GLY N 45 25.69 -53.75 12.60
C GLY N 45 24.23 -53.37 12.53
N THR N 46 23.44 -54.23 11.95
CA THR N 46 22.06 -53.96 11.74
C THR N 46 21.17 -54.84 12.58
N LEU N 47 20.18 -54.23 13.22
CA LEU N 47 19.20 -54.94 14.02
C LEU N 47 17.98 -55.22 13.16
N LEU N 48 17.50 -54.19 12.47
CA LEU N 48 16.26 -54.26 11.72
C LEU N 48 16.42 -54.98 10.39
N GLY N 49 17.63 -54.95 9.83
CA GLY N 49 17.93 -55.57 8.54
C GLY N 49 17.44 -54.77 7.35
N ASP N 50 16.65 -53.75 7.61
CA ASP N 50 16.08 -52.90 6.58
C ASP N 50 16.19 -51.38 6.92
N ASP N 51 17.09 -50.67 6.25
CA ASP N 51 17.26 -49.30 6.64
C ASP N 51 16.12 -48.41 6.20
N GLN N 52 15.38 -48.84 5.19
CA GLN N 52 14.18 -48.08 4.86
C GLN N 52 13.27 -48.02 6.10
N ILE N 53 13.05 -49.16 6.73
CA ILE N 53 12.20 -49.21 7.91
C ILE N 53 12.86 -48.32 8.99
N TYR N 54 14.19 -48.33 9.11
CA TYR N 54 14.84 -47.45 10.11
C TYR N 54 14.55 -46.00 9.77
N ASN N 55 14.69 -45.65 8.48
CA ASN N 55 14.35 -44.28 8.04
C ASN N 55 12.92 -43.95 8.35
N VAL N 56 11.99 -44.90 8.14
CA VAL N 56 10.58 -44.66 8.45
C VAL N 56 10.44 -44.40 9.96
N VAL N 57 11.29 -45.00 10.77
CA VAL N 57 11.04 -44.99 12.20
C VAL N 57 11.46 -43.60 12.75
N VAL N 58 12.54 -43.07 12.19
CA VAL N 58 13.14 -41.78 12.60
C VAL N 58 12.13 -40.71 12.27
N THR N 59 11.57 -40.81 11.05
CA THR N 59 10.64 -39.85 10.51
C THR N 59 9.41 -39.82 11.39
N ALA N 60 8.85 -40.99 11.71
CA ALA N 60 7.62 -41.02 12.50
C ALA N 60 7.88 -40.51 13.93
N HIS N 61 8.99 -40.91 14.50
CA HIS N 61 9.37 -40.43 15.84
C HIS N 61 9.25 -38.92 15.91
N ALA N 62 9.82 -38.25 14.93
CA ALA N 62 9.81 -36.80 14.99
C ALA N 62 8.37 -36.25 14.85
N PHE N 63 7.67 -36.66 13.79
CA PHE N 63 6.28 -36.25 13.68
C PHE N 63 5.49 -36.52 14.91
N VAL N 64 5.57 -37.74 15.46
CA VAL N 64 4.77 -38.03 16.66
C VAL N 64 5.10 -37.09 17.85
N MET N 65 6.38 -37.04 18.23
CA MET N 65 6.76 -36.16 19.33
C MET N 65 6.34 -34.72 19.08
N ILE N 66 6.55 -34.21 17.86
CA ILE N 66 6.28 -32.78 17.66
C ILE N 66 4.78 -32.49 17.54
N PHE N 67 4.15 -33.04 16.52
CA PHE N 67 2.75 -32.63 16.28
C PHE N 67 1.74 -33.36 17.12
N PHE N 68 2.08 -34.53 17.62
CA PHE N 68 1.05 -35.29 18.33
C PHE N 68 1.23 -35.39 19.84
N MET N 69 2.47 -35.11 20.30
CA MET N 69 2.69 -35.11 21.77
C MET N 69 2.73 -33.66 22.28
N VAL N 70 3.80 -32.93 21.92
CA VAL N 70 4.07 -31.63 22.57
C VAL N 70 3.03 -30.54 22.30
N MET N 71 2.58 -30.42 21.05
CA MET N 71 1.68 -29.32 20.70
C MET N 71 0.36 -29.59 21.33
N PRO N 72 -0.16 -30.84 21.18
CA PRO N 72 -1.46 -31.12 21.82
C PRO N 72 -1.46 -30.96 23.33
N ILE N 73 -0.35 -31.32 23.98
CA ILE N 73 -0.30 -31.23 25.46
C ILE N 73 -0.22 -29.76 25.91
N MET N 74 0.70 -29.03 25.33
CA MET N 74 0.98 -27.66 25.75
C MET N 74 -0.03 -26.60 25.37
N ILE N 75 -0.46 -26.68 24.11
CA ILE N 75 -1.45 -25.72 23.59
C ILE N 75 -2.91 -26.28 23.73
N GLY N 76 -3.14 -27.49 23.23
CA GLY N 76 -4.43 -28.13 23.42
C GLY N 76 -4.85 -28.33 24.88
N GLY N 77 -4.03 -29.03 25.67
CA GLY N 77 -4.39 -29.40 27.03
C GLY N 77 -4.20 -28.30 28.05
N PHE N 78 -2.93 -27.92 28.26
CA PHE N 78 -2.65 -26.85 29.25
C PHE N 78 -3.29 -25.55 28.84
N GLY N 79 -3.24 -25.19 27.55
CA GLY N 79 -3.90 -23.95 27.05
C GLY N 79 -5.43 -23.88 27.23
N ASN N 80 -6.17 -24.90 26.74
CA ASN N 80 -7.65 -24.95 27.02
C ASN N 80 -8.07 -24.95 28.53
N TRP N 81 -7.33 -25.73 29.34
CA TRP N 81 -7.65 -25.81 30.73
C TRP N 81 -7.37 -24.46 31.38
N LEU N 82 -6.17 -23.90 31.15
CA LEU N 82 -5.68 -22.83 32.01
C LEU N 82 -6.02 -21.45 31.56
N VAL N 83 -6.01 -21.19 30.24
CA VAL N 83 -6.21 -19.79 29.74
C VAL N 83 -7.49 -19.12 30.23
N PRO N 84 -8.65 -19.80 30.04
CA PRO N 84 -9.90 -19.14 30.40
C PRO N 84 -9.97 -18.96 31.91
N LEU N 85 -9.38 -19.89 32.68
CA LEU N 85 -9.36 -19.77 34.13
C LEU N 85 -8.44 -18.62 34.64
N MET N 86 -7.32 -18.36 33.96
CA MET N 86 -6.39 -17.31 34.38
C MET N 86 -6.90 -15.92 34.09
N ILE N 87 -7.93 -15.84 33.24
CA ILE N 87 -8.43 -14.52 32.82
C ILE N 87 -9.93 -14.35 33.16
N GLY N 88 -10.53 -15.37 33.76
CA GLY N 88 -11.88 -15.25 34.29
C GLY N 88 -12.91 -15.33 33.19
N ALA N 89 -12.59 -16.03 32.09
CA ALA N 89 -13.50 -16.13 30.97
C ALA N 89 -14.35 -17.39 31.15
N PRO N 90 -15.61 -17.32 30.74
CA PRO N 90 -16.59 -18.44 30.88
C PRO N 90 -16.26 -19.71 30.04
N ASP N 91 -15.61 -19.51 28.89
CA ASP N 91 -15.10 -20.56 27.99
C ASP N 91 -14.26 -19.84 26.90
N MET N 92 -13.85 -20.56 25.86
CA MET N 92 -13.19 -20.00 24.74
C MET N 92 -14.19 -19.17 23.92
N ALA N 93 -13.70 -18.40 22.96
CA ALA N 93 -14.54 -17.51 22.16
C ALA N 93 -15.36 -18.37 21.24
N PHE N 94 -14.73 -19.41 20.69
CA PHE N 94 -15.42 -20.26 19.73
C PHE N 94 -15.41 -21.71 20.22
N PRO N 95 -16.40 -22.06 21.06
CA PRO N 95 -16.38 -23.27 21.86
C PRO N 95 -16.64 -24.46 20.99
N ARG N 96 -17.46 -24.26 19.96
CA ARG N 96 -17.76 -25.35 19.07
C ARG N 96 -16.54 -25.51 18.09
N MET N 97 -16.03 -24.40 17.55
CA MET N 97 -14.85 -24.55 16.68
C MET N 97 -13.68 -25.29 17.41
N ASN N 98 -13.54 -24.99 18.70
CA ASN N 98 -12.50 -25.55 19.56
C ASN N 98 -12.56 -27.07 19.58
N ASN N 99 -13.78 -27.60 19.65
CA ASN N 99 -13.95 -29.08 19.58
C ASN N 99 -13.46 -29.69 18.27
N MET N 100 -13.65 -28.95 17.16
CA MET N 100 -13.08 -29.48 15.92
C MET N 100 -11.54 -29.50 15.92
N SER N 101 -10.88 -28.51 16.55
CA SER N 101 -9.44 -28.51 16.53
C SER N 101 -9.01 -29.79 17.16
N PHE N 102 -9.69 -30.19 18.24
CA PHE N 102 -9.34 -31.47 18.87
C PHE N 102 -9.57 -32.67 17.93
N TRP N 103 -10.82 -32.85 17.43
CA TRP N 103 -11.20 -34.04 16.61
C TRP N 103 -10.44 -34.15 15.33
N LEU N 104 -9.90 -33.05 14.81
CA LEU N 104 -9.00 -33.14 13.66
C LEU N 104 -7.78 -34.02 13.96
N LEU N 105 -7.38 -34.10 15.24
CA LEU N 105 -6.14 -34.83 15.62
C LEU N 105 -6.19 -36.39 15.51
N PRO N 106 -7.24 -37.04 16.04
CA PRO N 106 -7.18 -38.53 15.81
C PRO N 106 -7.13 -38.91 14.32
N PRO N 107 -7.93 -38.23 13.45
CA PRO N 107 -7.76 -38.55 12.02
C PRO N 107 -6.32 -38.24 11.48
N SER N 108 -5.74 -37.11 11.93
CA SER N 108 -4.44 -36.73 11.42
C SER N 108 -3.44 -37.85 11.77
N PHE N 109 -3.54 -38.33 13.00
CA PHE N 109 -2.64 -39.34 13.49
C PHE N 109 -2.84 -40.65 12.72
N LEU N 110 -4.11 -41.06 12.56
CA LEU N 110 -4.47 -42.25 11.76
C LEU N 110 -3.79 -42.15 10.40
N LEU N 111 -3.92 -41.00 9.75
CA LEU N 111 -3.25 -40.84 8.47
C LEU N 111 -1.71 -41.10 8.57
N LEU N 112 -1.07 -40.57 9.61
CA LEU N 112 0.37 -40.75 9.80
C LEU N 112 0.78 -42.25 9.99
N LEU N 113 0.02 -42.95 10.80
CA LEU N 113 0.20 -44.36 10.97
C LEU N 113 -0.06 -45.11 9.65
N ALA N 114 -1.19 -44.88 9.02
CA ALA N 114 -1.40 -45.46 7.71
C ALA N 114 -0.16 -45.30 6.79
N SER N 115 0.55 -44.16 6.85
CA SER N 115 1.64 -43.94 5.88
C SER N 115 2.76 -44.98 6.09
N SER N 116 2.96 -45.39 7.34
CA SER N 116 3.97 -46.39 7.63
C SER N 116 3.42 -47.81 7.42
N MET N 117 2.11 -47.97 7.31
CA MET N 117 1.51 -49.32 7.05
C MET N 117 1.61 -49.64 5.58
N VAL N 118 1.23 -48.68 4.73
CA VAL N 118 1.18 -48.90 3.29
C VAL N 118 2.56 -48.79 2.62
N GLU N 119 2.72 -49.50 1.50
CA GLU N 119 3.98 -49.56 0.78
C GLU N 119 5.14 -49.77 1.75
N ALA N 120 6.24 -49.03 1.53
CA ALA N 120 7.43 -49.16 2.40
C ALA N 120 7.58 -47.99 3.45
N GLY N 121 6.47 -47.31 3.73
CA GLY N 121 6.45 -46.11 4.55
C GLY N 121 7.15 -44.84 4.00
N ALA N 122 6.94 -43.74 4.72
CA ALA N 122 7.68 -42.50 4.42
C ALA N 122 9.02 -42.44 5.20
N GLY N 123 10.08 -42.87 4.53
CA GLY N 123 11.39 -42.84 5.15
C GLY N 123 12.18 -41.64 4.68
N THR N 124 11.73 -40.42 5.06
CA THR N 124 12.24 -39.19 4.41
C THR N 124 13.00 -38.22 5.37
N GLY N 125 12.99 -38.52 6.66
CA GLY N 125 13.24 -37.47 7.68
C GLY N 125 12.02 -36.56 7.75
N TRP N 126 11.84 -35.89 8.90
CA TRP N 126 10.62 -35.08 9.12
C TRP N 126 10.59 -33.80 8.30
N THR N 127 11.69 -33.51 7.59
CA THR N 127 11.72 -32.34 6.72
C THR N 127 11.11 -32.58 5.31
N VAL N 128 10.88 -33.86 4.98
CA VAL N 128 10.28 -34.33 3.73
C VAL N 128 10.85 -33.64 2.48
N TYR N 129 12.18 -33.46 2.42
CA TYR N 129 12.77 -32.82 1.23
C TYR N 129 12.54 -33.60 -0.08
N PRO N 130 12.12 -32.91 -1.17
CA PRO N 130 12.25 -33.50 -2.47
C PRO N 130 13.71 -33.41 -2.90
N PRO N 131 14.16 -34.27 -3.84
CA PRO N 131 13.38 -35.28 -4.59
C PRO N 131 13.22 -36.59 -3.88
N LEU N 132 13.92 -36.81 -2.75
CA LEU N 132 13.72 -38.06 -1.98
C LEU N 132 12.24 -38.24 -1.63
N ALA N 133 11.61 -37.16 -1.16
CA ALA N 133 10.15 -37.20 -0.96
C ALA N 133 9.27 -37.27 -2.24
N GLY N 134 9.88 -37.24 -3.42
CA GLY N 134 9.13 -37.08 -4.71
C GLY N 134 8.59 -38.42 -5.21
N ASN N 135 7.93 -38.41 -6.36
CA ASN N 135 7.11 -39.58 -6.75
C ASN N 135 7.91 -40.68 -7.45
N LEU N 136 9.19 -40.41 -7.75
CA LEU N 136 10.16 -41.43 -8.15
C LEU N 136 10.91 -42.08 -6.97
N ALA N 137 11.46 -41.32 -6.00
CA ALA N 137 12.23 -42.01 -4.92
C ALA N 137 11.31 -42.45 -3.79
N HIS N 138 10.08 -41.96 -3.83
CA HIS N 138 9.03 -42.40 -2.90
C HIS N 138 7.70 -42.60 -3.58
N ALA N 139 7.73 -43.42 -4.63
CA ALA N 139 6.55 -43.82 -5.34
C ALA N 139 5.54 -44.43 -4.35
N GLY N 140 4.28 -44.15 -4.56
CA GLY N 140 3.21 -44.77 -3.82
C GLY N 140 2.62 -43.76 -2.85
N ALA N 141 1.63 -44.20 -2.09
CA ALA N 141 0.85 -43.35 -1.24
C ALA N 141 1.54 -42.85 0.08
N SER N 142 2.60 -43.49 0.57
CA SER N 142 3.12 -43.15 1.92
C SER N 142 3.40 -41.63 2.09
N VAL N 143 4.11 -41.03 1.16
CA VAL N 143 4.42 -39.62 1.36
C VAL N 143 3.14 -38.77 1.27
N ASP N 144 2.22 -39.14 0.35
CA ASP N 144 0.94 -38.44 0.30
C ASP N 144 0.12 -38.53 1.59
N LEU N 145 0.10 -39.70 2.20
CA LEU N 145 -0.65 -39.86 3.44
C LEU N 145 -0.02 -38.93 4.50
N THR N 146 1.31 -38.88 4.48
CA THR N 146 2.02 -38.00 5.42
C THR N 146 1.71 -36.54 5.15
N ILE N 147 1.63 -36.16 3.87
CA ILE N 147 1.21 -34.80 3.55
C ILE N 147 -0.19 -34.50 4.13
N PHE N 148 -1.09 -35.46 4.02
CA PHE N 148 -2.43 -35.11 4.39
C PHE N 148 -2.57 -35.05 5.88
N SER N 149 -1.85 -35.91 6.58
CA SER N 149 -1.77 -35.82 8.01
C SER N 149 -1.29 -34.37 8.48
N LEU N 150 -0.24 -33.77 7.87
CA LEU N 150 0.17 -32.39 8.23
C LEU N 150 -0.90 -31.33 7.92
N HIS N 151 -1.59 -31.45 6.77
CA HIS N 151 -2.74 -30.59 6.46
C HIS N 151 -3.76 -30.57 7.58
N LEU N 152 -4.22 -31.77 8.03
CA LEU N 152 -5.24 -31.86 9.10
C LEU N 152 -4.73 -31.29 10.42
N ALA N 153 -3.48 -31.58 10.75
CA ALA N 153 -2.89 -31.07 12.01
C ALA N 153 -2.64 -29.56 11.86
N GLY N 154 -2.31 -29.15 10.64
CA GLY N 154 -2.18 -27.75 10.32
C GLY N 154 -3.46 -26.99 10.50
N VAL N 155 -4.59 -27.53 9.99
CA VAL N 155 -5.90 -26.85 10.09
C VAL N 155 -6.28 -26.71 11.57
N SER N 156 -6.07 -27.78 12.32
CA SER N 156 -6.44 -27.81 13.71
C SER N 156 -5.74 -26.66 14.53
N SER N 157 -4.44 -26.47 14.33
CA SER N 157 -3.63 -25.39 14.99
C SER N 157 -3.98 -23.97 14.56
N ILE N 158 -4.08 -23.72 13.26
CA ILE N 158 -4.69 -22.44 12.73
C ILE N 158 -5.99 -22.08 13.43
N LEU N 159 -6.97 -23.00 13.45
CA LEU N 159 -8.24 -22.70 14.15
C LEU N 159 -7.95 -22.49 15.65
N GLY N 160 -7.16 -23.41 16.22
CA GLY N 160 -6.81 -23.28 17.58
C GLY N 160 -6.27 -21.88 17.79
N ALA N 161 -5.42 -21.41 16.87
CA ALA N 161 -4.69 -20.13 17.14
C ALA N 161 -5.66 -18.92 17.13
N ILE N 162 -6.61 -19.02 16.22
CA ILE N 162 -7.67 -18.02 16.06
C ILE N 162 -8.48 -17.94 17.34
N ASN N 163 -8.92 -19.11 17.82
CA ASN N 163 -9.64 -19.23 19.08
C ASN N 163 -8.79 -18.56 20.27
N PHE N 164 -7.52 -18.98 20.37
CA PHE N 164 -6.73 -18.49 21.52
C PHE N 164 -6.59 -17.00 21.40
N ILE N 165 -6.31 -16.49 20.18
CA ILE N 165 -5.92 -15.04 20.10
C ILE N 165 -7.12 -14.21 20.48
N THR N 166 -8.28 -14.68 19.98
CA THR N 166 -9.52 -13.99 20.22
C THR N 166 -10.02 -14.05 21.65
N THR N 167 -10.01 -15.24 22.23
CA THR N 167 -10.33 -15.34 23.67
C THR N 167 -9.45 -14.38 24.53
N ILE N 168 -8.14 -14.41 24.26
CA ILE N 168 -7.21 -13.70 25.14
C ILE N 168 -7.44 -12.20 24.95
N ILE N 169 -7.58 -11.77 23.73
CA ILE N 169 -7.93 -10.36 23.45
C ILE N 169 -9.32 -9.89 23.91
N ASN N 170 -10.35 -10.71 23.74
CA ASN N 170 -11.71 -10.19 23.79
C ASN N 170 -12.37 -10.57 25.06
N MET N 171 -11.86 -11.58 25.77
CA MET N 171 -12.67 -12.09 26.90
C MET N 171 -12.04 -11.87 28.33
N LYS N 172 -11.27 -10.82 28.47
CA LYS N 172 -10.78 -10.45 29.79
C LYS N 172 -11.82 -9.62 30.53
N PRO N 173 -11.75 -9.54 31.88
CA PRO N 173 -12.64 -8.60 32.55
C PRO N 173 -12.34 -7.23 31.99
N PRO N 174 -13.38 -6.40 31.79
CA PRO N 174 -13.15 -5.18 31.05
C PRO N 174 -12.15 -4.23 31.72
N ALA N 175 -12.02 -4.28 33.03
CA ALA N 175 -11.02 -3.43 33.65
C ALA N 175 -9.57 -3.91 33.43
N MET N 176 -9.39 -5.16 33.02
CA MET N 176 -8.04 -5.72 32.93
C MET N 176 -7.29 -5.47 31.60
N SER N 177 -6.12 -4.80 31.66
CA SER N 177 -5.35 -4.70 30.47
C SER N 177 -4.50 -5.92 30.17
N GLN N 178 -3.89 -5.91 29.00
CA GLN N 178 -3.03 -6.98 28.57
C GLN N 178 -1.85 -7.14 29.49
N TYR N 179 -1.44 -6.03 30.10
CA TYR N 179 -0.27 -5.95 31.03
C TYR N 179 -0.60 -6.39 32.46
N GLN N 180 -1.82 -6.85 32.66
CA GLN N 180 -2.17 -7.60 33.87
C GLN N 180 -2.55 -9.06 33.62
N THR N 181 -2.22 -9.62 32.46
CA THR N 181 -2.47 -11.01 32.24
C THR N 181 -1.26 -11.85 32.68
N PRO N 182 -1.53 -13.00 33.26
CA PRO N 182 -0.39 -13.81 33.68
C PRO N 182 0.46 -14.22 32.48
N LEU N 183 1.73 -14.53 32.78
CA LEU N 183 2.70 -14.84 31.74
C LEU N 183 2.35 -16.09 30.92
N PHE N 184 1.69 -17.08 31.55
CA PHE N 184 1.37 -18.28 30.79
C PHE N 184 0.41 -17.82 29.66
N VAL N 185 -0.55 -16.94 29.97
CA VAL N 185 -1.51 -16.44 28.95
C VAL N 185 -0.79 -15.67 27.84
N TRP N 186 0.18 -14.78 28.20
CA TRP N 186 1.05 -14.24 27.17
C TRP N 186 1.73 -15.22 26.29
N SER N 187 2.18 -16.33 26.85
CA SER N 187 3.02 -17.19 26.03
C SER N 187 2.14 -17.94 24.99
N VAL N 188 0.87 -18.18 25.32
CA VAL N 188 -0.04 -18.88 24.42
C VAL N 188 -0.50 -17.95 23.28
N MET N 189 -0.90 -16.75 23.67
CA MET N 189 -1.16 -15.68 22.71
C MET N 189 -0.07 -15.57 21.66
N ILE N 190 1.16 -15.34 22.16
CA ILE N 190 2.27 -15.21 21.24
C ILE N 190 2.51 -16.47 20.37
N THR N 191 2.53 -17.65 21.01
CA THR N 191 2.58 -18.93 20.29
C THR N 191 1.46 -19.00 19.23
N ALA N 192 0.26 -18.54 19.57
CA ALA N 192 -0.87 -18.56 18.64
C ALA N 192 -0.53 -17.65 17.45
N VAL N 193 0.00 -16.47 17.72
CA VAL N 193 0.36 -15.60 16.61
C VAL N 193 1.39 -16.31 15.71
N LEU N 194 2.38 -16.97 16.27
CA LEU N 194 3.34 -17.63 15.40
C LEU N 194 2.72 -18.81 14.60
N LEU N 195 1.77 -19.50 15.21
CA LEU N 195 1.09 -20.56 14.54
C LEU N 195 0.38 -19.99 13.35
N LEU N 196 -0.31 -18.88 13.55
CA LEU N 196 -1.18 -18.36 12.48
C LEU N 196 -0.34 -17.92 11.30
N LEU N 197 0.87 -17.40 11.55
CA LEU N 197 1.71 -16.94 10.42
C LEU N 197 2.59 -18.02 9.81
N SER N 198 2.89 -19.09 10.54
CA SER N 198 3.80 -20.04 9.93
C SER N 198 3.16 -21.22 9.26
N LEU N 199 2.02 -21.73 9.78
CA LEU N 199 1.48 -22.99 9.29
C LEU N 199 1.00 -22.85 7.82
N PRO N 200 0.42 -21.68 7.49
CA PRO N 200 0.02 -21.40 6.10
C PRO N 200 1.14 -21.55 5.10
N VAL N 201 2.36 -21.23 5.51
CA VAL N 201 3.46 -21.26 4.56
C VAL N 201 3.86 -22.75 4.40
N LEU N 202 3.89 -23.49 5.50
CA LEU N 202 4.04 -24.93 5.46
C LEU N 202 2.90 -25.58 4.59
N ALA N 203 1.64 -25.21 4.80
CA ALA N 203 0.51 -25.74 3.99
C ALA N 203 0.82 -25.45 2.54
N ALA N 204 1.35 -24.26 2.24
CA ALA N 204 1.54 -23.97 0.82
C ALA N 204 2.63 -24.89 0.27
N GLY N 205 3.75 -24.97 0.98
CA GLY N 205 4.87 -25.74 0.53
C GLY N 205 4.54 -27.20 0.41
N ILE N 206 3.84 -27.80 1.37
CA ILE N 206 3.58 -29.24 1.20
C ILE N 206 2.49 -29.45 0.10
N THR N 207 1.70 -28.41 -0.22
CA THR N 207 0.71 -28.61 -1.26
C THR N 207 1.45 -28.73 -2.59
N MET N 208 2.57 -28.02 -2.68
CA MET N 208 3.30 -27.95 -3.92
C MET N 208 4.02 -29.27 -4.12
N LEU N 209 4.50 -29.84 -3.02
CA LEU N 209 5.03 -31.19 -3.05
C LEU N 209 3.92 -32.21 -3.52
N LEU N 210 2.71 -32.04 -3.00
CA LEU N 210 1.59 -32.91 -3.42
C LEU N 210 1.29 -32.83 -4.93
N THR N 211 1.32 -31.61 -5.47
CA THR N 211 1.06 -31.47 -6.88
C THR N 211 2.27 -31.92 -7.70
N ASP N 212 3.49 -31.70 -7.19
CA ASP N 212 4.65 -32.29 -7.86
C ASP N 212 4.54 -33.82 -7.97
N ARG N 213 3.98 -34.44 -6.94
CA ARG N 213 3.92 -35.88 -6.87
C ARG N 213 2.69 -36.39 -7.67
N ASN N 214 1.66 -35.60 -7.82
CA ASN N 214 0.44 -36.16 -8.36
C ASN N 214 -0.15 -35.38 -9.52
N LEU N 215 0.23 -34.14 -9.72
CA LEU N 215 -0.38 -33.44 -10.83
C LEU N 215 0.60 -32.96 -11.88
N ASN N 216 1.83 -33.51 -11.87
CA ASN N 216 2.85 -33.13 -12.86
C ASN N 216 3.28 -31.68 -12.78
N THR N 217 3.09 -31.07 -11.62
CA THR N 217 3.73 -29.77 -11.43
C THR N 217 5.22 -30.05 -11.27
N THR N 218 6.06 -29.04 -11.50
CA THR N 218 7.48 -29.23 -11.23
C THR N 218 8.01 -28.05 -10.34
N PHE N 219 7.37 -27.83 -9.20
CA PHE N 219 7.82 -26.75 -8.36
C PHE N 219 9.26 -27.07 -7.92
N PHE N 220 9.53 -28.34 -7.65
CA PHE N 220 10.83 -28.68 -7.04
C PHE N 220 11.66 -29.59 -7.93
N ASP N 221 11.15 -29.87 -9.15
CA ASP N 221 11.84 -30.72 -10.10
C ASP N 221 12.66 -29.87 -11.08
N PRO N 222 14.00 -29.96 -11.06
CA PRO N 222 14.75 -29.14 -12.05
C PRO N 222 14.42 -29.49 -13.51
N ALA N 223 13.88 -30.69 -13.80
CA ALA N 223 13.52 -31.04 -15.21
C ALA N 223 12.51 -30.04 -15.80
N GLY N 224 11.64 -29.44 -14.96
CA GLY N 224 10.71 -28.43 -15.42
C GLY N 224 11.12 -27.04 -14.97
N GLY N 225 12.37 -26.87 -14.54
CA GLY N 225 12.88 -25.58 -14.07
C GLY N 225 12.57 -25.26 -12.61
N GLY N 226 12.05 -26.24 -11.86
CA GLY N 226 11.77 -26.04 -10.42
C GLY N 226 13.08 -26.19 -9.65
N ASP N 227 13.03 -26.16 -8.33
CA ASP N 227 14.27 -25.97 -7.55
C ASP N 227 14.03 -26.62 -6.24
N PRO N 228 14.67 -27.76 -6.00
CA PRO N 228 14.50 -28.46 -4.69
C PRO N 228 14.74 -27.50 -3.48
N ILE N 229 15.65 -26.53 -3.63
CA ILE N 229 15.92 -25.49 -2.60
C ILE N 229 14.71 -24.63 -2.25
N LEU N 230 13.78 -24.40 -3.21
CA LEU N 230 12.67 -23.54 -2.91
C LEU N 230 11.93 -24.21 -1.80
N TYR N 231 11.76 -25.53 -1.93
CA TYR N 231 11.06 -26.29 -0.85
C TYR N 231 11.67 -26.02 0.55
N GLN N 232 13.02 -26.06 0.61
CA GLN N 232 13.70 -25.87 1.92
C GLN N 232 13.41 -24.51 2.56
N HIS N 233 13.48 -23.46 1.72
CA HIS N 233 13.03 -22.13 2.17
C HIS N 233 11.66 -22.13 2.77
N LEU N 234 10.69 -22.76 2.08
CA LEU N 234 9.30 -22.70 2.59
C LEU N 234 9.17 -23.57 3.81
N PHE N 235 9.84 -24.72 3.78
CA PHE N 235 9.77 -25.55 4.99
C PHE N 235 10.37 -24.85 6.28
N TRP N 236 11.62 -24.38 6.17
CA TRP N 236 12.30 -23.71 7.32
C TRP N 236 11.71 -22.39 7.76
N PHE N 237 11.07 -21.69 6.81
CA PHE N 237 10.26 -20.48 7.16
C PHE N 237 9.14 -20.81 8.12
N PHE N 238 8.56 -21.99 7.95
CA PHE N 238 7.67 -22.46 9.00
C PHE N 238 8.53 -23.10 10.16
N GLY N 239 9.53 -23.88 9.78
CA GLY N 239 10.14 -24.87 10.72
C GLY N 239 10.84 -24.13 11.84
N HIS N 240 11.42 -22.97 11.54
CA HIS N 240 12.06 -22.28 12.66
C HIS N 240 11.07 -21.69 13.64
N PRO N 241 10.12 -20.85 13.16
CA PRO N 241 9.06 -20.49 14.13
C PRO N 241 8.52 -21.71 14.91
N GLU N 242 8.36 -22.85 14.21
CA GLU N 242 7.77 -24.00 14.86
C GLU N 242 8.56 -24.37 16.12
N VAL N 243 9.89 -24.26 16.05
CA VAL N 243 10.63 -24.68 17.24
C VAL N 243 10.41 -23.70 18.39
N TYR N 244 10.17 -22.41 18.10
CA TYR N 244 9.80 -21.49 19.18
C TYR N 244 8.36 -21.74 19.67
N ILE N 245 7.47 -22.10 18.78
CA ILE N 245 6.08 -22.47 19.15
C ILE N 245 6.21 -23.60 20.16
N LEU N 246 7.18 -24.48 19.96
CA LEU N 246 7.26 -25.65 20.88
C LEU N 246 7.76 -25.29 22.31
N ILE N 247 8.58 -24.26 22.44
CA ILE N 247 9.16 -23.92 23.73
C ILE N 247 8.38 -22.82 24.46
N LEU N 248 7.76 -21.89 23.73
CA LEU N 248 7.13 -20.71 24.40
C LEU N 248 6.11 -21.01 25.47
N PRO N 249 5.10 -21.87 25.16
CA PRO N 249 4.23 -22.14 26.29
C PRO N 249 4.99 -22.78 27.50
N GLY N 250 6.07 -23.53 27.24
CA GLY N 250 6.95 -24.04 28.29
C GLY N 250 7.56 -22.91 29.12
N PHE N 251 8.14 -21.91 28.45
CA PHE N 251 8.54 -20.66 29.10
C PHE N 251 7.49 -20.10 30.06
N GLY N 252 6.23 -20.11 29.56
CA GLY N 252 5.11 -19.53 30.25
C GLY N 252 4.91 -20.34 31.52
N MET N 253 4.88 -21.67 31.44
CA MET N 253 4.75 -22.50 32.66
C MET N 253 5.94 -22.39 33.65
N ILE N 254 7.16 -22.48 33.14
CA ILE N 254 8.30 -22.32 34.03
C ILE N 254 8.18 -21.01 34.84
N SER N 255 7.67 -19.93 34.22
CA SER N 255 7.46 -18.71 35.00
C SER N 255 6.46 -18.87 36.16
N HIS N 256 5.33 -19.53 35.89
CA HIS N 256 4.36 -19.75 36.96
C HIS N 256 4.94 -20.66 38.02
N ILE N 257 5.55 -21.76 37.62
CA ILE N 257 6.03 -22.69 38.60
C ILE N 257 7.12 -22.05 39.53
N VAL N 258 8.05 -21.33 38.90
CA VAL N 258 9.16 -20.79 39.61
C VAL N 258 8.64 -19.72 40.60
N THR N 259 7.65 -18.96 40.16
CA THR N 259 7.03 -17.93 41.01
C THR N 259 6.38 -18.57 42.20
N TYR N 260 5.65 -19.66 41.93
CA TYR N 260 4.74 -20.19 42.90
C TYR N 260 5.59 -20.82 44.05
N TYR N 261 6.55 -21.66 43.68
CA TYR N 261 7.34 -22.40 44.67
C TYR N 261 8.47 -21.54 45.34
N SER N 262 8.60 -20.27 44.92
CA SER N 262 9.51 -19.35 45.50
C SER N 262 8.75 -18.52 46.49
N GLY N 263 7.45 -18.72 46.53
CA GLY N 263 6.64 -17.92 47.44
C GLY N 263 6.50 -16.47 47.03
N LYS N 264 6.68 -16.16 45.74
CA LYS N 264 6.59 -14.76 45.28
C LYS N 264 5.17 -14.47 44.74
N LYS N 265 4.72 -13.24 44.82
CA LYS N 265 3.40 -12.93 44.29
C LYS N 265 3.47 -12.65 42.77
N GLU N 266 4.66 -12.36 42.24
CA GLU N 266 4.89 -12.18 40.80
C GLU N 266 6.29 -12.51 40.35
N PRO N 267 6.44 -12.81 39.05
CA PRO N 267 7.78 -13.08 38.54
C PRO N 267 8.58 -11.77 38.59
N PHE N 268 9.89 -11.83 38.74
CA PHE N 268 10.77 -10.67 38.61
C PHE N 268 10.73 -10.08 37.18
N GLY N 269 10.59 -8.75 37.02
CA GLY N 269 10.63 -8.07 35.68
C GLY N 269 9.54 -8.57 34.69
N TYR N 270 8.29 -8.53 35.12
CA TYR N 270 7.13 -8.94 34.35
C TYR N 270 7.19 -8.39 32.92
N MET N 271 7.32 -7.06 32.79
CA MET N 271 7.36 -6.42 31.46
C MET N 271 8.51 -6.88 30.63
N GLY N 272 9.69 -7.04 31.25
CA GLY N 272 10.86 -7.66 30.55
C GLY N 272 10.59 -9.10 30.04
N MET N 273 9.86 -9.92 30.81
CA MET N 273 9.45 -11.24 30.32
C MET N 273 8.55 -11.09 29.05
N VAL N 274 7.66 -10.10 29.05
CA VAL N 274 6.70 -9.94 27.92
C VAL N 274 7.52 -9.51 26.71
N TRP N 275 8.43 -8.56 26.96
CA TRP N 275 9.32 -8.02 25.94
C TRP N 275 10.21 -9.10 25.38
N ALA N 276 10.81 -9.90 26.27
CA ALA N 276 11.62 -11.03 25.81
C ALA N 276 10.75 -12.03 24.94
N MET N 277 9.56 -12.41 25.38
CA MET N 277 8.84 -13.43 24.54
C MET N 277 8.47 -12.91 23.15
N MET N 278 8.04 -11.65 23.10
CA MET N 278 7.70 -10.97 21.84
C MET N 278 8.86 -10.84 20.91
N SER N 279 10.00 -10.36 21.43
CA SER N 279 11.23 -10.26 20.64
C SER N 279 11.64 -11.61 20.11
N ILE N 280 11.53 -12.66 20.92
CA ILE N 280 11.86 -14.00 20.39
C ILE N 280 10.88 -14.36 19.24
N GLY N 281 9.60 -14.01 19.42
CA GLY N 281 8.63 -14.31 18.37
C GLY N 281 9.06 -13.67 17.08
N PHE N 282 9.35 -12.40 17.17
CA PHE N 282 9.70 -11.66 15.97
C PHE N 282 10.99 -12.18 15.32
N LEU N 283 12.05 -12.33 16.12
CA LEU N 283 13.32 -12.68 15.50
C LEU N 283 13.19 -14.12 14.92
N GLY N 284 12.34 -14.93 15.52
CA GLY N 284 12.17 -16.29 15.12
C GLY N 284 11.66 -16.41 13.68
N PHE N 285 11.17 -15.28 13.09
CA PHE N 285 10.81 -15.20 11.66
C PHE N 285 11.90 -14.86 10.72
N ILE N 286 13.05 -14.42 11.22
CA ILE N 286 14.01 -13.87 10.25
C ILE N 286 15.33 -14.59 10.23
N VAL N 287 15.36 -15.78 10.84
CA VAL N 287 16.57 -16.62 10.97
C VAL N 287 16.59 -18.02 10.24
N TRP N 288 15.53 -18.37 9.48
CA TRP N 288 15.32 -19.78 9.04
C TRP N 288 16.43 -20.39 8.23
N ALA N 289 17.22 -19.57 7.53
CA ALA N 289 18.22 -20.11 6.65
C ALA N 289 19.41 -20.71 7.34
N HIS N 290 19.51 -20.59 8.67
CA HIS N 290 20.61 -21.29 9.39
C HIS N 290 20.35 -22.80 9.35
N HIS N 291 19.19 -23.26 8.82
CA HIS N 291 19.03 -24.70 8.54
C HIS N 291 19.54 -25.09 7.20
N MET N 292 20.20 -24.13 6.56
CA MET N 292 20.51 -24.27 5.14
C MET N 292 21.93 -23.82 4.84
N PHE N 293 22.77 -23.89 5.86
CA PHE N 293 24.16 -23.38 5.68
C PHE N 293 25.05 -24.18 4.68
N THR N 294 24.68 -25.44 4.40
CA THR N 294 25.46 -26.22 3.45
C THR N 294 24.84 -26.27 2.04
N VAL N 295 23.79 -25.50 1.74
CA VAL N 295 23.12 -25.67 0.41
C VAL N 295 23.76 -24.87 -0.73
N GLY N 296 24.62 -23.94 -0.39
CA GLY N 296 25.38 -23.21 -1.39
C GLY N 296 24.89 -21.79 -1.49
N MET N 297 24.53 -21.17 -0.36
CA MET N 297 24.03 -19.79 -0.44
C MET N 297 25.19 -18.85 -0.53
N ASP N 298 24.94 -17.63 -1.04
CA ASP N 298 25.94 -16.51 -1.09
C ASP N 298 26.59 -16.37 0.30
N VAL N 299 27.87 -16.02 0.37
CA VAL N 299 28.53 -15.76 1.65
C VAL N 299 27.78 -14.68 2.42
N ASP N 300 27.37 -13.60 1.75
CA ASP N 300 26.77 -12.44 2.48
C ASP N 300 25.48 -12.78 3.22
N THR N 301 24.64 -13.54 2.52
CA THR N 301 23.44 -14.09 3.11
C THR N 301 23.76 -14.95 4.35
N ARG N 302 24.67 -15.89 4.21
CA ARG N 302 25.08 -16.70 5.37
C ARG N 302 25.59 -15.79 6.50
N ALA N 303 26.35 -14.73 6.16
CA ALA N 303 26.75 -13.72 7.16
C ALA N 303 25.56 -13.08 7.87
N TYR N 304 24.57 -12.62 7.10
CA TYR N 304 23.29 -12.12 7.67
C TYR N 304 22.61 -13.11 8.58
N PHE N 305 22.45 -14.36 8.16
CA PHE N 305 21.74 -15.29 9.05
C PHE N 305 22.44 -15.70 10.29
N THR N 306 23.78 -15.75 10.24
CA THR N 306 24.56 -16.05 11.46
C THR N 306 24.24 -14.98 12.52
N SER N 307 24.27 -13.73 12.05
CA SER N 307 24.15 -12.55 12.88
C SER N 307 22.77 -12.38 13.45
N ALA N 308 21.72 -12.45 12.60
CA ALA N 308 20.32 -12.44 13.06
C ALA N 308 20.10 -13.54 14.09
N THR N 309 20.61 -14.74 13.81
CA THR N 309 20.39 -15.85 14.76
C THR N 309 21.01 -15.59 16.16
N MET N 310 22.21 -15.04 16.19
CA MET N 310 22.86 -14.82 17.47
C MET N 310 22.11 -13.83 18.34
N ILE N 311 21.47 -12.85 17.71
CA ILE N 311 20.77 -11.83 18.48
C ILE N 311 19.69 -12.43 19.40
N ILE N 312 19.07 -13.54 18.99
CA ILE N 312 17.98 -14.11 19.81
C ILE N 312 18.44 -14.46 21.25
N ALA N 313 19.74 -14.74 21.41
CA ALA N 313 20.31 -14.98 22.79
C ALA N 313 20.02 -13.85 23.77
N ILE N 314 19.96 -12.62 23.28
CA ILE N 314 19.75 -11.48 24.20
C ILE N 314 18.40 -11.51 24.91
N PRO N 315 17.25 -11.46 24.15
CA PRO N 315 15.98 -11.62 24.92
C PRO N 315 15.92 -12.96 25.71
N THR N 316 16.54 -14.02 25.19
CA THR N 316 16.50 -15.29 25.90
C THR N 316 17.22 -15.22 27.24
N GLY N 317 18.36 -14.49 27.28
CA GLY N 317 19.17 -14.44 28.50
C GLY N 317 18.42 -13.63 29.53
N VAL N 318 17.57 -12.72 29.06
CA VAL N 318 16.77 -11.89 29.93
C VAL N 318 15.74 -12.70 30.68
N LYS N 319 15.10 -13.66 30.01
CA LYS N 319 14.20 -14.61 30.69
C LYS N 319 14.92 -15.54 31.70
N VAL N 320 16.03 -16.13 31.29
CA VAL N 320 16.83 -17.01 32.18
C VAL N 320 17.30 -16.25 33.44
N PHE N 321 17.80 -15.04 33.25
CA PHE N 321 18.18 -14.26 34.41
C PHE N 321 16.99 -13.90 35.27
N SER N 322 15.87 -13.56 34.63
CA SER N 322 14.69 -13.22 35.41
C SER N 322 14.18 -14.41 36.25
N TRP N 323 14.21 -15.64 35.70
CA TRP N 323 13.82 -16.78 36.52
C TRP N 323 14.80 -16.87 37.73
N LEU N 324 16.10 -16.67 37.50
CA LEU N 324 17.07 -16.74 38.59
C LEU N 324 16.78 -15.66 39.61
N ALA N 325 16.36 -14.49 39.13
CA ALA N 325 16.05 -13.37 40.03
C ALA N 325 14.70 -13.57 40.71
N THR N 326 13.79 -14.38 40.10
CA THR N 326 12.54 -14.72 40.79
C THR N 326 12.87 -15.67 41.99
N LEU N 327 13.84 -16.58 41.79
CA LEU N 327 14.31 -17.43 42.87
C LEU N 327 14.89 -16.62 44.06
N HIS N 328 15.69 -15.58 43.74
CA HIS N 328 16.34 -14.73 44.72
C HIS N 328 15.42 -14.28 45.83
N GLY N 329 15.75 -14.68 47.05
CA GLY N 329 15.00 -14.21 48.20
C GLY N 329 13.77 -15.03 48.47
N GLY N 330 13.59 -16.11 47.76
CA GLY N 330 12.39 -16.90 47.95
C GLY N 330 12.41 -17.83 49.16
N ASN N 331 11.21 -18.07 49.67
CA ASN N 331 10.89 -19.21 50.51
C ASN N 331 10.69 -20.45 49.58
N ILE N 332 11.79 -21.08 49.21
CA ILE N 332 11.78 -22.19 48.26
C ILE N 332 11.08 -23.45 48.80
N LYS N 333 10.05 -23.88 48.11
CA LYS N 333 9.51 -25.18 48.41
C LYS N 333 9.96 -26.22 47.33
N TRP N 334 10.63 -27.26 47.79
CA TRP N 334 11.20 -28.29 46.94
C TRP N 334 10.20 -29.30 46.49
N SER N 335 9.14 -28.82 45.92
CA SER N 335 8.13 -29.68 45.36
C SER N 335 8.74 -30.40 44.16
N PRO N 336 8.13 -31.53 43.76
CA PRO N 336 8.54 -32.08 42.47
C PRO N 336 8.40 -31.06 41.29
N ALA N 337 7.32 -30.27 41.22
CA ALA N 337 7.22 -29.34 40.08
C ALA N 337 8.45 -28.43 40.04
N MET N 338 8.94 -27.98 41.22
CA MET N 338 10.09 -27.06 41.30
C MET N 338 11.32 -27.75 40.78
N MET N 339 11.43 -29.06 41.03
CA MET N 339 12.62 -29.73 40.56
C MET N 339 12.69 -29.76 39.05
N TRP N 340 11.49 -29.91 38.44
CA TRP N 340 11.37 -29.94 36.96
C TRP N 340 11.81 -28.63 36.40
N ALA N 341 11.41 -27.57 37.09
CA ALA N 341 11.65 -26.22 36.62
C ALA N 341 13.18 -25.99 36.72
N LEU N 342 13.80 -26.48 37.80
CA LEU N 342 15.22 -26.23 37.96
C LEU N 342 16.01 -26.99 36.90
N GLY N 343 15.62 -28.24 36.68
CA GLY N 343 16.29 -29.05 35.66
C GLY N 343 16.10 -28.33 34.33
N PHE N 344 14.87 -27.89 34.08
CA PHE N 344 14.60 -27.06 32.88
C PHE N 344 15.57 -25.85 32.74
N ILE N 345 15.68 -25.04 33.79
CA ILE N 345 16.46 -23.83 33.59
C ILE N 345 17.89 -24.19 33.17
N PHE N 346 18.43 -25.24 33.76
CA PHE N 346 19.81 -25.55 33.43
C PHE N 346 19.95 -26.29 32.14
N LEU N 347 19.17 -27.33 31.92
CA LEU N 347 19.31 -28.07 30.67
C LEU N 347 19.02 -27.21 29.42
N PHE N 348 18.02 -26.31 29.54
CA PHE N 348 17.63 -25.46 28.42
C PHE N 348 18.80 -24.55 28.05
N THR N 349 19.43 -23.97 29.08
CA THR N 349 20.63 -23.13 28.89
C THR N 349 21.70 -23.92 28.15
N VAL N 350 21.92 -25.18 28.56
CA VAL N 350 22.88 -25.99 27.86
C VAL N 350 22.50 -26.12 26.39
N GLY N 351 21.26 -26.49 26.11
CA GLY N 351 20.84 -26.72 24.67
C GLY N 351 20.87 -25.43 23.89
N GLY N 352 20.54 -24.31 24.56
CA GLY N 352 20.60 -22.96 23.95
C GLY N 352 22.03 -22.54 23.61
N LEU N 353 22.96 -22.91 24.47
CA LEU N 353 24.34 -22.53 24.22
C LEU N 353 24.94 -23.31 23.02
N THR N 354 24.58 -24.58 22.87
CA THR N 354 25.07 -25.29 21.71
C THR N 354 24.29 -24.81 20.45
N GLY N 355 23.09 -24.26 20.65
CA GLY N 355 22.44 -23.51 19.55
C GLY N 355 23.34 -22.39 19.06
N ILE N 356 23.95 -21.66 19.99
CA ILE N 356 24.80 -20.54 19.61
C ILE N 356 26.08 -21.01 18.87
N VAL N 357 26.57 -22.19 19.20
CA VAL N 357 27.69 -22.73 18.46
C VAL N 357 27.25 -23.00 17.01
N LEU N 358 26.05 -23.62 16.84
CA LEU N 358 25.55 -23.95 15.51
C LEU N 358 25.33 -22.71 14.64
N ALA N 359 25.12 -21.54 15.28
CA ALA N 359 24.61 -20.33 14.57
C ALA N 359 25.68 -19.82 13.64
N ASN N 360 26.94 -20.18 13.92
CA ASN N 360 28.05 -19.82 13.07
C ASN N 360 28.09 -20.70 11.80
N SER N 361 27.74 -20.13 10.64
CA SER N 361 27.78 -20.83 9.38
C SER N 361 29.15 -21.43 9.15
N SER N 362 30.20 -20.73 9.59
CA SER N 362 31.57 -21.27 9.58
C SER N 362 31.68 -22.67 10.17
N LEU N 363 31.47 -22.75 11.48
CA LEU N 363 31.50 -23.98 12.22
C LEU N 363 30.37 -24.92 11.77
N ASP N 364 29.21 -24.39 11.39
CA ASP N 364 28.12 -25.24 10.99
C ASP N 364 28.40 -26.17 9.80
N ILE N 365 29.29 -25.78 8.86
CA ILE N 365 29.74 -26.64 7.76
C ILE N 365 30.17 -28.00 8.32
N VAL N 366 30.83 -27.99 9.47
CA VAL N 366 31.45 -29.19 9.94
C VAL N 366 30.49 -29.93 10.86
N LEU N 367 29.60 -29.21 11.52
CA LEU N 367 28.61 -29.78 12.43
C LEU N 367 27.23 -30.09 11.79
N HIS N 368 26.89 -29.45 10.69
CA HIS N 368 25.59 -29.73 10.07
C HIS N 368 25.37 -31.21 9.74
N ASP N 369 24.13 -31.67 9.94
CA ASP N 369 23.79 -33.09 9.67
C ASP N 369 24.63 -34.09 10.44
N THR N 370 25.10 -33.68 11.63
CA THR N 370 25.80 -34.58 12.55
C THR N 370 25.02 -34.74 13.84
N TYR N 371 25.35 -35.78 14.61
CA TYR N 371 24.82 -35.93 15.96
C TYR N 371 24.91 -34.69 16.89
N TYR N 372 25.84 -33.77 16.62
CA TYR N 372 25.89 -32.53 17.41
C TYR N 372 24.55 -31.81 17.32
N VAL N 373 23.97 -31.72 16.11
CA VAL N 373 22.66 -31.03 15.97
C VAL N 373 21.64 -31.82 16.80
N VAL N 374 21.72 -33.16 16.72
CA VAL N 374 20.78 -34.02 17.46
C VAL N 374 20.90 -33.82 18.95
N ALA N 375 22.15 -33.73 19.42
CA ALA N 375 22.41 -33.41 20.84
C ALA N 375 21.73 -32.08 21.20
N HIS N 376 22.03 -31.03 20.43
CA HIS N 376 21.49 -29.70 20.66
C HIS N 376 20.02 -29.81 20.80
N PHE N 377 19.34 -30.37 19.79
CA PHE N 377 17.92 -30.10 19.89
C PHE N 377 17.25 -31.01 20.87
N HIS N 378 17.84 -32.18 21.21
CA HIS N 378 17.26 -33.00 22.32
C HIS N 378 17.52 -32.36 23.69
N TYR N 379 18.50 -31.49 23.80
CA TYR N 379 18.62 -30.79 25.08
C TYR N 379 17.47 -29.83 25.19
N VAL N 380 17.26 -29.15 24.08
CA VAL N 380 16.43 -27.97 24.10
C VAL N 380 14.93 -28.38 24.02
N LEU N 381 14.59 -29.50 23.35
CA LEU N 381 13.18 -30.10 23.27
C LEU N 381 12.89 -31.24 24.25
N SER N 382 13.76 -32.23 24.25
CA SER N 382 13.57 -33.38 25.12
C SER N 382 13.90 -33.14 26.59
N MET N 383 14.45 -31.98 26.88
CA MET N 383 14.73 -31.68 28.24
C MET N 383 14.33 -30.26 28.54
N GLY N 384 13.66 -29.64 27.57
CA GLY N 384 13.13 -28.31 27.76
C GLY N 384 11.64 -28.52 27.80
N ALA N 385 11.08 -28.73 26.62
CA ALA N 385 9.64 -28.97 26.46
C ALA N 385 9.09 -30.07 27.38
N VAL N 386 9.73 -31.25 27.36
CA VAL N 386 9.28 -32.38 28.21
C VAL N 386 9.39 -32.07 29.73
N PHE N 387 10.46 -31.39 30.15
CA PHE N 387 10.60 -30.98 31.58
C PHE N 387 9.57 -29.92 31.93
N ALA N 388 9.29 -29.03 31.01
CA ALA N 388 8.20 -28.09 31.27
C ALA N 388 6.87 -28.81 31.37
N ILE N 389 6.64 -29.80 30.48
CA ILE N 389 5.39 -30.53 30.48
C ILE N 389 5.28 -31.29 31.79
N MET N 390 6.40 -31.92 32.21
CA MET N 390 6.37 -32.69 33.47
C MET N 390 6.06 -31.77 34.63
N GLY N 391 6.65 -30.58 34.61
CA GLY N 391 6.55 -29.67 35.77
C GLY N 391 5.16 -29.12 35.90
N GLY N 392 4.58 -28.74 34.76
CA GLY N 392 3.22 -28.22 34.73
C GLY N 392 2.26 -29.37 34.98
N PHE N 393 2.54 -30.56 34.43
CA PHE N 393 1.65 -31.68 34.74
C PHE N 393 1.59 -31.91 36.27
N VAL N 394 2.76 -31.97 36.93
CA VAL N 394 2.67 -32.32 38.37
C VAL N 394 2.08 -31.20 39.19
N HIS N 395 2.37 -29.96 38.79
CA HIS N 395 1.85 -28.80 39.51
C HIS N 395 0.34 -28.68 39.40
N TRP N 396 -0.19 -28.81 38.18
CA TRP N 396 -1.66 -28.61 37.99
C TRP N 396 -2.50 -29.87 37.99
N PHE N 397 -1.86 -31.03 38.04
CA PHE N 397 -2.61 -32.28 38.18
C PHE N 397 -3.77 -32.29 39.23
N PRO N 398 -3.49 -31.79 40.47
CA PRO N 398 -4.58 -31.72 41.45
C PRO N 398 -5.70 -30.81 41.02
N LEU N 399 -5.39 -29.73 40.32
CA LEU N 399 -6.46 -28.87 39.78
C LEU N 399 -7.31 -29.66 38.75
N PHE N 400 -6.65 -30.35 37.83
CA PHE N 400 -7.42 -30.95 36.81
C PHE N 400 -8.24 -32.09 37.43
N SER N 401 -7.61 -32.83 38.36
CA SER N 401 -8.16 -34.09 38.85
C SER N 401 -8.91 -34.04 40.17
N GLY N 402 -8.72 -33.00 41.00
CA GLY N 402 -9.20 -33.09 42.39
C GLY N 402 -8.34 -33.92 43.38
N TYR N 403 -7.28 -34.57 42.90
CA TYR N 403 -6.51 -35.57 43.65
C TYR N 403 -5.05 -35.21 43.66
N THR N 404 -4.30 -35.65 44.69
CA THR N 404 -2.90 -35.26 44.79
C THR N 404 -2.02 -36.44 44.43
N LEU N 405 -0.83 -36.14 43.91
CA LEU N 405 0.24 -37.12 43.66
C LEU N 405 1.01 -37.46 44.91
N ASN N 406 1.67 -38.59 44.89
CA ASN N 406 2.58 -38.89 45.92
C ASN N 406 3.87 -38.15 45.62
N ASP N 407 4.17 -37.11 46.40
CA ASP N 407 5.37 -36.30 46.18
C ASP N 407 6.67 -37.13 46.12
N THR N 408 6.83 -38.09 47.04
CA THR N 408 8.06 -38.87 47.07
C THR N 408 8.25 -39.62 45.75
N TRP N 409 7.19 -40.30 45.28
CA TRP N 409 7.30 -41.04 44.01
C TRP N 409 7.62 -40.11 42.87
N ALA N 410 6.95 -38.95 42.84
CA ALA N 410 7.19 -37.95 41.78
C ALA N 410 8.66 -37.56 41.77
N LYS N 411 9.26 -37.39 42.98
CA LYS N 411 10.70 -37.10 43.11
C LYS N 411 11.56 -38.25 42.61
N ILE N 412 11.17 -39.50 42.90
CA ILE N 412 11.87 -40.68 42.37
C ILE N 412 11.84 -40.62 40.87
N HIS N 413 10.66 -40.31 40.35
CA HIS N 413 10.47 -40.22 38.93
C HIS N 413 11.43 -39.24 38.30
N PHE N 414 11.46 -38.01 38.84
CA PHE N 414 12.31 -36.97 38.28
C PHE N 414 13.79 -37.40 38.24
N ALA N 415 14.24 -38.01 39.35
CA ALA N 415 15.64 -38.38 39.53
C ALA N 415 16.03 -39.39 38.46
N ILE N 416 15.14 -40.35 38.17
CA ILE N 416 15.46 -41.38 37.17
C ILE N 416 15.49 -40.71 35.79
N MET N 417 14.45 -39.93 35.53
CA MET N 417 14.37 -39.19 34.25
C MET N 417 15.65 -38.37 34.08
N PHE N 418 16.02 -37.58 35.10
CA PHE N 418 17.13 -36.70 34.90
C PHE N 418 18.35 -37.48 34.45
N VAL N 419 18.56 -38.66 35.03
CA VAL N 419 19.73 -39.44 34.69
C VAL N 419 19.60 -40.05 33.31
N GLY N 420 18.46 -40.66 33.01
CA GLY N 420 18.28 -41.28 31.66
C GLY N 420 18.58 -40.30 30.51
N VAL N 421 18.15 -39.04 30.62
CA VAL N 421 18.20 -38.18 29.42
C VAL N 421 19.58 -37.64 29.24
N ASN N 422 20.28 -37.39 30.36
CA ASN N 422 21.65 -36.91 30.22
C ASN N 422 22.55 -38.02 29.72
N MET N 423 22.33 -39.23 30.22
CA MET N 423 23.12 -40.34 29.73
C MET N 423 22.84 -40.55 28.23
N THR N 424 21.60 -40.32 27.80
CA THR N 424 21.30 -40.61 26.39
C THR N 424 21.99 -39.57 25.51
N PHE N 425 21.89 -38.29 25.88
CA PHE N 425 22.20 -37.25 24.87
C PHE N 425 23.56 -36.57 24.99
N PHE N 426 24.05 -36.42 26.23
CA PHE N 426 25.37 -35.79 26.41
C PHE N 426 26.49 -36.38 25.52
N PRO N 427 26.56 -37.72 25.41
CA PRO N 427 27.65 -38.25 24.61
C PRO N 427 27.46 -38.04 23.13
N GLN N 428 26.23 -37.69 22.70
CA GLN N 428 25.99 -37.36 21.27
C GLN N 428 26.78 -36.11 20.77
N HIS N 429 27.22 -35.25 21.70
CA HIS N 429 28.08 -34.13 21.36
C HIS N 429 29.37 -34.64 20.77
N PHE N 430 29.97 -35.65 21.44
CA PHE N 430 31.27 -36.16 21.01
C PHE N 430 31.12 -36.81 19.65
N LEU N 431 30.04 -37.57 19.48
CA LEU N 431 29.75 -38.24 18.21
C LEU N 431 29.67 -37.25 17.09
N GLY N 432 29.01 -36.10 17.34
CA GLY N 432 28.82 -35.05 16.32
C GLY N 432 30.16 -34.40 16.02
N LEU N 433 30.88 -34.05 17.07
CA LEU N 433 32.21 -33.43 16.90
C LEU N 433 33.15 -34.35 16.11
N SER N 434 33.17 -35.64 16.46
CA SER N 434 34.02 -36.61 15.76
C SER N 434 33.47 -37.01 14.42
N GLY N 435 32.26 -36.54 14.13
CA GLY N 435 31.74 -36.54 12.77
C GLY N 435 30.79 -37.63 12.37
N MET N 436 30.08 -38.24 13.31
CA MET N 436 29.07 -39.21 12.93
C MET N 436 27.82 -38.48 12.31
N PRO N 437 27.46 -38.79 11.04
CA PRO N 437 26.25 -38.14 10.42
C PRO N 437 24.95 -38.55 11.13
N ARG N 438 23.90 -37.74 11.06
CA ARG N 438 22.63 -38.14 11.63
C ARG N 438 21.93 -38.95 10.55
N ARG N 439 20.83 -39.58 10.93
CA ARG N 439 20.02 -40.42 10.07
C ARG N 439 20.76 -41.62 9.50
N TYR N 440 21.60 -42.24 10.31
CA TYR N 440 22.38 -43.41 9.89
C TYR N 440 21.93 -44.60 10.73
N SER N 441 21.90 -45.78 10.14
CA SER N 441 21.37 -46.93 10.88
C SER N 441 22.51 -47.76 11.41
N ASP N 442 23.71 -47.51 10.91
CA ASP N 442 24.89 -48.18 11.42
C ASP N 442 26.01 -47.18 11.28
N TYR N 443 27.13 -47.40 12.00
CA TYR N 443 28.26 -46.42 12.01
C TYR N 443 29.66 -47.08 11.91
N PRO N 444 30.66 -46.31 11.40
CA PRO N 444 32.04 -46.81 11.54
C PRO N 444 32.36 -47.18 13.00
N ASP N 445 33.19 -48.23 13.13
CA ASP N 445 33.50 -48.91 14.38
C ASP N 445 34.02 -47.94 15.43
N ALA N 446 34.76 -46.89 15.01
CA ALA N 446 35.27 -45.91 15.98
C ALA N 446 34.18 -45.39 16.93
N TYR N 447 32.98 -45.17 16.40
CA TYR N 447 31.86 -44.51 17.10
C TYR N 447 31.12 -45.42 18.10
N THR N 448 31.62 -46.64 18.29
CA THR N 448 30.82 -47.63 19.04
C THR N 448 30.58 -47.22 20.53
N MET N 449 31.62 -46.83 21.22
CA MET N 449 31.40 -46.57 22.66
C MET N 449 30.32 -45.53 23.03
N TRP N 450 30.30 -44.38 22.34
CA TRP N 450 29.26 -43.38 22.64
C TRP N 450 27.89 -43.87 22.27
N ASN N 451 27.75 -44.57 21.13
CA ASN N 451 26.46 -45.14 20.75
C ASN N 451 25.89 -46.11 21.73
N THR N 452 26.78 -46.92 22.29
CA THR N 452 26.39 -47.96 23.23
C THR N 452 25.85 -47.35 24.56
N ILE N 453 26.62 -46.43 25.14
CA ILE N 453 26.20 -45.64 26.30
C ILE N 453 24.87 -44.87 26.07
N SER N 454 24.70 -44.33 24.87
CA SER N 454 23.50 -43.50 24.61
C SER N 454 22.28 -44.48 24.62
N SER N 455 22.42 -45.63 23.98
CA SER N 455 21.32 -46.56 23.96
C SER N 455 20.99 -47.05 25.35
N MET N 456 22.00 -47.37 26.16
CA MET N 456 21.72 -47.71 27.55
C MET N 456 20.97 -46.61 28.28
N GLY N 457 21.38 -45.35 28.04
CA GLY N 457 20.73 -44.19 28.67
C GLY N 457 19.24 -44.15 28.31
N SER N 458 18.93 -44.48 27.05
CA SER N 458 17.56 -44.51 26.61
C SER N 458 16.64 -45.45 27.41
N PHE N 459 17.20 -46.53 27.94
CA PHE N 459 16.38 -47.52 28.69
C PHE N 459 16.01 -47.03 30.09
N ILE N 460 16.95 -46.31 30.68
CA ILE N 460 16.69 -45.70 31.95
C ILE N 460 15.47 -44.76 31.93
N SER N 461 15.42 -43.88 30.94
CA SER N 461 14.29 -43.02 30.70
C SER N 461 13.02 -43.83 30.48
N LEU N 462 13.16 -44.94 29.77
CA LEU N 462 12.00 -45.82 29.58
C LEU N 462 11.44 -46.23 30.94
N THR N 463 12.33 -46.62 31.87
CA THR N 463 11.86 -47.02 33.18
C THR N 463 11.11 -45.85 33.82
N ALA N 464 11.59 -44.62 33.57
CA ALA N 464 10.94 -43.47 34.15
C ALA N 464 9.52 -43.33 33.63
N VAL N 465 9.34 -43.52 32.32
CA VAL N 465 7.98 -43.44 31.70
C VAL N 465 7.00 -44.48 32.28
N MET N 466 7.48 -45.72 32.40
CA MET N 466 6.69 -46.79 33.02
C MET N 466 6.31 -46.40 34.43
N LEU N 467 7.32 -45.89 35.19
CA LEU N 467 7.08 -45.43 36.55
C LEU N 467 6.01 -44.33 36.58
N MET N 468 6.10 -43.41 35.61
CA MET N 468 5.15 -42.32 35.53
C MET N 468 3.69 -42.79 35.32
N VAL N 469 3.47 -43.84 34.52
CA VAL N 469 2.12 -44.37 34.45
C VAL N 469 1.64 -44.88 35.80
N PHE N 470 2.48 -45.66 36.48
CA PHE N 470 2.11 -46.21 37.80
C PHE N 470 1.74 -45.10 38.78
N ILE N 471 2.55 -44.03 38.79
CA ILE N 471 2.34 -42.89 39.69
C ILE N 471 0.99 -42.19 39.52
N ILE N 472 0.51 -42.09 38.26
CA ILE N 472 -0.79 -41.51 37.94
C ILE N 472 -1.86 -42.49 38.42
N TRP N 473 -1.71 -43.76 38.02
CA TRP N 473 -2.57 -44.78 38.57
C TRP N 473 -2.65 -44.68 40.07
N GLU N 474 -1.50 -44.64 40.74
CA GLU N 474 -1.52 -44.61 42.21
C GLU N 474 -2.44 -43.52 42.77
N ALA N 475 -2.35 -42.33 42.16
CA ALA N 475 -3.10 -41.16 42.61
C ALA N 475 -4.61 -41.34 42.50
N PHE N 476 -5.03 -41.96 41.39
CA PHE N 476 -6.45 -42.13 41.13
C PHE N 476 -6.99 -43.28 41.96
N ALA N 477 -6.14 -44.26 42.19
CA ALA N 477 -6.52 -45.40 42.99
C ALA N 477 -6.66 -45.03 44.47
N SER N 478 -5.80 -44.14 45.02
CA SER N 478 -5.86 -43.69 46.43
C SER N 478 -6.86 -42.63 46.78
N LYS N 479 -7.19 -41.78 45.82
CA LYS N 479 -8.14 -40.71 46.06
C LYS N 479 -7.88 -39.81 47.28
N ARG N 480 -6.67 -39.25 47.38
CA ARG N 480 -6.38 -38.14 48.32
C ARG N 480 -6.92 -36.84 47.73
N GLU N 481 -8.12 -36.44 48.13
CA GLU N 481 -8.71 -35.18 47.69
C GLU N 481 -8.05 -33.93 48.27
N VAL N 482 -8.09 -32.85 47.48
CA VAL N 482 -7.46 -31.56 47.85
C VAL N 482 -8.25 -30.84 48.95
N LEU N 483 -7.54 -30.36 49.97
CA LEU N 483 -8.12 -29.42 50.94
C LEU N 483 -7.87 -27.94 50.60
N THR N 484 -6.67 -27.51 50.93
CA THR N 484 -6.22 -26.12 50.86
C THR N 484 -5.08 -25.98 49.81
N VAL N 485 -5.18 -24.95 48.99
CA VAL N 485 -4.12 -24.61 48.08
C VAL N 485 -3.56 -23.29 48.50
N ASP N 486 -2.25 -23.22 48.43
CA ASP N 486 -1.48 -22.03 48.77
C ASP N 486 -1.46 -20.97 47.66
N LEU N 487 -1.51 -19.70 48.06
CA LEU N 487 -1.20 -18.55 47.19
C LEU N 487 -2.29 -18.32 46.14
N THR N 488 -3.55 -18.50 46.50
CA THR N 488 -4.58 -18.40 45.48
C THR N 488 -4.79 -16.94 45.12
N THR N 489 -4.36 -16.00 45.97
CA THR N 489 -4.65 -14.57 45.68
C THR N 489 -3.95 -14.13 44.37
N THR N 490 -2.91 -14.88 43.98
CA THR N 490 -2.17 -14.53 42.78
C THR N 490 -2.20 -15.65 41.78
N ASN N 491 -3.14 -16.57 41.92
CA ASN N 491 -3.24 -17.70 40.97
C ASN N 491 -4.69 -18.04 40.83
N LEU N 492 -5.36 -17.20 40.07
CA LEU N 492 -6.80 -17.24 39.92
C LEU N 492 -7.29 -18.64 39.54
N GLU N 493 -6.46 -19.41 38.85
CA GLU N 493 -6.96 -20.65 38.31
C GLU N 493 -7.39 -21.65 39.40
N TRP N 494 -6.83 -21.51 40.63
CA TRP N 494 -7.14 -22.41 41.78
C TRP N 494 -8.37 -21.98 42.57
N LEU N 495 -8.89 -20.80 42.29
CA LEU N 495 -9.89 -20.22 43.17
C LEU N 495 -11.26 -20.91 43.05
N ASN N 496 -11.43 -21.78 42.07
CA ASN N 496 -12.74 -22.41 41.93
C ASN N 496 -12.70 -23.83 42.43
N GLY N 497 -11.58 -24.25 43.03
CA GLY N 497 -11.47 -25.56 43.69
C GLY N 497 -11.04 -26.64 42.70
N CYS N 498 -11.02 -27.88 43.16
CA CYS N 498 -10.35 -28.93 42.45
C CYS N 498 -11.20 -30.19 42.36
N PRO N 499 -11.64 -30.53 41.15
CA PRO N 499 -11.55 -29.70 39.96
C PRO N 499 -12.61 -28.58 40.03
N PRO N 500 -12.47 -27.53 39.20
CA PRO N 500 -13.54 -26.52 39.22
C PRO N 500 -14.81 -27.11 38.62
N PRO N 501 -15.96 -26.48 38.89
CA PRO N 501 -17.22 -26.97 38.27
C PRO N 501 -17.22 -26.89 36.71
N TYR N 502 -17.96 -27.76 36.03
CA TYR N 502 -18.19 -27.63 34.54
C TYR N 502 -18.16 -26.15 34.02
N HIS N 503 -19.07 -25.30 34.49
CA HIS N 503 -19.12 -23.90 34.18
C HIS N 503 -18.54 -23.15 35.27
N THR N 504 -17.47 -22.43 34.98
CA THR N 504 -16.94 -21.46 35.93
C THR N 504 -17.12 -20.08 35.34
N PHE N 505 -17.19 -19.08 36.21
CA PHE N 505 -17.39 -17.68 35.83
C PHE N 505 -18.75 -17.40 35.18
N GLU N 506 -19.77 -18.20 35.53
CA GLU N 506 -21.15 -17.94 35.09
C GLU N 506 -21.52 -16.55 35.51
N GLU N 507 -21.07 -16.21 36.72
CA GLU N 507 -21.10 -14.83 37.13
C GLU N 507 -19.63 -14.40 37.10
N PRO N 508 -19.28 -13.40 36.27
CA PRO N 508 -17.85 -13.11 36.06
C PRO N 508 -17.22 -12.45 37.29
N THR N 509 -15.90 -12.27 37.27
CA THR N 509 -15.18 -11.58 38.36
C THR N 509 -15.56 -10.13 38.40
N TYR N 510 -15.40 -9.48 39.54
CA TYR N 510 -15.63 -8.04 39.57
C TYR N 510 -14.25 -7.32 39.68
N VAL N 511 -13.91 -6.45 38.73
CA VAL N 511 -12.62 -5.75 38.75
C VAL N 511 -12.80 -4.25 38.51
N ASN N 512 -12.49 -3.42 39.53
CA ASN N 512 -12.72 -1.93 39.52
C ASN N 512 -11.76 -1.32 38.63
N LEU N 513 -12.14 -0.15 38.08
CA LEU N 513 -11.15 0.78 37.50
C LEU N 513 -10.15 1.51 38.42
N LYS N 514 -10.62 2.25 39.42
CA LYS N 514 -9.69 3.01 40.32
C LYS N 514 -9.14 4.31 39.73
N FME O 1 40.00 -39.60 9.82
CN FME O 1 39.72 -39.60 8.50
O1 FME O 1 40.41 -39.04 7.72
CA FME O 1 38.94 -40.38 10.50
CB FME O 1 39.00 -41.85 10.01
CG FME O 1 40.31 -42.46 10.55
SD FME O 1 40.45 -44.16 10.17
CE FME O 1 39.57 -44.94 11.48
C FME O 1 38.90 -40.32 12.00
O FME O 1 39.87 -39.95 12.63
N ALA O 2 37.74 -40.64 12.56
CA ALA O 2 37.57 -40.75 14.00
C ALA O 2 38.35 -41.95 14.52
N TYR O 3 38.63 -41.94 15.82
CA TYR O 3 39.18 -43.11 16.46
C TYR O 3 38.31 -43.37 17.72
N PRO O 4 38.36 -44.61 18.28
CA PRO O 4 37.48 -44.94 19.41
C PRO O 4 37.66 -43.98 20.58
N MET O 5 36.54 -43.65 21.21
CA MET O 5 36.49 -42.73 22.32
C MET O 5 36.85 -41.29 21.99
N GLN O 6 36.80 -40.91 20.71
CA GLN O 6 37.06 -39.51 20.37
C GLN O 6 36.08 -38.54 21.09
N LEU O 7 36.60 -37.42 21.62
CA LEU O 7 35.74 -36.39 22.21
C LEU O 7 35.52 -35.14 21.32
N GLY O 8 36.58 -34.66 20.67
CA GLY O 8 36.42 -33.53 19.73
C GLY O 8 36.57 -33.77 18.22
N PHE O 9 37.02 -32.73 17.54
CA PHE O 9 37.16 -32.79 16.10
C PHE O 9 38.25 -33.73 15.66
N GLN O 10 38.04 -34.41 14.53
CA GLN O 10 39.20 -34.97 13.86
C GLN O 10 40.35 -33.91 13.73
N ASP O 11 41.60 -34.36 13.79
CA ASP O 11 42.75 -33.46 13.65
C ASP O 11 42.63 -32.80 12.26
N ALA O 12 42.98 -31.52 12.19
CA ALA O 12 42.85 -30.76 10.97
C ALA O 12 43.84 -31.24 9.95
N THR O 13 43.45 -31.13 8.69
CA THR O 13 44.30 -31.49 7.58
C THR O 13 44.44 -30.31 6.63
N SER O 14 43.58 -29.31 6.77
CA SER O 14 43.70 -28.06 6.00
C SER O 14 43.82 -26.89 6.97
N PRO O 15 44.38 -25.75 6.51
CA PRO O 15 44.47 -24.52 7.33
C PRO O 15 43.09 -24.03 7.78
N ILE O 16 42.10 -24.21 6.90
CA ILE O 16 40.74 -23.81 7.25
C ILE O 16 40.22 -24.66 8.44
N MET O 17 40.33 -25.99 8.34
CA MET O 17 39.81 -26.79 9.44
C MET O 17 40.55 -26.37 10.73
N GLU O 18 41.83 -26.07 10.60
CA GLU O 18 42.64 -25.72 11.73
C GLU O 18 42.10 -24.44 12.36
N GLU O 19 41.90 -23.43 11.52
CA GLU O 19 41.17 -22.24 11.86
C GLU O 19 39.84 -22.51 12.59
N LEU O 20 39.00 -23.42 12.04
CA LEU O 20 37.77 -23.79 12.76
C LEU O 20 38.05 -24.39 14.14
N LEU O 21 39.13 -25.15 14.30
CA LEU O 21 39.46 -25.69 15.61
C LEU O 21 39.68 -24.57 16.67
N HIS O 22 40.39 -23.51 16.26
CA HIS O 22 40.76 -22.49 17.26
C HIS O 22 39.54 -21.69 17.57
N PHE O 23 38.70 -21.55 16.56
CA PHE O 23 37.49 -20.80 16.77
C PHE O 23 36.55 -21.56 17.71
N HIS O 24 36.49 -22.88 17.53
CA HIS O 24 35.65 -23.69 18.39
C HIS O 24 36.14 -23.61 19.86
N ASP O 25 37.45 -23.76 20.07
CA ASP O 25 38.02 -23.58 21.41
C ASP O 25 37.55 -22.23 22.05
N HIS O 26 37.61 -21.16 21.25
CA HIS O 26 37.30 -19.81 21.70
C HIS O 26 35.86 -19.70 22.11
N THR O 27 34.96 -20.31 21.33
CA THR O 27 33.55 -20.33 21.66
C THR O 27 33.27 -21.22 22.85
N LEU O 28 33.90 -22.38 22.86
CA LEU O 28 33.62 -23.39 23.91
C LEU O 28 34.02 -22.79 25.26
N MET O 29 35.21 -22.17 25.35
CA MET O 29 35.60 -21.39 26.51
C MET O 29 34.41 -20.56 27.02
N ILE O 30 33.85 -19.78 26.10
CA ILE O 30 32.76 -18.91 26.41
C ILE O 30 31.54 -19.68 26.86
N VAL O 31 31.33 -20.87 26.29
CA VAL O 31 30.17 -21.66 26.65
C VAL O 31 30.35 -22.23 28.05
N PHE O 32 31.59 -22.60 28.40
CA PHE O 32 31.92 -23.05 29.77
C PHE O 32 31.74 -21.93 30.78
N LEU O 33 32.08 -20.73 30.35
CA LEU O 33 31.95 -19.54 31.20
C LEU O 33 30.50 -19.37 31.63
N ILE O 34 29.63 -19.21 30.65
CA ILE O 34 28.23 -18.89 30.92
C ILE O 34 27.51 -20.02 31.59
N SER O 35 27.71 -21.24 31.10
CA SER O 35 27.04 -22.37 31.74
C SER O 35 27.56 -22.56 33.17
N SER O 36 28.84 -22.25 33.47
CA SER O 36 29.24 -22.45 34.86
C SER O 36 28.66 -21.33 35.71
N LEU O 37 28.76 -20.10 35.19
CA LEU O 37 28.15 -18.97 35.86
C LEU O 37 26.67 -19.22 36.25
N VAL O 38 25.90 -19.73 35.29
CA VAL O 38 24.47 -19.88 35.53
C VAL O 38 24.30 -20.87 36.66
N LEU O 39 25.12 -21.92 36.65
CA LEU O 39 24.91 -23.03 37.57
C LEU O 39 25.35 -22.57 38.99
N TYR O 40 26.39 -21.78 39.04
CA TYR O 40 26.78 -21.23 40.30
C TYR O 40 25.64 -20.37 40.82
N ILE O 41 25.15 -19.43 40.00
CA ILE O 41 24.14 -18.49 40.51
C ILE O 41 22.90 -19.18 41.07
N ILE O 42 22.44 -20.17 40.29
CA ILE O 42 21.37 -21.08 40.64
C ILE O 42 21.58 -21.69 42.01
N SER O 43 22.78 -22.21 42.29
CA SER O 43 23.00 -22.86 43.59
C SER O 43 23.07 -21.83 44.69
N LEU O 44 23.55 -20.63 44.36
CA LEU O 44 23.52 -19.49 45.30
C LEU O 44 22.09 -19.09 45.68
N MET O 45 21.20 -18.89 44.69
CA MET O 45 19.79 -18.61 45.03
C MET O 45 19.17 -19.67 45.94
N LEU O 46 19.68 -20.90 45.90
CA LEU O 46 18.93 -21.98 46.56
C LEU O 46 19.47 -22.37 47.90
N THR O 47 20.50 -21.66 48.36
CA THR O 47 21.23 -22.06 49.57
C THR O 47 21.17 -21.07 50.74
N THR O 48 20.08 -20.33 50.89
CA THR O 48 19.94 -19.46 52.03
C THR O 48 18.54 -19.46 52.58
N LYS O 49 18.44 -19.31 53.90
CA LYS O 49 17.14 -19.21 54.57
C LYS O 49 16.71 -17.74 54.62
N LEU O 50 17.60 -16.83 54.17
CA LEU O 50 17.25 -15.41 54.13
C LEU O 50 16.17 -15.20 53.10
N THR O 51 15.21 -14.34 53.38
CA THR O 51 14.22 -14.12 52.36
C THR O 51 13.93 -12.67 52.07
N HIS O 52 13.44 -12.43 50.86
CA HIS O 52 13.00 -11.10 50.42
C HIS O 52 11.92 -11.40 49.39
N THR O 53 10.68 -11.38 49.82
CA THR O 53 9.62 -11.81 48.97
C THR O 53 8.72 -10.67 48.53
N SER O 54 8.97 -9.44 48.96
CA SER O 54 8.17 -8.31 48.45
C SER O 54 8.67 -8.01 47.03
N THR O 55 8.18 -6.92 46.45
CA THR O 55 8.44 -6.51 45.06
C THR O 55 9.84 -5.92 44.87
N MET O 56 10.55 -6.45 43.87
CA MET O 56 11.89 -5.94 43.53
C MET O 56 11.89 -5.06 42.28
N ASP O 57 12.73 -4.03 42.24
CA ASP O 57 12.82 -3.17 41.07
C ASP O 57 13.78 -3.72 40.01
N ALA O 58 13.24 -4.02 38.83
CA ALA O 58 13.99 -4.66 37.73
C ALA O 58 14.89 -3.79 36.81
N GLN O 59 14.57 -2.51 36.60
CA GLN O 59 15.31 -1.76 35.55
C GLN O 59 16.59 -1.09 36.02
N GLU O 60 17.69 -1.84 35.94
CA GLU O 60 19.06 -1.45 36.37
C GLU O 60 19.86 -2.72 36.20
N VAL O 61 19.40 -3.77 36.87
CA VAL O 61 19.97 -5.05 36.65
C VAL O 61 19.80 -5.55 35.20
N GLU O 62 18.72 -5.12 34.52
CA GLU O 62 18.45 -5.63 33.19
C GLU O 62 19.39 -5.05 32.15
N THR O 63 19.90 -3.85 32.45
CA THR O 63 20.94 -3.23 31.61
C THR O 63 22.15 -4.12 31.50
N ILE O 64 22.65 -4.56 32.67
CA ILE O 64 23.83 -5.43 32.73
C ILE O 64 23.51 -6.67 31.93
N TRP O 65 22.29 -7.14 32.07
CA TRP O 65 22.08 -8.37 31.44
C TRP O 65 21.61 -8.41 30.02
N THR O 66 21.60 -7.25 29.40
CA THR O 66 21.42 -7.05 27.99
C THR O 66 22.82 -6.69 27.40
N ILE O 67 23.53 -5.77 28.03
CA ILE O 67 24.79 -5.27 27.51
C ILE O 67 25.95 -6.31 27.53
N LEU O 68 26.09 -7.01 28.64
CA LEU O 68 27.14 -8.02 28.70
C LEU O 68 26.92 -9.17 27.63
N PRO O 69 25.72 -9.78 27.56
CA PRO O 69 25.58 -10.80 26.49
C PRO O 69 25.83 -10.22 25.08
N ALA O 70 25.45 -8.95 24.83
CA ALA O 70 25.66 -8.35 23.49
C ALA O 70 27.15 -8.29 23.15
N ILE O 71 27.96 -7.90 24.13
CA ILE O 71 29.42 -7.88 24.03
C ILE O 71 30.01 -9.26 23.76
N ILE O 72 29.59 -10.25 24.55
CA ILE O 72 30.02 -11.64 24.34
C ILE O 72 29.66 -12.12 22.92
N LEU O 73 28.41 -11.83 22.46
CA LEU O 73 27.98 -12.22 21.15
C LEU O 73 28.92 -11.62 20.09
N ILE O 74 29.23 -10.33 20.19
CA ILE O 74 30.17 -9.72 19.23
C ILE O 74 31.58 -10.39 19.23
N LEU O 75 32.07 -10.74 20.42
CA LEU O 75 33.37 -11.39 20.52
C LEU O 75 33.32 -12.77 19.89
N ILE O 76 32.13 -13.33 19.81
CA ILE O 76 32.01 -14.55 19.09
C ILE O 76 31.91 -14.24 17.59
N ALA O 77 31.09 -13.26 17.22
CA ALA O 77 30.80 -13.02 15.78
C ALA O 77 32.00 -12.51 14.97
N LEU O 78 32.79 -11.61 15.54
CA LEU O 78 33.94 -11.10 14.74
C LEU O 78 34.80 -12.20 14.12
N PRO O 79 35.31 -13.13 14.96
CA PRO O 79 36.17 -14.17 14.41
C PRO O 79 35.41 -15.16 13.53
N SER O 80 34.15 -15.39 13.89
CA SER O 80 33.27 -16.29 13.13
C SER O 80 33.14 -15.83 11.68
N LEU O 81 32.89 -14.52 11.50
CA LEU O 81 32.70 -13.93 10.18
C LEU O 81 33.99 -13.86 9.36
N ARG O 82 35.09 -13.42 9.95
CA ARG O 82 36.40 -13.54 9.30
C ARG O 82 36.55 -14.97 8.74
N ILE O 83 36.39 -16.00 9.58
CA ILE O 83 36.61 -17.33 9.03
C ILE O 83 35.67 -17.57 7.86
N LEU O 84 34.44 -17.07 7.94
CA LEU O 84 33.43 -17.37 6.93
C LEU O 84 33.85 -16.78 5.59
N TYR O 85 34.27 -15.52 5.60
CA TYR O 85 34.75 -14.88 4.37
C TYR O 85 35.98 -15.58 3.76
N MET O 86 36.86 -16.03 4.65
CA MET O 86 38.12 -16.60 4.26
C MET O 86 37.84 -17.95 3.60
N MET O 87 36.85 -18.70 4.09
CA MET O 87 36.46 -19.94 3.43
C MET O 87 35.90 -19.72 2.02
N ASP O 88 35.43 -18.52 1.71
CA ASP O 88 34.85 -18.30 0.39
C ASP O 88 35.86 -17.65 -0.53
N GLU O 89 37.02 -17.32 0.03
CA GLU O 89 38.05 -16.47 -0.58
C GLU O 89 38.63 -17.03 -1.88
N ILE O 90 39.12 -16.09 -2.70
CA ILE O 90 39.57 -16.27 -4.10
C ILE O 90 41.08 -16.54 -4.24
N ASN O 91 41.43 -17.79 -4.51
CA ASN O 91 42.82 -18.28 -4.35
C ASN O 91 43.38 -19.08 -5.54
N ASN O 92 43.02 -18.64 -6.74
CA ASN O 92 43.36 -19.37 -7.97
C ASN O 92 43.64 -20.89 -7.85
N PRO O 93 42.64 -21.73 -8.22
CA PRO O 93 42.76 -23.17 -8.21
C PRO O 93 43.61 -23.76 -9.37
N SER O 94 44.33 -24.84 -9.09
CA SER O 94 45.16 -25.44 -10.13
C SER O 94 44.44 -26.55 -10.81
N LEU O 95 43.29 -26.96 -10.28
CA LEU O 95 42.67 -28.19 -10.75
C LEU O 95 41.19 -28.20 -10.38
N THR O 96 40.34 -28.54 -11.35
CA THR O 96 38.92 -28.68 -11.04
C THR O 96 38.51 -30.14 -11.03
N VAL O 97 37.92 -30.61 -9.93
CA VAL O 97 37.35 -31.96 -9.88
C VAL O 97 35.84 -31.87 -9.59
N LYS O 98 35.05 -32.65 -10.33
CA LYS O 98 33.62 -32.69 -10.04
C LYS O 98 33.28 -33.99 -9.30
N THR O 99 32.26 -33.92 -8.45
CA THR O 99 31.71 -35.12 -7.85
C THR O 99 30.20 -35.12 -8.14
N MET O 100 29.67 -36.27 -8.50
CA MET O 100 28.24 -36.40 -8.71
C MET O 100 27.74 -37.47 -7.78
N GLY O 101 26.61 -37.16 -7.14
CA GLY O 101 25.96 -38.09 -6.21
C GLY O 101 24.93 -38.99 -6.87
N HIS O 102 24.85 -40.24 -6.38
CA HIS O 102 23.85 -41.17 -6.88
C HIS O 102 23.37 -41.98 -5.75
N GLN O 103 22.16 -42.52 -5.87
CA GLN O 103 21.75 -43.60 -4.95
C GLN O 103 22.42 -44.97 -5.32
N TRP O 104 23.35 -45.52 -4.53
CA TRP O 104 24.06 -44.91 -3.45
C TRP O 104 25.51 -45.08 -3.70
N TYR O 105 26.09 -44.17 -4.48
CA TYR O 105 27.56 -44.13 -4.61
C TYR O 105 28.01 -42.75 -5.13
N TRP O 106 29.30 -42.56 -5.31
CA TRP O 106 29.76 -41.29 -5.86
C TRP O 106 30.46 -41.54 -7.12
N SER O 107 30.47 -40.56 -8.00
CA SER O 107 31.32 -40.59 -9.17
C SER O 107 32.12 -39.31 -9.29
N TYR O 108 33.23 -39.41 -9.99
CA TYR O 108 34.13 -38.30 -10.04
C TYR O 108 34.54 -38.16 -11.47
N GLU O 109 34.76 -36.91 -11.82
CA GLU O 109 35.14 -36.50 -13.14
C GLU O 109 36.30 -35.53 -12.96
N TYR O 110 37.36 -35.71 -13.76
CA TYR O 110 38.47 -34.77 -13.87
C TYR O 110 38.52 -34.48 -15.35
N THR O 111 38.01 -33.32 -15.76
CA THR O 111 37.90 -33.01 -17.18
C THR O 111 38.68 -31.74 -17.59
N ASP O 112 39.72 -31.38 -16.83
CA ASP O 112 40.54 -30.24 -17.25
C ASP O 112 41.26 -30.56 -18.59
N TYR O 113 41.73 -31.78 -18.79
CA TYR O 113 42.43 -32.15 -20.04
C TYR O 113 41.72 -33.30 -20.80
N GLU O 114 41.89 -34.53 -20.38
CA GLU O 114 41.06 -35.61 -20.93
C GLU O 114 39.81 -35.75 -20.10
N ASP O 115 38.79 -36.39 -20.64
CA ASP O 115 37.62 -36.76 -19.85
C ASP O 115 37.87 -38.07 -19.07
N LEU O 116 38.19 -37.92 -17.79
CA LEU O 116 38.46 -39.05 -16.92
C LEU O 116 37.32 -39.12 -15.90
N SER O 117 36.80 -40.32 -15.65
CA SER O 117 35.79 -40.45 -14.60
C SER O 117 35.62 -41.89 -14.14
N PHE O 118 35.07 -42.04 -12.95
CA PHE O 118 34.90 -43.36 -12.36
C PHE O 118 33.88 -43.32 -11.22
N ASP O 119 33.29 -44.46 -10.95
CA ASP O 119 32.35 -44.56 -9.87
C ASP O 119 33.11 -45.01 -8.68
N SER O 120 32.56 -44.79 -7.49
CA SER O 120 33.26 -45.11 -6.28
C SER O 120 32.26 -45.61 -5.26
N TYR O 121 32.34 -46.92 -5.01
CA TYR O 121 31.43 -47.69 -4.15
C TYR O 121 32.08 -48.15 -2.83
N MET O 122 31.30 -48.21 -1.78
CA MET O 122 31.71 -48.88 -0.55
C MET O 122 32.18 -50.36 -0.71
N ILE O 123 33.36 -50.69 -0.17
CA ILE O 123 33.69 -52.08 0.02
C ILE O 123 32.68 -52.71 1.00
N PRO O 124 31.92 -53.75 0.57
CA PRO O 124 31.13 -54.53 1.55
C PRO O 124 31.98 -55.15 2.68
N THR O 125 31.37 -55.29 3.85
CA THR O 125 32.03 -55.85 4.98
C THR O 125 32.69 -57.21 4.59
N SER O 126 31.93 -58.08 3.93
CA SER O 126 32.39 -59.45 3.64
C SER O 126 33.64 -59.46 2.75
N GLU O 127 33.90 -58.37 2.05
CA GLU O 127 35.06 -58.29 1.15
C GLU O 127 36.23 -57.42 1.63
N LEU O 128 36.19 -56.93 2.86
CA LEU O 128 37.34 -56.17 3.48
C LEU O 128 38.52 -57.11 3.66
N LYS O 129 39.66 -56.72 3.11
CA LYS O 129 40.92 -57.37 3.45
C LYS O 129 41.30 -56.98 4.88
N PRO O 130 42.06 -57.83 5.59
CA PRO O 130 42.39 -57.41 6.94
C PRO O 130 43.05 -56.03 7.00
N GLY O 131 42.74 -55.27 8.05
CA GLY O 131 43.20 -53.89 8.14
C GLY O 131 42.21 -52.83 7.68
N GLU O 132 41.29 -53.20 6.78
CA GLU O 132 40.32 -52.25 6.21
C GLU O 132 39.17 -51.93 7.15
N LEU O 133 38.62 -50.73 6.96
CA LEU O 133 37.66 -50.13 7.88
C LEU O 133 36.26 -50.35 7.38
N ARG O 134 35.48 -51.05 8.20
CA ARG O 134 34.05 -51.24 8.02
C ARG O 134 33.29 -49.92 7.71
N LEU O 135 32.49 -49.95 6.64
CA LEU O 135 31.65 -48.82 6.22
C LEU O 135 32.42 -47.62 5.64
N LEU O 136 33.74 -47.69 5.61
CA LEU O 136 34.53 -46.53 5.21
C LEU O 136 35.32 -46.64 3.90
N GLU O 137 35.72 -47.86 3.51
CA GLU O 137 36.54 -48.08 2.33
C GLU O 137 35.68 -48.07 1.05
N VAL O 138 36.28 -47.55 -0.01
CA VAL O 138 35.66 -47.56 -1.34
C VAL O 138 36.58 -48.31 -2.29
N ASP O 139 36.10 -48.78 -3.42
CA ASP O 139 37.00 -49.44 -4.36
C ASP O 139 38.01 -48.46 -5.02
N ASN O 140 37.53 -47.28 -5.45
CA ASN O 140 38.29 -46.26 -6.17
C ASN O 140 38.37 -44.94 -5.35
N ARG O 141 39.52 -44.63 -4.79
CA ARG O 141 39.69 -43.42 -4.03
C ARG O 141 39.80 -42.19 -4.89
N VAL O 142 39.52 -41.02 -4.34
CA VAL O 142 39.62 -39.80 -5.12
C VAL O 142 41.07 -39.37 -5.00
N VAL O 143 41.84 -39.62 -6.04
CA VAL O 143 43.26 -39.22 -6.03
C VAL O 143 43.46 -37.72 -6.27
N LEU O 144 44.18 -37.07 -5.35
CA LEU O 144 44.39 -35.63 -5.47
C LEU O 144 45.81 -35.21 -5.11
N PRO O 145 46.25 -34.08 -5.69
CA PRO O 145 47.52 -33.47 -5.32
C PRO O 145 47.48 -32.73 -3.94
N MET O 146 48.35 -33.14 -3.03
CA MET O 146 48.55 -32.37 -1.80
C MET O 146 49.15 -30.98 -2.04
N GLU O 147 48.90 -30.08 -1.10
CA GLU O 147 49.48 -28.74 -1.09
C GLU O 147 49.11 -27.92 -2.33
N MET O 148 47.96 -28.24 -2.93
CA MET O 148 47.45 -27.39 -4.01
C MET O 148 46.02 -26.97 -3.69
N THR O 149 45.58 -25.84 -4.18
CA THR O 149 44.18 -25.48 -4.06
C THR O 149 43.44 -26.15 -5.19
N ILE O 150 42.40 -26.91 -4.85
CA ILE O 150 41.57 -27.61 -5.82
C ILE O 150 40.15 -27.06 -5.76
N ARG O 151 39.55 -26.86 -6.93
CA ARG O 151 38.09 -26.56 -7.04
C ARG O 151 37.30 -27.86 -7.07
N MET O 152 36.45 -28.06 -6.07
CA MET O 152 35.54 -29.21 -6.07
C MET O 152 34.14 -28.73 -6.44
N LEU O 153 33.53 -29.36 -7.44
CA LEU O 153 32.15 -28.99 -7.79
C LEU O 153 31.25 -30.18 -7.50
N VAL O 154 30.17 -29.92 -6.79
CA VAL O 154 29.28 -30.96 -6.28
C VAL O 154 27.89 -30.82 -6.87
N SER O 155 27.33 -31.95 -7.30
CA SER O 155 25.99 -31.98 -7.87
C SER O 155 25.50 -33.38 -7.74
N SER O 156 24.30 -33.66 -8.22
CA SER O 156 23.73 -34.98 -7.99
C SER O 156 22.98 -35.34 -9.25
N GLU O 157 22.91 -36.62 -9.53
CA GLU O 157 22.12 -37.01 -10.65
C GLU O 157 20.76 -37.53 -10.17
N ASP O 158 20.50 -37.56 -8.87
CA ASP O 158 19.19 -38.05 -8.48
C ASP O 158 18.57 -37.27 -7.32
N VAL O 159 18.69 -37.74 -6.07
CA VAL O 159 18.16 -37.02 -4.92
C VAL O 159 19.23 -36.12 -4.35
N LEU O 160 18.98 -35.56 -3.17
CA LEU O 160 19.96 -34.69 -2.52
C LEU O 160 20.96 -35.62 -1.88
N HIS O 161 22.26 -35.29 -1.95
CA HIS O 161 23.24 -35.94 -1.11
C HIS O 161 24.05 -34.81 -0.51
N SER O 162 25.11 -35.14 0.19
CA SER O 162 25.95 -34.12 0.68
C SER O 162 27.36 -34.69 0.78
N TRP O 163 28.29 -34.02 0.09
CA TRP O 163 29.67 -34.41 0.06
C TRP O 163 30.49 -33.82 1.19
N ALA O 164 30.99 -34.66 2.08
CA ALA O 164 31.64 -34.18 3.32
C ALA O 164 32.97 -34.88 3.64
N VAL O 165 33.96 -34.12 4.12
CA VAL O 165 35.21 -34.69 4.65
C VAL O 165 35.58 -33.94 5.91
N PRO O 166 35.11 -34.46 7.04
CA PRO O 166 35.26 -33.67 8.26
C PRO O 166 36.71 -33.10 8.46
N SER O 167 37.72 -33.89 8.22
CA SER O 167 39.06 -33.41 8.61
C SER O 167 39.62 -32.33 7.70
N LEU O 168 39.04 -32.16 6.50
CA LEU O 168 39.39 -30.98 5.69
C LEU O 168 38.44 -29.81 5.87
N GLY O 169 37.55 -29.91 6.85
CA GLY O 169 36.40 -29.01 7.01
C GLY O 169 35.49 -28.79 5.82
N LEU O 170 35.16 -29.84 5.05
CA LEU O 170 34.26 -29.70 3.87
C LEU O 170 32.96 -30.37 4.10
N LYS O 171 31.90 -29.71 3.60
CA LYS O 171 30.57 -30.27 3.54
C LYS O 171 29.83 -29.37 2.60
N THR O 172 29.43 -29.94 1.46
CA THR O 172 28.68 -29.18 0.48
C THR O 172 27.59 -30.13 -0.02
N ASP O 173 26.33 -29.74 0.14
CA ASP O 173 25.20 -30.48 -0.48
C ASP O 173 25.29 -30.64 -1.99
N ALA O 174 24.86 -31.80 -2.44
CA ALA O 174 24.81 -32.19 -3.84
C ALA O 174 23.33 -32.17 -4.26
N ILE O 175 22.99 -31.21 -5.12
CA ILE O 175 21.64 -30.90 -5.51
C ILE O 175 21.50 -31.07 -7.02
N PRO O 176 20.51 -31.86 -7.44
CA PRO O 176 20.34 -32.05 -8.90
C PRO O 176 20.05 -30.73 -9.62
N GLY O 177 20.71 -30.47 -10.75
CA GLY O 177 20.49 -29.23 -11.44
C GLY O 177 21.29 -28.03 -10.93
N ARG O 178 22.07 -28.26 -9.88
CA ARG O 178 22.91 -27.22 -9.25
C ARG O 178 24.40 -27.62 -9.13
N LEU O 179 25.27 -26.68 -9.44
CA LEU O 179 26.68 -26.92 -9.37
C LEU O 179 27.23 -26.09 -8.18
N ASN O 180 27.52 -26.76 -7.06
CA ASN O 180 27.96 -26.07 -5.86
C ASN O 180 29.46 -26.17 -5.76
N GLN O 181 30.11 -25.02 -5.58
CA GLN O 181 31.56 -25.00 -5.57
C GLN O 181 32.09 -25.02 -4.15
N THR O 182 33.18 -25.75 -3.90
CA THR O 182 33.89 -25.54 -2.64
C THR O 182 35.38 -25.66 -2.90
N THR O 183 36.21 -25.24 -1.96
CA THR O 183 37.63 -25.28 -2.21
C THR O 183 38.36 -26.23 -1.26
N LEU O 184 39.27 -26.98 -1.84
CA LEU O 184 39.96 -28.03 -1.11
C LEU O 184 41.48 -27.78 -1.13
N MET O 185 42.10 -27.98 0.02
CA MET O 185 43.55 -27.87 0.19
C MET O 185 43.97 -28.79 1.36
N SER O 186 44.84 -29.76 1.08
CA SER O 186 45.43 -30.57 2.13
C SER O 186 46.88 -30.16 2.38
N SER O 187 47.21 -29.94 3.65
CA SER O 187 48.57 -29.70 4.12
C SER O 187 49.39 -30.96 4.19
N ARG O 188 48.76 -32.14 4.02
CA ARG O 188 49.43 -33.42 4.25
C ARG O 188 49.03 -34.46 3.21
N PRO O 189 49.91 -35.45 2.91
CA PRO O 189 49.50 -36.62 2.09
C PRO O 189 48.70 -37.58 2.95
N GLY O 190 48.06 -38.57 2.34
CA GLY O 190 47.36 -39.55 3.14
C GLY O 190 45.98 -39.89 2.66
N LEU O 191 45.23 -40.60 3.50
CA LEU O 191 43.84 -40.98 3.22
C LEU O 191 42.92 -40.21 4.15
N TYR O 192 41.92 -39.53 3.57
CA TYR O 192 40.95 -38.84 4.38
C TYR O 192 39.54 -39.25 4.06
N TYR O 193 38.79 -39.56 5.11
CA TYR O 193 37.49 -40.19 4.97
C TYR O 193 36.32 -39.22 5.19
N GLY O 194 35.24 -39.50 4.46
CA GLY O 194 33.98 -38.81 4.67
C GLY O 194 32.77 -39.67 4.44
N GLN O 195 31.62 -39.14 4.80
CA GLN O 195 30.41 -39.93 4.59
C GLN O 195 29.27 -39.04 4.03
N CYS O 196 28.35 -39.61 3.24
CA CYS O 196 27.19 -38.87 2.74
C CYS O 196 26.38 -38.24 3.88
N SER O 197 26.03 -36.98 3.70
CA SER O 197 25.57 -36.15 4.82
C SER O 197 24.23 -35.49 4.60
N GLU O 198 23.44 -35.99 3.68
CA GLU O 198 22.06 -35.55 3.54
C GLU O 198 21.30 -36.81 3.27
N ILE O 199 20.29 -37.09 4.08
CA ILE O 199 19.57 -38.38 3.96
C ILE O 199 19.08 -38.60 2.51
N CYS O 200 19.58 -39.64 1.84
CA CYS O 200 19.25 -39.84 0.41
C CYS O 200 18.60 -41.21 0.22
N GLY O 201 17.94 -41.74 1.25
CA GLY O 201 17.26 -43.02 1.13
C GLY O 201 17.88 -44.15 1.92
N SER O 202 17.55 -45.37 1.53
CA SER O 202 17.81 -46.54 2.37
C SER O 202 19.29 -46.89 2.47
N ASN O 203 20.10 -46.44 1.54
CA ASN O 203 21.51 -46.68 1.77
C ASN O 203 22.34 -45.45 2.04
N HIS O 204 21.69 -44.44 2.58
CA HIS O 204 22.36 -43.24 3.11
C HIS O 204 23.66 -43.48 3.86
N SER O 205 23.63 -44.48 4.76
CA SER O 205 24.75 -44.86 5.63
C SER O 205 25.96 -45.47 4.92
N PHE O 206 25.81 -45.72 3.63
CA PHE O 206 26.69 -46.65 2.97
C PHE O 206 27.26 -46.06 1.71
N MET O 207 27.52 -44.75 1.68
CA MET O 207 28.21 -44.21 0.51
C MET O 207 29.35 -43.26 0.85
N PRO O 208 30.45 -43.84 1.36
CA PRO O 208 31.53 -43.05 1.98
C PRO O 208 32.40 -42.44 0.91
N ILE O 209 33.30 -41.57 1.35
CA ILE O 209 34.20 -40.82 0.47
C ILE O 209 35.62 -41.07 0.94
N VAL O 210 36.51 -41.37 0.00
CA VAL O 210 37.90 -41.51 0.37
C VAL O 210 38.83 -40.76 -0.57
N LEU O 211 39.68 -39.90 0.02
CA LEU O 211 40.58 -39.06 -0.75
C LEU O 211 41.96 -39.59 -0.54
N GLU O 212 42.71 -39.65 -1.63
CA GLU O 212 44.08 -40.07 -1.52
C GLU O 212 44.91 -38.86 -1.90
N LEU O 213 45.63 -38.33 -0.93
CA LEU O 213 46.43 -37.13 -1.15
C LEU O 213 47.88 -37.49 -1.30
N VAL O 214 48.41 -37.08 -2.45
CA VAL O 214 49.72 -37.50 -2.96
C VAL O 214 50.38 -36.26 -3.60
N PRO O 215 51.71 -36.29 -3.72
CA PRO O 215 52.50 -35.33 -4.48
C PRO O 215 51.97 -35.20 -5.88
N LEU O 216 52.14 -34.02 -6.46
CA LEU O 216 51.68 -33.79 -7.84
C LEU O 216 52.24 -34.85 -8.84
N LYS O 217 53.56 -35.11 -8.76
CA LYS O 217 54.23 -36.03 -9.69
C LYS O 217 53.52 -37.36 -9.80
N TYR O 218 53.09 -37.89 -8.66
CA TYR O 218 52.38 -39.14 -8.57
C TYR O 218 50.95 -38.94 -9.03
N PHE O 219 50.35 -37.81 -8.61
CA PHE O 219 49.04 -37.49 -9.12
C PHE O 219 49.03 -37.51 -10.68
N GLU O 220 50.06 -36.91 -11.27
CA GLU O 220 50.17 -36.83 -12.73
C GLU O 220 50.28 -38.19 -13.36
N LYS O 221 51.23 -38.98 -12.86
CA LYS O 221 51.46 -40.33 -13.34
C LYS O 221 50.17 -41.12 -13.19
N TRP O 222 49.48 -40.96 -12.07
CA TRP O 222 48.22 -41.65 -11.89
C TRP O 222 47.21 -41.25 -12.93
N SER O 223 47.04 -39.96 -13.17
CA SER O 223 46.05 -39.51 -14.15
C SER O 223 46.44 -40.02 -15.54
N ALA O 224 47.72 -39.85 -15.91
CA ALA O 224 48.26 -40.33 -17.21
C ALA O 224 47.95 -41.82 -17.46
N SER O 225 48.01 -42.64 -16.41
CA SER O 225 47.75 -44.06 -16.54
C SER O 225 46.28 -44.42 -16.36
N MET O 226 45.38 -43.48 -16.54
CA MET O 226 43.96 -43.78 -16.39
C MET O 226 43.39 -43.65 -17.81
N LEU O 227 44.26 -43.23 -18.70
CA LEU O 227 44.03 -43.25 -20.14
C LEU O 227 44.51 -44.59 -20.69
N HIS P 3 -27.98 -19.19 36.15
CA HIS P 3 -27.81 -18.60 34.79
C HIS P 3 -26.77 -17.48 34.79
N GLN P 4 -26.32 -17.10 33.58
CA GLN P 4 -25.11 -16.29 33.39
C GLN P 4 -25.41 -14.81 33.60
N THR P 5 -24.38 -14.05 34.02
CA THR P 5 -24.42 -12.58 34.09
C THR P 5 -23.22 -11.97 33.33
N HIS P 6 -22.67 -12.78 32.42
CA HIS P 6 -21.76 -12.29 31.37
C HIS P 6 -22.53 -12.34 30.06
N ALA P 7 -21.97 -11.67 29.05
CA ALA P 7 -22.53 -11.56 27.73
C ALA P 7 -22.05 -12.57 26.72
N TYR P 8 -21.24 -13.55 27.11
CA TYR P 8 -20.73 -14.43 26.09
C TYR P 8 -21.67 -15.65 25.79
N HIS P 9 -21.32 -16.49 24.83
CA HIS P 9 -22.25 -17.44 24.32
C HIS P 9 -21.87 -18.86 24.65
N MET P 10 -22.59 -19.49 25.57
CA MET P 10 -22.27 -20.87 25.89
C MET P 10 -23.02 -21.75 24.91
N VAL P 11 -22.32 -22.37 23.98
CA VAL P 11 -22.93 -23.05 22.83
C VAL P 11 -23.43 -24.45 23.19
N ASN P 12 -24.59 -24.84 22.65
CA ASN P 12 -25.14 -26.17 22.92
C ASN P 12 -24.15 -27.21 22.42
N PRO P 13 -24.05 -28.35 23.11
CA PRO P 13 -23.23 -29.41 22.53
C PRO P 13 -23.60 -29.74 21.11
N SER P 14 -22.55 -29.97 20.32
CA SER P 14 -22.71 -30.10 18.88
C SER P 14 -21.98 -31.29 18.23
N PRO P 15 -22.65 -31.96 17.27
CA PRO P 15 -22.02 -33.06 16.51
C PRO P 15 -21.17 -32.58 15.32
N TRP P 16 -21.35 -31.30 14.93
CA TRP P 16 -20.68 -30.77 13.70
C TRP P 16 -19.14 -30.77 13.73
N PRO P 17 -18.52 -30.43 14.88
CA PRO P 17 -17.06 -30.55 14.90
C PRO P 17 -16.63 -31.97 14.55
N LEU P 18 -17.24 -32.96 15.21
CA LEU P 18 -16.93 -34.38 14.90
C LEU P 18 -17.25 -34.77 13.45
N THR P 19 -18.41 -34.35 12.91
CA THR P 19 -18.69 -34.74 11.52
C THR P 19 -17.70 -34.04 10.55
N GLY P 20 -17.31 -32.81 10.92
CA GLY P 20 -16.33 -32.08 10.13
C GLY P 20 -15.01 -32.83 10.11
N ALA P 21 -14.51 -33.23 11.28
CA ALA P 21 -13.23 -33.93 11.30
C ALA P 21 -13.33 -35.24 10.51
N LEU P 22 -14.39 -35.99 10.72
CA LEU P 22 -14.53 -37.26 9.95
C LEU P 22 -14.58 -36.97 8.44
N SER P 23 -15.28 -35.90 8.08
CA SER P 23 -15.40 -35.59 6.68
C SER P 23 -13.99 -35.16 6.14
N ALA P 24 -13.16 -34.54 6.99
CA ALA P 24 -11.78 -34.24 6.57
C ALA P 24 -10.97 -35.53 6.38
N LEU P 25 -11.19 -36.51 7.26
CA LEU P 25 -10.55 -37.78 7.04
C LEU P 25 -11.05 -38.42 5.69
N LEU P 26 -12.36 -38.38 5.44
CA LEU P 26 -12.94 -39.05 4.27
C LEU P 26 -12.36 -38.42 3.04
N MET P 27 -12.29 -37.10 3.09
CA MET P 27 -11.76 -36.32 1.95
C MET P 27 -10.31 -36.56 1.64
N THR P 28 -9.45 -36.54 2.69
CA THR P 28 -8.02 -36.75 2.48
C THR P 28 -7.68 -38.16 2.05
N SER P 29 -8.35 -39.14 2.68
CA SER P 29 -8.12 -40.53 2.31
C SER P 29 -8.78 -40.75 0.94
N GLY P 30 -9.96 -40.17 0.75
CA GLY P 30 -10.49 -40.00 -0.59
C GLY P 30 -9.48 -39.60 -1.65
N LEU P 31 -8.75 -38.51 -1.42
CA LEU P 31 -7.91 -38.00 -2.51
C LEU P 31 -6.81 -39.00 -2.76
N THR P 32 -6.37 -39.64 -1.67
CA THR P 32 -5.27 -40.56 -1.74
C THR P 32 -5.69 -41.81 -2.56
N MET P 33 -6.92 -42.27 -2.30
CA MET P 33 -7.48 -43.37 -2.96
C MET P 33 -7.63 -42.94 -4.44
N TRP P 34 -8.03 -41.68 -4.68
CA TRP P 34 -8.13 -41.18 -6.07
C TRP P 34 -6.84 -41.12 -6.85
N PHE P 35 -5.74 -40.62 -6.26
CA PHE P 35 -4.46 -40.47 -6.94
C PHE P 35 -3.78 -41.79 -7.20
N HIS P 36 -4.05 -42.78 -6.38
CA HIS P 36 -3.25 -44.00 -6.37
C HIS P 36 -4.00 -45.23 -6.78
N PHE P 37 -5.25 -45.33 -6.38
CA PHE P 37 -6.02 -46.52 -6.61
C PHE P 37 -7.24 -46.19 -7.43
N ASN P 38 -7.09 -45.28 -8.39
CA ASN P 38 -8.09 -45.12 -9.45
C ASN P 38 -9.56 -45.12 -8.95
N SER P 39 -9.82 -44.49 -7.80
CA SER P 39 -11.20 -44.45 -7.28
C SER P 39 -11.72 -43.17 -6.59
N MET P 40 -12.91 -42.72 -6.99
CA MET P 40 -13.53 -41.50 -6.46
C MET P 40 -14.55 -41.62 -5.31
N THR P 41 -14.89 -42.85 -4.93
CA THR P 41 -16.01 -43.10 -4.01
C THR P 41 -15.89 -42.42 -2.62
N LEU P 42 -14.79 -42.71 -1.90
CA LEU P 42 -14.48 -42.06 -0.62
C LEU P 42 -14.51 -40.53 -0.73
N LEU P 43 -13.82 -40.04 -1.76
CA LEU P 43 -13.81 -38.61 -2.03
C LEU P 43 -15.22 -38.05 -2.12
N MET P 44 -16.09 -38.72 -2.88
CA MET P 44 -17.46 -38.24 -3.10
C MET P 44 -18.21 -38.17 -1.77
N ILE P 45 -18.02 -39.22 -0.99
CA ILE P 45 -18.58 -39.31 0.32
C ILE P 45 -18.06 -38.21 1.24
N GLY P 46 -16.73 -38.01 1.25
CA GLY P 46 -16.10 -36.91 2.01
C GLY P 46 -16.62 -35.52 1.66
N LEU P 47 -16.72 -35.23 0.35
CA LEU P 47 -17.32 -33.98 -0.11
C LEU P 47 -18.77 -33.85 0.37
N THR P 48 -19.53 -34.92 0.25
CA THR P 48 -20.94 -34.89 0.64
C THR P 48 -21.04 -34.59 2.12
N THR P 49 -20.31 -35.30 2.97
CA THR P 49 -20.39 -35.08 4.44
C THR P 49 -19.90 -33.70 4.82
N ASN P 50 -18.86 -33.26 4.13
CA ASN P 50 -18.31 -31.94 4.40
C ASN P 50 -19.38 -30.85 4.15
N MET P 51 -19.96 -30.89 2.94
CA MET P 51 -21.12 -30.02 2.57
C MET P 51 -22.26 -30.04 3.58
N LEU P 52 -22.67 -31.24 3.99
CA LEU P 52 -23.76 -31.36 4.94
C LEU P 52 -23.34 -30.76 6.27
N THR P 53 -22.05 -30.94 6.63
CA THR P 53 -21.50 -30.44 7.90
C THR P 53 -21.50 -28.91 7.89
N MET P 54 -21.02 -28.29 6.81
CA MET P 54 -20.97 -26.82 6.80
C MET P 54 -22.36 -26.23 6.76
N TYR P 55 -23.24 -26.88 6.01
CA TYR P 55 -24.63 -26.43 5.95
C TYR P 55 -25.22 -26.37 7.37
N GLN P 56 -25.14 -27.46 8.11
CA GLN P 56 -25.88 -27.54 9.37
C GLN P 56 -25.25 -26.63 10.40
N TRP P 57 -23.92 -26.59 10.36
CA TRP P 57 -23.13 -25.78 11.30
C TRP P 57 -23.45 -24.30 11.11
N TRP P 58 -23.35 -23.81 9.87
CA TRP P 58 -23.72 -22.42 9.60
C TRP P 58 -25.18 -22.11 9.75
N ARG P 59 -26.03 -23.10 9.51
CA ARG P 59 -27.43 -22.94 9.82
C ARG P 59 -27.62 -22.66 11.32
N ASP P 60 -27.05 -23.54 12.17
CA ASP P 60 -27.07 -23.32 13.64
C ASP P 60 -26.59 -21.92 14.10
N VAL P 61 -25.60 -21.32 13.42
CA VAL P 61 -25.07 -20.02 13.85
C VAL P 61 -26.17 -18.96 13.57
N ILE P 62 -26.83 -19.10 12.42
CA ILE P 62 -27.95 -18.22 12.08
C ILE P 62 -29.04 -18.42 13.13
N ARG P 63 -29.38 -19.67 13.50
CA ARG P 63 -30.38 -19.87 14.58
C ARG P 63 -29.95 -19.22 15.90
N GLU P 64 -28.67 -19.42 16.29
CA GLU P 64 -28.14 -18.89 17.58
C GLU P 64 -28.18 -17.35 17.62
N SER P 65 -28.07 -16.72 16.44
CA SER P 65 -27.97 -15.25 16.30
C SER P 65 -29.30 -14.57 15.87
N THR P 66 -29.67 -14.72 14.60
CA THR P 66 -30.93 -14.14 14.12
C THR P 66 -32.17 -14.55 14.99
N PHE P 67 -32.37 -15.84 15.22
CA PHE P 67 -33.59 -16.33 15.90
C PHE P 67 -33.53 -16.43 17.42
N GLN P 68 -32.31 -16.52 18.00
CA GLN P 68 -32.17 -16.69 19.46
C GLN P 68 -31.48 -15.52 20.18
N GLY P 69 -30.80 -14.66 19.46
CA GLY P 69 -30.34 -13.42 20.08
C GLY P 69 -29.06 -13.56 20.87
N HIS P 70 -28.26 -14.59 20.56
CA HIS P 70 -27.02 -14.75 21.36
C HIS P 70 -25.87 -13.83 21.03
N HIS P 71 -25.91 -13.16 19.88
CA HIS P 71 -24.74 -12.36 19.42
C HIS P 71 -24.87 -10.98 19.98
N THR P 72 -24.56 -10.91 21.27
CA THR P 72 -24.36 -9.63 21.91
C THR P 72 -23.12 -8.92 21.22
N PRO P 73 -22.97 -7.62 21.52
CA PRO P 73 -21.85 -6.80 21.03
C PRO P 73 -20.52 -7.45 21.40
N ALA P 74 -20.48 -8.11 22.56
CA ALA P 74 -19.24 -8.79 22.99
C ALA P 74 -18.98 -9.96 22.07
N VAL P 75 -20.02 -10.75 21.81
CA VAL P 75 -19.86 -11.91 20.92
C VAL P 75 -19.55 -11.46 19.51
N GLN P 76 -20.22 -10.41 19.09
CA GLN P 76 -19.91 -9.84 17.80
C GLN P 76 -18.44 -9.32 17.60
N LYS P 77 -17.84 -8.61 18.60
CA LYS P 77 -16.42 -8.17 18.48
C LYS P 77 -15.55 -9.40 18.31
N GLY P 78 -15.88 -10.48 19.00
CA GLY P 78 -15.08 -11.67 18.91
C GLY P 78 -15.11 -12.21 17.49
N LEU P 79 -16.32 -12.31 16.93
CA LEU P 79 -16.50 -12.70 15.52
C LEU P 79 -15.64 -11.84 14.55
N ARG P 80 -15.55 -10.52 14.72
CA ARG P 80 -14.70 -9.69 13.79
C ARG P 80 -13.26 -10.08 13.88
N TYR P 81 -12.77 -10.24 15.11
CA TYR P 81 -11.40 -10.74 15.32
C TYR P 81 -11.13 -12.07 14.61
N GLY P 82 -12.00 -13.04 14.89
CA GLY P 82 -11.88 -14.34 14.22
C GLY P 82 -11.78 -14.19 12.71
N MET P 83 -12.67 -13.37 12.13
CA MET P 83 -12.72 -13.31 10.69
C MET P 83 -11.44 -12.64 10.20
N ILE P 84 -11.02 -11.54 10.83
CA ILE P 84 -9.76 -10.87 10.43
C ILE P 84 -8.59 -11.86 10.57
N LEU P 85 -8.55 -12.61 11.67
CA LEU P 85 -7.40 -13.51 11.79
C LEU P 85 -7.46 -14.57 10.68
N PHE P 86 -8.66 -15.03 10.35
CA PHE P 86 -8.78 -15.99 9.26
C PHE P 86 -8.23 -15.45 7.97
N ILE P 87 -8.65 -14.25 7.60
CA ILE P 87 -8.06 -13.61 6.42
C ILE P 87 -6.49 -13.57 6.47
N ILE P 88 -5.95 -13.29 7.64
CA ILE P 88 -4.45 -13.19 7.74
C ILE P 88 -3.82 -14.50 7.41
N SER P 89 -4.38 -15.62 7.92
CA SER P 89 -3.78 -16.91 7.56
C SER P 89 -3.90 -17.16 6.04
N GLU P 90 -4.93 -16.58 5.42
CA GLU P 90 -5.22 -16.92 4.02
C GLU P 90 -4.20 -16.15 3.25
N VAL P 91 -3.92 -14.92 3.70
CA VAL P 91 -2.81 -14.10 3.06
C VAL P 91 -1.44 -14.84 3.06
N LEU P 92 -1.09 -15.45 4.20
CA LEU P 92 0.18 -16.17 4.30
C LEU P 92 0.23 -17.44 3.43
N PHE P 93 -0.91 -18.10 3.28
CA PHE P 93 -1.03 -19.26 2.41
C PHE P 93 -0.68 -18.81 0.97
N PHE P 94 -1.21 -17.65 0.55
CA PHE P 94 -1.00 -17.19 -0.83
C PHE P 94 0.44 -16.70 -0.99
N THR P 95 0.96 -16.09 0.07
CA THR P 95 2.40 -15.70 0.12
C THR P 95 3.33 -16.86 -0.31
N GLY P 96 3.02 -18.07 0.15
CA GLY P 96 3.77 -19.21 -0.30
C GLY P 96 3.84 -19.37 -1.82
N PHE P 97 2.71 -19.16 -2.51
CA PHE P 97 2.66 -19.33 -3.97
C PHE P 97 3.35 -18.21 -4.71
N PHE P 98 3.23 -16.97 -4.23
CA PHE P 98 3.95 -15.82 -4.84
C PHE P 98 5.47 -15.97 -4.67
N TRP P 99 5.86 -16.45 -3.49
CA TRP P 99 7.24 -16.79 -3.26
C TRP P 99 7.73 -17.82 -4.30
N ALA P 100 6.98 -18.90 -4.46
CA ALA P 100 7.31 -19.89 -5.55
C ALA P 100 7.45 -19.19 -6.87
N PHE P 101 6.54 -18.27 -7.18
CA PHE P 101 6.61 -17.61 -8.47
C PHE P 101 7.86 -16.73 -8.57
N TYR P 102 8.16 -15.98 -7.51
CA TYR P 102 9.17 -14.98 -7.69
C TYR P 102 10.52 -15.70 -7.66
N HIS P 103 10.61 -16.78 -6.89
CA HIS P 103 11.82 -17.61 -6.89
C HIS P 103 12.14 -18.23 -8.25
N SER P 104 11.11 -18.76 -8.92
CA SER P 104 11.34 -19.36 -10.26
C SER P 104 11.67 -18.32 -11.35
N SER P 105 11.03 -17.16 -11.30
CA SER P 105 11.10 -16.26 -12.46
C SER P 105 12.29 -15.27 -12.37
N LEU P 106 12.67 -14.88 -11.16
CA LEU P 106 13.86 -14.05 -10.90
C LEU P 106 15.19 -14.76 -11.20
N ALA P 107 15.19 -16.07 -11.13
CA ALA P 107 16.41 -16.82 -11.35
C ALA P 107 16.16 -18.00 -12.33
N PRO P 108 15.74 -17.70 -13.57
CA PRO P 108 15.35 -18.84 -14.41
C PRO P 108 16.53 -19.81 -14.66
N THR P 109 16.32 -21.10 -14.45
CA THR P 109 17.31 -22.16 -14.71
C THR P 109 17.60 -22.54 -16.19
N PRO P 110 18.77 -23.20 -16.44
CA PRO P 110 19.14 -23.60 -17.79
C PRO P 110 18.09 -24.49 -18.48
N GLU P 111 17.37 -25.32 -17.72
CA GLU P 111 16.43 -26.28 -18.32
C GLU P 111 15.34 -25.52 -19.05
N LEU P 112 15.20 -24.26 -18.64
CA LEU P 112 14.19 -23.31 -19.13
C LEU P 112 14.68 -22.54 -20.35
N GLY P 113 16.00 -22.63 -20.55
CA GLY P 113 16.71 -21.84 -21.55
C GLY P 113 17.17 -20.59 -20.89
N GLY P 114 17.12 -20.60 -19.55
CA GLY P 114 17.74 -19.57 -18.71
C GLY P 114 17.07 -18.21 -18.90
N CYS P 115 15.76 -18.22 -19.15
CA CYS P 115 15.06 -16.98 -19.52
C CYS P 115 13.63 -17.07 -18.99
N TRP P 116 12.94 -15.92 -18.85
CA TRP P 116 11.56 -15.93 -18.36
C TRP P 116 10.71 -15.04 -19.26
N PRO P 117 9.57 -15.53 -19.78
CA PRO P 117 9.01 -16.87 -19.63
C PRO P 117 9.97 -17.87 -20.26
N PRO P 118 9.92 -19.16 -19.86
CA PRO P 118 10.73 -20.18 -20.49
C PRO P 118 10.58 -20.21 -22.00
N THR P 119 11.65 -20.60 -22.69
CA THR P 119 11.58 -20.96 -24.10
C THR P 119 10.37 -21.89 -24.31
N GLY P 120 9.56 -21.60 -25.30
CA GLY P 120 8.48 -22.49 -25.61
C GLY P 120 7.16 -22.10 -24.98
N ILE P 121 7.14 -21.09 -24.11
CA ILE P 121 5.87 -20.67 -23.48
C ILE P 121 5.33 -19.44 -24.21
N HIS P 122 4.03 -19.44 -24.51
CA HIS P 122 3.39 -18.29 -25.16
C HIS P 122 2.35 -17.82 -24.20
N PRO P 123 2.67 -16.75 -23.41
CA PRO P 123 1.84 -16.27 -22.27
C PRO P 123 0.64 -15.59 -22.80
N LEU P 124 -0.44 -15.54 -22.04
CA LEU P 124 -1.60 -14.73 -22.47
C LEU P 124 -1.27 -13.23 -22.56
N ASN P 125 -2.09 -12.48 -23.30
CA ASN P 125 -1.92 -11.05 -23.36
C ASN P 125 -2.62 -10.36 -22.15
N PRO P 126 -1.84 -9.75 -21.22
CA PRO P 126 -2.38 -9.08 -20.01
C PRO P 126 -3.35 -7.95 -20.34
N LEU P 127 -3.32 -7.53 -21.58
CA LEU P 127 -4.16 -6.47 -22.03
C LEU P 127 -5.50 -6.94 -22.58
N GLU P 128 -5.70 -8.23 -22.67
CA GLU P 128 -6.95 -8.76 -23.19
C GLU P 128 -7.94 -9.21 -22.10
N VAL P 129 -8.29 -10.50 -22.01
CA VAL P 129 -9.22 -10.96 -20.97
C VAL P 129 -8.68 -10.68 -19.55
N PRO P 130 -7.35 -10.87 -19.30
CA PRO P 130 -6.93 -10.56 -17.91
C PRO P 130 -7.19 -9.12 -17.54
N LEU P 131 -7.19 -8.18 -18.48
CA LEU P 131 -7.52 -6.84 -18.05
C LEU P 131 -8.99 -6.66 -17.76
N LEU P 132 -9.85 -7.30 -18.56
CA LEU P 132 -11.32 -7.29 -18.35
C LEU P 132 -11.60 -7.86 -16.97
N ASN P 133 -10.88 -8.95 -16.68
CA ASN P 133 -11.04 -9.63 -15.41
C ASN P 133 -10.79 -8.70 -14.29
N THR P 134 -9.68 -7.95 -14.38
CA THR P 134 -9.38 -6.90 -13.41
C THR P 134 -10.51 -5.92 -13.26
N SER P 135 -10.99 -5.34 -14.34
CA SER P 135 -12.14 -4.42 -14.19
C SER P 135 -13.43 -5.12 -13.69
N VAL P 136 -13.57 -6.42 -13.91
CA VAL P 136 -14.76 -7.06 -13.40
C VAL P 136 -14.72 -7.10 -11.88
N LEU P 137 -13.58 -7.53 -11.33
CA LEU P 137 -13.43 -7.53 -9.86
C LEU P 137 -13.40 -6.15 -9.16
N LEU P 138 -12.64 -5.18 -9.69
CA LEU P 138 -12.70 -3.82 -9.12
C LEU P 138 -14.14 -3.32 -9.09
N ALA P 139 -14.81 -3.39 -10.24
CA ALA P 139 -16.24 -2.99 -10.34
C ALA P 139 -17.01 -3.66 -9.19
N SER P 140 -16.79 -4.95 -8.99
CA SER P 140 -17.55 -5.61 -7.93
C SER P 140 -17.17 -5.07 -6.52
N GLY P 141 -15.94 -4.63 -6.31
CA GLY P 141 -15.59 -4.02 -5.01
C GLY P 141 -16.29 -2.68 -4.82
N VAL P 142 -16.61 -1.97 -5.91
CA VAL P 142 -17.44 -0.73 -5.82
C VAL P 142 -18.92 -1.10 -5.55
N SER P 143 -19.46 -2.12 -6.23
CA SER P 143 -20.91 -2.46 -6.02
C SER P 143 -21.21 -3.04 -4.61
N ILE P 144 -20.27 -3.83 -4.05
CA ILE P 144 -20.47 -4.38 -2.70
C ILE P 144 -20.48 -3.23 -1.69
N THR P 145 -19.70 -2.17 -1.97
CA THR P 145 -19.67 -1.05 -1.04
C THR P 145 -20.98 -0.28 -1.06
N TRP P 146 -21.52 -0.11 -2.26
CA TRP P 146 -22.87 0.45 -2.39
C TRP P 146 -23.87 -0.40 -1.65
N ALA P 147 -23.77 -1.74 -1.79
CA ALA P 147 -24.69 -2.65 -1.03
C ALA P 147 -24.63 -2.39 0.47
N HIS P 148 -23.39 -2.26 0.98
CA HIS P 148 -23.18 -2.01 2.40
C HIS P 148 -23.82 -0.71 2.88
N HIS P 149 -23.56 0.38 2.18
CA HIS P 149 -24.22 1.63 2.50
C HIS P 149 -25.70 1.56 2.41
N SER P 150 -26.25 0.87 1.40
CA SER P 150 -27.77 0.69 1.35
C SER P 150 -28.27 -0.10 2.56
N LEU P 151 -27.52 -1.11 3.01
CA LEU P 151 -27.93 -1.82 4.19
C LEU P 151 -27.95 -0.86 5.37
N MET P 152 -26.90 -0.07 5.53
CA MET P 152 -26.80 0.78 6.74
C MET P 152 -27.78 1.88 6.72
N GLU P 153 -28.17 2.32 5.53
CA GLU P 153 -29.18 3.38 5.46
C GLU P 153 -30.60 2.84 5.47
N GLY P 154 -30.78 1.52 5.60
CA GLY P 154 -32.10 0.89 5.76
C GLY P 154 -32.83 0.62 4.46
N ASP P 155 -32.10 0.64 3.37
CA ASP P 155 -32.76 0.56 2.09
C ASP P 155 -32.71 -0.86 1.55
N ARG P 156 -33.83 -1.59 1.69
CA ARG P 156 -33.87 -2.98 1.29
C ARG P 156 -33.64 -3.17 -0.22
N LYS P 157 -34.37 -2.40 -1.04
CA LYS P 157 -34.40 -2.67 -2.48
C LYS P 157 -32.99 -2.41 -3.07
N HIS P 158 -32.36 -1.31 -2.69
CA HIS P 158 -31.07 -1.05 -3.30
C HIS P 158 -29.97 -1.94 -2.75
N MET P 159 -30.12 -2.42 -1.53
CA MET P 159 -29.13 -3.39 -1.03
C MET P 159 -29.15 -4.61 -1.95
N LEU P 160 -30.36 -5.13 -2.24
CA LEU P 160 -30.52 -6.37 -3.03
C LEU P 160 -29.99 -6.16 -4.43
N GLN P 161 -30.30 -5.00 -4.99
CA GLN P 161 -29.81 -4.64 -6.30
C GLN P 161 -28.28 -4.62 -6.35
N ALA P 162 -27.66 -3.85 -5.45
CA ALA P 162 -26.18 -3.74 -5.40
C ALA P 162 -25.53 -5.13 -5.20
N LEU P 163 -26.19 -6.00 -4.41
CA LEU P 163 -25.64 -7.32 -4.15
C LEU P 163 -25.82 -8.28 -5.34
N PHE P 164 -26.95 -8.12 -6.02
CA PHE P 164 -27.20 -8.93 -7.20
C PHE P 164 -26.15 -8.60 -8.25
N ILE P 165 -25.79 -7.32 -8.31
CA ILE P 165 -24.77 -6.90 -9.27
C ILE P 165 -23.39 -7.48 -8.99
N THR P 166 -22.98 -7.38 -7.73
CA THR P 166 -21.76 -7.95 -7.22
C THR P 166 -21.61 -9.49 -7.49
N ILE P 167 -22.65 -10.26 -7.18
CA ILE P 167 -22.65 -11.71 -7.45
C ILE P 167 -22.47 -11.92 -8.95
N THR P 168 -23.18 -11.13 -9.75
CA THR P 168 -23.19 -11.38 -11.18
C THR P 168 -21.77 -11.15 -11.72
N LEU P 169 -21.16 -10.08 -11.24
CA LEU P 169 -19.78 -9.83 -11.70
C LEU P 169 -18.86 -10.99 -11.23
N GLY P 170 -19.01 -11.42 -9.97
CA GLY P 170 -18.22 -12.53 -9.47
C GLY P 170 -18.40 -13.75 -10.38
N VAL P 171 -19.66 -14.03 -10.80
CA VAL P 171 -19.93 -15.19 -11.66
C VAL P 171 -19.22 -14.96 -12.99
N TYR P 172 -19.30 -13.72 -13.43
CA TYR P 172 -18.81 -13.40 -14.72
C TYR P 172 -17.29 -13.65 -14.75
N PHE P 173 -16.60 -13.19 -13.69
CA PHE P 173 -15.14 -13.43 -13.55
C PHE P 173 -14.84 -14.94 -13.67
N THR P 174 -15.69 -15.77 -13.08
CA THR P 174 -15.44 -17.22 -13.05
C THR P 174 -15.59 -17.79 -14.44
N LEU P 175 -16.69 -17.45 -15.08
CA LEU P 175 -16.89 -17.84 -16.46
C LEU P 175 -15.69 -17.42 -17.32
N LEU P 176 -15.31 -16.15 -17.25
CA LEU P 176 -14.17 -15.70 -18.10
C LEU P 176 -12.93 -16.50 -17.81
N GLN P 177 -12.67 -16.75 -16.51
CA GLN P 177 -11.44 -17.38 -16.11
C GLN P 177 -11.46 -18.83 -16.58
N ALA P 178 -12.63 -19.47 -16.51
CA ALA P 178 -12.76 -20.85 -16.99
C ALA P 178 -12.46 -20.85 -18.49
N SER P 179 -12.96 -19.83 -19.16
CA SER P 179 -12.74 -19.81 -20.57
C SER P 179 -11.25 -19.64 -20.91
N GLU P 180 -10.64 -18.68 -20.28
CA GLU P 180 -9.21 -18.49 -20.35
C GLU P 180 -8.44 -19.79 -20.12
N TYR P 181 -8.89 -20.61 -19.17
CA TYR P 181 -8.22 -21.88 -18.92
C TYR P 181 -8.30 -22.79 -20.18
N TYR P 182 -9.50 -22.91 -20.72
CA TYR P 182 -9.67 -23.77 -21.90
C TYR P 182 -8.83 -23.26 -23.06
N GLU P 183 -8.73 -21.93 -23.21
CA GLU P 183 -7.99 -21.34 -24.34
C GLU P 183 -6.49 -21.37 -24.17
N ALA P 184 -5.99 -21.59 -22.97
CA ALA P 184 -4.54 -21.30 -22.77
C ALA P 184 -3.72 -22.30 -23.54
N PRO P 185 -2.70 -21.80 -24.26
CA PRO P 185 -1.82 -22.73 -24.97
C PRO P 185 -0.77 -23.40 -24.08
N PHE P 186 -0.84 -23.27 -22.75
CA PHE P 186 0.11 -23.96 -21.89
C PHE P 186 -0.78 -24.57 -20.82
N THR P 187 -0.25 -25.58 -20.13
CA THR P 187 -1.04 -26.37 -19.19
C THR P 187 -0.28 -26.46 -17.86
N ILE P 188 -0.92 -27.07 -16.87
CA ILE P 188 -0.30 -27.20 -15.55
C ILE P 188 0.99 -28.02 -15.58
N SER P 189 1.10 -28.86 -16.61
CA SER P 189 2.27 -29.73 -16.77
C SER P 189 3.40 -29.06 -17.56
N ASP P 190 3.25 -27.80 -17.93
CA ASP P 190 4.29 -27.14 -18.64
C ASP P 190 5.29 -26.50 -17.69
N GLY P 191 5.94 -27.36 -16.90
CA GLY P 191 7.05 -26.94 -16.08
C GLY P 191 6.63 -25.91 -15.04
N VAL P 192 7.59 -25.10 -14.65
CA VAL P 192 7.41 -24.27 -13.49
C VAL P 192 6.53 -23.11 -13.88
N TYR P 193 6.56 -22.73 -15.18
CA TYR P 193 5.67 -21.64 -15.58
C TYR P 193 4.22 -22.09 -15.44
N GLY P 194 3.88 -23.28 -15.94
CA GLY P 194 2.50 -23.75 -15.87
C GLY P 194 2.09 -24.12 -14.47
N SER P 195 3.04 -24.71 -13.72
CA SER P 195 2.75 -25.04 -12.32
C SER P 195 2.35 -23.79 -11.50
N THR P 196 3.11 -22.71 -11.66
CA THR P 196 2.89 -21.54 -10.74
C THR P 196 1.68 -20.75 -11.17
N PHE P 197 1.53 -20.62 -12.49
CA PHE P 197 0.33 -20.05 -13.09
C PHE P 197 -0.98 -20.71 -12.71
N PHE P 198 -1.11 -22.02 -12.89
CA PHE P 198 -2.41 -22.63 -12.56
C PHE P 198 -2.63 -22.87 -11.06
N VAL P 199 -1.57 -23.29 -10.34
CA VAL P 199 -1.80 -23.44 -8.89
C VAL P 199 -2.21 -22.11 -8.28
N ALA P 200 -1.49 -21.03 -8.59
CA ALA P 200 -1.79 -19.76 -7.89
C ALA P 200 -3.12 -19.17 -8.33
N THR P 201 -3.34 -19.04 -9.65
CA THR P 201 -4.63 -18.59 -10.15
C THR P 201 -5.76 -19.58 -9.80
N GLY P 202 -5.44 -20.88 -9.65
CA GLY P 202 -6.49 -21.87 -9.42
C GLY P 202 -7.01 -21.71 -8.03
N PHE P 203 -6.10 -21.44 -7.08
CA PHE P 203 -6.54 -21.25 -5.69
C PHE P 203 -7.30 -19.97 -5.62
N HIS P 204 -6.89 -19.01 -6.45
CA HIS P 204 -7.58 -17.74 -6.39
C HIS P 204 -8.97 -17.97 -6.87
N GLY P 205 -9.11 -18.74 -7.98
CA GLY P 205 -10.40 -18.95 -8.64
C GLY P 205 -11.31 -19.66 -7.67
N LEU P 206 -10.76 -20.62 -6.92
CA LEU P 206 -11.54 -21.35 -5.94
C LEU P 206 -12.00 -20.40 -4.82
N HIS P 207 -11.13 -19.47 -4.44
CA HIS P 207 -11.57 -18.45 -3.49
C HIS P 207 -12.65 -17.54 -4.02
N VAL P 208 -12.67 -17.30 -5.33
CA VAL P 208 -13.77 -16.51 -5.90
C VAL P 208 -15.11 -17.29 -5.81
N ILE P 209 -15.07 -18.60 -6.06
CA ILE P 209 -16.27 -19.40 -5.92
C ILE P 209 -16.76 -19.39 -4.47
N ILE P 210 -15.88 -19.69 -3.50
CA ILE P 210 -16.23 -19.54 -2.09
C ILE P 210 -16.81 -18.15 -1.73
N GLY P 211 -16.10 -17.10 -2.15
CA GLY P 211 -16.59 -15.72 -1.92
C GLY P 211 -17.97 -15.51 -2.53
N SER P 212 -18.14 -15.95 -3.79
CA SER P 212 -19.45 -15.78 -4.45
C SER P 212 -20.57 -16.53 -3.71
N THR P 213 -20.28 -17.77 -3.30
CA THR P 213 -21.22 -18.54 -2.49
C THR P 213 -21.59 -17.78 -1.21
N PHE P 214 -20.60 -17.20 -0.56
CA PHE P 214 -20.87 -16.51 0.70
C PHE P 214 -21.74 -15.28 0.38
N LEU P 215 -21.48 -14.65 -0.76
CA LEU P 215 -22.38 -13.54 -1.09
C LEU P 215 -23.84 -14.00 -1.40
N ILE P 216 -24.00 -15.14 -2.09
CA ILE P 216 -25.38 -15.68 -2.37
C ILE P 216 -26.17 -16.00 -1.08
N VAL P 217 -25.52 -16.67 -0.15
CA VAL P 217 -26.07 -16.87 1.18
C VAL P 217 -26.53 -15.51 1.75
N CYS P 218 -25.66 -14.47 1.71
CA CYS P 218 -26.01 -13.19 2.29
C CYS P 218 -27.23 -12.64 1.52
N PHE P 219 -27.25 -12.85 0.21
CA PHE P 219 -28.42 -12.46 -0.63
C PHE P 219 -29.71 -13.12 -0.09
N PHE P 220 -29.68 -14.45 0.11
CA PHE P 220 -30.90 -15.10 0.57
C PHE P 220 -31.34 -14.66 1.95
N ARG P 221 -30.38 -14.33 2.82
CA ARG P 221 -30.73 -13.97 4.18
C ARG P 221 -31.28 -12.56 4.20
N GLN P 222 -30.75 -11.71 3.32
CA GLN P 222 -31.30 -10.38 3.15
C GLN P 222 -32.76 -10.49 2.62
N LEU P 223 -33.00 -11.39 1.65
CA LEU P 223 -34.38 -11.58 1.08
C LEU P 223 -35.33 -11.93 2.20
N LYS P 224 -34.80 -12.69 3.16
CA LYS P 224 -35.56 -13.11 4.34
C LYS P 224 -35.51 -12.20 5.58
N PHE P 225 -34.94 -11.00 5.42
CA PHE P 225 -35.00 -9.96 6.45
C PHE P 225 -34.18 -10.30 7.71
N HIS P 226 -33.17 -11.15 7.57
CA HIS P 226 -32.22 -11.47 8.68
C HIS P 226 -31.40 -10.32 9.20
N PHE P 227 -31.04 -9.41 8.33
CA PHE P 227 -30.11 -8.37 8.72
C PHE P 227 -30.82 -7.15 9.27
N THR P 228 -30.25 -6.54 10.31
CA THR P 228 -30.79 -5.25 10.66
C THR P 228 -29.88 -4.29 9.99
N SER P 229 -30.21 -3.01 10.04
CA SER P 229 -29.33 -1.97 9.52
C SER P 229 -28.10 -1.80 10.38
N ASN P 230 -28.08 -2.41 11.57
CA ASN P 230 -26.90 -2.33 12.47
C ASN P 230 -26.19 -3.61 12.78
N HIS P 231 -26.88 -4.72 12.71
CA HIS P 231 -26.28 -5.98 13.01
C HIS P 231 -26.43 -6.90 11.79
N HIS P 232 -25.29 -7.22 11.20
CA HIS P 232 -25.23 -7.97 9.94
C HIS P 232 -23.81 -8.43 9.71
N PHE P 233 -23.26 -9.14 10.68
CA PHE P 233 -21.83 -9.41 10.58
C PHE P 233 -21.51 -10.37 9.43
N GLY P 234 -22.45 -11.27 9.14
CA GLY P 234 -22.32 -12.21 8.03
C GLY P 234 -22.06 -11.47 6.74
N PHE P 235 -22.71 -10.33 6.63
CA PHE P 235 -22.51 -9.58 5.43
C PHE P 235 -21.15 -8.83 5.47
N GLU P 236 -20.78 -8.20 6.60
CA GLU P 236 -19.42 -7.62 6.74
C GLU P 236 -18.29 -8.59 6.42
N ALA P 237 -18.40 -9.80 6.98
CA ALA P 237 -17.38 -10.84 6.81
C ALA P 237 -17.33 -11.22 5.35
N ALA P 238 -18.49 -11.36 4.70
CA ALA P 238 -18.48 -11.64 3.28
C ALA P 238 -17.83 -10.48 2.48
N ALA P 239 -17.99 -9.23 2.95
CA ALA P 239 -17.46 -8.10 2.16
C ALA P 239 -15.91 -8.03 2.31
N TRP P 240 -15.46 -8.20 3.54
CA TRP P 240 -14.02 -8.30 3.84
C TRP P 240 -13.43 -9.37 3.03
N TYR P 241 -14.07 -10.55 3.07
CA TYR P 241 -13.61 -11.68 2.24
C TYR P 241 -13.57 -11.31 0.75
N TRP P 242 -14.58 -10.56 0.33
CA TRP P 242 -14.65 -10.24 -1.07
C TRP P 242 -13.56 -9.31 -1.42
N HIS P 243 -13.25 -8.37 -0.52
CA HIS P 243 -12.16 -7.43 -0.86
C HIS P 243 -10.82 -8.12 -0.86
N PHE P 244 -10.63 -9.10 0.02
CA PHE P 244 -9.36 -9.82 0.08
C PHE P 244 -9.16 -10.57 -1.28
N VAL P 245 -10.23 -11.14 -1.80
CA VAL P 245 -10.20 -11.85 -3.09
C VAL P 245 -9.81 -10.90 -4.24
N ASP P 246 -10.38 -9.70 -4.23
CA ASP P 246 -10.05 -8.71 -5.23
C ASP P 246 -8.54 -8.35 -5.13
N VAL P 247 -8.05 -8.18 -3.92
CA VAL P 247 -6.69 -7.66 -3.75
C VAL P 247 -5.72 -8.71 -4.18
N VAL P 248 -6.07 -9.99 -3.91
CA VAL P 248 -5.16 -11.10 -4.36
C VAL P 248 -5.11 -11.07 -5.87
N TRP P 249 -6.23 -10.73 -6.49
CA TRP P 249 -6.26 -10.80 -7.96
C TRP P 249 -5.27 -9.74 -8.49
N LEU P 250 -5.34 -8.54 -7.92
CA LEU P 250 -4.42 -7.47 -8.39
C LEU P 250 -2.92 -7.86 -8.25
N PHE P 251 -2.56 -8.46 -7.12
CA PHE P 251 -1.23 -8.96 -7.01
C PHE P 251 -0.93 -10.03 -8.06
N LEU P 252 -1.87 -10.94 -8.33
CA LEU P 252 -1.67 -11.94 -9.39
C LEU P 252 -1.53 -11.26 -10.73
N TYR P 253 -2.38 -10.29 -10.98
CA TYR P 253 -2.37 -9.66 -12.27
C TYR P 253 -1.00 -8.94 -12.48
N VAL P 254 -0.60 -8.14 -11.53
CA VAL P 254 0.69 -7.45 -11.66
C VAL P 254 1.93 -8.38 -11.74
N SER P 255 1.98 -9.45 -10.93
CA SER P 255 3.16 -10.30 -10.84
C SER P 255 3.14 -11.33 -11.95
N ILE P 256 2.03 -12.06 -12.11
CA ILE P 256 2.10 -13.25 -12.96
C ILE P 256 1.78 -12.81 -14.37
N TYR P 257 0.70 -12.05 -14.58
CA TYR P 257 0.29 -11.74 -15.95
C TYR P 257 1.13 -10.66 -16.56
N TRP P 258 1.55 -9.66 -15.78
CA TRP P 258 2.10 -8.47 -16.44
C TRP P 258 3.59 -8.56 -16.39
N TRP P 259 4.13 -8.32 -15.20
CA TRP P 259 5.56 -8.27 -15.05
C TRP P 259 6.12 -9.66 -15.43
N GLY P 260 5.30 -10.71 -15.30
CA GLY P 260 5.77 -12.08 -15.47
C GLY P 260 5.66 -12.63 -16.89
N SER P 261 5.14 -11.81 -17.80
CA SER P 261 4.98 -12.25 -19.20
C SER P 261 6.07 -11.70 -20.12
N SER Q 4 -12.71 -33.46 63.55
CA SER Q 4 -12.59 -34.77 62.86
C SER Q 4 -12.65 -34.62 61.33
N VAL Q 5 -13.82 -34.89 60.72
CA VAL Q 5 -14.03 -34.78 59.25
C VAL Q 5 -14.58 -33.39 58.84
N VAL Q 6 -14.18 -32.92 57.65
CA VAL Q 6 -14.52 -31.55 57.14
C VAL Q 6 -15.90 -31.48 56.39
N LYS Q 7 -16.44 -30.26 56.26
CA LYS Q 7 -17.75 -29.95 55.64
C LYS Q 7 -17.75 -28.51 55.03
N SER Q 8 -18.56 -28.30 53.99
CA SER Q 8 -18.71 -27.01 53.23
C SER Q 8 -17.79 -26.82 51.99
N GLU Q 9 -17.96 -25.67 51.33
CA GLU Q 9 -17.23 -25.26 50.12
C GLU Q 9 -15.94 -24.52 50.52
N ASP Q 10 -15.00 -25.25 51.11
CA ASP Q 10 -13.83 -24.65 51.76
C ASP Q 10 -13.02 -23.70 50.87
N TYR Q 11 -13.09 -23.96 49.56
CA TYR Q 11 -12.23 -23.31 48.60
C TYR Q 11 -12.50 -21.81 48.52
N ALA Q 12 -13.73 -21.40 48.85
CA ALA Q 12 -14.14 -20.00 48.87
C ALA Q 12 -13.88 -19.28 50.23
N LEU Q 13 -13.63 -20.08 51.25
CA LEU Q 13 -13.35 -19.58 52.57
C LEU Q 13 -11.86 -19.47 52.86
N PRO Q 14 -11.48 -18.42 53.60
CA PRO Q 14 -10.10 -18.32 54.11
C PRO Q 14 -9.63 -19.63 54.75
N SER Q 15 -8.38 -19.98 54.55
CA SER Q 15 -7.89 -21.20 55.15
C SER Q 15 -6.57 -21.05 55.91
N TYR Q 16 -6.30 -22.06 56.70
CA TYR Q 16 -5.15 -22.07 57.54
C TYR Q 16 -3.97 -22.55 56.68
N VAL Q 17 -2.84 -21.86 56.75
CA VAL Q 17 -1.55 -22.38 56.23
C VAL Q 17 -0.40 -22.13 57.22
N ASP Q 18 0.57 -23.03 57.24
CA ASP Q 18 1.83 -22.71 57.92
C ASP Q 18 2.95 -22.37 56.95
N ARG Q 19 3.25 -21.08 56.79
CA ARG Q 19 4.44 -20.75 56.06
C ARG Q 19 5.22 -19.59 56.68
N ARG Q 20 6.55 -19.70 56.57
CA ARG Q 20 7.52 -18.72 57.05
C ARG Q 20 7.18 -17.31 56.58
N ASP Q 21 6.76 -17.15 55.30
CA ASP Q 21 6.41 -15.82 54.71
C ASP Q 21 4.98 -15.39 54.99
N TYR Q 22 4.21 -16.24 55.65
CA TYR Q 22 2.86 -15.81 55.97
C TYR Q 22 2.64 -16.19 57.46
N PRO Q 23 3.46 -15.59 58.37
CA PRO Q 23 3.53 -16.05 59.77
C PRO Q 23 2.18 -16.12 60.48
N LEU Q 24 1.35 -15.10 60.21
CA LEU Q 24 0.03 -14.95 60.86
C LEU Q 24 -1.13 -15.25 59.88
N PRO Q 25 -1.53 -16.53 59.77
CA PRO Q 25 -2.59 -16.90 58.81
C PRO Q 25 -3.96 -16.32 59.17
N ASP Q 26 -4.88 -16.39 58.23
CA ASP Q 26 -6.17 -15.67 58.32
C ASP Q 26 -7.21 -16.28 59.26
N VAL Q 27 -7.06 -17.55 59.61
CA VAL Q 27 -8.00 -18.19 60.52
C VAL Q 27 -7.21 -18.97 61.55
N ALA Q 28 -7.83 -19.29 62.69
CA ALA Q 28 -7.13 -20.05 63.74
C ALA Q 28 -7.15 -21.50 63.33
N HIS Q 29 -6.13 -22.23 63.81
CA HIS Q 29 -5.94 -23.65 63.53
C HIS Q 29 -7.09 -24.51 64.07
N VAL Q 30 -7.44 -24.28 65.32
CA VAL Q 30 -8.52 -24.96 66.02
C VAL Q 30 -9.72 -24.02 65.96
N LYS Q 31 -10.65 -24.31 65.05
CA LYS Q 31 -11.77 -23.43 64.78
C LYS Q 31 -12.86 -23.44 65.87
N ASN Q 32 -13.14 -24.63 66.42
CA ASN Q 32 -14.23 -24.80 67.40
C ASN Q 32 -13.85 -25.21 68.82
N LEU Q 33 -14.05 -24.27 69.73
CA LEU Q 33 -13.49 -24.36 71.07
C LEU Q 33 -14.25 -25.28 72.04
N SER Q 34 -13.51 -26.03 72.87
CA SER Q 34 -14.12 -26.94 73.83
C SER Q 34 -14.51 -26.24 75.14
N ALA Q 35 -14.76 -27.03 76.19
CA ALA Q 35 -15.17 -26.50 77.50
C ALA Q 35 -14.07 -25.66 78.15
N SER Q 36 -12.97 -26.33 78.47
CA SER Q 36 -11.77 -25.74 79.05
C SER Q 36 -11.15 -24.65 78.15
N GLN Q 37 -11.28 -24.82 76.82
CA GLN Q 37 -10.65 -23.92 75.84
C GLN Q 37 -11.27 -22.54 75.78
N LYS Q 38 -12.60 -22.48 75.87
CA LYS Q 38 -13.28 -21.18 75.89
C LYS Q 38 -12.96 -20.46 77.19
N ALA Q 39 -12.60 -21.24 78.21
CA ALA Q 39 -12.18 -20.71 79.51
C ALA Q 39 -10.76 -20.13 79.43
N LEU Q 40 -9.86 -20.90 78.80
CA LEU Q 40 -8.48 -20.50 78.52
C LEU Q 40 -8.39 -19.15 77.81
N LYS Q 41 -9.25 -18.95 76.80
CA LYS Q 41 -9.31 -17.70 76.04
C LYS Q 41 -9.88 -16.57 76.86
N GLU Q 42 -10.67 -16.91 77.87
CA GLU Q 42 -11.25 -15.91 78.72
C GLU Q 42 -10.16 -15.47 79.69
N LYS Q 43 -9.43 -16.44 80.24
CA LYS Q 43 -8.30 -16.11 81.11
C LYS Q 43 -7.25 -15.23 80.41
N GLU Q 44 -7.06 -15.43 79.11
CA GLU Q 44 -6.06 -14.71 78.31
C GLU Q 44 -6.37 -13.25 78.19
N LYS Q 45 -7.57 -12.86 78.63
CA LYS Q 45 -8.00 -11.46 78.61
C LYS Q 45 -7.36 -10.76 79.79
N ALA Q 46 -7.01 -11.57 80.80
CA ALA Q 46 -6.33 -11.11 81.99
C ALA Q 46 -4.84 -11.13 81.75
N SER Q 47 -4.06 -10.63 82.72
CA SER Q 47 -2.61 -10.56 82.63
C SER Q 47 -1.96 -11.92 82.30
N TRP Q 48 -0.96 -11.89 81.42
CA TRP Q 48 -0.34 -13.12 80.92
C TRP Q 48 0.64 -13.68 81.87
N SER Q 49 1.15 -12.85 82.80
CA SER Q 49 2.07 -13.28 83.87
C SER Q 49 1.42 -14.37 84.71
N SER Q 50 0.08 -14.29 84.77
CA SER Q 50 -0.76 -15.23 85.51
C SER Q 50 -1.09 -16.53 84.75
N LEU Q 51 -0.45 -16.73 83.60
CA LEU Q 51 -0.67 -17.93 82.82
C LEU Q 51 0.46 -18.91 83.00
N SER Q 52 0.14 -20.18 83.20
CA SER Q 52 1.18 -21.19 83.37
C SER Q 52 1.76 -21.57 82.01
N ILE Q 53 2.98 -22.09 82.02
CA ILE Q 53 3.62 -22.59 80.81
C ILE Q 53 2.70 -23.56 80.00
N ASP Q 54 2.08 -24.54 80.68
CA ASP Q 54 1.13 -25.44 80.04
C ASP Q 54 -0.01 -24.66 79.36
N GLU Q 55 -0.51 -23.63 80.04
CA GLU Q 55 -1.61 -22.83 79.52
C GLU Q 55 -1.18 -22.07 78.27
N LYS Q 56 0.04 -21.53 78.30
CA LYS Q 56 0.59 -20.80 77.18
C LYS Q 56 0.79 -21.69 75.95
N VAL Q 57 1.33 -22.90 76.17
CA VAL Q 57 1.49 -23.86 75.07
C VAL Q 57 0.14 -24.20 74.41
N GLU Q 58 -0.89 -24.36 75.22
CA GLU Q 58 -2.20 -24.75 74.70
C GLU Q 58 -2.82 -23.63 73.85
N LEU Q 59 -2.60 -22.39 74.32
CA LEU Q 59 -3.01 -21.19 73.61
C LEU Q 59 -2.37 -21.08 72.21
N TYR Q 60 -1.05 -21.27 72.16
CA TYR Q 60 -0.32 -21.24 70.91
C TYR Q 60 -0.91 -22.27 69.93
N ARG Q 61 -1.07 -23.51 70.42
CA ARG Q 61 -1.54 -24.66 69.62
C ARG Q 61 -3.02 -24.62 69.26
N LEU Q 62 -3.78 -23.72 69.88
CA LEU Q 62 -5.14 -23.46 69.42
C LEU Q 62 -5.09 -22.63 68.16
N LYS Q 63 -4.15 -21.70 68.13
CA LYS Q 63 -4.09 -20.72 67.06
C LYS Q 63 -3.24 -21.23 65.91
N PHE Q 64 -2.21 -22.03 66.19
CA PHE Q 64 -1.34 -22.57 65.14
C PHE Q 64 -1.22 -24.10 65.16
N LYS Q 65 -1.07 -24.68 63.98
CA LYS Q 65 -0.78 -26.10 63.90
C LYS Q 65 0.71 -26.35 64.18
N GLU Q 66 1.58 -25.79 63.36
CA GLU Q 66 3.00 -26.04 63.54
C GLU Q 66 3.83 -24.83 64.00
N SER Q 67 4.76 -25.07 64.90
CA SER Q 67 5.76 -24.06 65.18
C SER Q 67 6.70 -23.88 63.98
N PHE Q 68 7.41 -22.76 64.00
CA PHE Q 68 8.50 -22.52 63.10
C PHE Q 68 9.51 -23.64 63.07
N ALA Q 69 9.88 -24.15 64.25
CA ALA Q 69 10.91 -25.17 64.32
C ALA Q 69 10.34 -26.43 63.69
N GLU Q 70 9.05 -26.71 63.96
CA GLU Q 70 8.32 -27.83 63.35
C GLU Q 70 8.20 -27.66 61.86
N MET Q 71 7.76 -26.49 61.43
CA MET Q 71 7.46 -26.35 60.02
C MET Q 71 8.71 -26.41 59.15
N ASN Q 72 9.88 -26.31 59.77
CA ASN Q 72 11.15 -26.13 59.09
C ASN Q 72 12.11 -27.29 59.23
N ARG Q 73 11.68 -28.36 59.91
CA ARG Q 73 12.58 -29.48 60.13
C ARG Q 73 12.86 -30.19 58.82
N SER Q 74 14.07 -30.71 58.66
CA SER Q 74 14.37 -31.51 57.49
C SER Q 74 14.01 -32.98 57.73
N THR Q 75 14.05 -33.80 56.68
CA THR Q 75 13.60 -35.17 56.81
C THR Q 75 14.60 -36.13 56.19
N ASN Q 76 14.28 -37.41 56.24
CA ASN Q 76 15.09 -38.41 55.60
C ASN Q 76 14.64 -38.86 54.24
N GLU Q 77 13.67 -38.13 53.67
CA GLU Q 77 13.11 -38.45 52.36
C GLU Q 77 14.13 -38.66 51.25
N TRP Q 78 15.16 -37.81 51.23
CA TRP Q 78 16.21 -37.87 50.23
C TRP Q 78 16.84 -39.23 50.13
N LYS Q 79 16.93 -39.91 51.27
CA LYS Q 79 17.48 -41.27 51.34
C LYS Q 79 16.54 -42.26 50.64
N THR Q 80 15.26 -42.09 50.90
CA THR Q 80 14.28 -42.84 50.20
C THR Q 80 14.32 -42.50 48.70
N VAL Q 81 14.54 -41.23 48.38
CA VAL Q 81 14.45 -40.85 46.99
C VAL Q 81 15.65 -41.39 46.21
N VAL Q 82 16.85 -41.16 46.72
CA VAL Q 82 18.06 -41.56 46.01
C VAL Q 82 18.15 -43.11 45.95
N GLY Q 83 17.90 -43.73 47.11
CA GLY Q 83 17.83 -45.18 47.21
C GLY Q 83 16.93 -45.82 46.15
N ALA Q 84 15.68 -45.35 46.05
CA ALA Q 84 14.70 -45.93 45.14
C ALA Q 84 15.12 -45.67 43.71
N ALA Q 85 15.71 -44.48 43.47
CA ALA Q 85 16.22 -44.11 42.16
C ALA Q 85 17.28 -45.11 41.67
N MET Q 86 18.26 -45.40 42.51
CA MET Q 86 19.31 -46.34 42.11
C MET Q 86 18.79 -47.76 41.92
N PHE Q 87 17.74 -48.11 42.68
CA PHE Q 87 17.20 -49.43 42.52
C PHE Q 87 16.55 -49.56 41.14
N PHE Q 88 15.87 -48.48 40.75
CA PHE Q 88 15.25 -48.45 39.47
C PHE Q 88 16.25 -48.43 38.32
N ILE Q 89 17.28 -47.62 38.44
CA ILE Q 89 18.36 -47.68 37.49
C ILE Q 89 18.92 -49.12 37.43
N GLY Q 90 18.92 -49.77 38.59
CA GLY Q 90 19.45 -51.11 38.72
C GLY Q 90 18.62 -52.07 37.93
N PHE Q 91 17.32 -51.99 38.14
CA PHE Q 91 16.39 -52.81 37.38
C PHE Q 91 16.55 -52.66 35.88
N THR Q 92 16.81 -51.44 35.44
CA THR Q 92 16.98 -51.15 34.03
C THR Q 92 18.09 -52.02 33.40
N ALA Q 93 19.21 -52.15 34.13
CA ALA Q 93 20.33 -52.99 33.67
C ALA Q 93 19.88 -54.44 33.41
N LEU Q 94 18.83 -54.92 34.09
CA LEU Q 94 18.23 -56.24 33.77
C LEU Q 94 17.67 -56.32 32.37
N LEU Q 95 16.94 -55.28 31.97
CA LEU Q 95 16.39 -55.18 30.60
C LEU Q 95 17.53 -55.18 29.59
N LEU Q 96 18.53 -54.37 29.90
CA LEU Q 96 19.76 -54.36 29.12
C LEU Q 96 20.40 -55.75 29.02
N ILE Q 97 20.48 -56.46 30.14
CA ILE Q 97 21.00 -57.82 30.11
C ILE Q 97 20.10 -58.68 29.22
N TRP Q 98 18.79 -58.61 29.45
CA TRP Q 98 17.84 -59.37 28.65
C TRP Q 98 18.10 -59.12 27.17
N GLU Q 99 17.99 -57.87 26.75
CA GLU Q 99 18.18 -57.49 25.37
C GLU Q 99 19.45 -58.05 24.72
N LYS Q 100 20.54 -58.10 25.48
CA LYS Q 100 21.81 -58.59 24.94
C LYS Q 100 21.78 -60.10 24.60
N HIS Q 101 21.07 -60.90 25.39
CA HIS Q 101 21.05 -62.37 25.17
C HIS Q 101 20.00 -62.79 24.19
N TYR Q 102 18.91 -62.05 24.13
CA TYR Q 102 17.79 -62.45 23.31
C TYR Q 102 17.71 -61.68 22.00
N VAL Q 103 18.03 -60.39 22.02
CA VAL Q 103 17.76 -59.57 20.85
C VAL Q 103 18.92 -59.40 19.90
N TYR Q 104 20.09 -59.09 20.42
CA TYR Q 104 21.22 -58.73 19.59
C TYR Q 104 21.95 -59.91 18.96
N GLY Q 105 22.14 -59.86 17.64
CA GLY Q 105 23.01 -60.83 16.98
C GLY Q 105 24.47 -60.62 17.34
N PRO Q 106 25.37 -61.44 16.75
CA PRO Q 106 26.80 -61.23 16.89
C PRO Q 106 27.21 -59.96 16.16
N ILE Q 107 28.26 -59.33 16.69
CA ILE Q 107 28.74 -58.07 16.18
C ILE Q 107 29.74 -58.26 15.06
N PRO Q 108 29.98 -57.21 14.26
CA PRO Q 108 30.84 -57.49 13.10
C PRO Q 108 32.24 -58.05 13.40
N HIS Q 109 32.76 -58.83 12.47
CA HIS Q 109 34.03 -59.54 12.61
C HIS Q 109 35.22 -58.61 12.66
N THR Q 110 34.97 -57.34 12.36
CA THR Q 110 36.01 -56.31 12.35
C THR Q 110 36.37 -55.93 13.81
N PHE Q 111 35.57 -56.39 14.77
CA PHE Q 111 35.88 -56.24 16.18
C PHE Q 111 36.73 -57.39 16.78
N GLU Q 112 37.09 -58.41 15.98
CA GLU Q 112 38.03 -59.47 16.40
C GLU Q 112 39.41 -58.90 16.70
N GLU Q 113 39.99 -59.33 17.83
CA GLU Q 113 41.28 -58.85 18.33
C GLU Q 113 42.35 -58.78 17.26
N GLU Q 114 42.40 -59.84 16.47
CA GLU Q 114 43.26 -59.99 15.32
C GLU Q 114 42.97 -58.87 14.31
N TRP Q 115 41.71 -58.75 13.90
CA TRP Q 115 41.33 -57.64 12.99
C TRP Q 115 41.69 -56.29 13.57
N VAL Q 116 41.39 -56.08 14.85
CA VAL Q 116 41.66 -54.83 15.53
C VAL Q 116 43.15 -54.46 15.56
N ALA Q 117 44.01 -55.45 15.87
CA ALA Q 117 45.45 -55.20 15.91
C ALA Q 117 45.98 -54.82 14.53
N LYS Q 118 45.44 -55.46 13.48
CA LYS Q 118 45.82 -55.10 12.10
C LYS Q 118 45.32 -53.74 11.64
N GLN Q 119 44.05 -53.47 11.98
CA GLN Q 119 43.41 -52.17 11.72
C GLN Q 119 44.19 -51.03 12.43
N THR Q 120 44.51 -51.26 13.69
CA THR Q 120 45.27 -50.32 14.45
C THR Q 120 46.60 -50.04 13.75
N LYS Q 121 47.30 -51.12 13.38
CA LYS Q 121 48.52 -50.99 12.61
C LYS Q 121 48.35 -50.15 11.33
N ARG Q 122 47.39 -50.51 10.49
CA ARG Q 122 47.14 -49.70 9.28
C ARG Q 122 46.84 -48.21 9.59
N MET Q 123 46.06 -47.96 10.64
CA MET Q 123 45.82 -46.56 11.09
C MET Q 123 47.06 -45.75 11.46
N LEU Q 124 48.05 -46.40 12.05
CA LEU Q 124 49.30 -45.70 12.40
C LEU Q 124 50.16 -45.45 11.16
N ASP Q 125 50.12 -46.40 10.23
CA ASP Q 125 50.86 -46.28 8.98
C ASP Q 125 50.33 -45.19 8.10
N MET Q 126 49.02 -44.94 8.14
CA MET Q 126 48.46 -43.76 7.46
C MET Q 126 48.47 -42.52 8.34
N LYS Q 127 49.05 -42.59 9.54
CA LYS Q 127 49.17 -41.46 10.47
C LYS Q 127 47.78 -40.84 10.76
N VAL Q 128 46.82 -41.69 11.09
CA VAL Q 128 45.55 -41.19 11.56
C VAL Q 128 45.76 -40.22 12.72
N ALA Q 129 45.22 -39.01 12.58
CA ALA Q 129 45.24 -37.96 13.62
C ALA Q 129 46.65 -37.75 14.23
N PRO Q 130 47.59 -37.26 13.39
CA PRO Q 130 48.97 -37.29 13.82
C PRO Q 130 49.41 -36.13 14.73
N ILE Q 131 48.66 -35.02 14.74
CA ILE Q 131 48.94 -33.86 15.61
C ILE Q 131 48.55 -34.11 17.08
N GLN Q 132 47.41 -34.74 17.38
CA GLN Q 132 46.93 -34.91 18.78
C GLN Q 132 46.16 -36.24 19.09
N GLY Q 133 45.27 -36.66 18.20
CA GLY Q 133 44.30 -37.67 18.56
C GLY Q 133 44.77 -39.10 18.67
N PHE Q 134 45.50 -39.58 17.68
CA PHE Q 134 45.77 -41.04 17.60
C PHE Q 134 47.23 -41.38 17.35
N SER Q 135 47.65 -41.24 16.10
CA SER Q 135 49.07 -41.40 15.78
C SER Q 135 50.03 -40.68 16.70
N ALA Q 136 49.61 -39.53 17.23
CA ALA Q 136 50.52 -38.65 18.02
C ALA Q 136 50.92 -39.33 19.33
N LYS Q 137 50.19 -40.38 19.68
CA LYS Q 137 50.33 -41.12 20.93
C LYS Q 137 51.18 -42.36 20.72
N TRP Q 138 51.84 -42.43 19.57
CA TRP Q 138 52.60 -43.59 19.20
C TRP Q 138 53.98 -43.12 18.90
N ASP Q 139 54.96 -43.85 19.40
CA ASP Q 139 56.35 -43.51 19.22
C ASP Q 139 56.79 -44.30 18.00
N TYR Q 140 57.11 -43.61 16.92
CA TYR Q 140 57.46 -44.28 15.68
C TYR Q 140 58.87 -44.86 15.67
N ASP Q 141 59.83 -44.19 16.31
CA ASP Q 141 61.23 -44.63 16.35
C ASP Q 141 61.41 -45.89 17.16
N LYS Q 142 60.82 -45.89 18.35
CA LYS Q 142 60.85 -47.00 19.28
C LYS Q 142 59.76 -48.03 19.04
N ASN Q 143 58.74 -47.67 18.28
CA ASN Q 143 57.68 -48.60 17.90
C ASN Q 143 56.88 -49.17 19.10
N GLU Q 144 56.53 -48.28 20.02
CA GLU Q 144 55.58 -48.57 21.08
C GLU Q 144 54.60 -47.38 21.29
N TRP Q 145 53.58 -47.57 22.12
CA TRP Q 145 52.74 -46.45 22.55
C TRP Q 145 53.49 -45.56 23.48
N LYS Q 146 53.55 -44.26 23.17
CA LYS Q 146 54.13 -43.26 24.05
C LYS Q 146 53.64 -43.45 25.47
N LYS Q 147 54.56 -43.37 26.41
CA LYS Q 147 54.20 -43.39 27.82
C LYS Q 147 54.43 -41.96 28.25
N HIS R 5 12.36 4.83 47.82
CA HIS R 5 11.45 5.45 48.83
C HIS R 5 12.22 6.19 49.90
N GLU R 6 12.03 5.78 51.15
CA GLU R 6 12.38 6.53 52.36
C GLU R 6 13.68 6.09 53.06
N THR R 7 14.18 6.93 53.96
CA THR R 7 15.31 6.55 54.81
C THR R 7 14.89 5.52 55.87
N ASP R 8 15.89 4.90 56.49
CA ASP R 8 15.70 3.92 57.56
C ASP R 8 14.87 4.44 58.73
N GLU R 9 15.24 5.59 59.28
CA GLU R 9 14.46 6.15 60.38
C GLU R 9 13.00 6.29 59.99
N GLU R 10 12.74 6.79 58.79
CA GLU R 10 11.38 6.96 58.31
C GLU R 10 10.63 5.63 58.25
N PHE R 11 11.33 4.61 57.75
CA PHE R 11 10.75 3.31 57.55
C PHE R 11 10.28 2.74 58.89
N ASP R 12 11.21 2.77 59.85
CA ASP R 12 10.99 2.31 61.24
C ASP R 12 9.87 3.08 61.92
N ALA R 13 9.89 4.41 61.78
CA ALA R 13 8.83 5.28 62.28
C ALA R 13 7.46 4.86 61.71
N ARG R 14 7.32 4.81 60.40
CA ARG R 14 6.03 4.39 59.81
C ARG R 14 5.50 3.13 60.48
N TRP R 15 6.39 2.18 60.73
CA TRP R 15 6.02 0.90 61.31
C TRP R 15 5.70 0.95 62.80
N VAL R 16 6.36 1.84 63.54
CA VAL R 16 6.02 2.02 64.94
C VAL R 16 4.61 2.58 65.01
N THR R 17 4.39 3.66 64.27
CA THR R 17 3.07 4.30 64.23
C THR R 17 2.00 3.29 63.87
N TYR R 18 2.24 2.51 62.83
CA TYR R 18 1.27 1.54 62.40
C TYR R 18 0.88 0.62 63.57
N PHE R 19 1.85 -0.07 64.17
CA PHE R 19 1.52 -0.97 65.30
C PHE R 19 0.99 -0.28 66.58
N ASN R 20 1.17 1.04 66.68
CA ASN R 20 0.70 1.81 67.83
C ASN R 20 -0.73 2.31 67.85
N LYS R 21 -1.31 2.55 66.68
CA LYS R 21 -2.75 2.82 66.52
C LYS R 21 -3.58 2.04 67.56
N PRO R 22 -4.31 2.77 68.45
CA PRO R 22 -4.80 2.13 69.68
C PRO R 22 -5.90 1.08 69.41
N ASP R 23 -6.72 1.40 68.42
CA ASP R 23 -7.84 0.57 67.99
C ASP R 23 -7.49 -0.29 66.74
N ILE R 24 -6.20 -0.63 66.59
CA ILE R 24 -5.78 -1.59 65.57
C ILE R 24 -6.64 -2.85 65.71
N ASP R 25 -7.06 -3.46 64.62
CA ASP R 25 -7.78 -4.73 64.73
C ASP R 25 -6.91 -5.91 64.31
N ALA R 26 -7.37 -7.12 64.58
CA ALA R 26 -6.66 -8.34 64.18
C ALA R 26 -6.22 -8.34 62.69
N TRP R 27 -7.06 -7.80 61.81
CA TRP R 27 -6.81 -7.89 60.38
C TRP R 27 -5.58 -7.08 60.10
N GLU R 28 -5.54 -5.86 60.64
CA GLU R 28 -4.40 -5.01 60.44
C GLU R 28 -3.12 -5.56 61.15
N LEU R 29 -3.25 -6.15 62.33
CA LEU R 29 -2.07 -6.70 62.99
C LEU R 29 -1.34 -7.74 62.10
N ARG R 30 -2.11 -8.70 61.61
CA ARG R 30 -1.64 -9.75 60.70
C ARG R 30 -1.07 -9.13 59.42
N LYS R 31 -1.88 -8.31 58.76
CA LYS R 31 -1.44 -7.59 57.58
C LYS R 31 -0.09 -6.96 57.78
N GLY R 32 0.11 -6.27 58.91
CA GLY R 32 1.36 -5.54 59.12
C GLY R 32 2.52 -6.51 59.23
N MET R 33 2.37 -7.54 60.06
CA MET R 33 3.43 -8.53 60.24
C MET R 33 3.66 -9.29 58.95
N ASN R 34 2.58 -9.75 58.32
CA ASN R 34 2.72 -10.47 57.06
C ASN R 34 3.39 -9.60 55.98
N THR R 35 3.27 -8.29 56.06
CA THR R 35 3.95 -7.45 55.09
C THR R 35 5.43 -7.30 55.49
N LEU R 36 5.67 -7.11 56.80
CA LEU R 36 6.99 -6.79 57.30
C LEU R 36 8.00 -7.89 56.97
N VAL R 37 7.58 -9.15 57.12
CA VAL R 37 8.46 -10.26 56.81
C VAL R 37 8.88 -10.39 55.36
N GLY R 38 8.13 -9.75 54.44
CA GLY R 38 8.59 -9.72 53.04
C GLY R 38 9.85 -8.90 52.80
N TYR R 39 10.31 -8.12 53.78
CA TYR R 39 11.48 -7.26 53.52
C TYR R 39 12.81 -7.94 53.73
N ASP R 40 13.82 -7.34 53.11
CA ASP R 40 15.18 -7.78 53.37
C ASP R 40 15.72 -7.15 54.66
N LEU R 41 15.11 -7.50 55.80
CA LEU R 41 15.64 -7.04 57.07
C LEU R 41 15.05 -7.81 58.22
N VAL R 42 15.72 -7.78 59.39
CA VAL R 42 15.03 -8.11 60.63
C VAL R 42 14.55 -6.78 61.22
N PRO R 43 13.27 -6.69 61.60
CA PRO R 43 12.74 -5.42 62.15
C PRO R 43 13.37 -5.01 63.47
N GLU R 44 13.67 -3.73 63.59
CA GLU R 44 14.15 -3.12 64.83
C GLU R 44 13.33 -3.54 66.06
N PRO R 45 14.00 -3.75 67.21
CA PRO R 45 13.36 -4.01 68.49
C PRO R 45 12.17 -3.08 68.75
N LYS R 46 12.31 -1.79 68.43
CA LYS R 46 11.18 -0.91 68.64
C LYS R 46 9.92 -1.27 67.86
N ILE R 47 10.08 -1.77 66.63
CA ILE R 47 8.96 -2.20 65.83
C ILE R 47 8.35 -3.42 66.50
N ILE R 48 9.18 -4.39 66.86
CA ILE R 48 8.64 -5.61 67.47
C ILE R 48 7.90 -5.29 68.75
N ASP R 49 8.51 -4.43 69.61
CA ASP R 49 7.89 -3.87 70.79
C ASP R 49 6.47 -3.33 70.56
N ALA R 50 6.34 -2.33 69.67
CA ALA R 50 5.00 -1.83 69.32
C ALA R 50 4.02 -3.01 68.91
N ALA R 51 4.52 -3.95 68.12
CA ALA R 51 3.74 -5.08 67.66
C ALA R 51 3.26 -5.95 68.79
N LEU R 52 4.15 -6.24 69.74
CA LEU R 52 3.82 -7.09 70.91
C LEU R 52 2.78 -6.39 71.76
N ARG R 53 2.93 -5.07 71.87
CA ARG R 53 1.94 -4.29 72.55
C ARG R 53 0.56 -4.35 71.86
N ALA R 54 0.55 -4.49 70.55
CA ALA R 54 -0.70 -4.53 69.80
C ALA R 54 -1.42 -5.84 70.08
N CYS R 55 -0.63 -6.93 70.20
CA CYS R 55 -1.16 -8.27 70.51
C CYS R 55 -1.87 -8.34 71.86
N ARG R 56 -1.31 -7.64 72.85
CA ARG R 56 -1.91 -7.52 74.17
C ARG R 56 -3.24 -6.76 74.08
N ARG R 57 -3.29 -5.62 73.37
CA ARG R 57 -4.57 -4.91 73.24
C ARG R 57 -5.63 -5.79 72.60
N LEU R 58 -5.20 -6.69 71.73
CA LEU R 58 -6.11 -7.56 71.03
C LEU R 58 -6.27 -8.84 71.78
N ASN R 59 -5.69 -8.88 72.97
CA ASN R 59 -5.67 -10.08 73.82
C ASN R 59 -5.24 -11.30 73.05
N ASP R 60 -4.15 -11.15 72.31
CA ASP R 60 -3.67 -12.25 71.53
C ASP R 60 -2.30 -12.70 71.96
N PHE R 61 -2.27 -13.73 72.79
CA PHE R 61 -1.02 -14.23 73.30
C PHE R 61 -0.19 -15.00 72.27
N ALA R 62 -0.81 -15.97 71.62
CA ALA R 62 -0.15 -16.87 70.67
C ALA R 62 0.53 -16.15 69.52
N SER R 63 -0.10 -15.04 69.06
CA SER R 63 0.45 -14.20 68.00
C SER R 63 1.76 -13.56 68.38
N ALA R 64 1.85 -13.13 69.65
CA ALA R 64 3.03 -12.44 70.18
C ALA R 64 4.20 -13.38 70.12
N VAL R 65 3.91 -14.64 70.41
CA VAL R 65 4.96 -15.65 70.47
C VAL R 65 5.44 -15.96 69.07
N ARG R 66 4.47 -16.22 68.18
CA ARG R 66 4.66 -16.28 66.73
C ARG R 66 5.56 -15.13 66.18
N ILE R 67 5.32 -13.91 66.62
CA ILE R 67 6.11 -12.77 66.21
C ILE R 67 7.58 -12.97 66.52
N LEU R 68 7.86 -13.49 67.71
CA LEU R 68 9.22 -13.81 68.07
C LEU R 68 9.84 -14.90 67.20
N GLU R 69 9.10 -15.94 66.87
CA GLU R 69 9.65 -16.98 65.99
C GLU R 69 10.11 -16.42 64.64
N VAL R 70 9.31 -15.50 64.12
CA VAL R 70 9.60 -14.94 62.83
C VAL R 70 10.83 -14.04 62.87
N VAL R 71 10.97 -13.25 63.94
CA VAL R 71 12.18 -12.44 64.12
C VAL R 71 13.43 -13.33 63.98
N LYS R 72 13.40 -14.47 64.65
CA LYS R 72 14.50 -15.40 64.60
C LYS R 72 14.47 -16.13 63.24
N ASP R 73 13.29 -16.39 62.68
CA ASP R 73 13.31 -17.01 61.37
C ASP R 73 14.00 -16.10 60.35
N LYS R 74 13.67 -14.79 60.36
CA LYS R 74 14.22 -13.79 59.39
C LYS R 74 15.71 -13.58 59.45
N ALA R 75 16.30 -13.81 60.63
CA ALA R 75 17.78 -13.66 60.84
C ALA R 75 18.56 -14.74 60.15
N GLY R 76 17.91 -15.86 59.82
CA GLY R 76 18.58 -16.86 58.99
C GLY R 76 19.81 -17.30 59.76
N PRO R 77 20.99 -17.43 59.11
CA PRO R 77 22.18 -17.92 59.80
C PRO R 77 22.90 -16.86 60.67
N HIS R 78 22.32 -15.69 60.85
CA HIS R 78 22.98 -14.71 61.68
C HIS R 78 22.57 -14.84 63.12
N LYS R 79 23.27 -15.73 63.82
CA LYS R 79 22.83 -16.23 65.12
C LYS R 79 22.74 -15.13 66.19
N GLU R 80 23.44 -14.02 66.03
CA GLU R 80 23.50 -13.00 67.11
C GLU R 80 22.37 -12.02 67.14
N ILE R 81 21.52 -12.06 66.10
CA ILE R 81 20.48 -11.06 65.95
C ILE R 81 19.39 -11.32 66.97
N TYR R 82 18.86 -12.54 66.98
CA TYR R 82 17.73 -12.89 67.87
C TYR R 82 18.07 -12.61 69.36
N PRO R 83 19.25 -13.05 69.83
CA PRO R 83 19.66 -12.71 71.21
C PRO R 83 19.64 -11.21 71.45
N TYR R 84 20.27 -10.46 70.56
CA TYR R 84 20.27 -9.01 70.68
C TYR R 84 18.86 -8.47 70.81
N VAL R 85 17.97 -8.96 69.94
CA VAL R 85 16.61 -8.44 69.93
C VAL R 85 15.96 -8.70 71.28
N ILE R 86 16.13 -9.92 71.77
CA ILE R 86 15.50 -10.38 73.00
C ILE R 86 15.95 -9.53 74.17
N GLN R 87 17.27 -9.31 74.24
CA GLN R 87 17.85 -8.43 75.22
C GLN R 87 17.06 -7.12 75.16
N GLU R 88 16.92 -6.53 73.99
CA GLU R 88 16.30 -5.20 73.95
C GLU R 88 14.81 -5.21 74.24
N LEU R 89 14.17 -6.37 74.10
CA LEU R 89 12.72 -6.52 74.38
C LEU R 89 12.44 -6.98 75.81
N ARG R 90 13.47 -7.52 76.47
CA ARG R 90 13.40 -8.06 77.84
C ARG R 90 12.49 -7.30 78.81
N PRO R 91 12.68 -5.97 78.96
CA PRO R 91 11.72 -5.17 79.74
C PRO R 91 10.27 -5.46 79.37
N THR R 92 9.96 -5.31 78.08
CA THR R 92 8.59 -5.53 77.56
C THR R 92 8.13 -6.96 77.79
N LEU R 93 9.01 -7.93 77.58
CA LEU R 93 8.60 -9.32 77.80
C LEU R 93 8.13 -9.54 79.23
N ASN R 94 8.90 -8.99 80.19
CA ASN R 94 8.58 -9.11 81.60
C ASN R 94 7.28 -8.35 81.86
N GLU R 95 7.20 -7.08 81.45
CA GLU R 95 5.95 -6.29 81.70
C GLU R 95 4.67 -6.97 81.26
N LEU R 96 4.60 -7.45 80.01
CA LEU R 96 3.38 -8.14 79.49
C LEU R 96 3.38 -9.62 79.84
N GLY R 97 4.48 -10.11 80.38
CA GLY R 97 4.50 -11.50 80.81
C GLY R 97 4.41 -12.47 79.66
N ILE R 98 5.09 -12.12 78.57
CA ILE R 98 5.18 -12.95 77.36
C ILE R 98 6.41 -13.85 77.51
N SER R 99 6.21 -15.15 77.37
CA SER R 99 7.34 -16.06 77.28
C SER R 99 7.81 -16.23 75.84
N THR R 100 9.12 -16.46 75.68
CA THR R 100 9.70 -16.73 74.37
C THR R 100 9.41 -18.17 73.87
N PRO R 101 9.50 -18.42 72.55
CA PRO R 101 9.51 -19.77 72.01
C PRO R 101 10.47 -20.70 72.76
N GLU R 102 11.60 -20.17 73.20
CA GLU R 102 12.55 -21.02 73.91
C GLU R 102 12.06 -21.40 75.29
N GLU R 103 11.56 -20.45 76.06
CA GLU R 103 10.97 -20.71 77.36
C GLU R 103 9.80 -21.70 77.28
N LEU R 104 9.13 -21.74 76.14
CA LEU R 104 7.95 -22.60 75.97
C LEU R 104 8.29 -23.89 75.26
N GLY R 105 9.59 -24.13 74.99
CA GLY R 105 10.03 -25.33 74.28
C GLY R 105 9.50 -25.53 72.85
N LEU R 106 8.95 -24.47 72.26
CA LEU R 106 8.40 -24.51 70.90
C LEU R 106 9.46 -24.49 69.84
N ASP R 107 10.70 -24.33 70.27
CA ASP R 107 11.84 -24.29 69.40
C ASP R 107 12.48 -25.67 69.15
N LYS R 108 11.88 -26.73 69.70
CA LYS R 108 12.44 -28.08 69.55
C LYS R 108 11.50 -29.07 68.87
N VAL R 109 12.06 -29.85 67.96
CA VAL R 109 11.32 -30.85 67.18
C VAL R 109 11.59 -32.26 67.70
N ALA S 1 -37.92 7.62 -4.00
CA ALA S 1 -36.74 7.08 -4.77
C ALA S 1 -35.79 6.19 -3.92
N SER S 2 -36.15 5.95 -2.65
CA SER S 2 -35.28 5.23 -1.66
C SER S 2 -36.00 4.70 -0.37
N GLY S 3 -36.83 3.66 -0.52
CA GLY S 3 -37.67 3.15 0.58
C GLY S 3 -36.92 2.42 1.68
N GLY S 4 -37.64 2.05 2.73
CA GLY S 4 -37.08 1.31 3.85
C GLY S 4 -37.03 -0.16 3.50
N GLY S 5 -37.53 -1.00 4.39
CA GLY S 5 -37.51 -2.44 4.21
C GLY S 5 -36.52 -3.22 5.11
N VAL S 6 -35.59 -2.52 5.78
CA VAL S 6 -34.59 -3.20 6.58
C VAL S 6 -34.98 -3.05 8.02
N PRO S 7 -35.19 -4.16 8.75
CA PRO S 7 -35.63 -3.91 10.13
C PRO S 7 -34.53 -3.31 10.97
N THR S 8 -34.89 -2.63 12.04
CA THR S 8 -33.90 -2.16 13.00
C THR S 8 -33.71 -3.15 14.17
N ASP S 9 -32.59 -3.01 14.90
CA ASP S 9 -32.37 -3.72 16.19
C ASP S 9 -33.56 -3.60 17.12
N GLU S 10 -34.04 -2.35 17.22
CA GLU S 10 -35.10 -1.95 18.11
C GLU S 10 -36.32 -2.81 17.87
N GLU S 11 -36.56 -3.12 16.60
CA GLU S 11 -37.67 -3.94 16.15
C GLU S 11 -37.40 -5.43 16.20
N GLN S 12 -36.15 -5.84 15.99
CA GLN S 12 -35.99 -7.25 15.66
C GLN S 12 -35.01 -8.00 16.57
N ALA S 13 -34.20 -7.28 17.34
CA ALA S 13 -33.24 -7.95 18.26
C ALA S 13 -33.99 -8.81 19.31
N THR S 14 -33.43 -9.93 19.71
CA THR S 14 -34.16 -10.82 20.57
C THR S 14 -33.16 -11.36 21.61
N GLY S 15 -33.64 -12.20 22.52
CA GLY S 15 -32.82 -12.95 23.47
C GLY S 15 -31.83 -12.05 24.23
N LEU S 16 -30.62 -12.55 24.45
CA LEU S 16 -29.67 -11.80 25.25
C LEU S 16 -29.27 -10.47 24.59
N GLU S 17 -29.10 -10.45 23.26
CA GLU S 17 -28.84 -9.20 22.54
C GLU S 17 -29.84 -8.10 22.89
N ARG S 18 -31.13 -8.41 22.81
CA ARG S 18 -32.13 -7.42 23.12
C ARG S 18 -31.99 -6.91 24.58
N GLU S 19 -31.87 -7.85 25.50
CA GLU S 19 -31.69 -7.46 26.90
C GLU S 19 -30.53 -6.56 27.18
N VAL S 20 -29.39 -6.84 26.54
CA VAL S 20 -28.24 -5.96 26.67
C VAL S 20 -28.62 -4.58 26.13
N MET S 21 -29.18 -4.50 24.92
CA MET S 21 -29.59 -3.21 24.32
C MET S 21 -30.59 -2.41 25.21
N LEU S 22 -31.56 -3.08 25.84
CA LEU S 22 -32.58 -2.38 26.65
C LEU S 22 -31.98 -1.86 27.96
N ALA S 23 -31.08 -2.66 28.54
CA ALA S 23 -30.42 -2.24 29.77
C ALA S 23 -29.47 -1.03 29.50
N ALA S 24 -28.63 -1.13 28.49
CA ALA S 24 -27.78 -0.03 28.05
C ALA S 24 -28.54 1.29 27.94
N ARG S 25 -29.77 1.25 27.45
CA ARG S 25 -30.65 2.42 27.40
C ARG S 25 -31.06 2.96 28.78
N LYS S 26 -31.52 2.08 29.67
CA LYS S 26 -31.86 2.45 31.03
C LYS S 26 -30.61 2.76 31.92
N GLY S 27 -29.44 2.99 31.32
CA GLY S 27 -28.14 3.19 32.06
C GLY S 27 -27.49 2.04 32.89
N GLN S 28 -27.86 0.79 32.58
CA GLN S 28 -27.58 -0.41 33.38
C GLN S 28 -26.62 -1.42 32.74
N ASP S 29 -26.01 -2.27 33.56
CA ASP S 29 -24.99 -3.22 33.07
C ASP S 29 -25.17 -4.63 33.68
N PRO S 30 -26.39 -5.21 33.57
CA PRO S 30 -26.60 -6.53 34.18
C PRO S 30 -25.64 -7.63 33.68
N TYR S 31 -25.13 -7.51 32.46
CA TYR S 31 -24.24 -8.54 31.92
C TYR S 31 -22.75 -8.15 31.92
N ASN S 32 -22.38 -7.19 32.77
CA ASN S 32 -20.99 -6.92 33.13
C ASN S 32 -20.16 -6.68 31.88
N ILE S 33 -20.66 -5.82 30.99
CA ILE S 33 -19.88 -5.40 29.82
C ILE S 33 -18.90 -4.29 30.17
N LEU S 34 -19.20 -3.51 31.18
CA LEU S 34 -18.42 -2.32 31.46
C LEU S 34 -17.61 -2.53 32.73
N ALA S 35 -16.44 -1.89 32.81
CA ALA S 35 -15.64 -1.85 34.02
C ALA S 35 -16.30 -0.97 35.08
N PRO S 36 -16.58 -1.53 36.26
CA PRO S 36 -17.17 -0.67 37.29
C PRO S 36 -16.18 0.41 37.83
N LYS S 37 -16.69 1.55 38.24
CA LYS S 37 -15.83 2.62 38.76
C LYS S 37 -15.66 2.48 40.28
N ALA S 38 -14.43 2.66 40.77
CA ALA S 38 -14.13 2.51 42.20
C ALA S 38 -14.64 3.70 43.01
N THR S 39 -15.01 3.41 44.26
CA THR S 39 -15.22 4.45 45.26
C THR S 39 -13.90 4.71 46.02
N SER S 40 -13.99 5.33 47.22
CA SER S 40 -12.78 5.63 48.00
C SER S 40 -12.31 4.35 48.66
N GLY S 41 -13.22 3.38 48.76
CA GLY S 41 -12.88 2.05 49.22
C GLY S 41 -12.61 2.04 50.71
N THR S 42 -13.00 3.12 51.40
CA THR S 42 -12.85 3.20 52.85
C THR S 42 -13.92 2.34 53.44
N LYS S 43 -13.81 2.17 54.76
CA LYS S 43 -14.78 1.48 55.59
C LYS S 43 -16.20 2.04 55.43
N GLU S 44 -16.27 3.37 55.20
CA GLU S 44 -17.49 4.15 55.09
C GLU S 44 -18.04 4.04 53.70
N ASP S 45 -17.11 3.93 52.76
CA ASP S 45 -17.41 4.05 51.36
C ASP S 45 -16.87 2.84 50.60
N PRO S 46 -17.40 1.65 50.93
CA PRO S 46 -16.83 0.48 50.26
C PRO S 46 -17.31 0.37 48.82
N ASN S 47 -16.51 -0.31 48.00
CA ASN S 47 -16.92 -0.71 46.67
C ASN S 47 -18.04 -1.71 46.82
N LEU S 48 -19.17 -1.39 46.17
CA LEU S 48 -20.34 -2.26 46.18
C LEU S 48 -20.29 -3.26 45.03
N VAL S 49 -20.23 -4.53 45.38
CA VAL S 49 -20.13 -5.59 44.41
C VAL S 49 -21.44 -6.35 44.30
N PRO S 50 -22.11 -6.21 43.16
CA PRO S 50 -23.39 -6.89 43.01
C PRO S 50 -23.24 -8.40 42.78
N SER S 51 -24.11 -9.21 43.37
CA SER S 51 -24.11 -10.60 42.99
C SER S 51 -25.51 -11.27 42.97
N ILE S 52 -25.68 -12.27 42.13
CA ILE S 52 -26.88 -13.10 42.18
C ILE S 52 -26.80 -14.19 43.26
N THR S 53 -25.65 -14.30 43.95
CA THR S 53 -25.54 -15.25 45.04
C THR S 53 -24.93 -14.60 46.28
N ASN S 54 -24.39 -15.47 47.12
CA ASN S 54 -23.92 -15.10 48.41
C ASN S 54 -22.42 -14.91 48.36
N LYS S 55 -21.81 -15.07 47.17
CA LYS S 55 -20.37 -14.87 46.99
C LYS S 55 -19.93 -14.61 45.56
N ARG S 56 -18.82 -13.90 45.45
CA ARG S 56 -18.33 -13.46 44.17
C ARG S 56 -16.82 -13.21 44.25
N ILE S 57 -16.12 -13.53 43.15
CA ILE S 57 -14.67 -13.34 43.07
C ILE S 57 -14.40 -11.89 42.71
N VAL S 58 -13.63 -11.25 43.58
CA VAL S 58 -13.13 -9.87 43.35
C VAL S 58 -11.64 -9.88 42.91
N GLY S 59 -11.31 -9.05 41.92
CA GLY S 59 -9.91 -8.84 41.52
C GLY S 59 -9.61 -7.41 41.83
N CYS S 60 -8.58 -7.17 42.63
CA CYS S 60 -8.18 -5.82 43.02
C CYS S 60 -6.82 -5.52 42.37
N ILE S 61 -6.82 -4.47 41.57
CA ILE S 61 -5.61 -3.92 40.97
C ILE S 61 -5.22 -2.80 41.92
N CYS S 62 -4.38 -3.10 42.91
CA CYS S 62 -4.17 -2.16 44.06
C CYS S 62 -3.71 -0.78 43.61
N GLU S 63 -3.02 -0.72 42.49
CA GLU S 63 -2.36 0.47 42.04
C GLU S 63 -2.46 0.39 40.54
N GLU S 64 -2.91 1.49 39.92
CA GLU S 64 -2.85 1.69 38.48
C GLU S 64 -1.49 1.19 38.02
N ASP S 65 -1.46 0.34 36.99
CA ASP S 65 -0.16 -0.15 36.46
C ASP S 65 0.49 -1.37 37.18
N ASN S 66 -0.01 -1.82 38.32
CA ASN S 66 0.47 -3.13 38.77
C ASN S 66 0.21 -4.14 37.68
N SER S 67 1.08 -5.14 37.54
CA SER S 67 0.76 -6.24 36.62
C SER S 67 0.08 -7.44 37.26
N THR S 68 0.03 -7.46 38.59
CA THR S 68 -0.50 -8.58 39.33
C THR S 68 -1.82 -8.14 39.91
N VAL S 69 -2.87 -8.93 39.62
CA VAL S 69 -4.16 -8.68 40.20
C VAL S 69 -4.32 -9.57 41.42
N ILE S 70 -4.97 -9.02 42.46
CA ILE S 70 -5.14 -9.77 43.72
C ILE S 70 -6.54 -10.29 43.73
N TRP S 71 -6.67 -11.61 43.81
CA TRP S 71 -7.98 -12.27 43.66
C TRP S 71 -8.41 -12.93 44.96
N PHE S 72 -9.69 -12.75 45.34
CA PHE S 72 -10.26 -13.38 46.52
C PHE S 72 -11.80 -13.39 46.38
N TRP S 73 -12.45 -14.35 47.06
CA TRP S 73 -13.94 -14.43 47.15
C TRP S 73 -14.45 -13.41 48.09
N LEU S 74 -15.47 -12.67 47.66
CA LEU S 74 -16.15 -11.76 48.56
C LEU S 74 -17.42 -12.43 49.00
N HIS S 75 -17.56 -12.55 50.33
CA HIS S 75 -18.75 -13.11 50.92
C HIS S 75 -19.78 -12.09 51.30
N LYS S 76 -21.04 -12.51 51.27
CA LYS S 76 -22.17 -11.72 51.80
C LYS S 76 -21.88 -11.41 53.25
N GLY S 77 -22.16 -10.17 53.66
CA GLY S 77 -22.05 -9.83 55.05
C GLY S 77 -21.23 -8.58 55.26
N GLU S 78 -20.38 -8.66 56.27
CA GLU S 78 -19.46 -7.59 56.62
C GLU S 78 -18.57 -7.25 55.42
N ALA S 79 -18.31 -5.97 55.17
CA ALA S 79 -17.31 -5.60 54.17
C ALA S 79 -16.01 -6.41 54.42
N GLN S 80 -15.35 -6.84 53.35
CA GLN S 80 -14.01 -7.42 53.41
C GLN S 80 -13.02 -6.47 52.71
N ARG S 81 -11.73 -6.79 52.85
CA ARG S 81 -10.64 -5.89 52.47
C ARG S 81 -9.73 -6.66 51.58
N CYS S 82 -9.19 -5.99 50.56
CA CYS S 82 -8.19 -6.60 49.72
C CYS S 82 -6.97 -6.89 50.58
N PRO S 83 -6.50 -8.14 50.57
CA PRO S 83 -5.39 -8.57 51.41
C PRO S 83 -4.11 -7.87 51.08
N SER S 84 -4.03 -7.32 49.87
CA SER S 84 -2.85 -6.55 49.50
C SER S 84 -2.92 -5.06 49.85
N CYS S 85 -3.97 -4.33 49.47
CA CYS S 85 -4.00 -2.90 49.77
C CYS S 85 -5.01 -2.45 50.87
N GLY S 86 -5.80 -3.38 51.40
CA GLY S 86 -6.78 -3.04 52.40
C GLY S 86 -8.05 -2.36 51.93
N THR S 87 -8.19 -2.05 50.63
CA THR S 87 -9.45 -1.36 50.16
C THR S 87 -10.69 -2.22 50.43
N HIS S 88 -11.82 -1.56 50.62
CA HIS S 88 -13.04 -2.23 51.11
C HIS S 88 -14.01 -2.57 50.01
N TYR S 89 -14.60 -3.75 50.13
CA TYR S 89 -15.57 -4.30 49.17
C TYR S 89 -16.73 -4.90 49.97
N LYS S 90 -17.98 -4.57 49.62
CA LYS S 90 -19.11 -5.22 50.27
C LYS S 90 -20.02 -5.79 49.17
N LEU S 91 -20.44 -7.05 49.34
CA LEU S 91 -21.40 -7.69 48.45
C LEU S 91 -22.78 -7.07 48.67
N VAL S 92 -23.49 -6.79 47.56
CA VAL S 92 -24.87 -6.26 47.57
C VAL S 92 -25.73 -7.22 46.74
N PRO S 93 -27.00 -7.45 47.13
CA PRO S 93 -27.90 -8.37 46.39
C PRO S 93 -28.12 -7.92 44.95
N HIS S 94 -28.73 -8.80 44.15
CA HIS S 94 -28.64 -8.72 42.68
C HIS S 94 -28.76 -7.36 42.03
N GLN S 95 -29.93 -6.72 42.17
CA GLN S 95 -30.27 -5.45 41.48
C GLN S 95 -29.79 -5.42 40.02
N LEU S 96 -30.24 -6.43 39.27
CA LEU S 96 -29.86 -6.69 37.88
C LEU S 96 -31.11 -7.03 37.04
N ALA S 97 -31.97 -7.93 37.56
CA ALA S 97 -33.23 -8.38 36.89
C ALA S 97 -34.51 -8.05 37.71
N HIS S 98 -35.67 -8.55 37.24
CA HIS S 98 -36.97 -8.39 37.95
C HIS S 98 -37.20 -9.47 39.00
N ALA T 1 -5.78 3.83 -4.44
CA ALA T 1 -7.04 4.41 -4.99
C ALA T 1 -6.85 5.89 -5.44
N SER T 2 -6.68 6.10 -6.75
CA SER T 2 -6.29 7.39 -7.37
C SER T 2 -7.48 8.35 -7.70
N ALA T 3 -7.17 9.53 -8.29
CA ALA T 3 -8.17 10.64 -8.43
C ALA T 3 -8.23 11.57 -9.71
N ALA T 4 -9.30 12.39 -9.72
CA ALA T 4 -9.61 13.44 -10.71
C ALA T 4 -11.09 13.91 -10.63
N LYS T 5 -11.69 13.90 -9.45
CA LYS T 5 -13.17 14.00 -9.26
C LYS T 5 -13.57 15.04 -8.19
N GLY T 6 -14.26 14.61 -7.12
CA GLY T 6 -14.64 15.54 -6.05
C GLY T 6 -15.45 15.14 -4.81
N ASP T 7 -16.72 14.76 -5.04
CA ASP T 7 -17.80 14.77 -4.01
C ASP T 7 -17.41 15.03 -2.55
N HIS T 8 -16.94 13.96 -1.89
CA HIS T 8 -16.52 13.89 -0.47
C HIS T 8 -17.34 14.61 0.60
N GLY T 9 -18.31 15.43 0.18
CA GLY T 9 -19.28 16.06 1.08
C GLY T 9 -19.72 14.99 2.05
N GLY T 10 -20.38 13.97 1.49
CA GLY T 10 -20.65 12.69 2.17
C GLY T 10 -20.39 11.46 1.29
N TPO T 11 -19.86 10.40 1.92
CA TPO T 11 -19.77 9.08 1.27
CB TPO T 11 -18.32 8.53 1.35
CG2 TPO T 11 -18.14 7.28 2.20
OG1 TPO T 11 -17.85 8.25 0.03
P TPO T 11 -16.78 9.20 -0.74
O1P TPO T 11 -15.57 9.41 0.28
O2P TPO T 11 -17.47 10.60 -1.07
O3P TPO T 11 -16.13 8.59 -2.08
C TPO T 11 -20.92 8.19 1.75
O TPO T 11 -20.77 7.39 2.70
N GLY T 12 -22.09 8.35 1.10
CA GLY T 12 -23.35 7.58 1.31
C GLY T 12 -23.68 6.61 0.16
N ALA T 13 -24.82 5.96 0.26
CA ALA T 13 -25.26 4.99 -0.74
C ALA T 13 -25.42 5.61 -2.11
N ARG T 14 -25.95 6.83 -2.14
CA ARG T 14 -26.26 7.51 -3.39
C ARG T 14 -24.94 7.71 -4.17
N THR T 15 -23.88 7.98 -3.44
CA THR T 15 -22.57 8.20 -4.08
C THR T 15 -21.99 6.91 -4.61
N TRP T 16 -22.09 5.82 -3.82
CA TRP T 16 -21.56 4.53 -4.23
C TRP T 16 -22.34 3.97 -5.42
N ARG T 17 -23.64 4.26 -5.49
CA ARG T 17 -24.42 3.97 -6.68
C ARG T 17 -23.95 4.81 -7.86
N PHE T 18 -23.77 6.09 -7.62
CA PHE T 18 -23.28 6.97 -8.68
C PHE T 18 -21.95 6.41 -9.19
N LEU T 19 -21.02 6.04 -8.30
CA LEU T 19 -19.78 5.40 -8.78
C LEU T 19 -19.93 4.06 -9.49
N THR T 20 -20.87 3.22 -9.02
CA THR T 20 -21.14 1.91 -9.65
C THR T 20 -21.61 2.08 -11.10
N PHE T 21 -22.62 2.93 -11.29
CA PHE T 21 -23.21 3.15 -12.61
C PHE T 21 -22.46 4.13 -13.45
N GLY T 22 -21.72 5.05 -12.82
CA GLY T 22 -21.08 6.06 -13.63
C GLY T 22 -19.63 5.78 -13.96
N LEU T 23 -18.99 4.89 -13.21
CA LEU T 23 -17.53 4.68 -13.41
C LEU T 23 -17.20 3.24 -13.57
N ALA T 24 -17.61 2.42 -12.58
CA ALA T 24 -17.25 1.01 -12.57
C ALA T 24 -17.89 0.24 -13.75
N LEU T 25 -19.25 0.25 -13.88
CA LEU T 25 -19.87 -0.50 -14.98
C LEU T 25 -19.43 0.01 -16.36
N PRO T 26 -19.37 1.36 -16.55
CA PRO T 26 -18.76 1.85 -17.81
C PRO T 26 -17.31 1.33 -18.00
N SER T 27 -16.53 1.12 -16.96
CA SER T 27 -15.18 0.60 -17.23
C SER T 27 -15.27 -0.80 -17.76
N VAL T 28 -16.22 -1.56 -17.24
CA VAL T 28 -16.30 -2.96 -17.62
C VAL T 28 -16.75 -3.01 -19.09
N ALA T 29 -17.73 -2.16 -19.45
CA ALA T 29 -18.20 -2.11 -20.86
C ALA T 29 -17.00 -1.80 -21.77
N LEU T 30 -16.16 -0.85 -21.39
CA LEU T 30 -14.98 -0.58 -22.22
C LEU T 30 -14.05 -1.76 -22.32
N CYS T 31 -13.72 -2.44 -21.22
CA CYS T 31 -12.81 -3.56 -21.36
C CYS T 31 -13.46 -4.70 -22.13
N THR T 32 -14.79 -4.86 -22.02
CA THR T 32 -15.48 -5.83 -22.86
C THR T 32 -15.27 -5.44 -24.36
N LEU T 33 -15.46 -4.17 -24.72
CA LEU T 33 -15.10 -3.74 -26.07
C LEU T 33 -13.67 -4.06 -26.46
N ASN T 34 -12.70 -3.54 -25.71
CA ASN T 34 -11.33 -3.85 -26.01
C ASN T 34 -11.19 -5.35 -26.32
N SER T 35 -11.69 -6.18 -25.42
CA SER T 35 -11.52 -7.60 -25.53
C SER T 35 -12.16 -8.19 -26.78
N TRP T 36 -13.38 -7.74 -27.09
CA TRP T 36 -14.14 -8.18 -28.26
C TRP T 36 -13.37 -7.95 -29.53
N LEU T 37 -12.32 -7.12 -29.45
CA LEU T 37 -11.58 -6.62 -30.61
C LEU T 37 -10.11 -7.01 -30.66
N HIS T 38 -9.73 -8.07 -29.95
CA HIS T 38 -8.37 -8.62 -30.08
C HIS T 38 -8.44 -10.12 -30.12
N SER T 39 -9.67 -10.65 -30.01
CA SER T 39 -9.93 -12.08 -29.79
C SER T 39 -9.39 -13.01 -30.89
N GLY T 40 -10.21 -13.28 -31.91
CA GLY T 40 -9.83 -14.13 -33.06
C GLY T 40 -8.70 -15.13 -32.90
N HIS T 41 -9.04 -16.33 -32.39
CA HIS T 41 -8.12 -17.48 -32.18
C HIS T 41 -6.83 -17.37 -32.96
N ARG T 42 -5.79 -16.81 -32.32
CA ARG T 42 -4.50 -16.60 -33.00
C ARG T 42 -3.83 -17.93 -33.34
N GLU T 43 -2.89 -17.88 -34.28
CA GLU T 43 -2.25 -19.08 -34.83
C GLU T 43 -1.70 -20.00 -33.76
N ARG T 44 -2.09 -21.27 -33.81
CA ARG T 44 -1.58 -22.27 -32.87
C ARG T 44 -0.07 -22.48 -33.07
N PRO T 45 0.69 -22.49 -31.98
CA PRO T 45 2.15 -22.53 -32.07
C PRO T 45 2.68 -23.90 -32.51
N ALA T 46 3.74 -23.88 -33.33
CA ALA T 46 4.46 -25.08 -33.79
C ALA T 46 4.82 -26.00 -32.62
N PHE T 47 4.76 -27.31 -32.80
CA PHE T 47 5.17 -28.22 -31.75
C PHE T 47 6.68 -28.47 -31.74
N ILE T 48 7.32 -28.27 -30.59
CA ILE T 48 8.69 -28.71 -30.38
C ILE T 48 8.75 -29.52 -29.11
N PRO T 49 9.23 -30.75 -29.22
CA PRO T 49 9.19 -31.64 -28.05
C PRO T 49 10.21 -31.27 -26.97
N TYR T 50 10.15 -30.03 -26.49
CA TYR T 50 10.98 -29.56 -25.35
C TYR T 50 10.82 -30.44 -24.12
N HIS T 51 11.94 -30.82 -23.54
CA HIS T 51 11.87 -31.71 -22.38
C HIS T 51 11.37 -31.07 -21.14
N HIS T 52 11.39 -29.73 -21.10
CA HIS T 52 10.85 -28.99 -19.95
C HIS T 52 9.37 -28.73 -20.01
N LEU T 53 8.68 -29.13 -21.09
CA LEU T 53 7.22 -28.93 -21.20
C LEU T 53 6.54 -30.28 -21.26
N ARG T 54 5.20 -30.29 -21.19
CA ARG T 54 4.44 -31.52 -21.27
C ARG T 54 4.99 -32.55 -20.32
N ILE T 55 5.20 -32.16 -19.06
CA ILE T 55 5.79 -33.03 -18.05
C ILE T 55 4.90 -34.20 -17.72
N ARG T 56 5.50 -35.40 -17.55
CA ARG T 56 4.73 -36.62 -17.19
C ARG T 56 5.56 -37.48 -16.25
N THR T 57 5.45 -37.24 -14.93
CA THR T 57 6.17 -38.08 -13.95
C THR T 57 5.32 -39.22 -13.36
N LYS T 58 3.99 -39.06 -13.50
CA LYS T 58 2.97 -39.97 -13.01
C LYS T 58 1.73 -39.67 -13.91
N PRO T 59 0.97 -40.71 -14.29
CA PRO T 59 -0.17 -40.38 -15.13
C PRO T 59 -1.26 -39.68 -14.32
N PHE T 60 -1.93 -38.73 -14.94
CA PHE T 60 -3.14 -38.10 -14.37
C PHE T 60 -4.14 -39.18 -14.05
N SER T 61 -4.88 -38.95 -13.00
CA SER T 61 -5.79 -39.95 -12.48
C SER T 61 -7.20 -39.71 -12.95
N TRP T 62 -7.35 -39.49 -14.26
CA TRP T 62 -8.65 -39.49 -14.97
C TRP T 62 -8.38 -39.69 -16.47
N GLY T 63 -9.41 -40.01 -17.26
CA GLY T 63 -9.24 -40.18 -18.73
C GLY T 63 -8.21 -41.24 -19.07
N ASP T 64 -7.33 -40.93 -20.04
CA ASP T 64 -6.23 -41.87 -20.38
C ASP T 64 -4.96 -41.64 -19.54
N GLY T 65 -5.03 -40.74 -18.56
CA GLY T 65 -3.86 -40.40 -17.74
C GLY T 65 -2.89 -39.42 -18.38
N ASN T 66 -3.17 -39.02 -19.62
CA ASN T 66 -2.18 -38.31 -20.43
C ASN T 66 -2.68 -36.94 -20.86
N HIS T 67 -3.90 -36.62 -20.43
CA HIS T 67 -4.52 -35.37 -20.80
C HIS T 67 -4.76 -34.49 -19.60
N THR T 68 -4.47 -33.20 -19.75
CA THR T 68 -4.71 -32.30 -18.65
C THR T 68 -6.17 -31.99 -18.54
N PHE T 69 -6.56 -31.50 -17.40
CA PHE T 69 -7.94 -31.34 -17.06
C PHE T 69 -8.75 -30.49 -18.04
N PHE T 70 -8.17 -29.41 -18.55
CA PHE T 70 -8.85 -28.54 -19.49
C PHE T 70 -8.07 -28.65 -20.81
N HIS T 71 -7.66 -29.87 -21.16
CA HIS T 71 -7.02 -30.11 -22.44
C HIS T 71 -7.79 -29.52 -23.60
N ASN T 72 -7.09 -28.78 -24.44
CA ASN T 72 -7.69 -28.17 -25.61
C ASN T 72 -6.88 -28.61 -26.83
N PRO T 73 -7.44 -29.53 -27.64
CA PRO T 73 -6.64 -30.14 -28.72
C PRO T 73 -6.19 -29.09 -29.75
N ARG T 74 -7.07 -28.13 -30.02
CA ARG T 74 -6.68 -27.00 -30.83
C ARG T 74 -5.29 -26.50 -30.44
N VAL T 75 -5.01 -26.31 -29.14
CA VAL T 75 -3.80 -25.54 -28.76
C VAL T 75 -2.86 -26.25 -27.78
N ASN T 76 -3.25 -27.43 -27.32
CA ASN T 76 -2.41 -28.15 -26.36
C ASN T 76 -1.97 -29.50 -26.90
N PRO T 77 -0.70 -29.64 -27.32
CA PRO T 77 -0.14 -30.92 -27.76
C PRO T 77 0.06 -31.85 -26.58
N LEU T 78 0.11 -33.14 -26.84
CA LEU T 78 0.51 -34.18 -25.88
C LEU T 78 2.01 -34.32 -26.00
N PRO T 79 2.67 -35.06 -25.09
CA PRO T 79 4.16 -35.16 -25.17
C PRO T 79 4.69 -35.55 -26.57
N THR T 80 3.83 -36.19 -27.38
CA THR T 80 4.18 -36.61 -28.73
C THR T 80 3.62 -35.76 -29.88
N GLY T 81 3.08 -34.58 -29.56
CA GLY T 81 2.54 -33.63 -30.55
C GLY T 81 1.01 -33.47 -30.51
N TYR T 82 0.47 -32.63 -31.38
CA TYR T 82 -0.96 -32.40 -31.41
C TYR T 82 -1.74 -33.63 -31.85
N GLU T 83 -3.00 -33.70 -31.43
CA GLU T 83 -3.89 -34.78 -31.80
C GLU T 83 -4.50 -34.54 -33.18
N LYS T 84 -5.07 -33.35 -33.37
CA LYS T 84 -5.74 -32.87 -34.62
C LYS T 84 -6.95 -33.71 -35.15
N LYS U 7 47.38 -18.07 -28.92
CA LYS U 7 47.44 -17.57 -27.51
C LYS U 7 47.57 -18.73 -26.47
N ILE U 8 47.88 -18.35 -25.23
CA ILE U 8 48.18 -19.28 -24.09
C ILE U 8 47.28 -20.52 -23.84
N LYS U 9 47.83 -21.70 -24.13
CA LYS U 9 47.18 -22.97 -23.80
C LYS U 9 48.07 -23.82 -22.87
N ASN U 10 48.74 -23.11 -21.96
CA ASN U 10 49.17 -23.68 -20.67
C ASN U 10 48.03 -23.52 -19.64
N TYR U 11 46.83 -23.88 -20.12
CA TYR U 11 45.60 -23.86 -19.36
C TYR U 11 45.66 -24.95 -18.32
N GLN U 12 45.49 -24.51 -17.07
CA GLN U 12 45.49 -25.36 -15.89
C GLN U 12 44.06 -25.81 -15.70
N THR U 13 43.23 -24.91 -15.19
CA THR U 13 41.80 -25.12 -15.04
C THR U 13 41.15 -23.75 -15.26
N ALA U 14 39.83 -23.69 -15.17
CA ALA U 14 39.13 -22.43 -15.34
C ALA U 14 39.42 -21.49 -14.15
N PRO U 15 39.86 -20.25 -14.45
CA PRO U 15 40.14 -19.26 -13.43
C PRO U 15 38.88 -18.71 -12.75
N PHE U 16 39.09 -17.98 -11.66
CA PHE U 16 38.00 -17.22 -11.05
C PHE U 16 37.32 -16.32 -12.10
N ASP U 17 36.00 -16.28 -12.09
CA ASP U 17 35.27 -15.37 -12.96
C ASP U 17 34.36 -14.50 -12.08
N SER U 18 34.65 -13.23 -12.02
CA SER U 18 33.89 -12.34 -11.12
C SER U 18 32.42 -12.11 -11.59
N ARG U 19 32.05 -12.62 -12.74
CA ARG U 19 30.64 -12.72 -13.07
C ARG U 19 29.91 -13.78 -12.23
N PHE U 20 30.69 -14.70 -11.65
CA PHE U 20 30.15 -15.84 -10.91
C PHE U 20 30.98 -16.10 -9.68
N PRO U 21 30.84 -15.22 -8.67
CA PRO U 21 31.75 -15.19 -7.52
C PRO U 21 31.31 -16.04 -6.33
N ASN U 22 30.15 -16.69 -6.44
CA ASN U 22 29.52 -17.35 -5.27
C ASN U 22 29.62 -18.86 -5.35
N GLN U 23 29.14 -19.58 -4.33
CA GLN U 23 29.25 -21.07 -4.30
C GLN U 23 28.56 -21.70 -5.50
N ASN U 24 27.48 -21.06 -5.93
CA ASN U 24 26.66 -21.57 -7.01
C ASN U 24 27.19 -21.26 -8.41
N GLN U 25 27.65 -22.29 -9.12
CA GLN U 25 28.42 -22.13 -10.36
C GLN U 25 27.62 -22.63 -11.53
N THR U 26 26.35 -22.93 -11.31
CA THR U 26 25.53 -23.56 -12.32
C THR U 26 25.61 -22.75 -13.60
N ARG U 27 25.47 -21.43 -13.46
CA ARG U 27 25.41 -20.49 -14.58
C ARG U 27 26.81 -20.28 -15.26
N ASN U 28 27.88 -20.58 -14.54
CA ASN U 28 29.24 -20.50 -15.08
C ASN U 28 29.39 -21.57 -16.15
N CYS U 29 28.94 -22.76 -15.80
CA CYS U 29 28.87 -23.86 -16.74
C CYS U 29 28.02 -23.46 -17.95
N TRP U 30 26.80 -23.04 -17.70
CA TRP U 30 25.82 -22.73 -18.77
C TRP U 30 26.29 -21.66 -19.72
N GLN U 31 26.75 -20.54 -19.16
CA GLN U 31 27.20 -19.40 -19.96
C GLN U 31 28.29 -19.82 -20.96
N ASN U 32 29.30 -20.51 -20.45
CA ASN U 32 30.42 -20.94 -21.28
C ASN U 32 30.02 -21.96 -22.31
N TYR U 33 28.98 -22.72 -22.03
CA TYR U 33 28.53 -23.71 -22.97
C TYR U 33 27.86 -22.95 -24.09
N LEU U 34 27.22 -21.86 -23.72
CA LEU U 34 26.42 -21.11 -24.67
C LEU U 34 27.39 -20.35 -25.53
N ASP U 35 28.42 -19.86 -24.90
CA ASP U 35 29.29 -18.95 -25.57
C ASP U 35 30.08 -19.74 -26.57
N PHE U 36 30.43 -20.94 -26.18
CA PHE U 36 31.17 -21.76 -27.09
C PHE U 36 30.37 -22.02 -28.36
N HIS U 37 29.13 -22.42 -28.19
CA HIS U 37 28.30 -22.81 -29.31
C HIS U 37 27.78 -21.65 -30.11
N ARG U 38 27.76 -20.46 -29.53
CA ARG U 38 27.44 -19.30 -30.32
C ARG U 38 28.66 -18.94 -31.15
N CYS U 39 29.84 -18.94 -30.51
CA CYS U 39 31.07 -18.60 -31.21
C CYS U 39 31.29 -19.56 -32.35
N GLU U 40 30.85 -20.80 -32.16
CA GLU U 40 31.10 -21.86 -33.08
C GLU U 40 30.26 -21.71 -34.35
N LYS U 41 28.97 -21.40 -34.21
CA LYS U 41 28.09 -21.24 -35.37
C LYS U 41 28.38 -19.94 -36.14
N ALA U 42 29.00 -18.99 -35.46
CA ALA U 42 29.46 -17.77 -36.12
C ALA U 42 30.65 -18.12 -37.01
N MET U 43 31.71 -18.64 -36.42
CA MET U 43 32.89 -19.01 -37.18
C MET U 43 32.67 -20.15 -38.20
N THR U 44 31.41 -20.56 -38.45
CA THR U 44 31.13 -21.43 -39.61
C THR U 44 30.30 -20.68 -40.63
N ALA U 45 29.14 -20.20 -40.19
CA ALA U 45 28.24 -19.39 -41.02
C ALA U 45 28.97 -18.28 -41.81
N LYS U 46 29.99 -17.66 -41.18
CA LYS U 46 30.85 -16.68 -41.84
C LYS U 46 32.25 -17.22 -42.20
N GLY U 47 32.37 -18.54 -42.32
CA GLY U 47 33.58 -19.19 -42.87
C GLY U 47 34.84 -19.35 -42.02
N GLY U 48 35.09 -18.42 -41.08
CA GLY U 48 36.33 -18.34 -40.26
C GLY U 48 36.76 -19.55 -39.42
N ASP U 49 37.57 -19.30 -38.39
CA ASP U 49 38.21 -20.41 -37.64
C ASP U 49 37.55 -20.71 -36.28
N VAL U 50 37.31 -22.00 -36.01
CA VAL U 50 36.66 -22.41 -34.75
C VAL U 50 37.65 -22.33 -33.58
N SER U 51 38.91 -22.60 -33.87
CA SER U 51 40.03 -22.24 -32.99
C SER U 51 39.79 -21.03 -32.07
N VAL U 52 39.23 -19.96 -32.62
CA VAL U 52 38.87 -18.75 -31.87
C VAL U 52 38.01 -18.97 -30.62
N CYS U 53 37.14 -20.00 -30.65
CA CYS U 53 36.13 -20.32 -29.64
C CYS U 53 36.65 -21.28 -28.60
N GLU U 54 37.97 -21.48 -28.60
CA GLU U 54 38.58 -22.60 -27.89
C GLU U 54 38.51 -22.37 -26.38
N TRP U 55 38.67 -21.11 -25.99
CA TRP U 55 38.67 -20.73 -24.60
C TRP U 55 37.41 -21.10 -23.86
N TYR U 56 36.26 -20.87 -24.48
CA TYR U 56 34.98 -21.27 -23.91
C TYR U 56 34.82 -22.78 -23.85
N ARG U 57 35.46 -23.47 -24.78
CA ARG U 57 35.30 -24.92 -24.80
C ARG U 57 36.05 -25.53 -23.60
N ARG U 58 37.29 -25.10 -23.41
CA ARG U 58 38.04 -25.54 -22.24
C ARG U 58 37.29 -25.28 -20.93
N VAL U 59 36.74 -24.08 -20.77
CA VAL U 59 36.03 -23.69 -19.54
C VAL U 59 34.78 -24.51 -19.22
N TYR U 60 33.88 -24.63 -20.20
CA TYR U 60 32.67 -25.39 -19.93
C TYR U 60 33.07 -26.86 -19.74
N LYS U 61 34.12 -27.29 -20.45
CA LYS U 61 34.60 -28.66 -20.35
C LYS U 61 35.15 -28.96 -18.92
N SER U 62 35.92 -28.02 -18.38
CA SER U 62 36.45 -28.08 -17.00
C SER U 62 35.29 -28.04 -15.98
N LEU U 63 34.28 -27.20 -16.25
CA LEU U 63 33.25 -26.97 -15.25
C LEU U 63 32.00 -27.85 -15.26
N CYS U 64 31.52 -28.23 -16.45
CA CYS U 64 30.21 -28.84 -16.53
C CYS U 64 30.27 -30.30 -16.26
N PRO U 65 29.32 -30.82 -15.46
CA PRO U 65 29.14 -32.29 -15.41
C PRO U 65 29.00 -32.91 -16.82
N ILE U 66 29.69 -34.03 -17.05
CA ILE U 66 29.65 -34.71 -18.37
C ILE U 66 28.22 -34.94 -18.84
N SER U 67 27.36 -35.33 -17.92
CA SER U 67 26.01 -35.71 -18.27
C SER U 67 25.15 -34.52 -18.64
N TRP U 68 25.46 -33.35 -18.06
CA TRP U 68 24.81 -32.12 -18.54
C TRP U 68 25.17 -31.85 -19.98
N VAL U 69 26.48 -31.92 -20.27
CA VAL U 69 26.97 -31.67 -21.60
C VAL U 69 26.35 -32.64 -22.62
N SER U 70 26.25 -33.91 -22.27
CA SER U 70 25.68 -34.89 -23.18
C SER U 70 24.23 -34.61 -23.52
N THR U 71 23.45 -34.30 -22.48
CA THR U 71 22.03 -34.00 -22.61
C THR U 71 21.86 -32.79 -23.50
N TRP U 72 22.58 -31.71 -23.19
CA TRP U 72 22.50 -30.53 -24.03
C TRP U 72 22.93 -30.76 -25.43
N ASP U 73 24.01 -31.54 -25.59
CA ASP U 73 24.46 -31.96 -26.91
C ASP U 73 23.39 -32.75 -27.68
N ASP U 74 22.78 -33.73 -27.04
CA ASP U 74 21.70 -34.48 -27.69
C ASP U 74 20.57 -33.56 -28.04
N ARG U 75 20.25 -32.65 -27.12
CA ARG U 75 19.11 -31.78 -27.35
C ARG U 75 19.37 -30.80 -28.44
N ARG U 76 20.62 -30.34 -28.57
CA ARG U 76 20.95 -29.55 -29.74
C ARG U 76 20.71 -30.36 -31.06
N ALA U 77 21.09 -31.64 -31.06
CA ALA U 77 20.91 -32.47 -32.23
C ALA U 77 19.41 -32.67 -32.51
N GLU U 78 18.63 -32.87 -31.46
CA GLU U 78 17.20 -33.15 -31.53
C GLU U 78 16.37 -31.90 -31.92
N GLY U 79 16.99 -30.70 -31.89
CA GLY U 79 16.27 -29.42 -32.00
C GLY U 79 15.45 -28.97 -30.77
N THR U 80 15.70 -29.57 -29.62
CA THR U 80 14.93 -29.19 -28.42
C THR U 80 15.70 -28.38 -27.38
N PHE U 81 16.88 -27.90 -27.74
CA PHE U 81 17.72 -27.18 -26.79
C PHE U 81 17.11 -25.79 -26.54
N PRO U 82 16.85 -25.43 -25.24
CA PRO U 82 16.06 -24.24 -24.96
C PRO U 82 16.83 -22.94 -24.90
N GLY U 83 18.15 -23.00 -24.74
CA GLY U 83 18.97 -21.79 -24.79
C GLY U 83 19.03 -21.25 -26.21
N LYS U 84 19.03 -19.92 -26.37
CA LYS U 84 19.09 -19.30 -27.69
C LYS U 84 20.51 -19.38 -28.26
N ILE U 85 20.69 -20.19 -29.31
CA ILE U 85 22.00 -20.25 -29.96
C ILE U 85 21.95 -19.53 -31.30
C1A SAC V 1 32.67 -9.86 77.43
C2A SAC V 1 33.50 -9.12 78.46
OAC SAC V 1 33.20 -10.41 76.48
N SAC V 1 31.33 -9.84 77.64
CA SAC V 1 30.35 -10.95 77.34
C SAC V 1 28.87 -10.59 77.46
O SAC V 1 28.05 -11.05 76.64
CB SAC V 1 30.62 -12.21 78.18
OG SAC V 1 30.37 -13.41 77.43
N THR V 2 28.52 -9.76 78.46
CA THR V 2 27.11 -9.45 78.82
C THR V 2 26.23 -8.73 77.76
N ALA V 3 26.19 -7.39 77.81
CA ALA V 3 25.32 -6.58 76.93
C ALA V 3 25.76 -6.57 75.47
N LEU V 4 25.00 -7.31 74.68
CA LEU V 4 25.21 -7.43 73.26
C LEU V 4 25.12 -6.08 72.55
N ALA V 5 26.06 -5.86 71.65
CA ALA V 5 26.01 -4.71 70.75
C ALA V 5 25.14 -5.03 69.50
N LYS V 6 24.68 -3.96 68.86
CA LYS V 6 23.75 -4.00 67.80
C LYS V 6 24.34 -4.62 66.50
N PRO V 7 23.76 -5.77 66.01
CA PRO V 7 24.25 -6.24 64.69
C PRO V 7 23.68 -5.44 63.57
N GLN V 8 24.31 -5.46 62.41
CA GLN V 8 23.61 -5.13 61.17
C GLN V 8 22.35 -5.99 61.01
N MET V 9 21.18 -5.36 60.86
CA MET V 9 19.93 -6.11 60.74
C MET V 9 19.22 -5.88 59.43
N ARG V 10 19.80 -5.06 58.55
CA ARG V 10 19.14 -4.67 57.31
C ARG V 10 19.94 -5.11 56.11
N GLY V 11 19.26 -5.63 55.08
CA GLY V 11 19.97 -5.96 53.85
C GLY V 11 20.83 -7.20 53.98
N LEU V 12 20.43 -8.16 54.78
CA LEU V 12 21.29 -9.33 54.91
C LEU V 12 21.40 -10.07 53.58
N LEU V 13 20.27 -10.16 52.85
CA LEU V 13 20.26 -10.95 51.62
C LEU V 13 21.04 -10.23 50.51
N ALA V 14 20.82 -8.91 50.39
CA ALA V 14 21.63 -8.10 49.47
C ALA V 14 23.15 -8.20 49.80
N ARG V 15 23.47 -8.19 51.09
CA ARG V 15 24.86 -8.32 51.52
C ARG V 15 25.44 -9.65 51.06
N ARG V 16 24.72 -10.74 51.34
CA ARG V 16 25.19 -12.06 50.93
C ARG V 16 25.42 -12.06 49.41
N LEU V 17 24.49 -11.48 48.65
CA LEU V 17 24.60 -11.52 47.17
C LEU V 17 25.80 -10.67 46.76
N ARG V 18 25.93 -9.44 47.26
CA ARG V 18 27.13 -8.64 46.92
C ARG V 18 28.43 -9.44 47.04
N PHE V 19 28.60 -10.16 48.14
CA PHE V 19 29.82 -10.90 48.36
C PHE V 19 29.95 -12.10 47.37
N HIS V 20 28.86 -12.83 47.14
CA HIS V 20 28.96 -14.05 46.32
C HIS V 20 28.97 -13.90 44.81
N ILE V 21 28.48 -12.77 44.29
CA ILE V 21 28.57 -12.52 42.85
C ILE V 21 30.04 -12.44 42.44
N VAL V 22 30.81 -11.68 43.20
CA VAL V 22 32.25 -11.60 42.96
C VAL V 22 32.83 -13.01 42.83
N GLY V 23 32.60 -13.84 43.83
CA GLY V 23 32.96 -15.25 43.73
C GLY V 23 32.45 -15.95 42.45
N ALA V 24 31.17 -15.73 42.05
CA ALA V 24 30.57 -16.45 40.90
C ALA V 24 31.37 -16.09 39.69
N PHE V 25 31.68 -14.81 39.54
CA PHE V 25 32.50 -14.43 38.42
C PHE V 25 33.88 -15.09 38.43
N MET V 26 34.56 -15.09 39.57
CA MET V 26 35.93 -15.65 39.63
C MET V 26 35.97 -17.12 39.26
N VAL V 27 35.06 -17.88 39.85
CA VAL V 27 34.90 -19.28 39.50
C VAL V 27 34.61 -19.50 37.98
N SER V 28 33.90 -18.58 37.33
CA SER V 28 33.46 -18.80 35.92
C SER V 28 34.60 -18.46 34.98
N LEU V 29 35.21 -17.31 35.22
CA LEU V 29 36.49 -16.95 34.64
C LEU V 29 37.51 -18.07 34.82
N GLY V 30 37.63 -18.58 36.05
CA GLY V 30 38.56 -19.67 36.37
C GLY V 30 38.38 -20.87 35.45
N PHE V 31 37.14 -21.34 35.34
CA PHE V 31 36.81 -22.45 34.45
CA PHE V 31 36.76 -22.43 34.44
C PHE V 31 37.14 -22.11 32.99
N ALA V 32 36.75 -20.93 32.55
CA ALA V 32 37.10 -20.53 31.19
C ALA V 32 38.63 -20.39 31.00
N THR V 33 39.31 -19.79 31.98
CA THR V 33 40.77 -19.63 31.96
C THR V 33 41.50 -20.98 31.99
N PHE V 34 41.00 -21.88 32.82
CA PHE V 34 41.51 -23.21 32.85
C PHE V 34 41.37 -23.89 31.47
N TYR V 35 40.21 -23.74 30.85
CA TYR V 35 40.01 -24.32 29.52
C TYR V 35 41.02 -23.70 28.53
N LYS V 36 41.24 -22.38 28.63
CA LYS V 36 42.13 -21.70 27.71
C LYS V 36 43.54 -22.25 27.74
N PHE V 37 44.14 -22.39 28.95
CA PHE V 37 45.55 -22.83 29.16
CA PHE V 37 45.54 -22.81 29.02
C PHE V 37 45.73 -24.33 29.00
N ALA V 38 44.76 -25.08 29.51
CA ALA V 38 44.82 -26.54 29.47
C ALA V 38 44.48 -27.09 28.11
N VAL V 39 43.70 -26.36 27.32
CA VAL V 39 43.20 -26.95 26.08
C VAL V 39 43.55 -26.10 24.88
N ALA V 40 43.06 -24.87 24.83
CA ALA V 40 43.20 -24.08 23.64
C ALA V 40 44.67 -23.68 23.34
N GLU V 41 45.45 -23.39 24.35
CA GLU V 41 46.84 -22.99 24.14
C GLU V 41 47.69 -24.21 23.78
N LYS V 42 47.48 -25.29 24.54
CA LYS V 42 48.05 -26.59 24.24
C LYS V 42 47.92 -26.90 22.74
N ARG V 43 46.69 -26.77 22.22
CA ARG V 43 46.35 -27.05 20.83
C ARG V 43 47.13 -26.16 19.82
N LYS V 44 47.22 -24.83 20.07
CA LYS V 44 48.01 -23.97 19.20
C LYS V 44 49.50 -24.39 19.20
N LYS V 45 49.96 -24.86 20.35
CA LYS V 45 51.28 -25.40 20.49
C LYS V 45 51.46 -26.71 19.71
N ALA V 46 50.53 -27.66 19.86
CA ALA V 46 50.57 -28.91 19.08
C ALA V 46 50.71 -28.68 17.59
N TYR V 47 49.89 -27.78 17.06
CA TYR V 47 49.94 -27.51 15.62
C TYR V 47 51.20 -26.84 15.17
N ALA V 48 51.62 -25.84 15.95
CA ALA V 48 52.82 -25.08 15.68
C ALA V 48 54.05 -26.02 15.72
N ASP V 49 54.11 -26.84 16.76
CA ASP V 49 55.26 -27.69 16.94
C ASP V 49 55.34 -28.75 15.88
N PHE V 50 54.20 -29.34 15.57
CA PHE V 50 54.08 -30.36 14.53
C PHE V 50 54.60 -29.84 13.20
N TYR V 51 54.11 -28.68 12.78
CA TYR V 51 54.40 -28.21 11.43
C TYR V 51 55.72 -27.46 11.28
N ARG V 52 56.32 -27.04 12.40
CA ARG V 52 57.65 -26.44 12.42
C ARG V 52 58.64 -27.43 11.77
N ASN V 53 58.58 -28.69 12.22
CA ASN V 53 59.46 -29.76 11.77
C ASN V 53 59.02 -30.44 10.48
N TYR V 54 57.71 -30.49 10.25
CA TYR V 54 57.09 -31.30 9.20
C TYR V 54 57.75 -31.24 7.82
N ASP V 55 57.78 -32.40 7.18
CA ASP V 55 58.24 -32.55 5.82
C ASP V 55 57.20 -33.46 5.10
N SER V 56 56.42 -32.88 4.17
CA SER V 56 55.31 -33.61 3.59
C SER V 56 55.78 -34.78 2.71
N MET V 57 56.96 -34.64 2.13
CA MET V 57 57.55 -35.68 1.29
C MET V 57 58.01 -36.84 2.13
N LYS V 58 58.75 -36.55 3.20
CA LYS V 58 59.19 -37.57 4.13
C LYS V 58 57.97 -38.42 4.45
N ASP V 59 56.93 -37.74 4.88
CA ASP V 59 55.68 -38.34 5.32
C ASP V 59 55.01 -39.19 4.22
N PHE V 60 54.94 -38.64 3.01
CA PHE V 60 54.41 -39.39 1.88
C PHE V 60 55.21 -40.67 1.69
N GLU V 61 56.53 -40.53 1.68
CA GLU V 61 57.44 -41.63 1.38
C GLU V 61 57.29 -42.72 2.40
N GLU V 62 57.08 -42.36 3.67
CA GLU V 62 56.86 -43.39 4.70
C GLU V 62 55.54 -44.08 4.51
N MET V 63 54.54 -43.29 4.14
CA MET V 63 53.24 -43.85 3.80
C MET V 63 53.32 -44.77 2.59
N ARG V 64 54.11 -44.37 1.59
CA ARG V 64 54.24 -45.16 0.37
C ARG V 64 54.82 -46.54 0.65
N LYS V 65 55.99 -46.58 1.31
CA LYS V 65 56.62 -47.84 1.80
C LYS V 65 55.64 -48.72 2.55
N ALA V 66 54.80 -48.14 3.39
CA ALA V 66 53.88 -48.96 4.12
C ALA V 66 52.77 -49.53 3.20
N GLY V 67 52.75 -49.12 1.92
CA GLY V 67 51.76 -49.65 0.96
C GLY V 67 50.30 -49.26 1.18
N ILE V 68 50.02 -48.08 1.72
CA ILE V 68 48.64 -47.66 1.95
C ILE V 68 47.92 -47.13 0.70
N PHE V 69 48.67 -46.59 -0.26
CA PHE V 69 48.10 -45.91 -1.45
C PHE V 69 47.74 -46.79 -2.63
N GLN V 70 46.71 -46.38 -3.36
CA GLN V 70 46.30 -47.02 -4.62
C GLN V 70 47.11 -46.51 -5.73
N SER V 71 47.46 -45.24 -5.69
CA SER V 71 47.98 -44.58 -6.86
C SER V 71 49.48 -44.66 -6.88
N ALA V 72 50.09 -45.05 -5.77
CA ALA V 72 51.53 -44.86 -5.60
C ALA V 72 52.09 -46.03 -4.81
N LYS V 73 52.82 -46.90 -5.50
CA LYS V 73 53.38 -48.10 -4.87
C LYS V 73 54.85 -47.94 -4.48
N PHE W 1 -41.13 -10.18 -0.63
CA PHE W 1 -41.31 -11.31 0.34
C PHE W 1 -41.84 -10.76 1.66
N GLU W 2 -42.14 -11.66 2.58
CA GLU W 2 -42.60 -11.22 3.89
C GLU W 2 -41.59 -11.48 5.00
N ASN W 3 -41.66 -10.62 6.03
CA ASN W 3 -40.81 -10.72 7.20
C ASN W 3 -41.36 -11.69 8.24
N ARG W 4 -40.95 -12.96 8.14
CA ARG W 4 -41.40 -13.99 9.08
C ARG W 4 -40.40 -14.24 10.25
N VAL W 5 -39.56 -13.26 10.56
CA VAL W 5 -38.44 -13.54 11.50
C VAL W 5 -38.95 -13.77 12.91
N ALA W 6 -39.91 -12.93 13.36
CA ALA W 6 -40.46 -13.01 14.73
C ALA W 6 -41.12 -14.36 14.97
N GLU W 7 -41.70 -14.95 13.93
CA GLU W 7 -42.24 -16.31 14.10
C GLU W 7 -41.15 -17.36 14.29
N LYS W 8 -40.01 -17.19 13.60
CA LYS W 8 -38.85 -18.10 13.72
C LYS W 8 -38.18 -17.93 15.05
N GLN W 9 -38.10 -16.68 15.50
CA GLN W 9 -37.63 -16.35 16.84
C GLN W 9 -38.42 -17.12 17.88
N LYS W 10 -39.74 -17.20 17.68
CA LYS W 10 -40.60 -17.91 18.60
C LYS W 10 -40.26 -19.40 18.64
N LEU W 11 -40.14 -20.01 17.47
CA LEU W 11 -39.86 -21.43 17.35
C LEU W 11 -38.60 -21.88 18.07
N PHE W 12 -37.51 -21.16 17.78
CA PHE W 12 -36.17 -21.50 18.21
C PHE W 12 -35.93 -21.10 19.66
N GLN W 13 -36.88 -20.37 20.23
CA GLN W 13 -36.83 -20.02 21.64
C GLN W 13 -37.69 -20.87 22.57
N GLU W 14 -38.44 -21.83 22.01
CA GLU W 14 -39.31 -22.71 22.81
C GLU W 14 -38.49 -23.50 23.80
N ASP W 15 -38.84 -23.38 25.08
CA ASP W 15 -38.24 -24.17 26.15
C ASP W 15 -38.73 -25.62 26.06
N ASN W 16 -38.08 -26.41 25.22
CA ASN W 16 -38.42 -27.81 24.96
C ASN W 16 -37.22 -28.77 25.16
N GLY W 17 -36.14 -28.28 25.78
CA GLY W 17 -34.99 -29.12 26.03
C GLY W 17 -34.13 -29.54 24.84
N LEU W 18 -34.55 -29.25 23.62
CA LEU W 18 -33.75 -29.64 22.47
C LEU W 18 -32.53 -28.71 22.24
N PRO W 19 -31.36 -29.30 21.94
CA PRO W 19 -30.25 -28.49 21.38
C PRO W 19 -30.61 -27.84 20.03
N VAL W 20 -29.93 -26.73 19.75
CA VAL W 20 -30.24 -25.90 18.58
C VAL W 20 -30.17 -26.73 17.30
N HIS W 21 -29.33 -27.77 17.24
CA HIS W 21 -29.20 -28.51 15.97
C HIS W 21 -30.37 -29.43 15.63
N LEU W 22 -31.29 -29.61 16.58
CA LEU W 22 -32.53 -30.42 16.42
C LEU W 22 -33.81 -29.61 16.55
N LYS W 23 -33.67 -28.32 16.87
CA LYS W 23 -34.80 -27.54 17.32
C LYS W 23 -35.86 -27.19 16.21
N GLY W 24 -35.56 -27.43 14.94
CA GLY W 24 -36.49 -27.07 13.90
C GLY W 24 -37.50 -28.19 13.56
N GLY W 25 -37.30 -29.37 14.15
CA GLY W 25 -38.23 -30.48 13.96
C GLY W 25 -37.64 -31.72 13.31
N ALA W 26 -38.54 -32.53 12.76
CA ALA W 26 -38.22 -33.82 12.20
C ALA W 26 -37.12 -33.71 11.13
N THR W 27 -37.16 -32.65 10.32
CA THR W 27 -36.16 -32.43 9.28
C THR W 27 -34.73 -32.44 9.85
N ASP W 28 -34.52 -31.75 10.99
CA ASP W 28 -33.17 -31.70 11.61
C ASP W 28 -32.75 -33.10 11.93
N ASN W 29 -33.73 -33.92 12.31
CA ASN W 29 -33.42 -35.24 12.85
C ASN W 29 -33.01 -36.14 11.70
N ILE W 30 -33.70 -36.02 10.58
CA ILE W 30 -33.39 -36.83 9.44
C ILE W 30 -31.95 -36.54 9.00
N LEU W 31 -31.72 -35.27 8.68
CA LEU W 31 -30.47 -34.70 8.19
C LEU W 31 -29.30 -35.13 9.08
N TYR W 32 -29.50 -35.03 10.37
CA TYR W 32 -28.52 -35.39 11.34
C TYR W 32 -28.17 -36.86 11.19
N ARG W 33 -29.18 -37.72 11.11
CA ARG W 33 -28.95 -39.17 11.02
C ARG W 33 -28.25 -39.55 9.74
N VAL W 34 -28.71 -38.94 8.64
CA VAL W 34 -28.07 -39.09 7.36
C VAL W 34 -26.58 -38.67 7.44
N THR W 35 -26.34 -37.46 7.96
CA THR W 35 -24.95 -37.00 8.09
C THR W 35 -24.14 -38.00 8.89
N MET W 36 -24.71 -38.43 10.00
CA MET W 36 -23.96 -39.22 10.97
C MET W 36 -23.78 -40.65 10.41
N THR W 37 -24.80 -41.19 9.76
CA THR W 37 -24.64 -42.46 9.06
C THR W 37 -23.54 -42.39 8.02
N LEU W 38 -23.59 -41.36 7.18
CA LEU W 38 -22.59 -41.24 6.16
C LEU W 38 -21.16 -41.13 6.73
N CYS W 39 -21.00 -40.35 7.80
CA CYS W 39 -19.69 -40.16 8.39
C CYS W 39 -19.21 -41.46 8.98
N LEU W 40 -20.11 -42.20 9.61
CA LEU W 40 -19.71 -43.45 10.28
C LEU W 40 -19.47 -44.58 9.30
N GLY W 41 -20.37 -44.74 8.33
CA GLY W 41 -20.15 -45.73 7.27
C GLY W 41 -18.89 -45.40 6.49
N GLY W 42 -18.74 -44.13 6.09
CA GLY W 42 -17.56 -43.67 5.35
C GLY W 42 -16.25 -44.02 6.05
N THR W 43 -16.22 -43.77 7.35
CA THR W 43 -15.03 -44.01 8.16
C THR W 43 -14.71 -45.51 8.17
N LEU W 44 -15.71 -46.31 8.49
CA LEU W 44 -15.54 -47.75 8.38
C LEU W 44 -15.01 -48.14 6.99
N TYR W 45 -15.58 -47.56 5.95
CA TYR W 45 -15.07 -47.87 4.63
C TYR W 45 -13.61 -47.46 4.49
N SER W 46 -13.24 -46.26 4.94
CA SER W 46 -11.82 -45.88 4.81
C SER W 46 -10.93 -46.78 5.66
N LEU W 47 -11.43 -47.27 6.78
CA LEU W 47 -10.60 -48.23 7.51
C LEU W 47 -10.42 -49.52 6.71
N TYR W 48 -11.48 -49.99 6.10
CA TYR W 48 -11.35 -51.13 5.24
C TYR W 48 -10.25 -50.88 4.21
N CYS W 49 -10.30 -49.74 3.51
CA CYS W 49 -9.35 -49.45 2.45
C CYS W 49 -7.86 -49.47 2.90
N LEU W 50 -7.60 -49.06 4.14
CA LEU W 50 -6.27 -49.08 4.76
C LEU W 50 -5.79 -50.52 4.99
N GLY W 51 -6.65 -51.33 5.56
CA GLY W 51 -6.35 -52.75 5.75
C GLY W 51 -5.99 -53.38 4.43
N TRP W 52 -6.60 -52.89 3.37
CA TRP W 52 -6.37 -53.51 2.09
C TRP W 52 -5.05 -53.03 1.48
N ALA W 53 -4.77 -51.73 1.59
CA ALA W 53 -3.57 -51.15 0.97
C ALA W 53 -2.29 -51.40 1.81
N SER W 54 -2.48 -51.93 3.02
CA SER W 54 -1.37 -52.25 3.89
C SER W 54 -0.68 -53.55 3.53
N PHE W 55 -1.24 -54.26 2.56
CA PHE W 55 -0.74 -55.57 2.13
C PHE W 55 -0.34 -55.53 0.64
N PRO W 56 0.72 -56.28 0.28
CA PRO W 56 1.23 -56.19 -1.11
C PRO W 56 0.34 -56.92 -2.13
N HIS W 57 0.06 -56.26 -3.26
CA HIS W 57 -0.69 -56.85 -4.38
C HIS W 57 0.04 -56.64 -5.69
N LYS W 58 1.01 -57.53 -5.95
CA LYS W 58 1.96 -57.41 -7.07
C LYS W 58 2.83 -56.15 -6.97
N ALA X 6 7.00 -39.02 66.14
CA ALA X 6 6.22 -40.02 65.34
C ALA X 6 6.94 -40.36 64.01
N PRO X 7 7.95 -41.27 64.05
CA PRO X 7 8.88 -41.52 62.94
C PRO X 7 8.17 -41.89 61.64
N ASP X 8 8.47 -41.17 60.57
CA ASP X 8 7.81 -41.42 59.27
C ASP X 8 8.47 -42.60 58.54
N PHE X 9 7.87 -43.00 57.43
CA PHE X 9 8.51 -43.92 56.51
C PHE X 9 10.05 -43.79 56.46
N HIS X 10 10.54 -42.59 56.19
CA HIS X 10 11.96 -42.36 55.89
C HIS X 10 12.82 -42.51 57.12
N ASP X 11 12.24 -42.27 58.29
CA ASP X 11 12.95 -42.50 59.55
C ASP X 11 13.24 -43.99 59.73
N LYS X 12 12.22 -44.81 59.50
CA LYS X 12 12.25 -46.28 59.49
C LYS X 12 13.09 -46.92 58.36
N TYR X 13 12.89 -46.49 57.12
CA TYR X 13 13.51 -47.22 55.99
C TYR X 13 14.54 -46.47 55.15
N GLY X 14 14.64 -45.16 55.33
CA GLY X 14 15.60 -44.36 54.57
C GLY X 14 16.94 -45.03 54.35
N ASN X 15 17.57 -45.46 55.45
CA ASN X 15 18.90 -46.08 55.38
C ASN X 15 18.99 -47.43 54.66
N ALA X 16 17.99 -48.29 54.88
CA ALA X 16 17.89 -49.57 54.19
C ALA X 16 17.62 -49.40 52.68
N VAL X 17 16.63 -48.56 52.33
CA VAL X 17 16.31 -48.28 50.92
C VAL X 17 17.57 -47.78 50.18
N LEU X 18 18.26 -46.79 50.76
CA LEU X 18 19.49 -46.23 50.20
C LEU X 18 20.61 -47.28 50.06
N ALA X 19 20.93 -47.92 51.19
CA ALA X 19 21.87 -49.06 51.25
C ALA X 19 21.62 -50.12 50.16
N SER X 20 20.44 -50.73 50.19
CA SER X 20 20.16 -51.80 49.26
C SER X 20 19.86 -51.31 47.83
N GLY X 21 19.39 -50.07 47.71
CA GLY X 21 19.19 -49.45 46.38
C GLY X 21 20.52 -49.30 45.67
N ALA X 22 21.50 -48.74 46.38
CA ALA X 22 22.82 -48.45 45.82
C ALA X 22 23.64 -49.70 45.50
N THR X 23 23.43 -50.73 46.31
CA THR X 23 24.21 -51.93 46.23
C THR X 23 23.74 -52.68 45.03
N PHE X 24 22.42 -52.92 44.96
CA PHE X 24 21.83 -53.56 43.82
C PHE X 24 22.26 -52.89 42.53
N CYS X 25 22.08 -51.56 42.46
CA CYS X 25 22.38 -50.78 41.28
C CYS X 25 23.79 -51.02 40.77
N VAL X 26 24.78 -50.82 41.66
CA VAL X 26 26.21 -51.01 41.34
C VAL X 26 26.58 -52.46 40.96
N ALA X 27 25.96 -53.43 41.63
CA ALA X 27 26.23 -54.84 41.33
C ALA X 27 25.65 -55.31 39.98
N VAL X 28 24.43 -54.90 39.64
CA VAL X 28 23.90 -55.34 38.36
C VAL X 28 24.63 -54.59 37.23
N TRP X 29 24.96 -53.32 37.43
CA TRP X 29 25.66 -52.53 36.43
C TRP X 29 27.05 -53.02 36.13
N VAL X 30 27.84 -53.32 37.17
CA VAL X 30 29.19 -53.92 36.98
C VAL X 30 29.10 -55.28 36.27
N TYR X 31 28.07 -56.03 36.59
CA TYR X 31 27.89 -57.32 35.98
C TYR X 31 27.58 -57.13 34.50
N MET X 32 26.56 -56.36 34.21
CA MET X 32 26.17 -56.09 32.82
C MET X 32 27.33 -55.54 31.96
N ALA X 33 28.12 -54.65 32.56
CA ALA X 33 29.21 -54.02 31.83
C ALA X 33 30.40 -54.92 31.54
N THR X 34 30.69 -55.90 32.40
CA THR X 34 31.95 -56.64 32.25
C THR X 34 31.79 -58.10 31.85
N GLN X 35 30.62 -58.67 32.10
CA GLN X 35 30.45 -60.13 32.06
C GLN X 35 29.68 -60.67 30.91
N ILE X 36 29.08 -59.84 30.09
CA ILE X 36 28.15 -60.43 29.10
C ILE X 36 28.51 -60.21 27.65
N GLY X 37 29.71 -59.67 27.41
CA GLY X 37 30.24 -59.55 26.05
C GLY X 37 29.74 -58.35 25.27
N ILE X 38 29.32 -57.32 25.99
CA ILE X 38 29.05 -56.05 25.35
C ILE X 38 30.39 -55.51 24.82
N GLU X 39 30.43 -55.17 23.53
CA GLU X 39 31.66 -54.56 22.97
C GLU X 39 31.70 -53.04 23.09
N TRP X 40 32.55 -52.57 23.98
CA TRP X 40 32.76 -51.16 24.21
C TRP X 40 33.66 -50.54 23.19
N ASN X 41 34.50 -51.36 22.57
CA ASN X 41 35.46 -50.90 21.60
C ASN X 41 36.26 -49.68 22.15
N PRO X 42 36.88 -49.82 23.32
CA PRO X 42 37.60 -48.64 23.90
C PRO X 42 38.84 -48.31 23.09
N SER X 43 39.44 -47.16 23.33
CA SER X 43 40.70 -46.80 22.65
C SER X 43 41.81 -47.90 22.57
N PRO X 44 42.33 -48.20 21.34
CA PRO X 44 43.45 -49.13 21.26
C PRO X 44 44.73 -48.58 21.91
N VAL X 45 44.77 -47.27 22.18
CA VAL X 45 45.99 -46.59 22.61
C VAL X 45 46.51 -47.22 23.90
N GLY X 46 47.71 -47.78 23.79
CA GLY X 46 48.44 -48.37 24.91
C GLY X 46 47.73 -49.58 25.44
N ARG X 47 47.28 -50.45 24.55
CA ARG X 47 46.40 -51.56 24.89
C ARG X 47 46.51 -52.62 23.82
N VAL X 48 46.35 -52.17 22.58
CA VAL X 48 46.40 -53.04 21.43
C VAL X 48 47.81 -53.06 20.87
N THR X 49 48.30 -54.27 20.58
CA THR X 49 49.61 -54.45 19.96
C THR X 49 49.48 -54.50 18.44
N PRO X 50 49.91 -53.45 17.73
CA PRO X 50 49.75 -53.40 16.28
C PRO X 50 50.37 -54.62 15.62
N LYS X 51 49.57 -55.28 14.77
CA LYS X 51 49.95 -56.47 13.97
C LYS X 51 49.99 -56.02 12.53
N GLU X 52 50.98 -56.48 11.77
CA GLU X 52 51.06 -56.07 10.36
C GLU X 52 49.86 -56.64 9.58
N TRP X 53 49.37 -55.85 8.62
CA TRP X 53 48.08 -56.12 7.99
C TRP X 53 48.26 -56.60 6.60
N ARG X 54 49.33 -56.16 5.97
CA ARG X 54 49.55 -56.52 4.59
C ARG X 54 50.66 -57.56 4.58
N HIS Y 2 -27.78 -31.45 32.96
CA HIS Y 2 -26.45 -31.23 33.64
C HIS Y 2 -25.69 -32.51 33.86
N TYR Y 3 -24.37 -32.40 33.98
CA TYR Y 3 -23.45 -33.53 34.08
C TYR Y 3 -22.89 -33.67 35.50
N GLU Y 4 -22.05 -34.67 35.67
CA GLU Y 4 -21.43 -34.93 36.96
C GLU Y 4 -20.30 -33.92 37.23
N GLU Y 5 -20.17 -33.55 38.50
CA GLU Y 5 -19.10 -32.66 38.96
C GLU Y 5 -18.28 -33.38 40.02
N GLY Y 6 -17.08 -32.88 40.30
CA GLY Y 6 -16.32 -33.28 41.44
C GLY Y 6 -15.24 -34.28 41.08
N PRO Y 7 -14.41 -34.65 42.07
CA PRO Y 7 -13.26 -35.50 41.73
C PRO Y 7 -13.74 -36.84 41.21
N GLY Y 8 -13.08 -37.32 40.17
CA GLY Y 8 -13.36 -38.63 39.59
C GLY Y 8 -14.52 -38.60 38.62
N LYS Y 9 -15.18 -37.44 38.47
CA LYS Y 9 -16.40 -37.30 37.67
C LYS Y 9 -16.28 -36.38 36.47
N ASN Y 10 -15.08 -35.86 36.21
CA ASN Y 10 -14.87 -34.92 35.10
C ASN Y 10 -13.96 -35.55 34.08
N ILE Y 11 -13.93 -36.86 34.06
CA ILE Y 11 -13.06 -37.59 33.18
C ILE Y 11 -13.89 -38.59 32.40
N PRO Y 12 -13.38 -39.01 31.23
CA PRO Y 12 -14.20 -39.87 30.42
C PRO Y 12 -14.04 -41.35 30.76
N PHE Y 13 -13.44 -41.64 31.89
CA PHE Y 13 -13.26 -43.02 32.31
C PHE Y 13 -13.62 -43.10 33.79
N SER Y 14 -14.03 -44.29 34.23
CA SER Y 14 -14.43 -44.49 35.62
C SER Y 14 -13.21 -44.63 36.54
N VAL Y 15 -13.30 -44.06 37.74
CA VAL Y 15 -12.33 -44.45 38.78
C VAL Y 15 -13.04 -45.05 40.02
N GLU Y 16 -14.10 -45.83 39.80
CA GLU Y 16 -14.81 -46.41 40.92
C GLU Y 16 -13.92 -47.44 41.60
N ASN Y 17 -13.21 -48.23 40.80
CA ASN Y 17 -12.47 -49.41 41.26
C ASN Y 17 -11.05 -49.43 40.69
N LYS Y 18 -10.04 -49.45 41.58
CA LYS Y 18 -8.65 -49.23 41.16
C LYS Y 18 -8.10 -50.27 40.21
N TRP Y 19 -8.65 -51.47 40.28
CA TRP Y 19 -8.12 -52.59 39.52
C TRP Y 19 -8.62 -52.59 38.10
N ARG Y 20 -9.92 -52.32 37.97
CA ARG Y 20 -10.53 -52.16 36.68
C ARG Y 20 -9.80 -50.94 36.05
N LEU Y 21 -9.62 -49.86 36.83
CA LEU Y 21 -8.78 -48.75 36.41
C LEU Y 21 -7.42 -49.22 35.88
N LEU Y 22 -6.70 -50.00 36.69
CA LEU Y 22 -5.40 -50.46 36.30
C LEU Y 22 -5.44 -51.20 34.99
N ALA Y 23 -6.48 -52.05 34.81
CA ALA Y 23 -6.73 -52.76 33.55
C ALA Y 23 -6.86 -51.79 32.36
N MET Y 24 -7.62 -50.73 32.57
CA MET Y 24 -7.86 -49.70 31.55
C MET Y 24 -6.59 -48.88 31.20
N MET Y 25 -5.85 -48.43 32.22
CA MET Y 25 -4.68 -47.61 31.98
C MET Y 25 -3.66 -48.49 31.36
N THR Y 26 -3.57 -49.71 31.85
CA THR Y 26 -2.70 -50.75 31.27
C THR Y 26 -2.93 -50.91 29.75
N LEU Y 27 -4.18 -51.09 29.36
CA LEU Y 27 -4.55 -51.20 27.93
C LEU Y 27 -4.34 -49.91 27.12
N PHE Y 28 -4.50 -48.76 27.78
CA PHE Y 28 -4.47 -47.48 27.08
C PHE Y 28 -3.04 -47.21 26.72
N PHE Y 29 -2.21 -47.06 27.74
CA PHE Y 29 -0.78 -46.79 27.57
C PHE Y 29 -0.01 -47.93 26.90
N GLY Y 30 -0.32 -49.18 27.28
CA GLY Y 30 0.37 -50.29 26.67
C GLY Y 30 0.01 -50.45 25.18
N SER Y 31 -1.19 -50.07 24.75
CA SER Y 31 -1.45 -50.19 23.30
C SER Y 31 -0.66 -49.13 22.50
N GLY Y 32 -0.59 -47.90 23.03
CA GLY Y 32 0.27 -46.84 22.48
C GLY Y 32 1.72 -47.28 22.30
N PHE Y 33 2.27 -47.81 23.39
CA PHE Y 33 3.65 -48.32 23.42
C PHE Y 33 3.88 -49.51 22.46
N ALA Y 34 2.89 -50.38 22.35
CA ALA Y 34 3.06 -51.59 21.58
C ALA Y 34 3.11 -51.30 20.08
N ALA Y 35 2.23 -50.40 19.64
CA ALA Y 35 1.99 -50.16 18.20
C ALA Y 35 3.20 -50.12 17.27
N PRO Y 36 4.24 -49.33 17.61
CA PRO Y 36 5.37 -49.25 16.64
C PRO Y 36 6.19 -50.53 16.44
N PHE Y 37 6.25 -51.37 17.50
CA PHE Y 37 6.87 -52.67 17.38
C PHE Y 37 6.03 -53.51 16.38
N PHE Y 38 4.71 -53.39 16.45
CA PHE Y 38 3.84 -54.08 15.47
C PHE Y 38 3.89 -53.57 14.06
N ILE Y 39 4.00 -52.25 13.92
CA ILE Y 39 4.21 -51.68 12.61
C ILE Y 39 5.53 -52.20 12.02
N VAL Y 40 6.60 -52.14 12.84
CA VAL Y 40 7.87 -52.69 12.39
C VAL Y 40 7.78 -54.19 11.99
N ARG Y 41 7.13 -55.00 12.82
CA ARG Y 41 6.79 -56.36 12.48
C ARG Y 41 6.11 -56.47 11.08
N HIS Y 42 5.08 -55.66 10.86
CA HIS Y 42 4.26 -55.69 9.68
C HIS Y 42 5.08 -55.42 8.45
N GLN Y 43 5.82 -54.34 8.50
CA GLN Y 43 6.78 -54.01 7.45
C GLN Y 43 7.76 -55.13 7.12
N LEU Y 44 8.41 -55.67 8.15
CA LEU Y 44 9.34 -56.78 7.98
C LEU Y 44 8.69 -58.06 7.38
N LEU Y 45 7.39 -58.25 7.63
CA LEU Y 45 6.64 -59.42 7.17
C LEU Y 45 5.86 -59.19 5.90
N LYS Y 46 5.82 -57.93 5.43
CA LYS Y 46 5.10 -57.57 4.21
C LYS Y 46 5.80 -58.20 3.06
N LYS Y 47 7.13 -58.24 3.17
CA LYS Y 47 8.02 -58.82 2.19
C LYS Y 47 9.35 -58.15 2.39
N ILE Z 1 0.50 -27.88 48.93
CA ILE Z 1 -0.91 -28.33 48.94
C ILE Z 1 -1.19 -29.13 50.21
N THR Z 2 -2.45 -29.11 50.66
CA THR Z 2 -2.88 -30.06 51.67
C THR Z 2 -4.08 -30.84 51.18
N ALA Z 3 -4.09 -32.12 51.56
CA ALA Z 3 -5.00 -33.12 51.04
C ALA Z 3 -5.80 -33.70 52.17
N LYS Z 4 -7.03 -34.14 51.88
CA LYS Z 4 -7.74 -35.06 52.77
C LYS Z 4 -6.97 -36.40 52.85
N PRO Z 5 -7.34 -37.31 53.78
CA PRO Z 5 -6.69 -38.62 53.78
C PRO Z 5 -7.26 -39.48 52.66
N ALA Z 6 -6.43 -40.36 52.10
CA ALA Z 6 -6.82 -41.28 51.00
C ALA Z 6 -8.21 -41.84 51.29
N LYS Z 7 -9.14 -41.66 50.34
CA LYS Z 7 -10.43 -42.34 50.50
C LYS Z 7 -10.16 -43.84 50.46
N THR Z 8 -9.35 -44.29 49.51
CA THR Z 8 -9.05 -45.70 49.38
C THR Z 8 -7.56 -46.00 49.34
N PRO Z 9 -6.87 -45.82 50.49
CA PRO Z 9 -5.39 -45.93 50.50
C PRO Z 9 -4.87 -47.17 49.75
N THR Z 10 -3.81 -46.97 49.00
CA THR Z 10 -3.16 -48.04 48.29
C THR Z 10 -1.94 -48.48 49.11
N SER Z 11 -2.12 -49.63 49.77
CA SER Z 11 -1.15 -50.21 50.67
C SER Z 11 0.06 -50.64 49.87
N PRO Z 12 1.15 -50.97 50.56
CA PRO Z 12 2.36 -51.38 49.87
C PRO Z 12 2.19 -52.60 49.00
N LYS Z 13 1.38 -53.56 49.44
CA LYS Z 13 1.20 -54.76 48.65
C LYS Z 13 0.52 -54.32 47.36
N GLU Z 14 -0.53 -53.52 47.54
CA GLU Z 14 -1.26 -52.95 46.42
C GLU Z 14 -0.36 -52.22 45.41
N GLN Z 15 0.58 -51.43 45.90
CA GLN Z 15 1.48 -50.72 44.98
C GLN Z 15 2.42 -51.64 44.19
N ALA Z 16 2.83 -52.72 44.81
CA ALA Z 16 3.73 -53.65 44.15
C ALA Z 16 3.01 -54.38 43.04
N ILE Z 17 1.70 -54.59 43.24
CA ILE Z 17 0.93 -55.20 42.16
C ILE Z 17 0.78 -54.25 40.96
N GLY Z 18 0.27 -53.03 41.24
CA GLY Z 18 0.23 -51.91 40.29
C GLY Z 18 1.56 -51.67 39.57
N LEU Z 19 2.65 -51.54 40.32
CA LEU Z 19 3.94 -51.38 39.69
C LEU Z 19 4.25 -52.53 38.73
N SER Z 20 4.11 -53.79 39.22
CA SER Z 20 4.42 -55.00 38.44
C SER Z 20 3.60 -55.10 37.16
N VAL Z 21 2.28 -54.95 37.30
CA VAL Z 21 1.36 -54.98 36.16
C VAL Z 21 1.76 -53.89 35.14
N THR Z 22 1.85 -52.65 35.60
CA THR Z 22 2.22 -51.53 34.72
C THR Z 22 3.48 -51.86 33.93
N PHE Z 23 4.53 -52.29 34.62
CA PHE Z 23 5.74 -52.63 33.90
C PHE Z 23 5.51 -53.72 32.86
N LEU Z 24 4.78 -54.74 33.26
CA LEU Z 24 4.71 -55.89 32.38
C LEU Z 24 3.93 -55.52 31.15
N SER Z 25 3.00 -54.58 31.29
CA SER Z 25 2.20 -54.16 30.15
C SER Z 25 3.00 -53.34 29.11
N PHE Z 26 4.12 -52.73 29.51
CA PHE Z 26 5.04 -52.11 28.57
C PHE Z 26 5.99 -53.17 28.02
N LEU Z 27 6.48 -54.05 28.90
CA LEU Z 27 7.59 -54.94 28.55
C LEU Z 27 7.23 -56.15 27.70
N LEU Z 28 6.06 -56.75 27.93
CA LEU Z 28 5.78 -58.09 27.35
C LEU Z 28 5.53 -57.99 25.86
N PRO Z 29 4.60 -57.09 25.45
CA PRO Z 29 4.30 -57.03 24.03
C PRO Z 29 5.58 -56.68 23.25
N ALA Z 30 6.35 -55.70 23.74
CA ALA Z 30 7.62 -55.34 23.08
C ALA Z 30 8.69 -56.45 23.14
N GLY Z 31 8.77 -57.16 24.28
CA GLY Z 31 9.64 -58.36 24.43
C GLY Z 31 9.44 -59.39 23.33
N TRP Z 32 8.17 -59.71 23.10
CA TRP Z 32 7.74 -60.68 22.16
C TRP Z 32 8.21 -60.38 20.76
N VAL Z 33 8.08 -59.11 20.32
CA VAL Z 33 8.46 -58.74 18.96
C VAL Z 33 9.98 -58.76 18.84
N LEU Z 34 10.68 -58.20 19.83
CA LEU Z 34 12.13 -58.12 19.76
C LEU Z 34 12.72 -59.53 19.73
N TYR Z 35 12.21 -60.38 20.62
CA TYR Z 35 12.66 -61.76 20.72
C TYR Z 35 12.56 -62.46 19.36
N HIS Z 36 11.41 -62.25 18.71
CA HIS Z 36 11.06 -62.90 17.46
C HIS Z 36 11.51 -62.16 16.25
N LEU Z 37 12.32 -61.12 16.45
CA LEU Z 37 12.81 -60.36 15.33
C LEU Z 37 13.40 -61.26 14.28
N ASP Z 38 14.25 -62.20 14.72
CA ASP Z 38 14.97 -63.09 13.85
C ASP Z 38 14.04 -63.90 12.93
N ASN Z 39 12.88 -64.28 13.47
CA ASN Z 39 11.84 -64.98 12.72
C ASN Z 39 11.32 -64.17 11.54
N TYR Z 40 11.03 -62.89 11.78
CA TYR Z 40 10.58 -61.99 10.72
C TYR Z 40 11.67 -61.63 9.69
N LYS Z 41 12.91 -61.52 10.18
CA LYS Z 41 14.11 -61.26 9.35
C LYS Z 41 14.44 -62.46 8.42
N LYS Z 42 13.72 -63.56 8.62
CA LYS Z 42 13.72 -64.70 7.72
C LYS Z 42 12.34 -64.77 7.03
N SER Z 43 11.79 -63.59 6.68
CA SER Z 43 10.42 -63.41 6.14
C SER Z 43 9.39 -64.48 6.52
FE HEA AA . -3.75 33.20 -29.45
CHA HEA AA . -0.94 31.36 -30.46
CHB HEA AA . -3.90 34.77 -32.52
CHC HEA AA . -6.40 35.16 -28.34
CHD HEA AA . -3.90 31.26 -26.62
NA HEA AA . -2.58 33.10 -31.13
C1A HEA AA . -1.58 32.22 -31.44
C2A HEA AA . -1.20 32.33 -32.80
C3A HEA AA . -2.05 33.26 -33.34
C4A HEA AA . -2.90 33.70 -32.32
CMA HEA AA . -2.03 33.74 -34.76
OMA HEA AA . -2.96 34.38 -35.27
CAA HEA AA . -0.13 31.63 -33.61
CBA HEA AA . 1.25 32.23 -33.41
CGA HEA AA . 2.23 31.39 -34.19
O1A HEA AA . 3.26 31.91 -34.73
O2A HEA AA . 2.00 30.16 -34.29
NB HEA AA . -4.89 34.74 -30.28
C1B HEA AA . -4.77 35.29 -31.51
C2B HEA AA . -5.67 36.35 -31.69
C3B HEA AA . -6.38 36.42 -30.49
C4B HEA AA . -5.87 35.42 -29.66
CMB HEA AA . -5.85 37.16 -32.98
NC HEA AA . -4.94 33.22 -27.83
C1C HEA AA . -6.00 34.02 -27.53
C2C HEA AA . -6.58 33.66 -26.27
C3C HEA AA . -5.82 32.57 -25.83
C4C HEA AA . -4.85 32.33 -26.79
CMC HEA AA . -7.76 34.35 -25.56
CAC HEA AA . -5.93 31.72 -24.59
CBC HEA AA . -6.95 31.89 -23.74
ND HEA AA . -2.59 31.66 -28.63
C1D HEA AA . -2.80 30.99 -27.51
C2D HEA AA . -1.84 30.00 -27.30
C3D HEA AA . -1.01 30.06 -28.39
C4D HEA AA . -1.50 31.08 -29.17
CMD HEA AA . -1.75 29.04 -26.12
CAD HEA AA . 0.23 29.23 -28.73
CBD HEA AA . 1.52 29.96 -28.31
CGD HEA AA . 2.74 29.13 -28.72
O1D HEA AA . 3.70 28.86 -27.92
O2D HEA AA . 2.79 28.62 -29.91
C11 HEA AA . -7.52 37.30 -30.00
O11 HEA AA . -7.21 38.69 -30.33
C12 HEA AA . -8.94 36.87 -30.42
C13 HEA AA . -9.96 37.85 -29.77
C14 HEA AA . -10.00 37.83 -28.24
C15 HEA AA . -9.64 38.78 -27.37
C16 HEA AA . -9.71 38.56 -25.84
C17 HEA AA . -10.71 39.53 -25.23
C18 HEA AA . -10.93 39.31 -23.76
C19 HEA AA . -10.58 40.13 -22.74
C20 HEA AA . -10.93 39.85 -21.31
C21 HEA AA . -11.67 41.16 -20.93
C22 HEA AA . -12.17 40.99 -19.51
C23 HEA AA . -13.14 41.46 -18.70
C24 HEA AA . -14.17 42.45 -19.12
C25 HEA AA . -13.19 41.02 -17.25
C26 HEA AA . -9.07 40.03 -27.96
C27 HEA AA . -9.87 41.41 -23.00
FE HEA BA . -7.52 20.37 -27.72
CHA HEA BA . -4.31 20.63 -28.85
CHB HEA BA . -7.66 17.16 -28.96
CHC HEA BA . -10.63 19.93 -26.23
CHD HEA BA . -7.12 23.41 -26.04
NA HEA BA . -6.30 19.18 -28.77
C1A HEA BA . -4.96 19.36 -28.97
C2A HEA BA . -4.29 18.30 -29.56
C3A HEA BA . -5.24 17.31 -29.57
C4A HEA BA . -6.39 17.85 -28.96
CMA HEA BA . -5.06 15.90 -30.10
OMA HEA BA . -5.79 14.93 -29.81
CAA HEA BA . -2.78 18.25 -30.02
CBA HEA BA . -2.67 18.08 -31.53
CGA HEA BA . -1.30 18.51 -31.98
O1A HEA BA . -0.81 17.94 -32.98
O2A HEA BA . -0.67 19.43 -31.38
NB HEA BA . -8.95 18.88 -27.74
C1B HEA BA . -8.79 17.64 -28.19
C2B HEA BA . -9.95 16.86 -27.97
C3B HEA BA . -10.76 17.65 -27.19
C4B HEA BA . -10.06 18.86 -27.00
CMB HEA BA . -10.24 15.44 -28.39
NC HEA BA . -8.68 21.48 -26.56
C1C HEA BA . -9.82 21.09 -25.92
C2C HEA BA . -10.26 22.08 -25.06
C3C HEA BA . -9.22 23.03 -25.00
C4C HEA BA . -8.27 22.57 -25.86
CMC HEA BA . -11.55 22.15 -24.20
CAC HEA BA . -9.17 24.31 -24.22
CBC HEA BA . -10.27 24.73 -23.59
ND HEA BA . -6.03 21.82 -27.58
C1D HEA BA . -6.00 22.88 -26.76
C2D HEA BA . -4.78 23.63 -26.88
C3D HEA BA . -3.99 22.84 -27.70
C4D HEA BA . -4.79 21.71 -28.04
CMD HEA BA . -4.29 24.94 -26.28
CAD HEA BA . -2.60 23.19 -28.14
CBD HEA BA . -1.44 22.97 -27.21
CGD HEA BA . -0.25 23.55 -27.96
O1D HEA BA . 0.40 22.85 -28.79
O2D HEA BA . 0.06 24.74 -27.75
C11 HEA BA . -12.10 17.23 -26.68
O11 HEA BA . -12.12 17.51 -25.23
C12 HEA BA . -13.23 17.94 -27.39
C13 HEA BA . -14.56 17.29 -27.00
C14 HEA BA . -15.75 18.05 -27.58
C15 HEA BA . -16.50 17.64 -28.65
C16 HEA BA . -17.64 18.52 -29.09
C17 HEA BA . -18.92 18.35 -28.29
C18 HEA BA . -19.46 16.92 -28.54
C19 HEA BA . -20.56 16.49 -29.22
C20 HEA BA . -20.88 14.98 -29.28
C21 HEA BA . -20.82 14.23 -30.60
C22 HEA BA . -19.39 14.18 -31.09
C23 HEA BA . -18.70 13.13 -31.55
C24 HEA BA . -19.34 11.79 -31.59
C25 HEA BA . -17.25 13.30 -31.99
C26 HEA BA . -16.19 16.36 -29.36
C27 HEA BA . -21.44 17.56 -29.79
CU CU CA . -4.31 17.66 -24.69
MG MG DA . 5.93 19.75 -32.41
NA NA EA . 5.88 38.29 -41.64
C CMO FA . -6.35 19.74 -25.40
O CMO FA . -5.14 19.62 -25.47
CA1 TGL GA . -15.02 23.16 -47.39
CA2 TGL GA . -14.87 24.28 -46.37
CA3 TGL GA . -16.13 25.13 -46.23
CA4 TGL GA . -17.01 24.67 -45.09
CA5 TGL GA . -17.38 25.84 -44.19
CA6 TGL GA . -18.73 26.44 -44.57
CA7 TGL GA . -18.78 27.95 -44.32
CA8 TGL GA . -18.63 28.75 -45.62
CA9 TGL GA . -17.38 29.62 -45.61
OA1 TGL GA . -15.48 23.41 -48.49
CB1 TGL GA . -11.87 21.88 -44.66
CB2 TGL GA . -12.33 23.02 -43.75
CB3 TGL GA . -12.15 22.57 -42.29
CB4 TGL GA . -13.09 23.18 -41.26
CB5 TGL GA . -13.96 22.17 -40.49
CB6 TGL GA . -14.72 22.76 -39.31
CB7 TGL GA . -16.17 22.29 -39.17
CB8 TGL GA . -17.16 23.17 -39.93
CB9 TGL GA . -18.31 23.64 -39.06
C10 TGL GA . -19.08 24.80 -39.71
C11 TGL GA . -20.59 24.50 -39.62
C12 TGL GA . -21.19 23.98 -40.93
C13 TGL GA . -22.72 23.92 -40.95
C14 TGL GA . -23.27 24.70 -42.15
OB1 TGL GA . -11.68 20.86 -44.04
OG1 TGL GA . -14.57 21.79 -47.10
CG1 TGL GA . -13.40 21.44 -47.81
CG2 TGL GA . -12.39 20.82 -46.87
OG2 TGL GA . -11.65 21.87 -46.13
CG3 TGL GA . -11.62 19.97 -47.88
OG3 TGL GA . -11.23 20.73 -49.04
CC1 TGL GA . -11.23 20.22 -50.38
CC2 TGL GA . -12.33 20.50 -51.39
CC3 TGL GA . -12.03 21.56 -52.47
CC4 TGL GA . -13.20 21.76 -53.48
CC5 TGL GA . -12.79 22.52 -54.77
CC6 TGL GA . -13.71 23.67 -55.17
CC7 TGL GA . -13.17 25.08 -54.86
CC8 TGL GA . -14.17 26.01 -54.14
CC9 TGL GA . -13.62 27.43 -53.95
C15 TGL GA . -14.16 28.24 -52.74
C16 TGL GA . -13.34 29.52 -52.41
C17 TGL GA . -13.93 30.47 -51.35
C18 TGL GA . -13.71 30.00 -49.89
C19 TGL GA . -14.71 30.57 -48.87
OC1 TGL GA . -10.36 19.50 -50.59
C20 TGL GA . -17.62 30.92 -44.84
C21 TGL GA . -16.43 31.27 -43.94
C22 TGL GA . -16.62 32.61 -43.22
C23 TGL GA . -16.84 32.42 -41.73
C24 TGL GA . -18.21 31.82 -41.41
C25 TGL GA . -18.09 30.35 -41.04
C26 TGL GA . -18.98 30.03 -39.84
C27 TGL GA . -18.29 30.27 -38.50
C28 TGL GA . -17.66 28.99 -37.96
C29 TGL GA . -24.25 25.84 -41.81
C30 TGL GA . -24.01 27.13 -42.61
C31 TGL GA . -24.42 28.42 -41.88
C32 TGL GA . -23.27 29.36 -41.54
C33 TGL GA . -14.18 30.69 -47.43
C34 TGL GA . -14.48 32.06 -46.81
C35 TGL GA . -13.36 32.78 -46.05
C36 TGL GA . -13.78 33.31 -44.68
P PGV HA . -5.66 31.73 6.88
C01 PGV HA . -4.75 27.49 5.86
C02 PGV HA . -3.80 28.27 6.79
C03 PGV HA . -4.60 29.30 7.55
C04 PGV HA . -7.63 31.00 8.57
C05 PGV HA . -7.87 31.24 10.04
C06 PGV HA . -6.68 30.74 10.91
O01 PGV HA . -2.98 29.07 5.95
O02 PGV HA . -1.17 28.61 7.35
O03 PGV HA . -4.11 26.53 4.96
O04 PGV HA . -4.48 25.13 6.55
O05 PGV HA . -9.15 30.77 10.49
O06 PGV HA . -6.86 31.09 12.32
O11 PGV HA . -5.40 30.13 6.65
O12 PGV HA . -6.44 31.80 8.28
O13 PGV HA . -6.56 32.21 5.72
O14 PGV HA . -4.30 32.42 7.16
C1 PGV HA . -1.58 29.09 6.26
C2 PGV HA . -0.75 29.73 5.20
C3 PGV HA . 0.59 30.23 5.74
C4 PGV HA . 1.42 30.95 4.68
C5 PGV HA . 2.64 31.45 5.45
C6 PGV HA . 3.79 32.14 4.68
C7 PGV HA . 4.05 31.45 3.34
C8 PGV HA . 4.89 32.39 2.47
C9 PGV HA . 5.15 31.63 1.18
C10 PGV HA . 5.71 32.55 0.11
C11 PGV HA . 5.06 32.07 -1.17
C12 PGV HA . 5.78 31.59 -2.18
C13 PGV HA . 6.71 30.41 -2.02
C14 PGV HA . 7.30 30.12 -3.38
C15 PGV HA . 8.76 30.53 -3.43
C16 PGV HA . 9.18 30.40 -4.89
C17 PGV HA . 10.55 29.76 -4.99
C18 PGV HA . 11.62 30.62 -4.35
C19 PGV HA . -3.87 25.24 5.54
C20 PGV HA . -2.87 24.16 5.16
C21 PGV HA . -1.94 24.49 4.01
C22 PGV HA . -0.90 25.53 4.34
C23 PGV HA . -0.04 25.72 3.12
C24 PGV HA . 1.37 26.12 3.55
C25 PGV HA . 1.92 27.36 2.83
C26 PGV HA . 2.63 26.84 1.61
C27 PGV HA . 3.79 27.74 1.23
C28 PGV HA . 4.49 27.17 -0.02
C29 PGV HA . 3.67 26.09 -0.75
C30 PGV HA . 4.46 25.46 -1.90
C31 PGV HA . 3.65 24.35 -2.60
C32 PGV HA . 4.55 23.28 -3.23
C33 PGV HA . 3.93 21.88 -3.18
C34 PGV HA . 3.75 21.27 -4.57
P PGV IA . -31.97 52.98 -21.90
C01 PGV IA . -31.44 55.88 -25.29
C02 PGV IA . -31.61 54.63 -24.42
C03 PGV IA . -30.35 54.25 -23.62
C04 PGV IA . -33.04 52.41 -19.52
C05 PGV IA . -33.03 53.45 -18.39
C06 PGV IA . -33.64 52.84 -17.12
O01 PGV IA . -32.21 53.54 -25.18
O02 PGV IA . -31.60 51.30 -25.28
O03 PGV IA . -31.93 57.03 -24.57
O04 PGV IA . -32.54 59.11 -25.27
O05 PGV IA . -33.69 54.66 -18.76
O06 PGV IA . -32.57 52.37 -16.27
O11 PGV IA . -30.68 53.91 -22.25
O12 PGV IA . -31.86 52.56 -20.34
O13 PGV IA . -31.91 51.68 -22.68
O14 PGV IA . -33.21 53.86 -22.02
C1 PGV IA . -31.46 52.42 -25.73
C2 PGV IA . -30.58 52.62 -26.93
C3 PGV IA . -29.17 53.01 -26.56
C4 PGV IA . -28.46 53.34 -27.85
C5 PGV IA . -27.10 52.73 -28.06
C6 PGV IA . -26.99 52.63 -29.58
C7 PGV IA . -25.77 53.28 -30.23
C8 PGV IA . -26.02 53.44 -31.72
C9 PGV IA . -25.04 54.40 -32.39
C10 PGV IA . -24.57 53.83 -33.74
C11 PGV IA . -23.50 54.66 -34.41
C12 PGV IA . -23.49 54.78 -35.75
C13 PGV IA . -24.61 55.47 -36.54
C14 PGV IA . -24.15 56.08 -37.89
C15 PGV IA . -24.23 57.62 -37.92
C16 PGV IA . -22.96 58.31 -38.49
C17 PGV IA . -22.14 59.10 -37.45
C18 PGV IA . -20.81 59.61 -37.99
C19 PGV IA . -31.59 58.40 -24.96
C20 PGV IA . -30.17 58.94 -24.97
C21 PGV IA . -29.14 58.15 -24.15
C22 PGV IA . -28.31 57.14 -24.98
C23 PGV IA . -28.20 57.48 -26.47
C24 PGV IA . -26.96 56.88 -27.17
C25 PGV IA . -26.34 57.84 -28.20
C26 PGV IA . -25.32 57.23 -29.17
C27 PGV IA . -23.97 57.95 -29.20
C28 PGV IA . -23.38 58.18 -30.58
C29 PGV IA . -21.87 57.82 -30.62
C30 PGV IA . -21.33 57.63 -32.06
C31 PGV IA . -19.79 57.69 -32.20
C32 PGV IA . -19.22 58.74 -33.19
C33 PGV IA . -17.68 58.85 -33.27
C34 PGV IA . -17.13 60.28 -33.26
C1 EDO JA . -29.98 39.27 -14.96
O1 EDO JA . -30.53 39.32 -16.28
C2 EDO JA . -29.03 40.46 -14.76
O2 EDO JA . -28.00 40.51 -15.75
C1 EDO KA . -2.98 5.48 -16.95
O1 EDO KA . -3.33 4.61 -18.05
C2 EDO KA . -1.71 6.18 -17.32
O2 EDO KA . -1.68 6.02 -18.74
C1 EDO LA . -11.14 44.16 5.17
O1 EDO LA . -10.10 45.02 4.68
C2 EDO LA . -11.13 42.77 4.55
O2 EDO LA . -10.92 41.81 5.57
C1 EDO MA . -2.36 31.23 -10.30
O1 EDO MA . -3.50 31.11 -9.42
C2 EDO MA . -2.61 30.58 -11.67
O2 EDO MA . -1.58 29.65 -12.02
CU1 CUA NA . 14.57 23.81 -37.27
CU2 CUA NA . 12.28 24.83 -36.74
C1 CHD OA . -25.04 5.15 -18.43
C2 CHD OA . -26.46 5.05 -18.97
C3 CHD OA . -26.71 5.96 -20.16
O3 CHD OA . -28.09 5.91 -20.54
C4 CHD OA . -26.45 7.39 -19.70
C5 CHD OA . -25.02 7.54 -19.19
C6 CHD OA . -24.81 9.02 -18.85
C7 CHD OA . -25.45 9.46 -17.52
O7 CHD OA . -26.88 9.65 -17.65
C8 CHD OA . -25.23 8.49 -16.35
C9 CHD OA . -25.53 7.02 -16.76
C10 CHD OA . -24.72 6.59 -18.02
C11 CHD OA . -25.54 6.03 -15.58
C12 CHD OA . -26.24 6.56 -14.32
O12 CHD OA . -27.67 6.61 -14.55
C13 CHD OA . -25.73 7.95 -13.92
C14 CHD OA . -26.04 8.87 -15.11
C15 CHD OA . -26.01 10.31 -14.59
C16 CHD OA . -26.26 10.17 -13.09
C17 CHD OA . -26.51 8.68 -12.84
C18 CHD OA . -24.19 7.94 -13.66
C19 CHD OA . -23.20 6.66 -17.80
C20 CHD OA . -26.22 8.28 -11.40
C21 CHD OA . -26.58 6.83 -11.11
C22 CHD OA . -26.88 9.24 -10.41
C23 CHD OA . -28.37 9.06 -10.18
O25 CHD OA . -29.55 10.84 -9.15
C24 CHD OA . -28.85 9.84 -8.96
O26 CHD OA . -28.58 9.48 -7.79
P PSC PA . -47.73 13.13 -20.84
N PSC PA . -50.78 15.46 -19.23
C01 PSC PA . -43.75 11.81 -20.60
C02 PSC PA . -44.40 12.71 -21.68
C03 PSC PA . -45.63 12.04 -22.30
C04 PSC PA . -49.15 15.45 -21.23
C05 PSC PA . -49.84 16.22 -20.10
C06 PSC PA . -52.01 16.27 -19.08
C07 PSC PA . -50.17 15.23 -17.92
C08 PSC PA . -51.23 14.15 -19.74
O01 PSC PA . -43.48 13.31 -22.64
O02 PSC PA . -43.20 12.11 -24.58
O03 PSC PA . -44.24 12.13 -19.28
O04 PSC PA . -42.85 13.06 -17.64
O11 PSC PA . -46.77 12.94 -22.16
O12 PSC PA . -47.98 14.76 -20.77
O13 PSC PA . -46.99 12.75 -19.57
O14 PSC PA . -49.05 12.43 -21.18
C1 PSC PA . -42.68 12.47 -23.54
C2 PSC PA . -41.24 12.12 -23.19
C3 PSC PA . -40.93 10.63 -23.35
C4 PSC PA . -39.62 10.38 -24.10
C5 PSC PA . -39.81 10.40 -25.62
C6 PSC PA . -39.29 11.70 -26.24
C7 PSC PA . -38.04 11.50 -27.11
C8 PSC PA . -37.33 12.82 -27.40
C9 PSC PA . -36.45 12.73 -28.63
C10 PSC PA . -35.32 13.44 -28.71
C11 PSC PA . -33.99 12.76 -29.03
C12 PSC PA . -33.03 13.65 -29.81
C13 PSC PA . -31.63 13.11 -29.66
C14 PSC PA . -30.56 13.81 -30.50
C15 PSC PA . -29.63 12.80 -31.16
C16 PSC PA . -28.19 12.77 -30.64
C17 PSC PA . -27.30 11.92 -31.56
C18 PSC PA . -25.92 12.48 -31.85
C19 PSC PA . -43.74 13.25 -18.46
C20 PSC PA . -44.30 14.66 -18.61
C21 PSC PA . -43.55 15.44 -19.70
C22 PSC PA . -42.21 16.01 -19.24
C23 PSC PA . -41.03 15.03 -19.28
C24 PSC PA . -40.73 14.42 -20.65
C25 PSC PA . -40.53 15.44 -21.75
C26 PSC PA . -39.06 15.76 -21.93
C27 PSC PA . -38.65 15.73 -23.39
C28 PSC PA . -37.13 15.65 -23.51
C29 PSC PA . -36.47 16.91 -24.08
C30 PSC PA . -35.58 16.56 -25.27
C31 PSC PA . -34.86 17.80 -25.80
C32 PSC PA . -34.12 17.53 -27.11
C33 PSC PA . -32.95 18.48 -27.36
C34 PSC PA . -31.74 17.75 -27.93
C1 EDO QA . 4.75 24.43 -48.79
O1 EDO QA . 3.58 24.76 -49.54
C2 EDO QA . 4.93 22.94 -48.97
O2 EDO QA . 4.73 22.28 -47.73
C1 EDO RA . 22.69 24.01 -28.63
O1 EDO RA . 21.52 23.78 -27.82
C2 EDO RA . 23.42 22.68 -28.59
O2 EDO RA . 22.86 21.88 -27.52
UNK UNX SA . -5.21 13.95 18.49
P PGV TA . -4.09 24.33 17.36
C01 PGV TA . -3.64 25.51 13.50
C02 PGV TA . -2.65 25.80 14.66
C03 PGV TA . -3.39 26.33 15.87
C04 PGV TA . -5.21 25.77 19.29
C05 PGV TA . -5.36 25.04 20.61
C06 PGV TA . -6.74 25.34 21.13
O01 PGV TA . -1.72 26.80 14.24
O02 PGV TA . -0.15 25.21 14.49
O03 PGV TA . -2.98 24.73 12.51
O04 PGV TA . -3.03 26.51 11.08
O05 PGV TA . -4.39 25.68 21.49
O06 PGV TA . -6.92 24.80 22.46
O11 PGV TA . -4.42 25.40 16.22
O12 PGV TA . -4.01 25.32 18.69
O13 PGV TA . -2.69 23.79 17.24
O14 PGV TA . -5.21 23.31 17.41
C1 PGV TA . -0.39 26.36 14.16
C2 PGV TA . 0.61 27.36 13.68
C3 PGV TA . 2.02 26.82 13.66
C4 PGV TA . 2.50 26.53 12.24
C5 PGV TA . 4.03 26.19 12.20
C6 PGV TA . 4.53 25.72 10.81
C7 PGV TA . 6.07 25.65 10.74
C8 PGV TA . 6.70 25.09 9.46
C9 PGV TA . 8.23 25.37 9.32
C10 PGV TA . 8.63 26.13 8.04
C11 PGV TA . 10.05 26.68 8.13
C12 PGV TA . 10.80 26.88 7.05
C13 PGV TA . 12.31 26.66 7.15
C14 PGV TA . 13.02 27.48 6.08
C15 PGV TA . 13.09 26.81 4.70
C16 PGV TA . 13.88 27.64 3.67
C17 PGV TA . 15.32 27.16 3.62
C18 PGV TA . 15.97 27.47 2.28
C19 PGV TA . -2.61 25.37 11.26
C20 PGV TA . -1.78 24.60 10.25
C21 PGV TA . -0.65 25.33 9.52
C22 PGV TA . 0.10 24.25 8.73
C23 PGV TA . 1.36 24.74 8.04
C24 PGV TA . 2.31 23.63 7.70
C25 PGV TA . 2.87 23.87 6.31
C26 PGV TA . 4.39 23.86 6.22
C27 PGV TA . 4.78 24.06 4.76
C28 PGV TA . 6.01 24.94 4.68
C29 PGV TA . 6.48 25.19 3.27
C30 PGV TA . 6.68 23.88 2.49
C31 PGV TA . 7.65 24.09 1.33
C32 PGV TA . 7.75 22.89 0.39
C33 PGV TA . 8.66 23.19 -0.81
C34 PGV TA . 8.34 22.28 -1.97
C1 CDL UA . 2.00 34.25 21.10
O1 CDL UA . 2.10 33.54 19.85
CA2 CDL UA . 1.93 35.76 20.83
OA2 CDL UA . 2.82 36.45 21.70
PA1 CDL UA . 4.33 36.85 21.24
OA3 CDL UA . 4.75 35.99 20.06
OA4 CDL UA . 4.40 38.36 21.08
OA5 CDL UA . 5.19 36.47 22.57
CA3 CDL UA . 6.35 37.18 23.02
CA4 CDL UA . 7.64 36.56 22.46
OA6 CDL UA . 8.24 35.65 23.41
CA5 CDL UA . 8.04 34.20 23.24
OA7 CDL UA . 7.14 33.66 23.89
C11 CDL UA . 8.94 33.36 22.35
C12 CDL UA . 8.84 33.65 20.85
C13 CDL UA . 10.20 34.01 20.23
C14 CDL UA . 10.50 33.35 18.87
C15 CDL UA . 11.99 33.51 18.54
C16 CDL UA . 12.50 32.63 17.40
C17 CDL UA . 14.02 32.69 17.18
C18 CDL UA . 14.44 31.99 15.89
C19 CDL UA . 15.72 31.83 15.50
C20 CDL UA . 16.09 32.10 14.04
C21 CDL UA . 17.09 31.10 13.45
C22 CDL UA . 17.47 31.20 12.18
C23 CDL UA . 18.66 30.44 11.61
C24 CDL UA . 19.21 31.12 10.36
C25 CDL UA . 20.70 30.84 10.09
C26 CDL UA . 21.52 32.09 9.72
C27 CDL UA . 22.72 31.80 8.84
CA6 CDL UA . 8.62 37.69 22.10
OA8 CDL UA . 9.53 37.33 21.04
CA7 CDL UA . 10.08 38.31 20.10
OA9 CDL UA . 9.65 39.45 20.12
C31 CDL UA . 11.19 37.94 19.12
C32 CDL UA . 10.76 38.13 17.65
C33 CDL UA . 11.85 37.80 16.63
C34 CDL UA . 11.29 37.26 15.31
C35 CDL UA . 12.20 36.24 14.60
C36 CDL UA . 12.24 36.42 13.08
C37 CDL UA . 13.07 35.41 12.28
C38 CDL UA . 13.83 36.07 11.14
C39 CDL UA . 15.17 35.97 10.97
C40 CDL UA . 16.13 37.00 11.55
C41 CDL UA . 15.99 38.39 10.92
C42 CDL UA . 16.33 39.50 11.59
C43 CDL UA . 15.40 40.71 11.65
C44 CDL UA . 15.70 41.66 12.84
C45 CDL UA . 14.46 41.89 13.73
C46 CDL UA . 14.48 43.21 14.53
C47 CDL UA . 13.47 43.21 15.67
CB2 CDL UA . 3.12 33.80 22.05
OB2 CDL UA . 2.60 33.03 23.16
PB2 CDL UA . 3.43 32.05 24.15
OB3 CDL UA . 2.40 31.12 24.80
OB4 CDL UA . 4.30 32.91 25.06
OB5 CDL UA . 4.51 31.28 23.18
CB3 CDL UA . 4.34 30.21 22.21
CB4 CDL UA . 5.08 30.52 20.90
OB6 CDL UA . 4.29 31.49 20.19
CB5 CDL UA . 4.95 32.40 19.24
OB7 CDL UA . 5.66 33.32 19.64
C51 CDL UA . 4.70 32.26 17.75
C52 CDL UA . 5.52 31.15 17.10
C53 CDL UA . 4.97 30.90 15.69
C54 CDL UA . 5.73 29.84 14.94
C55 CDL UA . 6.32 30.34 13.64
C56 CDL UA . 7.41 29.43 13.06
C57 CDL UA . 8.23 30.22 12.03
C58 CDL UA . 9.25 29.34 11.36
C59 CDL UA . 10.17 29.85 10.53
C60 CDL UA . 11.19 30.86 11.02
C61 CDL UA . 12.45 30.23 11.60
C62 CDL UA . 12.98 29.10 11.13
C63 CDL UA . 14.15 29.10 10.18
C64 CDL UA . 15.23 28.09 10.62
C65 CDL UA . 15.07 26.68 10.01
C66 CDL UA . 15.65 26.54 8.61
C67 CDL UA . 17.15 26.69 8.67
CB6 CDL UA . 5.23 29.27 20.05
OB8 CDL UA . 6.52 28.65 20.10
CB7 CDL UA . 7.75 29.24 19.56
OB9 CDL UA . 8.34 30.04 20.27
C71 CDL UA . 8.34 28.85 18.21
C72 CDL UA . 9.86 28.61 18.25
C73 CDL UA . 10.54 28.80 16.88
C74 CDL UA . 11.51 27.66 16.52
C75 CDL UA . 12.37 28.00 15.31
C76 CDL UA . 13.04 26.79 14.67
C77 CDL UA . 14.43 26.42 15.19
C78 CDL UA . 15.30 26.11 13.97
C79 CDL UA . 16.11 25.04 13.91
C80 CDL UA . 16.17 24.17 12.66
C81 CDL UA . 16.32 22.71 13.03
C82 CDL UA . 16.51 21.75 12.11
C83 CDL UA . 17.79 20.93 12.02
C84 CDL UA . 18.98 21.77 11.53
C85 CDL UA . 20.26 20.98 11.18
C86 CDL UA . 21.54 21.83 11.21
C87 CDL UA . 22.24 21.92 9.86
C1 CHD VA . 15.88 17.83 28.32
C2 CHD VA . 16.79 16.79 29.01
C3 CHD VA . 16.68 15.40 28.37
O3 CHD VA . 17.43 14.44 29.12
C4 CHD VA . 15.23 14.94 28.40
C5 CHD VA . 14.34 15.89 27.59
C6 CHD VA . 12.92 15.30 27.58
C7 CHD VA . 12.10 15.64 28.82
O7 CHD VA . 12.55 14.91 29.96
C8 CHD VA . 12.10 17.14 29.09
C9 CHD VA . 13.50 17.80 29.13
C10 CHD VA . 14.44 17.40 27.97
C11 CHD VA . 13.39 19.32 29.23
C12 CHD VA . 12.54 19.76 30.44
O12 CHD VA . 13.32 19.57 31.64
C13 CHD VA . 11.17 19.05 30.45
C14 CHD VA . 11.39 17.53 30.40
C15 CHD VA . 10.09 16.85 30.86
C16 CHD VA . 9.36 17.91 31.68
C17 CHD VA . 10.34 19.10 31.76
C18 CHD VA . 10.35 19.56 29.26
C19 CHD VA . 14.07 18.25 26.74
C20 CHD VA . 9.77 20.45 32.26
C21 CHD VA . 10.77 21.61 32.33
C22 CHD VA . 9.16 20.20 33.63
C23 CHD VA . 8.33 21.38 34.11
O25 CHD VA . 6.65 22.43 32.83
C24 CHD VA . 7.03 21.35 33.35
O26 CHD VA . 6.43 20.24 33.29
C1 CHD WA . -0.80 1.56 -23.73
C2 CHD WA . 0.03 0.78 -24.76
C3 CHD WA . 0.30 -0.67 -24.28
O3 CHD WA . 1.23 -1.34 -25.14
C4 CHD WA . 0.87 -0.73 -22.85
C5 CHD WA . 0.00 0.04 -21.85
C6 CHD WA . 0.59 -0.14 -20.43
C7 CHD WA . 1.85 0.70 -20.19
O7 CHD WA . 2.91 0.05 -20.88
C8 CHD WA . 1.65 2.18 -20.65
C9 CHD WA . 1.06 2.30 -22.08
C10 CHD WA . -0.26 1.51 -22.28
C11 CHD WA . 1.03 3.76 -22.57
C12 CHD WA . 2.39 4.50 -22.38
O12 CHD WA . 3.41 3.89 -23.20
C13 CHD WA . 2.84 4.50 -20.93
C14 CHD WA . 2.93 3.01 -20.53
C15 CHD WA . 3.64 2.98 -19.17
C16 CHD WA . 4.54 4.21 -19.24
C17 CHD WA . 4.28 4.92 -20.56
C18 CHD WA . 1.80 5.31 -20.11
C19 CHD WA . -1.40 2.10 -21.43
C20 CHD WA . 4.68 6.42 -20.51
C21 CHD WA . 4.10 7.30 -21.61
C22 CHD WA . 6.15 6.58 -20.65
C23 CHD WA . 6.51 7.91 -20.00
O25 CHD WA . 8.54 7.63 -21.12
C24 CHD WA . 8.03 8.08 -20.07
O26 CHD WA . 8.73 8.63 -19.15
P PEK XA . 8.54 7.27 34.20
N PEK XA . 5.04 10.39 36.09
C01 PEK XA . 11.94 4.29 31.89
C02 PEK XA . 11.66 5.77 32.31
C03 PEK XA . 10.16 5.90 32.63
C04 PEK XA . 6.65 8.79 35.17
C05 PEK XA . 6.40 10.22 35.63
O01 PEK XA . 12.15 6.81 31.41
O02 PEK XA . 12.79 8.41 33.04
O03 PEK XA . 12.33 4.03 30.51
O04 PEK XA . 13.94 2.37 30.76
O11 PEK XA . 9.61 7.21 32.98
O12 PEK XA . 7.76 8.68 34.25
O13 PEK XA . 7.48 6.19 34.02
O14 PEK XA . 9.41 7.22 35.43
C1 PEK XA . 13.03 7.87 31.96
C2 PEK XA . 14.25 8.36 31.20
C3 PEK XA . 15.45 7.42 31.38
C4 PEK XA . 16.42 7.53 30.21
C5 PEK XA . 15.74 7.20 28.90
C6 PEK XA . 15.88 7.99 27.84
C7 PEK XA . 16.45 7.41 26.55
C8 PEK XA . 16.55 8.49 25.47
C9 PEK XA . 17.21 8.25 24.33
C10 PEK XA . 17.21 9.22 23.17
C11 PEK XA . 18.19 8.74 22.13
C12 PEK XA . 17.90 8.60 20.83
C13 PEK XA . 18.72 9.30 19.76
C14 PEK XA . 19.99 8.56 19.37
C15 PEK XA . 21.20 9.15 19.34
C16 PEK XA . 22.33 8.61 18.47
C17 PEK XA . 23.62 8.35 19.26
C18 PEK XA . 24.30 7.07 18.82
C19 PEK XA . 24.05 5.95 19.83
C20 PEK XA . 24.77 4.65 19.48
C21 PEK XA . 13.59 3.36 30.11
C22 PEK XA . 14.41 3.87 28.93
C23 PEK XA . 15.44 2.91 28.30
C24 PEK XA . 16.14 3.52 27.08
C25 PEK XA . 17.19 2.67 26.35
C26 PEK XA . 16.88 2.31 24.89
C27 PEK XA . 18.14 2.00 24.05
C28 PEK XA . 18.11 0.63 23.37
C29 PEK XA . 19.40 -0.23 23.50
C30 PEK XA . 19.24 -1.64 22.86
C31 PEK XA . 20.04 -2.83 23.46
C32 PEK XA . 20.21 -4.04 22.49
C33 PEK XA . 19.02 -5.03 22.52
C34 PEK XA . 18.81 -5.80 21.20
C35 PEK XA . 17.59 -6.73 21.20
C36 PEK XA . 16.71 -6.56 19.94
C37 PEK XA . 15.20 -6.76 20.11
C38 PEK XA . 14.44 -6.62 18.78
P PGV YA . 11.96 1.88 -23.71
C01 PGV YA . 10.28 4.38 -19.79
C02 PGV YA . 10.46 3.22 -20.77
C03 PGV YA . 10.78 3.80 -22.16
C04 PGV YA . 13.20 1.32 -25.99
C05 PGV YA . 13.48 1.60 -27.48
C06 PGV YA . 13.42 0.29 -28.27
O01 PGV YA . 9.26 2.43 -20.84
O02 PGV YA . 10.14 0.67 -19.50
O03 PGV YA . 9.32 4.10 -18.78
O04 PGV YA . 9.90 5.76 -17.29
O05 PGV YA . 14.81 2.11 -27.65
O06 PGV YA . 12.08 0.02 -28.65
O11 PGV YA . 10.72 2.84 -23.22
O12 PGV YA . 12.24 2.16 -25.31
O13 PGV YA . 13.22 2.26 -22.97
O14 PGV YA . 11.53 0.44 -23.58
C1 PGV YA . 9.15 1.18 -20.06
C2 PGV YA . 7.80 0.49 -19.95
C3 PGV YA . 7.84 -0.71 -18.99
C4 PGV YA . 6.51 -0.88 -18.26
C5 PGV YA . 6.66 -0.70 -16.75
C6 PGV YA . 6.21 0.69 -16.29
C7 PGV YA . 4.73 0.71 -15.90
C8 PGV YA . 4.28 2.07 -15.33
C9 PGV YA . 2.82 2.05 -14.85
C10 PGV YA . 1.81 2.18 -15.99
C11 PGV YA . 0.54 2.87 -15.54
C12 PGV YA . -0.60 2.20 -15.48
C13 PGV YA . -1.13 1.63 -14.16
C14 PGV YA . -2.19 2.54 -13.53
C15 PGV YA . -1.95 2.76 -12.04
C16 PGV YA . -2.88 3.79 -11.40
C17 PGV YA . -2.18 4.65 -10.32
C18 PGV YA . -2.11 3.98 -8.96
C19 PGV YA . 9.11 4.88 -17.58
C20 PGV YA . 7.95 4.59 -16.66
C21 PGV YA . 7.74 5.78 -15.75
C22 PGV YA . 6.38 5.78 -15.10
C23 PGV YA . 5.59 7.08 -15.36
C24 PGV YA . 4.13 6.78 -15.67
C25 PGV YA . 3.26 8.02 -15.61
C26 PGV YA . 2.11 7.84 -14.63
C27 PGV YA . 2.32 8.74 -13.40
C28 PGV YA . 0.99 9.03 -12.70
C29 PGV YA . 1.17 9.67 -11.32
C30 PGV YA . 0.29 8.95 -10.29
C31 PGV YA . 0.10 9.82 -9.03
C32 PGV YA . -0.37 9.03 -7.81
C33 PGV YA . 0.79 8.73 -6.85
C34 PGV YA . 0.29 8.23 -5.51
C1 EDO ZA . 6.55 2.10 -10.90
O1 EDO ZA . 6.96 3.47 -10.87
C2 EDO ZA . 7.73 1.24 -11.32
O2 EDO ZA . 7.68 1.04 -12.74
C1 EDO AB . 4.00 4.35 12.60
O1 EDO AB . 2.59 4.43 12.85
C2 EDO AB . 4.41 2.90 12.38
O2 EDO AB . 5.74 2.84 11.80
C1 EDO BB . 2.10 2.20 -3.91
O1 EDO BB . 1.59 3.47 -3.45
C2 EDO BB . 2.29 2.27 -5.43
O2 EDO BB . 3.24 3.28 -5.77
C1 EDO CB . 3.52 7.21 28.36
O1 EDO CB . 2.36 8.06 28.63
C2 EDO CB . 3.20 5.76 28.70
O2 EDO CB . 2.71 5.52 30.04
CA1 TGL DB . -35.05 38.23 -31.95
CA2 TGL DB . -33.90 37.97 -32.92
CA3 TGL DB . -32.80 37.11 -32.29
CA4 TGL DB . -31.36 37.53 -32.67
CA5 TGL DB . -30.47 36.33 -33.04
CA6 TGL DB . -29.01 36.44 -32.58
CA7 TGL DB . -28.36 35.07 -32.29
CA8 TGL DB . -26.84 35.11 -32.01
CA9 TGL DB . -26.41 33.80 -31.35
OA1 TGL DB . -35.87 37.34 -31.72
CB1 TGL DB . -35.34 43.04 -31.23
CB2 TGL DB . -33.93 42.59 -30.80
CB3 TGL DB . -33.05 41.94 -31.88
CB4 TGL DB . -31.59 42.45 -32.04
CB5 TGL DB . -30.57 41.29 -32.07
CB6 TGL DB . -29.85 41.02 -33.40
CB7 TGL DB . -28.36 40.70 -33.23
CB8 TGL DB . -27.81 39.65 -34.20
CB9 TGL DB . -26.31 39.73 -34.52
C10 TGL DB . -25.70 38.35 -34.82
C11 TGL DB . -24.31 38.34 -35.46
C12 TGL DB . -24.36 38.51 -36.99
C13 TGL DB . -23.93 39.92 -37.46
C14 TGL DB . -24.10 40.23 -38.96
OB1 TGL DB . -35.50 43.91 -32.14
OG1 TGL DB . -35.17 39.56 -31.31
CG1 TGL DB . -36.11 39.98 -30.29
CG2 TGL DB . -37.01 41.16 -30.75
OG2 TGL DB . -36.49 42.48 -30.46
CG3 TGL DB . -38.42 40.96 -30.16
OG3 TGL DB . -38.40 40.74 -28.74
CC1 TGL DB . -38.89 39.57 -28.01
CC2 TGL DB . -38.51 38.14 -28.36
CC3 TGL DB . -39.04 37.65 -29.73
CC4 TGL DB . -38.81 36.16 -29.99
CC5 TGL DB . -39.65 35.64 -31.18
CC6 TGL DB . -39.42 34.17 -31.56
CC7 TGL DB . -40.43 33.63 -32.58
CC8 TGL DB . -39.96 33.73 -34.04
CC9 TGL DB . -40.20 32.44 -34.85
C15 TGL DB . -40.37 32.62 -36.37
C16 TGL DB . -39.39 31.83 -37.27
C17 TGL DB . -39.84 30.39 -37.59
C18 TGL DB . -38.89 29.62 -38.54
C19 TGL DB . -38.42 28.26 -37.98
OC1 TGL DB . -39.62 39.77 -27.04
C20 TGL DB . -25.10 33.19 -31.86
C21 TGL DB . -25.21 32.40 -33.16
C22 TGL DB . -25.63 30.92 -33.05
C23 TGL DB . -26.68 30.53 -34.11
C24 TGL DB . -28.16 30.67 -33.67
C25 TGL DB . -29.23 30.74 -34.78
C26 TGL DB . -30.55 31.32 -34.21
C27 TGL DB . -31.66 31.54 -35.24
C28 TGL DB . -32.83 32.40 -34.73
C29 TGL DB . -23.30 41.43 -39.48
C30 TGL DB . -22.82 41.22 -40.93
C31 TGL DB . -21.50 41.92 -41.25
C32 TGL DB . -20.78 41.47 -42.53
C33 TGL DB . -39.17 27.00 -38.46
C34 TGL DB . -40.06 26.38 -37.38
C35 TGL DB . -41.45 27.00 -37.21
C36 TGL DB . -42.43 26.08 -36.51
ZN ZN EB . -40.44 23.80 -0.84
C1 EDO FB . -38.91 23.11 12.47
O1 EDO FB . -39.72 23.82 13.41
C2 EDO FB . -37.47 22.98 12.98
O2 EDO FB . -36.78 24.23 13.00
C1 EDO GB . -30.96 26.50 -7.42
O1 EDO GB . -31.30 26.98 -6.11
C2 EDO GB . -29.66 25.70 -7.44
O2 EDO GB . -29.90 24.44 -6.78
P PEK HB . 27.54 17.68 -4.49
N PEK HB . 30.49 14.73 -2.36
C01 PEK HB . 24.87 19.87 -4.41
C02 PEK HB . 24.36 18.89 -3.37
C03 PEK HB . 25.14 17.61 -3.49
C04 PEK HB . 28.23 15.55 -3.10
C05 PEK HB . 29.75 15.49 -3.36
O01 PEK HB . 22.97 18.62 -3.54
O02 PEK HB . 22.77 19.70 -1.59
O03 PEK HB . 23.91 20.87 -4.42
O04 PEK HB . 24.42 22.60 -5.84
O11 PEK HB . 26.50 18.05 -3.33
O12 PEK HB . 27.70 16.10 -4.29
O13 PEK HB . 26.94 17.95 -5.86
O14 PEK HB . 28.77 18.48 -4.09
C1 PEK HB . 22.17 19.09 -2.45
C2 PEK HB . 20.68 18.85 -2.38
C3 PEK HB . 20.14 19.25 -3.74
C4 PEK HB . 20.02 20.75 -3.86
C5 PEK HB . 19.25 21.12 -5.13
C6 PEK HB . 17.91 21.27 -5.11
C7 PEK HB . 17.22 22.46 -4.46
C8 PEK HB . 16.61 22.10 -3.11
C9 PEK HB . 16.41 23.03 -2.17
C10 PEK HB . 17.26 23.02 -0.93
C11 PEK HB . 18.69 23.43 -1.25
C12 PEK HB . 19.46 24.19 -0.45
C13 PEK HB . 20.94 23.90 -0.19
C14 PEK HB . 21.20 23.24 1.16
C15 PEK HB . 20.77 22.00 1.45
C16 PEK HB . 19.33 21.66 1.80
C17 PEK HB . 19.01 20.21 1.41
C18 PEK HB . 19.03 19.26 2.62
C19 PEK HB . 20.42 18.68 2.95
C20 PEK HB . 20.37 17.50 3.89
C21 PEK HB . 23.98 22.26 -4.77
C22 PEK HB . 23.42 23.21 -3.78
C23 PEK HB . 23.01 24.46 -4.52
C24 PEK HB . 21.91 25.10 -3.70
C25 PEK HB . 21.24 26.18 -4.53
C26 PEK HB . 19.74 26.02 -4.34
C27 PEK HB . 19.02 25.91 -5.68
C28 PEK HB . 17.76 26.74 -5.57
C29 PEK HB . 16.64 26.07 -6.34
C30 PEK HB . 15.31 26.80 -6.15
C31 PEK HB . 14.27 25.85 -6.72
C32 PEK HB . 12.83 26.36 -6.70
C33 PEK HB . 11.99 25.42 -5.87
C34 PEK HB . 10.57 25.62 -6.34
C35 PEK HB . 9.56 25.52 -5.20
C36 PEK HB . 8.31 24.84 -5.75
C37 PEK HB . 7.30 25.87 -6.21
C38 PEK HB . 5.99 25.21 -6.63
C1 CDL IB . 26.69 -7.14 4.63
O1 CDL IB . 26.77 -5.72 4.87
CA2 CDL IB . 27.49 -7.42 3.36
OA2 CDL IB . 28.45 -6.37 3.13
PA1 CDL IB . 29.85 -6.49 2.29
OA3 CDL IB . 30.11 -7.93 1.88
OA4 CDL IB . 29.86 -5.43 1.20
OA5 CDL IB . 30.96 -6.10 3.40
CA3 CDL IB . 32.38 -6.26 3.20
CA4 CDL IB . 33.03 -7.11 4.30
OA6 CDL IB . 32.46 -6.79 5.59
CA5 CDL IB . 31.99 -7.93 6.38
OA7 CDL IB . 32.81 -8.59 7.03
C11 CDL IB . 30.51 -8.30 6.39
C12 CDL IB . 29.80 -7.76 7.62
C13 CDL IB . 28.72 -8.72 8.13
C14 CDL IB . 27.39 -8.04 8.44
C15 CDL IB . 26.84 -8.38 9.82
C16 CDL IB . 26.37 -7.12 10.56
C17 CDL IB . 25.59 -7.39 11.86
C18 CDL IB . 24.49 -6.38 12.09
C19 CDL IB . 23.27 -6.76 12.54
C20 CDL IB . 22.17 -7.13 11.56
C21 CDL IB . 20.92 -7.61 12.27
C22 CDL IB . 19.69 -7.24 11.86
C23 CDL IB . 18.40 -7.48 12.66
C24 CDL IB . 17.57 -6.21 12.79
C25 CDL IB . 16.18 -6.44 13.37
C26 CDL IB . 15.82 -5.41 14.45
C27 CDL IB . 14.65 -5.84 15.31
CA6 CDL IB . 34.55 -6.87 4.32
OA8 CDL IB . 35.26 -8.08 4.58
CA7 CDL IB . 36.57 -8.30 3.98
OA9 CDL IB . 36.64 -8.36 2.76
C31 CDL IB . 37.83 -8.47 4.81
C32 CDL IB . 37.91 -9.89 5.39
C33 CDL IB . 37.45 -9.93 6.85
C34 CDL IB . 35.94 -9.71 7.02
C35 CDL IB . 35.43 -10.05 8.43
C36 CDL IB . 35.08 -8.80 9.22
C37 CDL IB . 34.43 -9.16 10.55
C38 CDL IB . 33.23 -8.24 10.77
C39 CDL IB . 32.46 -8.42 11.85
C40 CDL IB . 31.09 -7.77 11.96
C41 CDL IB . 30.44 -8.09 13.30
C42 CDL IB . 29.13 -8.41 13.44
C43 CDL IB . 28.58 -8.86 14.78
C44 CDL IB . 27.06 -9.06 14.82
C45 CDL IB . 26.63 -9.83 16.07
C46 CDL IB . 25.32 -9.36 16.70
C47 CDL IB . 25.54 -8.49 17.94
CB2 CDL IB . 25.21 -7.57 4.48
OB2 CDL IB . 24.52 -8.04 5.66
PB2 CDL IB . 23.86 -7.13 6.86
OB3 CDL IB . 24.53 -5.77 6.84
OB4 CDL IB . 24.04 -7.96 8.11
OB5 CDL IB . 22.24 -6.85 6.68
CB3 CDL IB . 21.33 -6.73 7.82
CB4 CDL IB . 20.01 -5.92 7.74
OB6 CDL IB . 19.41 -5.88 9.07
CB5 CDL IB . 19.11 -4.62 9.82
OB7 CDL IB . 19.88 -4.27 10.71
C51 CDL IB . 17.86 -3.79 9.54
C52 CDL IB . 17.16 -3.22 10.79
C53 CDL IB . 15.65 -2.99 10.58
C54 CDL IB . 15.25 -1.54 10.30
C55 CDL IB . 15.16 -1.19 8.81
C56 CDL IB . 14.17 -2.06 8.03
C57 CDL IB . 13.55 -1.33 6.83
C58 CDL IB . 13.96 -1.97 5.51
C59 CDL IB . 13.54 -1.47 4.35
C60 CDL IB . 12.34 -2.02 3.59
C61 CDL IB . 11.08 -1.22 3.91
C62 CDL IB . 10.02 -1.77 4.53
C63 CDL IB . 9.73 -1.62 6.02
C64 CDL IB . 8.25 -1.83 6.32
C65 CDL IB . 7.70 -0.93 7.43
C66 CDL IB . 6.41 -0.24 6.98
C67 CDL IB . 5.39 -0.11 8.10
CB6 CDL IB . 18.98 -6.55 6.77
OB8 CDL IB . 17.60 -6.20 7.02
CB7 CDL IB . 16.60 -7.03 7.74
OB9 CDL IB . 16.58 -8.24 7.59
C71 CDL IB . 15.59 -6.42 8.72
C72 CDL IB . 14.10 -6.71 8.42
C73 CDL IB . 13.21 -6.65 9.67
C74 CDL IB . 12.31 -5.42 9.75
C75 CDL IB . 12.41 -4.74 11.13
C76 CDL IB . 11.44 -3.57 11.36
C77 CDL IB . 12.12 -2.30 11.90
C78 CDL IB . 11.49 -1.83 13.18
C79 CDL IB . 11.57 -0.54 13.58
C80 CDL IB . 10.37 0.38 13.58
C81 CDL IB . 9.03 -0.34 13.53
C82 CDL IB . 7.94 0.20 12.98
C83 CDL IB . 6.63 -0.58 12.82
C84 CDL IB . 5.77 -0.57 14.10
C85 CDL IB . 4.54 -1.49 14.08
C86 CDL IB . 3.22 -0.78 14.45
C87 CDL IB . 2.09 -1.74 14.77
P PEK JB . -11.50 -4.00 15.23
N PEK JB . -8.83 -3.26 19.28
C01 PEK JB . -10.90 -2.23 11.35
C02 PEK JB . -12.34 -2.79 11.44
C03 PEK JB . -12.71 -3.41 12.82
C04 PEK JB . -9.98 -2.75 17.16
C05 PEK JB . -8.65 -3.07 17.84
O01 PEK JB . -12.72 -3.74 10.41
O02 PEK JB . -12.13 -2.92 8.34
O03 PEK JB . -9.82 -3.20 11.49
O04 PEK JB . -8.10 -1.70 12.07
O11 PEK JB . -11.77 -3.09 13.88
O12 PEK JB . -10.11 -3.39 15.87
O13 PEK JB . -12.65 -3.79 16.20
O14 PEK JB . -11.18 -5.43 14.81
C1 PEK JB . -12.00 -3.84 9.13
C2 PEK JB . -11.17 -5.08 8.79
C3 PEK JB . -10.71 -5.16 7.34
C4 PEK JB . -10.21 -6.55 6.93
C5 PEK JB . -10.27 -6.82 5.42
C6 PEK JB . -10.32 -5.90 4.43
C7 PEK JB . -9.61 -5.96 3.08
C8 PEK JB . -8.77 -7.20 2.86
C9 PEK JB . -7.56 -7.12 2.30
C10 PEK JB . -6.37 -7.95 2.79
C11 PEK JB . -5.06 -7.50 2.15
C12 PEK JB . -3.97 -8.29 2.03
C13 PEK JB . -3.03 -8.32 0.82
C14 PEK JB . -2.69 -9.74 0.33
C15 PEK JB . -1.97 -9.96 -0.80
C16 PEK JB . -1.27 -11.28 -1.14
C17 PEK JB . 0.20 -11.30 -0.63
C18 PEK JB . 1.25 -10.69 -1.58
C19 PEK JB . 2.68 -11.07 -1.15
C20 PEK JB . 3.77 -10.63 -2.13
C21 PEK JB . -8.39 -2.84 11.70
C22 PEK JB . -7.30 -3.87 11.45
C23 PEK JB . -6.52 -4.18 12.74
C24 PEK JB . -6.40 -5.67 13.08
C25 PEK JB . -6.78 -6.00 14.53
C26 PEK JB . -6.73 -7.50 14.88
C27 PEK JB . -5.33 -8.11 14.75
C28 PEK JB . -4.79 -8.76 16.03
C29 PEK JB . -3.58 -9.67 15.75
C30 PEK JB . -2.48 -9.73 16.82
C31 PEK JB . -1.96 -8.39 17.36
C32 PEK JB . -1.30 -7.45 16.33
C33 PEK JB . 0.22 -7.34 16.47
C34 PEK JB . 0.72 -5.90 16.34
C35 PEK JB . 2.21 -5.76 16.67
C36 PEK JB . 3.11 -5.81 15.43
C37 PEK JB . 4.33 -4.89 15.52
C38 PEK JB . 5.37 -5.22 14.46
C1 CHD KB . 16.54 -1.67 26.74
C2 CHD KB . 17.21 -1.08 28.00
C3 CHD KB . 17.91 -2.23 28.76
O3 CHD KB . 18.25 -1.78 30.07
C4 CHD KB . 16.93 -3.41 28.98
C5 CHD KB . 16.30 -3.98 27.69
C6 CHD KB . 15.36 -5.19 27.99
C7 CHD KB . 14.04 -4.79 28.71
O7 CHD KB . 14.17 -4.50 30.15
C8 CHD KB . 13.42 -3.58 28.03
C9 CHD KB . 14.37 -2.42 27.82
C10 CHD KB . 15.58 -2.85 26.96
C11 CHD KB . 13.70 -1.15 27.32
C12 CHD KB . 12.36 -0.80 27.92
O12 CHD KB . 12.53 -0.29 29.22
C13 CHD KB . 11.45 -2.00 28.07
C14 CHD KB . 12.22 -3.09 28.81
C15 CHD KB . 11.16 -4.15 29.14
C16 CHD KB . 9.89 -3.32 29.30
C17 CHD KB . 10.23 -1.86 28.94
C18 CHD KB . 11.08 -2.44 26.64
C19 CHD KB . 15.19 -3.34 25.57
C20 CHD KB . 9.08 -1.05 28.36
C21 CHD KB . 9.43 0.43 28.23
C22 CHD KB . 7.81 -1.20 29.22
C23 CHD KB . 7.81 -0.35 30.51
O25 CHD KB . 6.40 -1.07 32.30
C24 CHD KB . 6.46 -0.42 31.23
O26 CHD KB . 5.42 0.15 30.80
C1 EDO LB . 35.04 6.93 -12.43
O1 EDO LB . 34.00 7.79 -11.95
C2 EDO LB . 36.01 7.81 -13.18
O2 EDO LB . 36.54 8.82 -12.31
C1 EDO MB . 26.15 9.74 -28.43
O1 EDO MB . 26.71 9.56 -27.11
C2 EDO MB . 26.08 11.22 -28.81
O2 EDO MB . 27.38 11.67 -29.24
C1 CHD NB . 9.45 56.08 5.21
C2 CHD NB . 10.23 57.23 5.85
C3 CHD NB . 9.84 57.47 7.31
O3 CHD NB . 8.56 58.13 7.35
C4 CHD NB . 9.78 56.17 8.12
C5 CHD NB . 10.22 54.92 7.34
C6 CHD NB . 10.15 53.69 8.27
C7 CHD NB . 8.78 53.01 8.37
O7 CHD NB . 8.00 53.67 9.39
C8 CHD NB . 8.02 52.90 7.02
C9 CHD NB . 8.08 54.20 6.17
C10 CHD NB . 9.52 54.75 5.98
C11 CHD NB . 7.26 54.08 4.86
C12 CHD NB . 5.80 53.68 5.13
O12 CHD NB . 5.17 54.78 5.79
C13 CHD NB . 5.68 52.37 5.93
C14 CHD NB . 6.55 52.46 7.20
C15 CHD NB . 6.27 51.17 7.96
C16 CHD NB . 4.80 50.88 7.66
C17 CHD NB . 4.38 51.99 6.70
C18 CHD NB . 6.21 51.23 5.04
C19 CHD NB . 10.35 53.81 5.09
C20 CHD NB . 2.96 51.82 6.08
C21 CHD NB . 1.90 51.63 7.19
C22 CHD NB . 2.83 50.77 4.95
C23 CHD NB . 2.42 51.31 3.56
O25 CHD NB . 2.67 50.37 1.32
C24 CHD NB . 2.14 50.26 2.46
O26 CHD NB . 1.35 49.31 2.69
C1 EDO OB . -17.97 43.86 -47.79
O1 EDO OB . -17.89 43.43 -46.42
C2 EDO OB . -19.28 43.34 -48.41
O2 EDO OB . -19.03 42.91 -49.76
C1 EDO PB . -10.19 39.13 -52.18
O1 EDO PB . -11.37 39.50 -51.46
C2 EDO PB . -10.41 39.29 -53.68
O2 EDO PB . -9.75 40.49 -54.13
CA1 TGL QB . -6.75 52.63 -10.53
CA2 TGL QB . -7.64 52.84 -11.73
CA3 TGL QB . -8.31 51.52 -12.02
CA4 TGL QB . -9.50 51.88 -12.86
CA5 TGL QB . -9.77 50.74 -13.81
CA6 TGL QB . -11.24 50.75 -14.21
CA7 TGL QB . -11.77 49.34 -14.11
CA8 TGL QB . -12.88 49.15 -15.12
CA9 TGL QB . -13.68 47.95 -14.68
OA1 TGL QB . -5.82 53.42 -10.34
CB1 TGL QB . -5.42 49.43 -6.58
CB2 TGL QB . -5.31 48.66 -7.88
CB3 TGL QB . -5.29 47.15 -7.68
CB4 TGL QB . -4.16 46.45 -8.46
CB5 TGL QB . -4.62 45.25 -9.27
CB6 TGL QB . -4.88 45.59 -10.73
CB7 TGL QB . -3.85 44.92 -11.64
CB8 TGL QB . -2.86 45.93 -12.23
CB9 TGL QB . -1.79 45.22 -13.07
C10 TGL QB . -0.38 45.38 -12.50
C11 TGL QB . 0.64 44.46 -13.20
C12 TGL QB . 2.03 44.53 -12.57
C13 TGL QB . 3.12 44.28 -13.60
C14 TGL QB . 4.05 45.50 -13.71
OB1 TGL QB . -5.31 48.78 -5.54
OG1 TGL QB . -6.98 51.50 -9.64
CG1 TGL QB . -7.19 51.66 -8.24
CG2 TGL QB . -5.84 51.84 -7.57
OG2 TGL QB . -5.65 50.91 -6.45
CG3 TGL QB . -5.70 53.32 -7.13
OG3 TGL QB . -6.41 54.26 -7.97
CC1 TGL QB . -7.59 55.02 -7.52
CC2 TGL QB . -8.35 56.04 -8.34
CC3 TGL QB . -9.46 56.73 -7.54
CC4 TGL QB . -9.09 57.04 -6.09
CC5 TGL QB . -8.14 58.25 -5.97
CC6 TGL QB . -6.66 57.90 -5.77
CC7 TGL QB . -5.64 58.98 -6.24
CC8 TGL QB . -5.30 59.00 -7.74
CC9 TGL QB . -4.03 58.25 -8.19
C15 TGL QB . -3.99 57.91 -9.70
C16 TGL QB . -3.77 56.42 -10.01
C17 TGL QB . -3.89 56.01 -11.50
C18 TGL QB . -3.19 54.68 -11.84
C19 TGL QB . -3.43 54.14 -13.27
OC1 TGL QB . -8.01 54.81 -6.40
C20 TGL QB . -13.26 46.69 -15.39
C21 TGL QB . -13.30 45.56 -14.38
C22 TGL QB . -14.68 44.93 -14.31
C23 TGL QB . -15.59 45.67 -13.34
C24 TGL QB . -15.07 45.58 -11.93
C25 TGL QB . -15.88 44.53 -11.17
C26 TGL QB . -17.33 44.94 -10.99
C27 TGL QB . -17.51 45.91 -9.84
C28 TGL QB . -17.55 45.19 -8.52
C29 TGL QB . 3.70 46.45 -14.87
C30 TGL QB . 3.86 47.96 -14.58
C31 TGL QB . 2.96 48.89 -15.42
C32 TGL QB . 3.53 49.25 -16.79
C33 TGL QB . -2.21 53.41 -13.86
C34 TGL QB . -2.35 51.88 -13.92
C35 TGL QB . -1.03 51.13 -14.21
C36 TGL QB . -1.06 49.63 -13.88
C1 EDO RB . 7.53 49.33 -20.66
O1 EDO RB . 7.03 48.23 -19.86
C2 EDO RB . 8.96 49.03 -21.08
O2 EDO RB . 9.72 50.23 -21.04
C1 DMU SB . 0.58 58.19 -34.38
C2 DMU SB . 1.43 59.37 -34.77
C3 DMU SB . 1.66 59.42 -36.27
C4 DMU SB . 0.29 59.46 -36.97
O5 DMU SB . -0.50 58.36 -36.50
C6 DMU SB . -0.73 58.29 -35.10
O7 DMU SB . 2.30 60.65 -36.55
O16 DMU SB . -1.49 57.13 -34.84
C18 DMU SB . -2.81 57.21 -35.39
C19 DMU SB . -3.62 55.98 -35.01
C22 DMU SB . -3.67 55.08 -36.22
C25 DMU SB . -4.27 53.72 -35.87
C28 DMU SB . -3.22 52.74 -35.37
C31 DMU SB . -3.55 51.31 -35.81
C34 DMU SB . -3.52 50.43 -34.57
C37 DMU SB . -2.86 49.10 -34.74
C40 DMU SB . -3.03 48.32 -33.44
C43 DMU SB . -2.43 46.94 -33.56
O49 DMU SB . 0.34 58.26 -32.97
O55 DMU SB . 2.64 59.25 -34.08
C57 DMU SB . 0.44 59.41 -38.51
O61 DMU SB . -0.78 59.22 -39.21
C5 DMU SB . 4.47 61.62 -36.57
C7 DMU SB . 3.85 63.03 -36.54
C8 DMU SB . 3.52 63.50 -37.96
C9 DMU SB . 2.67 62.44 -38.68
O1 DMU SB . 3.25 61.13 -38.62
C10 DMU SB . 3.51 60.67 -37.29
O2 DMU SB . 2.74 64.67 -37.82
O3 DMU SB . 4.71 61.16 -35.23
O4 DMU SB . 4.69 63.98 -35.89
C11 DMU SB . 2.28 62.88 -40.11
O6 DMU SB . 3.04 62.23 -41.12
FE HEA TB . 14.22 -37.76 19.23
CHA HEA TB . 15.65 -37.76 16.08
CHB HEA TB . 16.40 -40.20 20.32
CHC HEA TB . 12.51 -37.90 22.27
CHD HEA TB . 12.35 -35.00 18.36
NA HEA TB . 15.74 -38.82 18.34
C1A HEA TB . 16.27 -38.62 17.08
C2A HEA TB . 17.42 -39.42 16.90
C3A HEA TB . 17.58 -40.08 18.13
C4A HEA TB . 16.55 -39.69 18.97
CMA HEA TB . 18.65 -41.06 18.49
OMA HEA TB . 19.05 -41.28 19.64
CAA HEA TB . 18.33 -39.56 15.68
CBA HEA TB . 17.87 -40.58 14.66
CGA HEA TB . 18.90 -40.63 13.55
O1A HEA TB . 19.16 -41.70 12.94
O2A HEA TB . 19.46 -39.56 13.27
NB HEA TB . 14.39 -38.90 20.97
C1B HEA TB . 15.30 -39.85 21.22
C2B HEA TB . 15.03 -40.43 22.47
C3B HEA TB . 13.93 -39.76 23.01
C4B HEA TB . 13.57 -38.83 22.05
CMB HEA TB . 15.83 -41.55 23.08
NC HEA TB . 12.75 -36.65 20.16
C1C HEA TB . 12.21 -36.79 21.38
C2C HEA TB . 11.22 -35.79 21.64
C3C HEA TB . 11.19 -34.99 20.49
C4C HEA TB . 12.13 -35.56 19.65
CMC HEA TB . 10.33 -35.59 22.86
CAC HEA TB . 10.41 -33.77 20.19
CBC HEA TB . 9.52 -33.30 21.04
ND HEA TB . 14.02 -36.60 17.49
C1D HEA TB . 13.19 -35.56 17.33
C2D HEA TB . 13.23 -35.02 16.04
C3D HEA TB . 14.14 -35.84 15.37
C4D HEA TB . 14.60 -36.79 16.30
CMD HEA TB . 12.46 -33.84 15.52
CAD HEA TB . 14.63 -35.70 13.95
CBD HEA TB . 14.21 -36.78 12.98
CGD HEA TB . 14.73 -36.52 11.57
O1D HEA TB . 13.99 -36.30 10.54
O2D HEA TB . 16.00 -36.56 11.50
C11 HEA TB . 13.21 -39.88 24.33
O11 HEA TB . 12.87 -41.27 24.59
C12 HEA TB . 13.99 -39.29 25.50
C13 HEA TB . 13.20 -39.33 26.82
C14 HEA TB . 11.85 -38.64 26.71
C15 HEA TB . 10.61 -39.22 26.65
C16 HEA TB . 9.35 -38.37 26.54
C17 HEA TB . 8.33 -38.66 27.62
C18 HEA TB . 7.13 -37.71 27.71
C19 HEA TB . 5.84 -38.18 27.64
C20 HEA TB . 4.61 -37.31 27.78
C21 HEA TB . 3.91 -37.66 29.10
C22 HEA TB . 2.48 -37.15 29.07
C23 HEA TB . 1.84 -36.37 29.96
C24 HEA TB . 2.49 -35.87 31.21
C25 HEA TB . 0.40 -35.97 29.70
C26 HEA TB . 10.35 -40.70 26.66
C27 HEA TB . 5.53 -39.63 27.42
FE HEA UB . 17.89 -24.93 17.54
CHA HEA UB . 18.53 -26.91 14.74
CHB HEA UB . 20.29 -22.63 16.54
CHC HEA UB . 16.97 -22.70 20.14
CHD HEA UB . 15.17 -26.88 18.21
NA HEA UB . 19.20 -24.89 16.05
C1A HEA UB . 19.19 -25.65 14.91
C2A HEA UB . 20.13 -25.21 13.99
C3A HEA UB . 20.61 -24.00 14.50
C4A HEA UB . 19.96 -23.79 15.73
CMA HEA UB . 21.64 -23.16 13.79
OMA HEA UB . 21.78 -21.95 14.04
CAA HEA UB . 20.54 -25.84 12.65
CBA HEA UB . 21.94 -26.48 12.76
CGA HEA UB . 22.18 -27.49 11.62
O1A HEA UB . 23.33 -27.70 11.07
O2A HEA UB . 21.15 -28.11 11.24
NB HEA UB . 18.59 -23.13 18.28
C1B HEA UB . 19.51 -22.29 17.68
C2B HEA UB . 19.69 -21.08 18.40
C3B HEA UB . 18.70 -21.15 19.40
C4B HEA UB . 18.01 -22.37 19.25
CMB HEA UB . 20.66 -19.92 18.23
NC HEA UB . 16.46 -24.88 18.99
C1C HEA UB . 16.15 -23.85 19.82
C2C HEA UB . 14.98 -24.08 20.54
C3C HEA UB . 14.46 -25.26 20.02
C4C HEA UB . 15.35 -25.66 18.99
CMC HEA UB . 14.42 -23.22 21.66
CAC HEA UB . 13.22 -26.00 20.40
CBC HEA UB . 12.50 -25.91 21.51
ND HEA UB . 17.08 -26.69 16.71
C1D HEA UB . 15.91 -27.21 17.05
C2D HEA UB . 15.63 -28.31 16.22
C3D HEA UB . 16.62 -28.34 15.26
C4D HEA UB . 17.41 -27.26 15.54
CMD HEA UB . 14.47 -29.27 16.36
CAD HEA UB . 16.94 -29.21 14.08
CBD HEA UB . 15.82 -29.36 13.02
CGD HEA UB . 16.24 -30.60 12.27
O1D HEA UB . 17.13 -30.47 11.42
O2D HEA UB . 15.71 -31.69 12.59
C11 HEA UB . 18.47 -20.11 20.45
O11 HEA UB . 17.02 -19.86 20.36
C12 HEA UB . 19.05 -20.48 21.85
C13 HEA UB . 19.00 -19.27 22.80
C14 HEA UB . 19.33 -19.60 24.25
C15 HEA UB . 20.56 -19.44 24.83
C16 HEA UB . 20.77 -19.80 26.29
C17 HEA UB . 20.06 -18.78 27.21
C18 HEA UB . 20.85 -17.48 27.24
C19 HEA UB . 21.75 -17.03 28.20
C20 HEA UB . 22.32 -15.66 27.93
C21 HEA UB . 23.82 -15.55 27.81
C22 HEA UB . 24.23 -16.29 26.56
C23 HEA UB . 25.08 -15.85 25.65
C24 HEA UB . 25.72 -14.50 25.72
C25 HEA UB . 25.34 -16.81 24.52
C26 HEA UB . 21.75 -18.84 24.16
C27 HEA UB . 22.14 -17.72 29.47
CU CU VB . 16.02 -22.68 13.27
MG MG WB . 21.45 -31.41 5.39
NA NA XB . 22.63 -50.60 13.49
C CMO YB . 16.14 -24.31 15.37
O CMO YB . 15.34 -25.22 15.58
P PGV ZB . 2.62 -39.44 52.69
C01 PGV ZB . 2.34 -43.78 51.98
C02 PGV ZB . 3.28 -42.57 52.05
C03 PGV ZB . 2.75 -41.55 51.06
C04 PGV ZB . 1.82 -41.19 54.58
C05 PGV ZB . 1.65 -41.12 56.10
C06 PGV ZB . 1.50 -42.52 56.71
O01 PGV ZB . 4.66 -42.94 51.80
O02 PGV ZB . 5.86 -41.01 51.42
O03 PGV ZB . 2.25 -44.58 53.17
O04 PGV ZB . 0.85 -46.45 53.16
O05 PGV ZB . 0.47 -40.32 56.38
O06 PGV ZB . 2.45 -43.48 56.21
O11 PGV ZB . 1.94 -40.56 51.72
O12 PGV ZB . 2.82 -40.26 54.08
O13 PGV ZB . 1.61 -38.31 52.91
O14 PGV ZB . 3.99 -39.10 52.11
C1 PGV ZB . 5.51 -42.08 50.98
C2 PGV ZB . 5.96 -42.49 49.60
C3 PGV ZB . 6.60 -43.88 49.52
C4 PGV ZB . 7.33 -44.17 48.20
C5 PGV ZB . 8.25 -45.37 48.43
C6 PGV ZB . 9.26 -45.78 47.37
C7 PGV ZB . 9.86 -47.12 47.83
C8 PGV ZB . 11.16 -47.58 47.17
C9 PGV ZB . 11.12 -49.07 46.82
C10 PGV ZB . 12.16 -49.54 45.79
C11 PGV ZB . 13.47 -49.95 46.44
C12 PGV ZB . 13.80 -51.23 46.65
C13 PGV ZB . 15.22 -51.68 46.97
C14 PGV ZB . 15.30 -53.20 47.26
C15 PGV ZB . 16.60 -53.86 46.78
C16 PGV ZB . 16.66 -55.38 47.00
C17 PGV ZB . 18.09 -55.94 46.86
C18 PGV ZB . 18.30 -57.21 47.66
C19 PGV ZB . 1.99 -46.01 53.04
C20 PGV ZB . 3.16 -46.94 52.72
C21 PGV ZB . 3.34 -47.09 51.21
C22 PGV ZB . 4.80 -47.02 50.74
C23 PGV ZB . 5.42 -48.41 50.49
C24 PGV ZB . 6.15 -48.64 49.16
C25 PGV ZB . 5.54 -49.78 48.31
C26 PGV ZB . 6.59 -50.56 47.51
C27 PGV ZB . 6.11 -51.26 46.22
C28 PGV ZB . 7.33 -51.61 45.34
C29 PGV ZB . 7.12 -52.66 44.22
C30 PGV ZB . 8.27 -53.67 44.07
C31 PGV ZB . 8.04 -54.82 43.05
C32 PGV ZB . 8.59 -56.18 43.50
C33 PGV ZB . 7.92 -57.39 42.82
C34 PGV ZB . 6.67 -57.87 43.55
P PGV AC . -18.40 -21.60 16.94
C01 PGV AC . -16.03 -18.85 14.42
C02 PGV AC . -17.19 -19.70 13.92
C03 PGV AC . -18.24 -19.78 15.02
C04 PGV AC . -19.60 -19.63 18.35
C05 PGV AC . -21.02 -19.19 18.53
C06 PGV AC . -21.68 -18.95 17.14
O01 PGV AC . -16.71 -21.01 13.63
O02 PGV AC . -17.69 -20.70 11.59
O03 PGV AC . -15.00 -18.73 13.44
O04 PGV AC . -15.61 -16.59 13.18
O05 PGV AC . -21.13 -18.05 19.41
O06 PGV AC . -23.09 -18.59 17.25
O11 PGV AC . -17.61 -20.49 16.09
O12 PGV AC . -19.61 -20.72 17.45
O13 PGV AC . -17.49 -22.18 18.04
O14 PGV AC . -18.90 -22.60 15.94
C1 PGV AC . -16.96 -21.43 12.29
C2 PGV AC . -16.35 -22.75 11.80
C3 PGV AC . -17.22 -23.38 10.70
C4 PGV AC . -16.64 -24.68 10.12
C5 PGV AC . -17.62 -25.39 9.14
C6 PGV AC . -17.27 -26.84 8.75
C7 PGV AC . -15.96 -26.96 7.97
C8 PGV AC . -15.21 -28.27 8.21
C9 PGV AC . -13.88 -28.21 7.48
C10 PGV AC . -13.24 -29.58 7.28
C11 PGV AC . -11.78 -29.55 7.70
C12 PGV AC . -10.80 -28.91 7.07
C13 PGV AC . -10.42 -29.26 5.64
C14 PGV AC . -9.00 -29.78 5.65
C15 PGV AC . -8.48 -30.04 4.24
C16 PGV AC . -9.46 -30.91 3.45
C17 PGV AC . -9.18 -30.94 1.95
C18 PGV AC . -7.79 -31.48 1.63
C19 PGV AC . -14.86 -17.47 12.80
C20 PGV AC . -13.83 -17.23 11.71
C21 PGV AC . -13.22 -18.53 11.28
C22 PGV AC . -13.97 -19.21 10.16
C23 PGV AC . -13.15 -20.38 9.63
C24 PGV AC . -13.84 -21.21 8.57
C25 PGV AC . -13.38 -22.68 8.44
C26 PGV AC . -12.07 -22.75 7.68
C27 PGV AC . -11.66 -24.20 7.53
C28 PGV AC . -10.72 -24.34 6.34
C29 PGV AC . -9.27 -24.46 6.77
C30 PGV AC . -8.36 -23.86 5.69
C31 PGV AC . -7.54 -22.68 6.25
C32 PGV AC . -6.06 -22.75 5.87
C33 PGV AC . -5.71 -21.75 4.78
C34 PGV AC . -5.27 -20.44 5.38
C1 EDO BC . 14.27 -9.28 5.92
O1 EDO BC . 13.89 -9.07 4.55
C2 EDO BC . 15.00 -10.61 6.06
O2 EDO BC . 14.01 -11.60 5.91
C1 EDO CC . -1.70 -24.59 51.85
O1 EDO CC . -2.43 -25.39 52.78
C2 EDO CC . -1.10 -25.47 50.76
O2 EDO CC . -0.25 -26.48 51.33
CU1 CUA DC . 23.83 -40.08 -0.42
CU2 CUA DC . 23.02 -39.86 2.04
CA1 TGL EC . 35.00 -31.88 27.55
CA2 TGL EC . 33.55 -31.87 27.99
CA3 TGL EC . 33.43 -31.74 29.50
CA4 TGL EC . 32.20 -32.44 30.05
CA5 TGL EC . 31.37 -31.46 30.87
CA6 TGL EC . 31.63 -31.61 32.37
CA7 TGL EC . 30.51 -32.39 33.05
CA8 TGL EC . 31.01 -33.21 34.24
CA9 TGL EC . 31.25 -34.70 33.94
OA1 TGL EC . 35.76 -32.69 28.05
CB1 TGL EC . 33.09 -30.89 23.92
CB2 TGL EC . 31.81 -31.03 24.73
CB3 TGL EC . 30.59 -30.25 24.14
CB4 TGL EC . 29.45 -29.99 25.13
CB5 TGL EC . 29.15 -28.52 25.42
CB6 TGL EC . 28.15 -28.31 26.56
CB7 TGL EC . 28.79 -27.95 27.91
CB8 TGL EC . 27.73 -27.68 28.99
CB9 TGL EC . 27.97 -28.34 30.34
C10 TGL EC . 28.66 -27.37 31.32
C11 TGL EC . 28.51 -27.75 32.80
C12 TGL EC . 29.85 -27.89 33.56
C13 TGL EC . 29.67 -28.13 35.07
C14 TGL EC . 29.58 -29.61 35.50
OB1 TGL EC . 33.18 -30.00 23.08
OG1 TGL EC . 35.52 -30.96 26.53
CG1 TGL EC . 36.28 -31.47 25.45
CG2 TGL EC . 35.59 -31.23 24.11
OG2 TGL EC . 34.24 -31.79 24.09
CG3 TGL EC . 36.50 -31.86 23.06
OG3 TGL EC . 37.83 -31.32 22.99
CC1 TGL EC . 39.03 -32.13 22.76
CC2 TGL EC . 39.51 -33.18 23.70
CC3 TGL EC . 40.55 -32.62 24.66
CC4 TGL EC . 40.87 -33.60 25.79
CC5 TGL EC . 42.05 -33.14 26.66
CC6 TGL EC . 42.46 -34.20 27.68
CC7 TGL EC . 43.50 -35.14 27.08
CC8 TGL EC . 43.18 -36.62 27.30
CC9 TGL EC . 42.31 -37.24 26.20
C15 TGL EC . 41.33 -38.26 26.80
C16 TGL EC . 40.63 -37.72 28.04
C17 TGL EC . 39.73 -38.75 28.72
C18 TGL EC . 38.57 -38.06 29.44
C19 TGL EC . 37.25 -38.78 29.21
OC1 TGL EC . 39.67 -31.91 21.79
C20 TGL EC . 30.44 -35.25 32.76
C21 TGL EC . 29.12 -35.89 33.18
C22 TGL EC . 28.10 -35.94 32.05
C23 TGL EC . 26.67 -35.63 32.52
C24 TGL EC . 26.52 -34.18 32.99
C25 TGL EC . 25.11 -33.64 32.82
C26 TGL EC . 25.12 -32.12 32.75
C27 TGL EC . 25.50 -31.63 31.35
C28 TGL EC . 26.82 -30.90 31.36
C29 TGL EC . 28.13 -30.11 35.66
C30 TGL EC . 27.75 -30.72 37.04
C31 TGL EC . 26.39 -31.44 37.02
C32 TGL EC . 25.42 -31.06 38.12
C33 TGL EC . 36.08 -37.95 29.78
C34 TGL EC . 34.70 -38.60 29.61
C35 TGL EC . 33.55 -37.69 30.07
C36 TGL EC . 32.20 -38.36 29.93
P PSC FC . 15.42 -1.32 49.38
N PSC FC . 14.48 -0.15 54.07
C01 PSC FC . 16.24 -3.66 46.88
C02 PSC FC . 16.69 -4.52 48.07
C03 PSC FC . 16.83 -3.65 49.32
C04 PSC FC . 14.58 0.15 51.52
C05 PSC FC . 15.28 -0.30 52.82
C06 PSC FC . 14.01 1.24 54.22
C07 PSC FC . 15.30 -0.44 55.25
C08 PSC FC . 13.37 -1.10 54.02
O01 PSC FC . 17.93 -5.20 47.82
O02 PSC FC . 19.14 -3.39 46.88
O03 PSC FC . 15.07 -4.14 46.19
O04 PSC FC . 12.88 -3.46 45.86
O11 PSC FC . 15.62 -2.93 49.57
O12 PSC FC . 14.40 -0.96 50.62
O13 PSC FC . 14.66 -1.07 48.08
O14 PSC FC . 16.74 -0.57 49.62
C1 PSC FC . 18.96 -4.62 46.93
C2 PSC FC . 19.84 -5.56 46.11
C3 PSC FC . 20.60 -4.84 45.00
C4 PSC FC . 21.67 -5.75 44.40
C5 PSC FC . 22.45 -5.01 43.32
C6 PSC FC . 22.43 -5.80 42.02
C7 PSC FC . 23.82 -6.13 41.49
C8 PSC FC . 23.99 -7.60 41.12
C9 PSC FC . 23.71 -7.82 39.65
C10 PSC FC . 23.56 -9.05 39.15
C11 PSC FC . 24.02 -9.30 37.74
C12 PSC FC . 24.23 -10.78 37.44
C13 PSC FC . 25.13 -10.89 36.23
C14 PSC FC . 24.41 -11.53 35.04
C15 PSC FC . 25.09 -11.21 33.71
C16 PSC FC . 25.44 -12.48 32.93
C17 PSC FC . 25.62 -12.29 31.43
C18 PSC FC . 26.77 -13.13 30.93
C19 PSC FC . 14.07 -3.21 45.67
C20 PSC FC . 14.41 -1.95 44.89
C21 PSC FC . 15.87 -1.90 44.43
C22 PSC FC . 16.16 -2.80 43.23
C23 PSC FC . 17.14 -3.91 43.58
C24 PSC FC . 16.49 -5.28 43.36
C25 PSC FC . 16.85 -6.31 44.43
C26 PSC FC . 17.54 -7.53 43.81
C27 PSC FC . 17.82 -7.38 42.32
C28 PSC FC . 18.94 -8.25 41.78
C29 PSC FC . 18.56 -9.72 41.68
C30 PSC FC . 19.78 -10.62 41.46
C31 PSC FC . 19.48 -11.65 40.39
C32 PSC FC . 20.50 -12.75 40.29
C33 PSC FC . 20.32 -13.48 38.99
C34 PSC FC . 21.31 -13.02 37.96
C1 EDO GC . 35.47 -40.14 8.88
O1 EDO GC . 34.78 -38.90 9.06
C2 EDO GC . 34.82 -41.24 9.72
O2 EDO GC . 35.62 -41.30 10.90
P PGV HC . 20.67 -15.40 -6.39
C01 PGV HC . 15.77 -15.07 -5.74
C02 PGV HC . 17.23 -14.58 -5.68
C03 PGV HC . 18.16 -15.79 -5.58
C04 PGV HC . 22.94 -15.89 -7.73
C05 PGV HC . 23.87 -17.04 -8.15
C06 PGV HC . 25.24 -16.49 -8.52
O01 PGV HC . 17.38 -13.76 -4.52
O02 PGV HC . 19.48 -12.79 -4.63
O03 PGV HC . 14.95 -14.24 -4.89
O04 PGV HC . 12.86 -15.10 -5.42
O05 PGV HC . 23.38 -17.74 -9.30
O06 PGV HC . 25.82 -16.02 -7.31
O11 PGV HC . 19.13 -15.85 -6.63
O12 PGV HC . 21.61 -16.31 -7.39
O13 PGV HC . 20.79 -13.97 -6.90
O14 PGV HC . 21.08 -15.75 -4.97
C1 PGV HC . 18.27 -12.59 -4.57
C2 PGV HC . 17.76 -11.16 -4.50
C3 PGV HC . 17.48 -10.50 -5.85
C4 PGV HC . 16.66 -9.22 -5.69
C5 PGV HC . 15.15 -9.47 -5.46
C6 PGV HC . 14.79 -9.66 -3.98
C7 PGV HC . 13.42 -9.11 -3.62
C8 PGV HC . 12.87 -9.69 -2.33
C9 PGV HC . 13.04 -8.80 -1.09
C10 PGV HC . 12.45 -9.47 0.15
C11 PGV HC . 12.62 -8.62 1.40
C12 PGV HC . 11.56 -8.04 1.98
C13 PGV HC . 11.70 -7.00 3.10
C14 PGV HC . 10.45 -6.11 3.22
C15 PGV HC . 9.59 -6.43 4.45
C16 PGV HC . 8.10 -6.30 4.12
C17 PGV HC . 7.19 -6.57 5.34
C18 PGV HC . 5.75 -6.15 5.07
C19 PGV HC . 13.50 -14.39 -4.69
C20 PGV HC . 12.76 -13.66 -3.61
C21 PGV HC . 11.44 -14.32 -3.23
C22 PGV HC . 10.83 -13.63 -1.98
C23 PGV HC . 11.67 -13.85 -0.71
C24 PGV HC . 11.29 -13.05 0.56
C25 PGV HC . 11.05 -13.95 1.79
C26 PGV HC . 10.03 -13.45 2.83
C27 PGV HC . 8.63 -13.09 2.33
C28 PGV HC . 7.51 -13.46 3.30
C29 PGV HC . 6.90 -12.23 3.99
C30 PGV HC . 5.42 -12.40 4.38
C31 PGV HC . 4.80 -11.06 4.80
C32 PGV HC . 3.28 -10.97 4.68
C33 PGV HC . 2.82 -10.36 3.35
C34 PGV HC . 2.41 -8.92 3.50
UNK UNX IC . -21.77 -2.81 8.56
P PGV JC . -25.25 -12.03 11.58
C01 PGV JC . -22.21 -14.78 12.07
C02 PGV JC . -23.34 -14.83 11.07
C03 PGV JC . -24.56 -14.47 11.87
C04 PGV JC . -27.41 -11.75 13.06
C05 PGV JC . -28.47 -10.75 12.67
C06 PGV JC . -29.07 -10.37 14.00
O01 PGV JC . -23.49 -16.14 10.56
O02 PGV JC . -23.17 -15.44 8.39
O03 PGV JC . -21.07 -14.71 11.26
O04 PGV JC . -20.32 -16.65 12.07
O05 PGV JC . -29.50 -11.53 12.06
O06 PGV JC . -29.98 -9.30 13.93
O11 PGV JC . -24.43 -13.14 12.35
O12 PGV JC . -26.81 -12.34 11.93
O13 PGV JC . -25.04 -12.29 10.10
O14 PGV JC . -24.87 -10.74 12.27
C1 PGV JC . -23.31 -16.38 9.15
C2 PGV JC . -23.25 -17.81 8.68
C3 PGV JC . -23.21 -17.87 7.15
C4 PGV JC . -21.88 -18.43 6.68
C5 PGV JC . -21.77 -18.53 5.17
C6 PGV JC . -20.38 -18.98 4.72
C7 PGV JC . -20.48 -19.76 3.43
C8 PGV JC . -19.10 -19.92 2.84
C9 PGV JC . -19.07 -20.65 1.50
C10 PGV JC . -18.27 -21.95 1.60
C11 PGV JC . -18.41 -22.79 0.35
C12 PGV JC . -17.64 -23.86 0.16
C13 PGV JC . -16.89 -24.05 -1.14
C14 PGV JC . -17.46 -25.20 -1.98
C15 PGV JC . -17.57 -24.88 -3.47
C16 PGV JC . -18.79 -25.52 -4.14
C17 PGV JC . -19.95 -24.54 -4.34
C18 PGV JC . -20.71 -24.83 -5.60
C19 PGV JC . -20.16 -15.79 11.25
C20 PGV JC . -18.99 -15.79 10.28
C21 PGV JC . -18.96 -16.96 9.32
C22 PGV JC . -17.77 -16.68 8.41
C23 PGV JC . -17.30 -17.94 7.75
C24 PGV JC . -16.20 -17.66 6.76
C25 PGV JC . -16.23 -18.73 5.66
C26 PGV JC . -14.98 -18.71 4.80
C27 PGV JC . -14.33 -20.07 4.88
C28 PGV JC . -14.15 -20.76 3.56
C29 PGV JC . -14.02 -22.27 3.78
C30 PGV JC . -12.88 -22.93 3.00
C31 PGV JC . -11.54 -22.19 3.13
C32 PGV JC . -10.75 -22.04 1.82
C33 PGV JC . -9.96 -23.29 1.39
C34 PGV JC . -8.54 -23.25 1.91
C1 CDL KC . -33.92 -21.69 9.65
O1 CDL KC . -32.73 -21.27 8.97
CA2 CDL KC . -33.61 -23.11 10.10
OA2 CDL KC . -34.31 -24.10 9.32
PA1 CDL KC . -33.92 -24.57 7.82
OA3 CDL KC . -33.02 -23.54 7.15
OA4 CDL KC . -33.42 -26.01 7.89
OA5 CDL KC . -35.40 -24.47 7.12
CA3 CDL KC . -36.16 -25.53 6.49
CA4 CDL KC . -36.05 -25.42 4.95
OA6 CDL KC . -37.05 -24.55 4.35
CA5 CDL KC . -36.64 -23.21 3.80
OA7 CDL KC . -36.94 -22.19 4.40
C11 CDL KC . -35.90 -23.03 2.48
C12 CDL KC . -34.63 -23.87 2.39
C13 CDL KC . -33.37 -23.16 2.89
C14 CDL KC . -32.14 -24.08 2.86
C15 CDL KC . -31.91 -24.81 1.54
C16 CDL KC . -30.46 -24.70 1.06
C17 CDL KC . -29.99 -26.00 0.41
C18 CDL KC . -28.69 -25.81 -0.35
C19 CDL KC . -28.59 -26.21 -1.63
C20 CDL KC . -27.23 -26.54 -2.22
C21 CDL KC . -27.32 -26.63 -3.75
C22 CDL KC . -26.21 -26.83 -4.46
C23 CDL KC . -26.18 -26.55 -5.95
C24 CDL KC . -24.89 -27.11 -6.57
C25 CDL KC . -25.02 -28.56 -7.03
C26 CDL KC . -23.84 -29.01 -7.90
C27 CDL KC . -23.09 -30.18 -7.29
CA6 CDL KC . -36.09 -26.85 4.37
OA8 CDL KC . -34.86 -27.13 3.65
CA7 CDL KC . -34.21 -28.45 3.58
OA9 CDL KC . -34.66 -29.33 4.30
C31 CDL KC . -33.04 -28.72 2.65
C32 CDL KC . -31.79 -29.26 3.35
C33 CDL KC . -30.78 -29.86 2.38
C34 CDL KC . -29.43 -29.14 2.42
C35 CDL KC . -28.36 -29.93 1.68
C36 CDL KC . -26.97 -29.27 1.67
C37 CDL KC . -26.17 -29.49 0.38
C38 CDL KC . -25.28 -30.72 0.45
C39 CDL KC . -24.75 -31.29 -0.64
C40 CDL KC . -25.43 -32.41 -1.39
C41 CDL KC . -25.78 -33.62 -0.52
C42 CDL KC . -26.84 -34.39 -0.77
C43 CDL KC . -27.60 -35.15 0.32
C44 CDL KC . -29.12 -34.97 0.18
C45 CDL KC . -29.92 -35.53 1.38
C46 CDL KC . -31.23 -34.77 1.59
C47 CDL KC . -32.23 -35.52 2.45
CB2 CDL KC . -35.18 -21.55 8.77
OB2 CDL KC . -35.54 -20.19 8.48
PB2 CDL KC . -35.25 -19.36 7.09
OB3 CDL KC . -35.49 -17.88 7.36
OB4 CDL KC . -36.01 -20.02 5.96
OB5 CDL KC . -33.63 -19.55 6.85
CB3 CDL KC . -33.04 -20.46 5.89
CB4 CDL KC . -31.59 -20.18 5.41
OB6 CDL KC . -30.60 -20.43 6.43
CB5 CDL KC . -29.65 -21.48 6.09
OB7 CDL KC . -30.10 -22.58 5.80
C51 CDL KC . -28.14 -21.24 6.14
C52 CDL KC . -27.34 -21.94 5.05
C53 CDL KC . -25.88 -22.15 5.42
C54 CDL KC . -24.97 -22.04 4.21
C55 CDL KC . -23.91 -23.12 4.10
C56 CDL KC . -23.46 -23.23 2.66
C57 CDL KC . -22.51 -24.40 2.38
C58 CDL KC . -23.08 -25.29 1.29
C59 CDL KC . -22.34 -25.72 0.26
C60 CDL KC . -22.99 -25.99 -1.09
C61 CDL KC . -21.96 -26.17 -2.20
C62 CDL KC . -22.16 -27.06 -3.18
C63 CDL KC . -21.28 -28.30 -3.33
C64 CDL KC . -20.83 -28.53 -4.78
C65 CDL KC . -19.82 -29.68 -4.94
C66 CDL KC . -18.57 -29.26 -5.73
C67 CDL KC . -17.66 -30.43 -6.08
CB6 CDL KC . -31.41 -18.79 4.76
OB8 CDL KC . -31.35 -18.92 3.33
CB7 CDL KC . -30.14 -19.42 2.67
OB9 CDL KC . -29.10 -19.25 3.29
C71 CDL KC . -30.16 -20.10 1.29
C72 CDL KC . -28.97 -21.03 0.99
C73 CDL KC . -28.29 -20.85 -0.36
C74 CDL KC . -27.20 -21.91 -0.62
C75 CDL KC . -26.04 -21.42 -1.50
C76 CDL KC . -26.06 -21.94 -2.95
C77 CDL KC . -24.65 -22.09 -3.56
C78 CDL KC . -24.69 -21.95 -5.06
C79 CDL KC . -23.60 -22.22 -5.79
C80 CDL KC . -23.24 -21.35 -6.97
C81 CDL KC . -21.73 -21.28 -7.20
C82 CDL KC . -21.11 -20.12 -7.45
C83 CDL KC . -20.88 -19.56 -8.84
C84 CDL KC . -20.00 -20.47 -9.69
C85 CDL KC . -20.60 -20.74 -11.08
C86 CDL KC . -21.26 -22.10 -11.25
C87 CDL KC . -22.75 -21.98 -11.55
C1 CHD LC . -33.93 -9.64 -9.86
C2 CHD LC . -33.07 -9.63 -11.11
C3 CHD LC . -32.85 -8.21 -11.66
O3 CHD LC . -33.89 -7.97 -12.61
C4 CHD LC . -32.90 -7.13 -10.58
C5 CHD LC . -32.49 -7.65 -9.20
C6 CHD LC . -32.36 -6.45 -8.25
C7 CHD LC . -33.60 -6.09 -7.43
O7 CHD LC . -34.52 -5.35 -8.25
C8 CHD LC . -34.27 -7.31 -6.80
C9 CHD LC . -34.57 -8.39 -7.85
C10 CHD LC . -33.36 -8.82 -8.69
C11 CHD LC . -35.30 -9.62 -7.28
C12 CHD LC . -36.59 -9.27 -6.53
O12 CHD LC . -37.61 -8.98 -7.49
C13 CHD LC . -36.38 -8.13 -5.52
C14 CHD LC . -35.61 -6.96 -6.15
C15 CHD LC . -35.74 -5.78 -5.19
C16 CHD LC . -37.12 -6.00 -4.57
C17 CHD LC . -37.63 -7.37 -5.05
C18 CHD LC . -35.63 -8.73 -4.33
C19 CHD LC . -32.48 -9.76 -7.87
C20 CHD LC . -38.61 -8.08 -4.09
C21 CHD LC . -39.33 -9.28 -4.69
C22 CHD LC . -39.64 -7.08 -3.55
C23 CHD LC . -39.15 -6.35 -2.30
O25 CHD LC . -39.27 -8.44 -1.15
C24 CHD LC . -39.45 -7.19 -1.10
O26 CHD LC . -39.88 -6.60 -0.09
C1 CHD MC . 21.25 -10.32 3.60
C2 CHD MC . 22.33 -10.34 2.52
C3 CHD MC . 22.47 -8.94 1.90
O3 CHD MC . 23.58 -8.94 0.99
C4 CHD MC . 21.16 -8.57 1.19
C5 CHD MC . 20.02 -8.55 2.21
C6 CHD MC . 18.68 -8.07 1.63
C7 CHD MC . 18.06 -9.17 0.74
O7 CHD MC . 18.86 -9.24 -0.45
C8 CHD MC . 17.96 -10.56 1.44
C9 CHD MC . 19.33 -11.00 2.05
C10 CHD MC . 19.91 -9.89 2.97
C11 CHD MC . 19.31 -12.42 2.70
C12 CHD MC . 18.64 -13.48 1.81
O12 CHD MC . 19.52 -13.73 0.73
C13 CHD MC . 17.27 -13.03 1.29
C14 CHD MC . 17.43 -11.70 0.55
C15 CHD MC . 16.18 -11.45 -0.28
C16 CHD MC . 15.61 -12.85 -0.49
C17 CHD MC . 16.66 -13.80 0.12
C18 CHD MC . 16.27 -13.02 2.50
C19 CHD MC . 18.99 -9.63 4.18
C20 CHD MC . 16.12 -15.21 0.40
C21 CHD MC . 17.11 -16.03 1.24
C22 CHD MC . 15.87 -15.91 -0.94
C23 CHD MC . 14.82 -17.00 -0.88
O25 CHD MC . 15.76 -17.99 -2.87
C24 CHD MC . 14.73 -17.70 -2.23
O26 CHD MC . 13.59 -17.93 -2.72
C1 EDO NC . -17.09 2.37 3.69
O1 EDO NC . -16.76 2.75 2.34
C2 EDO NC . -17.90 1.09 3.78
O2 EDO NC . -17.08 -0.06 3.52
C1 EDO OC . -13.11 0.76 -1.45
O1 EDO OC . -13.81 0.85 -0.19
C2 EDO OC . -13.39 -0.57 -2.16
O2 EDO OC . -13.25 -0.42 -3.59
CA1 TGL PC . 16.58 -30.89 49.25
CA2 TGL PC . 17.25 -31.64 48.11
CA3 TGL PC . 17.12 -30.89 46.78
CA4 TGL PC . 18.28 -31.15 45.82
CA5 TGL PC . 17.77 -31.67 44.47
CA6 TGL PC . 18.44 -31.01 43.27
CA7 TGL PC . 17.36 -30.38 42.39
CA8 TGL PC . 17.68 -30.56 40.90
CA9 TGL PC . 17.93 -29.20 40.25
OA1 TGL PC . 17.20 -30.00 49.83
CB1 TGL PC . 14.26 -34.25 51.47
CB2 TGL PC . 13.97 -34.98 50.17
CB3 TGL PC . 14.51 -34.31 48.91
CB4 TGL PC . 14.52 -35.27 47.73
CB5 TGL PC . 15.55 -34.78 46.73
CB6 TGL PC . 16.34 -35.84 45.98
CB7 TGL PC . 16.62 -35.32 44.57
CB8 TGL PC . 17.87 -35.86 43.86
CB9 TGL PC . 17.78 -35.64 42.33
C10 TGL PC . 19.07 -35.12 41.69
C11 TGL PC . 19.71 -36.15 40.74
C12 TGL PC . 20.52 -37.22 41.50
C13 TGL PC . 20.43 -38.63 40.91
C14 TGL PC . 20.83 -39.76 41.90
OB1 TGL PC . 14.96 -34.76 52.35
OG1 TGL PC . 15.22 -31.24 49.69
CG1 TGL PC . 14.64 -30.81 50.94
CG2 TGL PC . 14.69 -31.95 51.97
OG2 TGL PC . 13.67 -32.92 51.70
CG3 TGL PC . 14.63 -31.49 53.43
OG3 TGL PC . 13.40 -30.85 53.74
CC1 TGL PC . 13.31 -29.40 53.87
CC2 TGL PC . 14.55 -28.55 54.12
CC3 TGL PC . 14.71 -27.37 53.14
CC4 TGL PC . 16.13 -27.29 52.56
CC5 TGL PC . 16.83 -25.96 52.86
CC6 TGL PC . 17.98 -25.63 51.89
CC7 TGL PC . 19.22 -25.04 52.59
CC8 TGL PC . 20.53 -25.52 51.95
CC9 TGL PC . 21.62 -25.85 52.96
C15 TGL PC . 23.04 -25.90 52.36
C16 TGL PC . 23.84 -24.62 52.69
C17 TGL PC . 25.19 -24.48 51.96
C18 TGL PC . 25.51 -23.02 51.57
C19 TGL PC . 26.94 -22.71 51.06
OC1 TGL PC . 12.19 -28.91 53.81
C20 TGL PC . 18.58 -29.26 38.86
C21 TGL PC . 20.12 -29.17 38.85
C22 TGL PC . 20.73 -27.78 38.68
C23 TGL PC . 21.00 -27.05 40.01
C24 TGL PC . 21.95 -27.73 41.03
C25 TGL PC . 22.27 -26.92 42.31
C26 TGL PC . 21.35 -27.19 43.50
C27 TGL PC . 22.06 -27.16 44.86
C28 TGL PC . 21.25 -27.65 46.05
C29 TGL PC . 21.06 -41.14 41.25
C30 TGL PC . 22.55 -41.44 40.98
C31 TGL PC . 22.81 -42.66 40.09
C32 TGL PC . 24.15 -42.65 39.35
C33 TGL PC . 27.10 -21.27 50.55
C34 TGL PC . 27.33 -20.23 51.66
C35 TGL PC . 26.03 -19.57 52.15
C36 TGL PC . 26.26 -18.22 52.80
ZN ZN QC . -5.93 -4.28 46.47
P PEK RC . -4.88 -27.42 -17.94
N PEK RC . -5.83 -25.15 -22.03
C01 PEK RC . -5.34 -28.03 -14.30
C02 PEK RC . -6.06 -26.73 -14.56
C03 PEK RC . -5.52 -26.07 -15.81
C04 PEK RC . -5.43 -25.54 -19.69
C05 PEK RC . -4.99 -25.88 -21.10
O01 PEK RC . -5.76 -25.90 -13.48
O02 PEK RC . -7.91 -25.85 -12.68
O03 PEK RC . -6.36 -28.65 -13.56
O04 PEK RC . -5.27 -30.53 -12.87
O11 PEK RC . -5.94 -26.87 -16.90
O12 PEK RC . -4.49 -26.13 -18.81
O13 PEK RC . -3.62 -27.87 -17.25
O14 PEK RC . -5.63 -28.42 -18.79
C1 PEK RC . -6.74 -25.59 -12.49
C2 PEK RC . -6.26 -24.96 -11.20
C3 PEK RC . -6.30 -25.99 -10.08
C4 PEK RC . -4.93 -26.59 -9.79
C5 PEK RC . -4.89 -27.42 -8.48
C6 PEK RC . -4.92 -26.97 -7.21
C7 PEK RC . -5.81 -25.79 -6.78
C8 PEK RC . -6.96 -26.28 -5.94
C9 PEK RC . -8.20 -26.36 -6.42
C10 PEK RC . -9.16 -27.42 -5.89
C11 PEK RC . -10.51 -27.35 -6.60
C12 PEK RC . -10.76 -28.01 -7.73
C13 PEK RC . -11.64 -27.42 -8.82
C14 PEK RC . -10.87 -26.51 -9.78
C15 PEK RC . -10.20 -25.43 -9.38
C16 PEK RC . -10.82 -24.04 -9.33
C17 PEK RC . -10.53 -23.29 -10.62
C18 PEK RC . -11.71 -22.39 -10.98
C19 PEK RC . -11.67 -21.82 -12.40
C20 PEK RC . -11.95 -20.33 -12.39
C21 PEK RC . -6.20 -29.78 -12.69
C22 PEK RC . -7.26 -29.94 -11.63
C23 PEK RC . -7.13 -31.17 -10.77
C24 PEK RC . -8.00 -30.95 -9.53
C25 PEK RC . -7.62 -31.94 -8.43
C26 PEK RC . -7.38 -31.23 -7.09
C27 PEK RC . -6.54 -32.05 -6.12
C28 PEK RC . -5.54 -31.21 -5.31
C29 PEK RC . -6.22 -30.57 -4.13
C30 PEK RC . -5.28 -30.41 -2.94
C31 PEK RC . -5.82 -29.29 -2.07
C32 PEK RC . -5.27 -29.31 -0.65
C33 PEK RC . -5.32 -27.89 -0.12
C34 PEK RC . -4.95 -27.86 1.35
C35 PEK RC . -5.65 -26.70 2.01
C36 PEK RC . -5.56 -26.85 3.52
C37 PEK RC . -4.44 -25.99 4.10
C38 PEK RC . -3.75 -26.67 5.26
P PEK SC . -10.84 14.28 8.46
N PEK SC . -14.48 12.30 5.41
C01 PEK SC . -10.01 10.64 8.24
C02 PEK SC . -8.88 11.20 9.13
C03 PEK SC . -9.24 12.51 9.88
C04 PEK SC . -12.69 12.97 6.89
C05 PEK SC . -14.21 12.83 6.72
O01 PEK SC . -7.67 11.43 8.38
O02 PEK SC . -6.39 10.79 10.20
O03 PEK SC . -9.53 9.75 7.20
O04 PEK SC . -10.93 8.98 5.50
O11 PEK SC . -10.53 13.08 9.55
O12 PEK SC . -12.36 13.94 7.92
O13 PEK SC . -10.93 15.60 9.20
O14 PEK SC . -9.88 14.19 7.30
C1 PEK SC . -6.44 10.91 8.98
C2 PEK SC . -5.27 10.50 8.09
C3 PEK SC . -4.32 11.66 7.77
C4 PEK SC . -3.39 11.36 6.58
C5 PEK SC . -1.96 11.02 6.95
C6 PEK SC . -0.95 11.41 6.14
C7 PEK SC . 0.34 10.66 5.87
C8 PEK SC . 0.29 9.87 4.55
C9 PEK SC . 1.15 10.05 3.53
C10 PEK SC . 0.83 9.49 2.13
C11 PEK SC . 2.01 8.94 1.31
C12 PEK SC . 1.85 8.40 0.08
C13 PEK SC . 2.98 7.85 -0.80
C14 PEK SC . 3.96 8.88 -1.37
C15 PEK SC . 4.84 8.55 -2.34
C16 PEK SC . 5.65 9.54 -3.15
C17 PEK SC . 5.64 9.29 -4.69
C18 PEK SC . 5.85 7.81 -5.11
C19 PEK SC . 5.49 7.49 -6.56
C20 PEK SC . 6.28 6.31 -7.12
C21 PEK SC . -10.02 9.75 5.80
C22 PEK SC . -9.37 10.65 4.76
C23 PEK SC . -10.29 11.77 4.25
C24 PEK SC . -9.71 12.54 3.05
C25 PEK SC . -10.52 13.79 2.69
C26 PEK SC . -9.86 14.77 1.71
C27 PEK SC . -10.03 14.37 0.24
C28 PEK SC . -10.36 15.52 -0.74
C29 PEK SC . -10.41 15.11 -2.24
C30 PEK SC . -9.04 15.05 -2.94
C31 PEK SC . -9.02 14.28 -4.26
C32 PEK SC . -9.26 12.78 -4.13
C33 PEK SC . -10.39 12.28 -5.04
C34 PEK SC . -11.13 11.07 -4.47
C35 PEK SC . -12.66 11.18 -4.57
C36 PEK SC . -13.24 10.78 -5.93
C37 PEK SC . -13.40 9.26 -6.08
C38 PEK SC . -12.43 8.67 -7.08
P PEK TC . -33.69 7.04 -8.73
N PEK TC . -34.17 2.62 -8.67
C01 PEK TC . -30.92 6.03 -12.95
C02 PEK TC . -31.92 5.60 -11.85
C03 PEK TC . -31.89 6.68 -10.76
C04 PEK TC . -34.49 4.76 -7.39
C05 PEK TC . -35.10 3.47 -7.94
O01 PEK TC . -31.58 4.30 -11.34
O02 PEK TC . -33.71 3.36 -11.66
O03 PEK TC . -29.93 5.02 -13.17
O04 PEK TC . -30.52 4.55 -15.38
O11 PEK TC . -33.19 7.10 -10.30
O12 PEK TC . -33.68 5.43 -8.37
O13 PEK TC . -32.69 7.77 -7.84
O14 PEK TC . -35.13 7.51 -8.69
C1 PEK TC . -32.50 3.17 -11.57
C2 PEK TC . -31.98 1.73 -11.66
C3 PEK TC . -32.25 1.03 -13.00
C4 PEK TC . -31.91 -0.45 -12.95
C5 PEK TC . -30.95 -0.88 -14.06
C6 PEK TC . -30.23 -2.00 -13.96
C7 PEK TC . -28.91 -2.22 -14.70
C8 PEK TC . -28.16 -3.45 -14.22
C9 PEK TC . -27.04 -3.93 -14.80
C10 PEK TC . -26.53 -5.33 -14.46
C11 PEK TC . -25.11 -5.61 -14.92
C12 PEK TC . -24.58 -6.85 -14.95
C13 PEK TC . -23.32 -7.19 -15.75
C14 PEK TC . -23.35 -8.60 -16.34
C15 PEK TC . -22.49 -9.03 -17.28
C16 PEK TC . -23.00 -9.70 -18.54
C17 PEK TC . -21.88 -10.24 -19.45
C18 PEK TC . -21.89 -9.77 -20.92
C19 PEK TC . -21.71 -10.92 -21.92
C20 PEK TC . -20.41 -10.86 -22.71
C21 PEK TC . -29.87 4.20 -14.39
C22 PEK TC . -29.02 2.94 -14.44
C23 PEK TC . -28.34 2.69 -15.79
C24 PEK TC . -27.65 1.33 -15.84
C25 PEK TC . -26.72 1.09 -17.04
C26 PEK TC . -25.25 1.34 -16.78
C27 PEK TC . -24.34 0.68 -17.83
C28 PEK TC . -23.22 1.64 -18.27
C29 PEK TC . -22.81 1.49 -19.73
C30 PEK TC . -22.80 2.86 -20.47
C31 PEK TC . -21.74 3.07 -21.57
C32 PEK TC . -21.35 4.54 -21.69
C33 PEK TC . -19.84 4.77 -21.80
C34 PEK TC . -19.39 6.16 -21.29
C35 PEK TC . -17.85 6.23 -21.21
C36 PEK TC . -17.30 7.38 -20.32
C37 PEK TC . -16.66 6.82 -19.05
C38 PEK TC . -16.45 7.83 -17.95
C1 CDL UC . -2.51 -2.81 -27.23
O1 CDL UC . -1.14 -2.68 -27.61
CA2 CDL UC . -3.13 -3.87 -28.13
OA2 CDL UC . -2.46 -5.11 -27.91
PA1 CDL UC . -1.97 -6.13 -29.10
OA3 CDL UC . -0.49 -6.40 -28.83
OA4 CDL UC . -2.99 -7.26 -29.13
OA5 CDL UC . -2.10 -5.36 -30.55
CA3 CDL UC . -1.85 -5.99 -31.82
CA4 CDL UC . -2.60 -5.24 -32.92
OA6 CDL UC . -3.93 -5.04 -32.44
CA5 CDL UC . -4.47 -3.69 -32.60
OA7 CDL UC . -4.95 -3.37 -33.68
C11 CDL UC . -4.44 -2.72 -31.44
C12 CDL UC . -5.86 -2.42 -30.96
C13 CDL UC . -5.87 -1.25 -30.00
C14 CDL UC . -7.16 -1.23 -29.17
C15 CDL UC . -7.30 0.05 -28.36
C16 CDL UC . -8.65 0.04 -27.62
C17 CDL UC . -8.61 0.63 -26.22
C18 CDL UC . -9.94 1.20 -25.76
C19 CDL UC . -10.09 1.64 -24.51
C20 CDL UC . -9.35 2.87 -24.01
C21 CDL UC . -9.13 2.83 -22.51
C22 CDL UC . -9.66 3.71 -21.65
C23 CDL UC . -9.32 3.69 -20.18
C24 CDL UC . -10.45 4.30 -19.33
C25 CDL UC . -10.66 3.62 -17.99
C26 CDL UC . -11.80 4.26 -17.18
C27 CDL UC . -12.99 4.59 -18.07
CA6 CDL UC . -2.62 -6.02 -34.25
OA8 CDL UC . -2.39 -5.15 -35.38
CA7 CDL UC . -3.15 -5.17 -36.63
OA9 CDL UC . -2.57 -5.38 -37.70
C31 CDL UC . -4.64 -4.92 -36.62
C32 CDL UC . -5.15 -4.55 -38.02
C33 CDL UC . -5.59 -3.09 -38.06
C34 CDL UC . -7.00 -2.88 -37.52
C35 CDL UC . -7.01 -2.16 -36.19
C36 CDL UC . -7.70 -2.96 -35.11
C37 CDL UC . -7.84 -2.16 -33.82
C38 CDL UC . -9.26 -2.14 -33.29
C39 CDL UC . -9.56 -1.63 -32.10
C40 CDL UC . -10.60 -0.53 -31.98
C41 CDL UC . -10.89 -0.11 -30.55
C42 CDL UC . -10.78 1.17 -30.15
C43 CDL UC . -11.94 2.17 -30.18
C44 CDL UC . -11.90 3.15 -28.99
C45 CDL UC . -13.05 4.18 -28.97
C46 CDL UC . -14.43 3.57 -28.69
C47 CDL UC . -15.44 4.41 -27.91
CB2 CDL UC . -3.20 -1.46 -27.36
OB2 CDL UC . -3.52 -0.98 -26.05
PB2 CDL UC . -5.01 -1.13 -25.43
OB3 CDL UC . -5.43 -2.58 -25.63
OB4 CDL UC . -5.78 0.00 -26.07
OB5 CDL UC . -5.03 -0.86 -23.82
CB3 CDL UC . -6.25 -0.46 -23.17
CB4 CDL UC . -6.28 -0.39 -21.64
OB6 CDL UC . -7.33 0.47 -21.17
CB5 CDL UC . -8.75 0.05 -21.16
OB7 CDL UC . -9.25 -0.50 -22.15
C51 CDL UC . -9.66 0.33 -19.95
C52 CDL UC . -8.94 0.57 -18.61
C53 CDL UC . -9.85 0.32 -17.40
C54 CDL UC . -9.28 -0.83 -16.58
C55 CDL UC . -9.85 -0.89 -15.17
C56 CDL UC . -8.74 -0.67 -14.14
C57 CDL UC . -7.72 -1.80 -14.12
C58 CDL UC . -6.30 -1.29 -13.99
C59 CDL UC . -5.27 -2.14 -13.81
C60 CDL UC . -3.96 -1.71 -13.17
C61 CDL UC . -3.92 -2.01 -11.68
C62 CDL UC . -4.19 -1.07 -10.76
C63 CDL UC . -5.61 -0.66 -10.40
C64 CDL UC . -5.68 0.54 -9.45
C65 CDL UC . -5.80 0.14 -7.97
C66 CDL UC . -6.89 0.92 -7.21
C67 CDL UC . -7.29 0.22 -5.92
CB6 CDL UC . -4.98 0.17 -21.03
OB8 CDL UC . -5.18 0.60 -19.67
CB7 CDL UC . -5.07 1.99 -19.23
OB9 CDL UC . -4.07 2.63 -19.55
C71 CDL UC . -6.12 2.68 -18.38
C72 CDL UC . -5.65 2.82 -16.92
C73 CDL UC . -6.28 4.00 -16.20
C74 CDL UC . -6.52 3.69 -14.72
C75 CDL UC . -7.88 4.21 -14.23
C76 CDL UC . -9.06 3.30 -14.61
C77 CDL UC . -10.27 3.43 -13.69
C78 CDL UC . -11.03 2.12 -13.66
C79 CDL UC . -12.05 1.98 -12.83
C80 CDL UC . -12.42 0.62 -12.26
C81 CDL UC . -13.38 0.79 -11.10
C82 CDL UC . -13.25 1.78 -10.18
C83 CDL UC . -12.09 1.84 -9.19
C84 CDL UC . -12.49 2.29 -7.79
C85 CDL UC . -12.93 3.77 -7.71
C86 CDL UC . -13.11 4.23 -6.27
C87 CDL UC . -13.00 5.73 -6.13
C1 EDO VC . -17.68 8.95 -12.45
O1 EDO VC . -18.03 9.81 -11.37
C2 EDO VC . -16.80 9.70 -13.45
O2 EDO VC . -15.87 8.80 -14.07
C1 CHD WC . -25.75 -46.74 15.12
C2 CHD WC . -26.85 -46.68 16.20
C3 CHD WC . -27.85 -47.81 15.99
O3 CHD WC . -28.81 -47.84 17.06
C4 CHD WC . -28.48 -47.70 14.58
C5 CHD WC . -27.43 -47.58 13.42
C6 CHD WC . -28.14 -47.36 12.07
C7 CHD WC . -28.48 -45.90 11.68
O7 CHD WC . -29.91 -45.77 11.62
C8 CHD WC . -27.81 -44.76 12.49
C9 CHD WC . -26.75 -45.13 13.54
C10 CHD WC . -26.26 -46.59 13.68
C11 CHD WC . -25.72 -44.00 13.71
C12 CHD WC . -26.44 -42.82 14.41
O12 CHD WC . -26.01 -42.75 15.77
C13 CHD WC . -27.99 -42.76 14.21
C14 CHD WC . -28.65 -44.01 13.55
C15 CHD WC . -30.12 -43.69 13.45
C16 CHD WC . -30.37 -43.21 14.87
C17 CHD WC . -29.00 -42.77 15.43
C18 CHD WC . -28.08 -41.53 13.32
C19 CHD WC . -25.10 -46.91 12.72
C20 CHD WC . -29.19 -41.63 16.47
C21 CHD WC . -30.17 -40.50 16.09
C22 CHD WC . -27.91 -41.04 17.02
C23 CHD WC . -28.06 -40.81 18.51
O25 CHD WC . -25.76 -40.40 18.41
C24 CHD WC . -26.86 -39.99 18.85
O26 CHD WC . -27.05 -38.96 19.51
CA1 TGL XC . -9.99 -44.99 27.96
CA2 TGL XC . -8.65 -45.29 28.59
CA3 TGL XC . -8.58 -44.67 29.97
CA4 TGL XC . -7.28 -43.89 30.09
CA5 TGL XC . -6.78 -43.91 31.52
CA6 TGL XC . -5.40 -43.29 31.56
CA7 TGL XC . -5.33 -42.22 32.63
CA8 TGL XC . -5.03 -40.88 32.01
CA9 TGL XC . -3.77 -40.32 32.64
OA1 TGL XC . -10.72 -45.90 27.60
CB1 TGL XC . -12.62 -41.31 25.57
CB2 TGL XC . -11.15 -40.92 25.64
CB3 TGL XC . -10.32 -41.37 24.44
CB4 TGL XC . -9.87 -40.23 23.52
CB5 TGL XC . -8.35 -40.12 23.43
CB6 TGL XC . -7.84 -40.55 22.07
CB7 TGL XC . -7.16 -41.92 22.12
CB8 TGL XC . -5.98 -42.01 21.17
CB9 TGL XC . -6.24 -42.94 19.98
C10 TGL XC . -6.60 -42.17 18.68
C11 TGL XC . -5.65 -42.40 17.51
C12 TGL XC . -6.27 -43.20 16.36
C13 TGL XC . -5.50 -44.51 16.10
C14 TGL XC . -6.28 -45.80 16.41
OB1 TGL XC . -13.33 -40.82 24.69
OG1 TGL XC . -10.41 -43.60 27.79
CG1 TGL XC . -11.75 -43.24 28.14
CG2 TGL XC . -12.66 -43.47 26.93
OG2 TGL XC . -13.28 -42.22 26.55
CG3 TGL XC . -13.66 -44.62 27.21
OG3 TGL XC . -14.00 -44.81 28.60
CC1 TGL XC . -14.27 -46.12 29.19
CC2 TGL XC . -14.59 -46.33 30.68
CC3 TGL XC . -15.83 -45.61 31.21
CC4 TGL XC . -17.12 -46.41 31.12
CC5 TGL XC . -17.04 -47.75 31.87
CC6 TGL XC . -17.82 -48.89 31.21
CC7 TGL XC . -17.01 -50.18 31.00
CC8 TGL XC . -16.92 -50.60 29.52
CC9 TGL XC . -15.76 -51.57 29.22
C15 TGL XC . -14.88 -51.14 28.04
C16 TGL XC . -13.38 -51.29 28.32
C17 TGL XC . -12.54 -50.05 27.95
C18 TGL XC . -11.02 -50.27 28.07
C19 TGL XC . -10.17 -49.13 27.50
OC1 TGL XC . -14.19 -47.08 28.44
C20 TGL XC . -2.99 -39.39 31.71
C21 TGL XC . -3.55 -37.97 31.65
C22 TGL XC . -4.42 -37.66 32.86
C23 TGL XC . -5.73 -37.02 32.42
C24 TGL XC . -5.74 -35.56 32.85
C25 TGL XC . -7.16 -35.14 33.14
C26 TGL XC . -7.24 -34.88 34.64
C27 TGL XC . -8.68 -34.80 35.13
C28 TGL XC . -9.48 -33.79 34.33
C29 TGL XC . -6.76 -45.96 17.87
C30 TGL XC . -6.22 -47.20 18.62
C31 TGL XC . -6.62 -47.18 20.09
C32 TGL XC . -6.44 -48.54 20.74
C33 TGL XC . -9.92 -49.26 25.99
C34 TGL XC . -8.75 -48.41 25.46
C35 TGL XC . -9.21 -47.37 24.44
C36 TGL XC . -8.07 -46.77 23.63
C1 DMU YC . 8.70 -62.01 25.84
C2 DMU YC . 8.48 -63.49 25.49
C3 DMU YC . 9.79 -64.27 25.50
C4 DMU YC . 10.63 -63.91 26.75
O5 DMU YC . 10.73 -62.49 26.96
C6 DMU YC . 9.49 -61.83 27.12
O7 DMU YC . 9.49 -65.67 25.50
O16 DMU YC . 9.70 -60.43 27.34
C18 DMU YC . 10.15 -60.09 28.65
C19 DMU YC . 10.36 -58.59 28.76
C22 DMU YC . 11.82 -58.27 28.46
C25 DMU YC . 11.92 -56.80 28.11
C28 DMU YC . 12.25 -56.59 26.65
C31 DMU YC . 12.75 -55.18 26.38
C34 DMU YC . 11.59 -54.18 26.34
C37 DMU YC . 12.12 -52.81 25.95
C40 DMU YC . 11.65 -52.41 24.56
C43 DMU YC . 12.44 -51.23 24.04
O49 DMU YC . 7.45 -61.38 26.08
O55 DMU YC . 7.81 -63.63 24.23
C57 DMU YC . 12.07 -64.39 26.66
O61 DMU YC . 12.55 -64.64 27.98
C5 DMU YC . 9.14 -67.56 23.99
C7 DMU YC . 9.04 -68.60 25.10
C8 DMU YC . 10.45 -69.07 25.50
C9 DMU YC . 11.38 -67.88 25.78
O1 DMU YC . 11.33 -66.92 24.71
C10 DMU YC . 10.04 -66.40 24.39
O2 DMU YC . 10.40 -69.86 26.69
O3 DMU YC . 7.85 -67.08 23.60
O4 DMU YC . 8.25 -69.69 24.64
C11 DMU YC . 12.83 -68.31 26.08
O6 DMU YC . 13.46 -69.05 25.01
#